data_4S1F
#
_entry.id   4S1F
#
_cell.length_a   100.485
_cell.length_b   130.709
_cell.length_c   355.180
_cell.angle_alpha   90.00
_cell.angle_beta   90.21
_cell.angle_gamma   90.00
#
_symmetry.space_group_name_H-M   'I 1 2 1'
#
loop_
_entity.id
_entity.type
_entity.pdbx_description
1 polymer 'Fructose-6-phosphate aldolase 1'
2 non-polymer pentane-2,4-dione
3 water water
#
_entity_poly.entity_id   1
_entity_poly.type   'polypeptide(L)'
_entity_poly.pdbx_seq_one_letter_code
;MHHHHHHELYLDTSDVVAVKALSRIFPLAGVTTNPSIIAAGKKPLDVVLPQLHEAMGGQGRLFAQVMATTAEGMVNDALK
LRSIIADIVVKVPVTAEGLAAIKMLKAEGIPTLGTAVYGAAQGLLSALAGAEYVAPYVNRIDAQGGSGIQTVTDLHQLLK
MHAPQAKVLAASFKTPRQALDCLLAGCESITLPLDVAQQMISYPAVDAAVAKFEQDWQGAFGRTSI
;
_entity_poly.pdbx_strand_id   A,B,C,D,E,F,G,H,I,J,K,L,M,N,O,P,Q,R,S,T
#
loop_
_chem_comp.id
_chem_comp.type
_chem_comp.name
_chem_comp.formula
P2D non-polymer pentane-2,4-dione 'C5 H8 O2'
#
# COMPACT_ATOMS: atom_id res chain seq x y z
N HIS A 7 -10.58 -27.30 -24.96
CA HIS A 7 -10.78 -27.13 -23.50
C HIS A 7 -12.14 -26.51 -23.17
N GLU A 8 -12.69 -26.91 -22.03
CA GLU A 8 -14.01 -26.43 -21.60
C GLU A 8 -14.03 -25.80 -20.20
N LEU A 9 -14.29 -24.50 -20.16
CA LEU A 9 -14.37 -23.72 -18.93
C LEU A 9 -15.79 -23.50 -18.46
N TYR A 10 -16.07 -23.98 -17.24
CA TYR A 10 -17.40 -23.83 -16.64
C TYR A 10 -17.37 -22.97 -15.40
N LEU A 11 -18.53 -22.42 -15.06
CA LEU A 11 -18.74 -21.81 -13.76
C LEU A 11 -19.60 -22.71 -12.90
N ASP A 12 -19.23 -22.78 -11.63
CA ASP A 12 -19.86 -23.68 -10.67
C ASP A 12 -20.78 -22.84 -9.76
N THR A 13 -22.04 -22.72 -10.15
CA THR A 13 -22.92 -21.71 -9.56
C THR A 13 -24.39 -21.88 -9.93
N SER A 14 -25.26 -21.38 -9.05
CA SER A 14 -26.70 -21.23 -9.38
C SER A 14 -27.11 -19.74 -9.38
N ASP A 15 -26.10 -18.86 -9.41
CA ASP A 15 -26.30 -17.39 -9.32
C ASP A 15 -26.50 -16.80 -10.71
N VAL A 16 -27.78 -16.69 -11.12
CA VAL A 16 -28.17 -16.35 -12.49
C VAL A 16 -27.64 -14.98 -12.93
N VAL A 17 -27.73 -14.00 -12.03
CA VAL A 17 -27.28 -12.63 -12.32
C VAL A 17 -25.76 -12.58 -12.55
N ALA A 18 -25.02 -13.22 -11.64
CA ALA A 18 -23.57 -13.36 -11.78
C ALA A 18 -23.19 -14.07 -13.08
N VAL A 19 -23.91 -15.14 -13.41
CA VAL A 19 -23.64 -15.88 -14.67
C VAL A 19 -23.81 -14.98 -15.89
N LYS A 20 -24.89 -14.19 -15.88
CA LYS A 20 -25.13 -13.24 -16.99
C LYS A 20 -23.99 -12.24 -17.13
N ALA A 21 -23.59 -11.67 -16.01
CA ALA A 21 -22.52 -10.67 -15.99
C ALA A 21 -21.17 -11.26 -16.41
N LEU A 22 -20.85 -12.43 -15.86
CA LEU A 22 -19.55 -13.06 -16.07
C LEU A 22 -19.41 -13.74 -17.43
N SER A 23 -20.53 -14.01 -18.09
CA SER A 23 -20.53 -14.68 -19.40
C SER A 23 -20.04 -13.80 -20.56
N ARG A 24 -20.10 -12.49 -20.38
CA ARG A 24 -19.50 -11.57 -21.38
C ARG A 24 -17.99 -11.41 -21.18
N ILE A 25 -17.52 -11.78 -20.00
CA ILE A 25 -16.10 -11.66 -19.63
C ILE A 25 -15.32 -12.96 -19.92
N PHE A 26 -15.74 -14.04 -19.26
CA PHE A 26 -15.08 -15.33 -19.41
C PHE A 26 -15.54 -16.06 -20.68
N PRO A 27 -14.61 -16.83 -21.30
CA PRO A 27 -14.98 -17.70 -22.41
C PRO A 27 -15.57 -19.00 -21.91
N LEU A 28 -16.86 -18.95 -21.55
CA LEU A 28 -17.53 -20.07 -20.89
C LEU A 28 -18.08 -21.10 -21.85
N ALA A 29 -17.91 -22.38 -21.48
CA ALA A 29 -18.54 -23.48 -22.20
C ALA A 29 -19.92 -23.78 -21.61
N GLY A 30 -20.16 -23.29 -20.40
CA GLY A 30 -21.38 -23.60 -19.69
C GLY A 30 -21.35 -23.32 -18.20
N VAL A 31 -22.30 -23.96 -17.49
CA VAL A 31 -22.44 -23.85 -16.04
C VAL A 31 -22.71 -25.21 -15.44
N THR A 32 -22.04 -25.48 -14.32
CA THR A 32 -22.28 -26.71 -13.57
C THR A 32 -23.00 -26.41 -12.30
N THR A 33 -23.86 -27.34 -11.89
CA THR A 33 -24.52 -27.27 -10.60
C THR A 33 -24.41 -28.59 -9.88
N ASN A 34 -24.63 -28.54 -8.57
CA ASN A 34 -24.79 -29.73 -7.75
C ASN A 34 -25.85 -29.43 -6.69
N PRO A 35 -26.27 -30.42 -5.90
CA PRO A 35 -27.42 -30.17 -5.01
C PRO A 35 -27.19 -29.08 -3.97
N SER A 36 -25.96 -28.93 -3.48
CA SER A 36 -25.65 -27.92 -2.48
C SER A 36 -25.69 -26.52 -3.11
N ILE A 37 -25.23 -26.43 -4.35
CA ILE A 37 -25.21 -25.15 -5.07
C ILE A 37 -26.64 -24.73 -5.45
N ILE A 38 -27.46 -25.69 -5.83
CA ILE A 38 -28.89 -25.41 -6.12
C ILE A 38 -29.62 -24.97 -4.84
N ALA A 39 -29.47 -25.78 -3.79
CA ALA A 39 -30.07 -25.51 -2.50
C ALA A 39 -29.75 -24.10 -1.98
N ALA A 40 -28.46 -23.76 -2.02
CA ALA A 40 -27.99 -22.43 -1.57
C ALA A 40 -28.64 -21.26 -2.33
N GLY A 41 -29.00 -21.50 -3.59
CA GLY A 41 -29.67 -20.49 -4.43
C GLY A 41 -31.19 -20.43 -4.21
N LYS A 42 -31.73 -21.51 -3.63
CA LYS A 42 -33.12 -21.59 -3.13
C LYS A 42 -34.20 -21.71 -4.20
N LYS A 43 -33.81 -21.63 -5.47
CA LYS A 43 -34.75 -21.79 -6.58
C LYS A 43 -34.78 -23.26 -7.01
N PRO A 44 -35.99 -23.78 -7.29
CA PRO A 44 -36.08 -25.18 -7.77
C PRO A 44 -35.51 -25.37 -9.16
N LEU A 45 -35.20 -26.62 -9.49
CA LEU A 45 -34.52 -26.96 -10.75
C LEU A 45 -35.26 -26.45 -11.98
N ASP A 46 -36.59 -26.62 -11.97
CA ASP A 46 -37.41 -26.22 -13.14
C ASP A 46 -37.46 -24.71 -13.31
N VAL A 47 -37.04 -23.97 -12.28
CA VAL A 47 -36.83 -22.51 -12.38
C VAL A 47 -35.38 -22.12 -12.75
N VAL A 48 -34.40 -22.50 -11.92
CA VAL A 48 -33.00 -22.06 -12.15
C VAL A 48 -32.41 -22.53 -13.47
N LEU A 49 -32.68 -23.77 -13.84
CA LEU A 49 -32.00 -24.34 -15.01
C LEU A 49 -32.29 -23.56 -16.29
N PRO A 50 -33.57 -23.36 -16.65
CA PRO A 50 -33.87 -22.50 -17.81
C PRO A 50 -33.30 -21.08 -17.68
N GLN A 51 -33.37 -20.52 -16.47
CA GLN A 51 -32.81 -19.19 -16.20
C GLN A 51 -31.30 -19.13 -16.44
N LEU A 52 -30.60 -20.17 -15.97
CA LEU A 52 -29.16 -20.29 -16.21
C LEU A 52 -28.87 -20.43 -17.69
N HIS A 53 -29.65 -21.26 -18.37
CA HIS A 53 -29.50 -21.44 -19.82
C HIS A 53 -29.65 -20.11 -20.57
N GLU A 54 -30.67 -19.35 -20.19
CA GLU A 54 -30.91 -18.04 -20.79
C GLU A 54 -29.78 -17.06 -20.48
N ALA A 55 -29.35 -17.04 -19.22
CA ALA A 55 -28.31 -16.11 -18.76
C ALA A 55 -26.97 -16.26 -19.49
N MET A 56 -26.82 -17.34 -20.25
CA MET A 56 -25.64 -17.59 -21.08
C MET A 56 -25.86 -17.31 -22.57
N GLY A 57 -26.97 -16.65 -22.90
CA GLY A 57 -27.30 -16.35 -24.29
C GLY A 57 -27.86 -17.55 -25.04
N GLY A 58 -28.53 -18.43 -24.30
CA GLY A 58 -29.17 -19.63 -24.88
C GLY A 58 -28.21 -20.62 -25.50
N GLN A 59 -26.94 -20.50 -25.14
CA GLN A 59 -25.89 -21.39 -25.63
C GLN A 59 -25.07 -21.93 -24.47
N GLY A 60 -24.26 -22.95 -24.75
CA GLY A 60 -23.43 -23.57 -23.74
C GLY A 60 -24.13 -24.75 -23.07
N ARG A 61 -23.32 -25.54 -22.37
CA ARG A 61 -23.77 -26.79 -21.77
C ARG A 61 -24.16 -26.57 -20.31
N LEU A 62 -25.17 -27.31 -19.85
CA LEU A 62 -25.54 -27.37 -18.44
C LEU A 62 -25.34 -28.74 -17.83
N PHE A 63 -25.08 -28.76 -16.51
CA PHE A 63 -24.94 -29.99 -15.75
C PHE A 63 -25.74 -29.92 -14.50
N ALA A 64 -26.42 -31.01 -14.17
CA ALA A 64 -27.13 -31.11 -12.89
C ALA A 64 -27.15 -32.51 -12.39
N GLN A 65 -27.35 -32.65 -11.09
CA GLN A 65 -27.18 -33.91 -10.40
C GLN A 65 -28.45 -34.64 -9.96
N VAL A 66 -28.43 -35.95 -10.08
CA VAL A 66 -29.53 -36.80 -9.57
C VAL A 66 -29.49 -36.84 -8.05
N MET A 67 -30.62 -37.21 -7.46
CA MET A 67 -30.76 -37.23 -5.98
C MET A 67 -31.12 -38.60 -5.43
N ALA A 68 -31.60 -39.49 -6.30
CA ALA A 68 -32.04 -40.82 -5.89
C ALA A 68 -30.88 -41.73 -5.44
N THR A 69 -31.24 -42.77 -4.70
CA THR A 69 -30.31 -43.69 -4.02
C THR A 69 -30.11 -44.99 -4.80
N THR A 70 -31.11 -45.36 -5.60
CA THR A 70 -31.07 -46.56 -6.39
C THR A 70 -30.80 -46.23 -7.83
N ALA A 71 -30.27 -47.20 -8.55
CA ALA A 71 -29.94 -47.01 -9.97
C ALA A 71 -31.18 -46.64 -10.77
N GLU A 72 -32.27 -47.37 -10.54
CA GLU A 72 -33.54 -47.11 -11.22
C GLU A 72 -34.05 -45.70 -10.93
N GLY A 73 -34.03 -45.32 -9.66
CA GLY A 73 -34.42 -43.97 -9.22
C GLY A 73 -33.57 -42.85 -9.81
N MET A 74 -32.28 -43.14 -10.00
CA MET A 74 -31.36 -42.19 -10.64
C MET A 74 -31.66 -42.01 -12.12
N VAL A 75 -31.99 -43.11 -12.79
CA VAL A 75 -32.37 -43.05 -14.21
C VAL A 75 -33.63 -42.18 -14.37
N ASN A 76 -34.57 -42.35 -13.47
CA ASN A 76 -35.82 -41.56 -13.47
C ASN A 76 -35.55 -40.08 -13.20
N ASP A 77 -34.63 -39.81 -12.28
CA ASP A 77 -34.18 -38.43 -12.02
C ASP A 77 -33.58 -37.81 -13.25
N ALA A 78 -32.81 -38.62 -13.99
CA ALA A 78 -32.16 -38.16 -15.21
C ALA A 78 -33.19 -37.72 -16.25
N LEU A 79 -34.23 -38.52 -16.41
CA LEU A 79 -35.30 -38.22 -17.36
C LEU A 79 -36.01 -36.91 -16.97
N LYS A 80 -36.28 -36.73 -15.69
CA LYS A 80 -36.82 -35.48 -15.16
C LYS A 80 -35.93 -34.27 -15.47
N LEU A 81 -34.61 -34.42 -15.26
CA LEU A 81 -33.65 -33.36 -15.61
C LEU A 81 -33.63 -33.05 -17.10
N ARG A 82 -33.63 -34.10 -17.92
CA ARG A 82 -33.64 -33.95 -19.38
C ARG A 82 -34.94 -33.31 -19.91
N SER A 83 -36.04 -33.49 -19.18
CA SER A 83 -37.32 -32.88 -19.59
C SER A 83 -37.34 -31.36 -19.33
N ILE A 84 -36.47 -30.91 -18.42
CA ILE A 84 -36.32 -29.49 -18.13
C ILE A 84 -35.34 -28.85 -19.13
N ILE A 85 -34.18 -29.47 -19.27
CA ILE A 85 -33.18 -29.04 -20.24
C ILE A 85 -32.84 -30.25 -21.12
N ALA A 86 -33.22 -30.17 -22.40
CA ALA A 86 -33.16 -31.31 -23.31
C ALA A 86 -31.76 -31.90 -23.50
N ASP A 87 -30.74 -31.03 -23.57
CA ASP A 87 -29.35 -31.42 -23.84
C ASP A 87 -28.45 -31.41 -22.57
N ILE A 88 -29.07 -31.50 -21.40
CA ILE A 88 -28.34 -31.40 -20.13
C ILE A 88 -27.49 -32.65 -19.85
N VAL A 89 -26.31 -32.46 -19.25
CA VAL A 89 -25.46 -33.58 -18.88
C VAL A 89 -25.83 -33.95 -17.46
N VAL A 90 -26.06 -35.24 -17.23
CA VAL A 90 -26.56 -35.70 -15.93
C VAL A 90 -25.43 -36.19 -15.04
N LYS A 91 -25.32 -35.54 -13.87
CA LYS A 91 -24.28 -35.87 -12.89
C LYS A 91 -24.76 -37.00 -12.00
N VAL A 92 -23.96 -38.06 -11.95
CA VAL A 92 -24.27 -39.22 -11.13
C VAL A 92 -23.15 -39.52 -10.13
N PRO A 93 -23.46 -39.51 -8.84
CA PRO A 93 -22.39 -39.83 -7.89
C PRO A 93 -21.81 -41.21 -8.15
N VAL A 94 -20.48 -41.33 -8.07
CA VAL A 94 -19.83 -42.59 -8.41
C VAL A 94 -19.84 -43.52 -7.21
N THR A 95 -21.02 -44.13 -7.03
CA THR A 95 -21.25 -45.19 -6.02
C THR A 95 -21.64 -46.46 -6.77
N ALA A 96 -21.89 -47.54 -6.04
CA ALA A 96 -22.25 -48.83 -6.66
C ALA A 96 -23.48 -48.67 -7.55
N GLU A 97 -24.51 -48.07 -6.99
CA GLU A 97 -25.75 -47.81 -7.72
C GLU A 97 -25.55 -46.79 -8.83
N GLY A 98 -24.74 -45.76 -8.55
CA GLY A 98 -24.41 -44.76 -9.56
C GLY A 98 -23.77 -45.36 -10.78
N LEU A 99 -22.81 -46.25 -10.57
CA LEU A 99 -22.15 -46.98 -11.66
C LEU A 99 -23.16 -47.77 -12.53
N ALA A 100 -24.05 -48.49 -11.87
CA ALA A 100 -25.14 -49.22 -12.54
C ALA A 100 -26.03 -48.26 -13.32
N ALA A 101 -26.36 -47.13 -12.70
CA ALA A 101 -27.14 -46.07 -13.37
C ALA A 101 -26.42 -45.53 -14.59
N ILE A 102 -25.12 -45.27 -14.46
CA ILE A 102 -24.34 -44.74 -15.56
C ILE A 102 -24.37 -45.72 -16.75
N LYS A 103 -24.23 -47.01 -16.47
CA LYS A 103 -24.34 -48.05 -17.53
C LYS A 103 -25.72 -48.02 -18.20
N MET A 104 -26.77 -47.89 -17.41
CA MET A 104 -28.14 -47.82 -17.93
C MET A 104 -28.35 -46.57 -18.80
N LEU A 105 -27.84 -45.44 -18.33
CA LEU A 105 -27.97 -44.17 -19.05
C LEU A 105 -27.14 -44.14 -20.33
N LYS A 106 -26.02 -44.86 -20.32
CA LYS A 106 -25.23 -45.07 -21.53
C LYS A 106 -26.05 -45.80 -22.60
N ALA A 107 -26.72 -46.87 -22.19
CA ALA A 107 -27.58 -47.66 -23.08
C ALA A 107 -28.74 -46.83 -23.63
N GLU A 108 -29.25 -45.91 -22.82
CA GLU A 108 -30.33 -45.00 -23.22
C GLU A 108 -29.88 -43.75 -24.00
N GLY A 109 -28.57 -43.59 -24.19
CA GLY A 109 -28.02 -42.46 -24.98
C GLY A 109 -28.04 -41.12 -24.27
N ILE A 110 -28.15 -41.13 -22.95
CA ILE A 110 -28.14 -39.89 -22.14
C ILE A 110 -26.72 -39.64 -21.55
N PRO A 111 -26.06 -38.52 -21.94
CA PRO A 111 -24.68 -38.28 -21.53
C PRO A 111 -24.58 -38.02 -20.03
N THR A 112 -23.59 -38.62 -19.41
CA THR A 112 -23.42 -38.54 -17.94
C THR A 112 -22.05 -38.03 -17.52
N LEU A 113 -22.03 -37.54 -16.28
CA LEU A 113 -20.81 -37.12 -15.63
C LEU A 113 -20.73 -37.87 -14.32
N GLY A 114 -19.59 -38.52 -14.10
CA GLY A 114 -19.35 -39.27 -12.84
C GLY A 114 -18.80 -38.35 -11.79
N THR A 115 -19.57 -38.13 -10.74
CA THR A 115 -19.24 -37.10 -9.73
C THR A 115 -18.95 -37.67 -8.35
N ALA A 116 -18.61 -36.77 -7.43
CA ALA A 116 -18.24 -37.12 -6.05
C ALA A 116 -17.08 -38.10 -6.07
N VAL A 117 -16.11 -37.79 -6.91
CA VAL A 117 -14.96 -38.66 -7.10
C VAL A 117 -13.87 -38.20 -6.13
N TYR A 118 -13.50 -39.11 -5.22
CA TYR A 118 -12.44 -38.90 -4.22
C TYR A 118 -11.22 -39.78 -4.48
N GLY A 119 -11.25 -40.57 -5.55
CA GLY A 119 -10.12 -41.47 -5.89
C GLY A 119 -10.07 -41.72 -7.39
N ALA A 120 -8.87 -41.99 -7.88
CA ALA A 120 -8.61 -42.08 -9.31
C ALA A 120 -9.27 -43.32 -9.95
N ALA A 121 -9.15 -44.45 -9.26
CA ALA A 121 -9.68 -45.71 -9.75
C ALA A 121 -11.22 -45.64 -9.80
N GLN A 122 -11.80 -45.08 -8.76
CA GLN A 122 -13.24 -44.79 -8.70
C GLN A 122 -13.68 -43.99 -9.92
N GLY A 123 -12.97 -42.90 -10.19
CA GLY A 123 -13.25 -42.07 -11.34
C GLY A 123 -13.15 -42.83 -12.64
N LEU A 124 -12.09 -43.62 -12.78
CA LEU A 124 -11.91 -44.38 -14.01
C LEU A 124 -13.11 -45.33 -14.24
N LEU A 125 -13.56 -45.99 -13.18
CA LEU A 125 -14.67 -46.96 -13.30
C LEU A 125 -15.91 -46.31 -13.89
N SER A 126 -16.15 -45.04 -13.50
CA SER A 126 -17.31 -44.28 -13.98
C SER A 126 -17.19 -44.00 -15.48
N ALA A 127 -15.96 -43.73 -15.93
CA ALA A 127 -15.69 -43.55 -17.35
C ALA A 127 -15.85 -44.86 -18.15
N LEU A 128 -15.33 -45.94 -17.61
CA LEU A 128 -15.44 -47.27 -18.28
C LEU A 128 -16.92 -47.68 -18.40
N ALA A 129 -17.72 -47.21 -17.45
CA ALA A 129 -19.15 -47.50 -17.41
C ALA A 129 -19.93 -46.67 -18.41
N GLY A 130 -19.29 -45.63 -18.94
CA GLY A 130 -19.85 -44.83 -20.01
C GLY A 130 -19.88 -43.32 -19.79
N ALA A 131 -19.46 -42.86 -18.63
CA ALA A 131 -19.47 -41.42 -18.31
C ALA A 131 -18.53 -40.67 -19.22
N GLU A 132 -19.00 -39.52 -19.68
CA GLU A 132 -18.27 -38.70 -20.64
C GLU A 132 -17.35 -37.72 -19.91
N TYR A 133 -17.75 -37.37 -18.69
CA TYR A 133 -16.96 -36.51 -17.82
C TYR A 133 -16.79 -37.21 -16.48
N VAL A 134 -15.67 -36.91 -15.81
CA VAL A 134 -15.41 -37.41 -14.45
C VAL A 134 -14.92 -36.24 -13.58
N ALA A 135 -15.60 -36.02 -12.46
CA ALA A 135 -15.42 -34.84 -11.64
C ALA A 135 -14.88 -35.14 -10.26
N PRO A 136 -13.56 -35.07 -10.11
CA PRO A 136 -12.98 -35.25 -8.78
C PRO A 136 -13.21 -33.97 -7.97
N TYR A 137 -13.42 -34.15 -6.68
CA TYR A 137 -13.57 -33.02 -5.76
C TYR A 137 -12.22 -32.65 -5.14
N VAL A 138 -11.53 -31.81 -5.86
CA VAL A 138 -10.12 -31.46 -5.54
C VAL A 138 -9.93 -30.98 -4.11
N ASN A 139 -10.67 -29.97 -3.70
CA ASN A 139 -10.45 -29.36 -2.39
C ASN A 139 -10.93 -30.26 -1.27
N ARG A 140 -11.94 -31.06 -1.56
CA ARG A 140 -12.40 -32.03 -0.60
C ARG A 140 -11.31 -33.02 -0.26
N ILE A 141 -10.61 -33.48 -1.30
CA ILE A 141 -9.52 -34.41 -1.12
C ILE A 141 -8.35 -33.74 -0.36
N ASP A 142 -8.00 -32.53 -0.77
CA ASP A 142 -7.04 -31.70 -0.03
C ASP A 142 -7.41 -31.48 1.43
N ALA A 143 -8.66 -31.09 1.66
CA ALA A 143 -9.10 -30.73 3.00
C ALA A 143 -9.05 -31.93 3.92
N GLN A 144 -9.34 -33.09 3.36
CA GLN A 144 -9.38 -34.35 4.12
C GLN A 144 -8.08 -35.15 4.18
N GLY A 145 -6.97 -34.48 3.93
CA GLY A 145 -5.65 -35.01 4.28
C GLY A 145 -5.00 -35.81 3.15
N GLY A 146 -5.59 -35.76 1.97
CA GLY A 146 -5.02 -36.39 0.78
C GLY A 146 -4.27 -35.40 -0.11
N SER A 147 -4.16 -35.72 -1.40
CA SER A 147 -3.65 -34.81 -2.40
C SER A 147 -4.63 -34.72 -3.58
N GLY A 148 -5.38 -33.65 -3.62
CA GLY A 148 -6.30 -33.41 -4.72
C GLY A 148 -5.62 -33.39 -6.07
N ILE A 149 -4.48 -32.71 -6.14
CA ILE A 149 -3.72 -32.60 -7.37
C ILE A 149 -3.18 -33.96 -7.84
N GLN A 150 -2.66 -34.76 -6.93
CA GLN A 150 -2.18 -36.11 -7.34
C GLN A 150 -3.33 -36.98 -7.88
N THR A 151 -4.48 -36.90 -7.21
CA THR A 151 -5.69 -37.63 -7.60
C THR A 151 -6.14 -37.24 -9.01
N VAL A 152 -6.21 -35.94 -9.25
CA VAL A 152 -6.48 -35.40 -10.58
C VAL A 152 -5.45 -35.85 -11.62
N THR A 153 -4.16 -35.74 -11.26
CA THR A 153 -3.07 -36.13 -12.17
C THR A 153 -3.18 -37.62 -12.54
N ASP A 154 -3.36 -38.46 -11.53
CA ASP A 154 -3.54 -39.88 -11.73
C ASP A 154 -4.82 -40.20 -12.56
N LEU A 155 -5.93 -39.49 -12.27
CA LEU A 155 -7.19 -39.68 -12.96
C LEU A 155 -7.11 -39.32 -14.44
N HIS A 156 -6.56 -38.14 -14.74
CA HIS A 156 -6.35 -37.77 -16.09
C HIS A 156 -5.56 -38.82 -16.90
N GLN A 157 -4.43 -39.25 -16.34
CA GLN A 157 -3.61 -40.28 -16.99
C GLN A 157 -4.42 -41.56 -17.23
N LEU A 158 -5.22 -41.96 -16.23
CA LEU A 158 -6.01 -43.20 -16.35
C LEU A 158 -7.04 -43.09 -17.50
N LEU A 159 -7.70 -41.95 -17.59
CA LEU A 159 -8.66 -41.73 -18.65
C LEU A 159 -7.98 -41.77 -20.01
N LYS A 160 -6.84 -41.06 -20.11
CA LYS A 160 -6.09 -40.97 -21.35
C LYS A 160 -5.59 -42.34 -21.86
N MET A 161 -5.16 -43.18 -20.95
CA MET A 161 -4.66 -44.50 -21.28
C MET A 161 -5.81 -45.52 -21.49
N HIS A 162 -6.82 -45.45 -20.62
CA HIS A 162 -7.79 -46.54 -20.49
C HIS A 162 -9.23 -46.25 -20.91
N ALA A 163 -9.61 -44.96 -20.95
CA ALA A 163 -10.94 -44.56 -21.38
C ALA A 163 -10.90 -43.18 -22.02
N PRO A 164 -10.25 -43.08 -23.19
CA PRO A 164 -9.87 -41.81 -23.81
C PRO A 164 -11.02 -40.96 -24.31
N GLN A 165 -12.22 -41.55 -24.42
CA GLN A 165 -13.43 -40.78 -24.79
C GLN A 165 -13.91 -39.88 -23.65
N ALA A 166 -13.45 -40.20 -22.45
CA ALA A 166 -13.85 -39.47 -21.24
C ALA A 166 -12.88 -38.34 -20.90
N LYS A 167 -13.44 -37.31 -20.28
CA LYS A 167 -12.65 -36.13 -19.87
C LYS A 167 -12.75 -35.91 -18.36
N VAL A 168 -11.64 -35.46 -17.79
CA VAL A 168 -11.67 -34.92 -16.43
C VAL A 168 -12.34 -33.54 -16.42
N LEU A 169 -13.32 -33.40 -15.54
CA LEU A 169 -13.94 -32.07 -15.24
C LEU A 169 -13.63 -31.77 -13.78
N ALA A 170 -12.50 -31.10 -13.57
CA ALA A 170 -12.03 -30.83 -12.21
C ALA A 170 -12.94 -29.85 -11.50
N ALA A 171 -13.22 -30.15 -10.24
CA ALA A 171 -14.15 -29.35 -9.43
C ALA A 171 -13.73 -29.22 -7.98
N SER A 172 -14.42 -28.33 -7.26
CA SER A 172 -14.23 -28.11 -5.82
C SER A 172 -12.89 -27.37 -5.56
N PHE A 173 -12.98 -26.03 -5.50
CA PHE A 173 -11.77 -25.19 -5.40
C PHE A 173 -11.94 -24.11 -4.35
N LYS A 174 -10.87 -23.88 -3.59
CA LYS A 174 -10.78 -22.73 -2.69
C LYS A 174 -9.72 -21.69 -3.09
N THR A 175 -8.81 -22.04 -4.00
CA THR A 175 -7.79 -21.12 -4.43
C THR A 175 -7.46 -21.35 -5.91
N PRO A 176 -7.18 -20.29 -6.66
CA PRO A 176 -6.68 -20.47 -8.04
C PRO A 176 -5.50 -21.42 -8.30
N ARG A 177 -4.56 -21.51 -7.37
CA ARG A 177 -3.43 -22.43 -7.48
C ARG A 177 -3.90 -23.90 -7.77
N GLN A 178 -4.95 -24.30 -7.09
CA GLN A 178 -5.55 -25.63 -7.30
C GLN A 178 -6.05 -25.79 -8.73
N ALA A 179 -6.66 -24.74 -9.27
CA ALA A 179 -7.17 -24.76 -10.63
C ALA A 179 -6.02 -24.84 -11.62
N LEU A 180 -5.01 -23.97 -11.43
CA LEU A 180 -3.81 -23.99 -12.21
C LEU A 180 -3.15 -25.38 -12.29
N ASP A 181 -3.01 -26.02 -11.15
CA ASP A 181 -2.38 -27.33 -11.08
C ASP A 181 -3.20 -28.46 -11.79
N CYS A 182 -4.53 -28.40 -11.68
CA CYS A 182 -5.40 -29.24 -12.51
C CYS A 182 -5.26 -29.02 -13.98
N LEU A 183 -5.18 -27.74 -14.38
CA LEU A 183 -4.95 -27.41 -15.77
C LEU A 183 -3.57 -27.92 -16.22
N LEU A 184 -2.57 -27.74 -15.39
CA LEU A 184 -1.20 -28.15 -15.73
C LEU A 184 -1.12 -29.69 -15.83
N ALA A 185 -1.96 -30.37 -15.05
CA ALA A 185 -2.02 -31.83 -15.07
C ALA A 185 -2.71 -32.36 -16.35
N GLY A 186 -3.34 -31.48 -17.11
CA GLY A 186 -3.94 -31.81 -18.38
C GLY A 186 -5.46 -31.87 -18.42
N CYS A 187 -6.11 -31.52 -17.32
CA CYS A 187 -7.60 -31.53 -17.27
C CYS A 187 -8.19 -30.83 -18.48
N GLU A 188 -9.03 -31.56 -19.22
CA GLU A 188 -9.65 -31.01 -20.44
C GLU A 188 -10.89 -30.16 -20.16
N SER A 189 -11.41 -30.28 -18.95
CA SER A 189 -12.46 -29.36 -18.49
C SER A 189 -12.30 -29.04 -17.01
N ILE A 190 -12.89 -27.93 -16.62
CA ILE A 190 -12.81 -27.42 -15.26
C ILE A 190 -14.03 -26.58 -14.94
N THR A 191 -14.42 -26.57 -13.68
CA THR A 191 -15.46 -25.69 -13.22
C THR A 191 -15.04 -24.93 -11.96
N LEU A 192 -15.20 -23.62 -12.03
CA LEU A 192 -14.75 -22.74 -10.98
C LEU A 192 -15.92 -22.14 -10.21
N PRO A 193 -15.82 -22.12 -8.87
CA PRO A 193 -16.76 -21.22 -8.16
C PRO A 193 -16.44 -19.73 -8.48
N LEU A 194 -17.38 -18.84 -8.15
CA LEU A 194 -17.30 -17.43 -8.54
C LEU A 194 -16.13 -16.69 -7.90
N ASP A 195 -15.89 -16.93 -6.61
CA ASP A 195 -14.82 -16.23 -5.92
C ASP A 195 -13.42 -16.56 -6.54
N VAL A 196 -13.19 -17.84 -6.85
CA VAL A 196 -11.93 -18.29 -7.48
C VAL A 196 -11.76 -17.79 -8.91
N ALA A 197 -12.83 -17.86 -9.68
CA ALA A 197 -12.86 -17.31 -11.02
C ALA A 197 -12.49 -15.81 -11.02
N GLN A 198 -13.08 -15.06 -10.10
CA GLN A 198 -12.80 -13.62 -10.02
C GLN A 198 -11.35 -13.32 -9.63
N GLN A 199 -10.81 -14.11 -8.70
CA GLN A 199 -9.42 -13.97 -8.29
C GLN A 199 -8.48 -14.27 -9.44
N MET A 200 -8.91 -15.16 -10.32
CA MET A 200 -8.10 -15.59 -11.47
C MET A 200 -7.94 -14.52 -12.54
N ILE A 201 -8.77 -13.47 -12.49
CA ILE A 201 -8.68 -12.35 -13.46
C ILE A 201 -8.36 -11.00 -12.84
N SER A 202 -8.14 -10.98 -11.53
CA SER A 202 -7.84 -9.74 -10.82
C SER A 202 -6.51 -9.84 -10.04
N TYR A 203 -5.55 -9.07 -10.47
CA TYR A 203 -4.22 -9.04 -9.86
C TYR A 203 -3.77 -7.62 -9.57
N PRO A 204 -3.44 -7.32 -8.31
CA PRO A 204 -2.77 -6.05 -7.99
C PRO A 204 -1.58 -5.67 -8.90
N ALA A 205 -0.75 -6.64 -9.25
CA ALA A 205 0.46 -6.38 -10.09
C ALA A 205 0.08 -5.95 -11.49
N VAL A 206 -0.97 -6.58 -12.03
CA VAL A 206 -1.53 -6.25 -13.34
C VAL A 206 -2.17 -4.84 -13.36
N ASP A 207 -2.93 -4.52 -12.30
CA ASP A 207 -3.55 -3.19 -12.15
C ASP A 207 -2.47 -2.11 -12.04
N ALA A 208 -1.40 -2.38 -11.31
CA ALA A 208 -0.22 -1.46 -11.25
C ALA A 208 0.49 -1.28 -12.58
N ALA A 209 0.56 -2.32 -13.39
CA ALA A 209 1.19 -2.24 -14.71
C ALA A 209 0.35 -1.38 -15.64
N VAL A 210 -0.96 -1.56 -15.58
CA VAL A 210 -1.92 -0.75 -16.35
C VAL A 210 -1.86 0.73 -15.93
N ALA A 211 -1.86 0.98 -14.63
CA ALA A 211 -1.74 2.34 -14.11
C ALA A 211 -0.46 3.02 -14.60
N LYS A 212 0.66 2.30 -14.49
CA LYS A 212 1.97 2.75 -15.01
C LYS A 212 1.91 3.16 -16.47
N PHE A 213 1.28 2.32 -17.30
CA PHE A 213 1.13 2.63 -18.71
C PHE A 213 0.39 3.96 -18.93
N GLU A 214 -0.70 4.14 -18.19
CA GLU A 214 -1.51 5.37 -18.25
C GLU A 214 -0.73 6.61 -17.80
N GLN A 215 0.02 6.48 -16.71
CA GLN A 215 0.91 7.55 -16.24
C GLN A 215 1.98 7.94 -17.26
N ASP A 216 2.60 6.94 -17.88
CA ASP A 216 3.64 7.19 -18.88
C ASP A 216 3.06 7.89 -20.11
N TRP A 217 1.92 7.38 -20.55
CA TRP A 217 1.17 7.96 -21.67
C TRP A 217 0.82 9.43 -21.42
N GLN A 218 0.16 9.66 -20.28
CA GLN A 218 -0.19 11.00 -19.79
C GLN A 218 1.02 11.94 -19.80
N GLY A 219 2.13 11.45 -19.25
CA GLY A 219 3.37 12.22 -19.15
C GLY A 219 3.90 12.72 -20.49
N ALA A 220 3.77 11.88 -21.51
CA ALA A 220 4.29 12.19 -22.85
C ALA A 220 3.26 12.90 -23.74
N PHE A 221 1.99 12.55 -23.60
CA PHE A 221 0.94 12.99 -24.54
C PHE A 221 -0.16 13.89 -23.95
N GLY A 222 -0.11 14.11 -22.64
CA GLY A 222 -1.06 15.01 -21.97
C GLY A 222 -2.48 14.46 -21.81
N ARG A 223 -2.64 13.16 -22.04
CA ARG A 223 -3.93 12.48 -21.84
C ARG A 223 -3.69 10.99 -21.58
N THR A 224 -4.72 10.28 -21.11
CA THR A 224 -4.64 8.83 -20.85
C THR A 224 -5.35 7.98 -21.92
N SER A 225 -5.89 8.66 -22.93
CA SER A 225 -6.59 7.99 -24.03
C SER A 225 -5.71 7.88 -25.26
N ILE A 226 -6.08 6.98 -26.16
CA ILE A 226 -5.26 6.66 -27.33
C ILE A 226 -5.27 7.77 -28.37
N HIS B 7 -9.16 -50.70 -22.81
CA HIS B 7 -8.84 -51.36 -21.52
C HIS B 7 -9.82 -52.47 -21.19
N GLU B 8 -9.32 -53.52 -20.53
CA GLU B 8 -10.12 -54.68 -20.15
C GLU B 8 -10.13 -54.95 -18.64
N LEU B 9 -11.31 -54.80 -18.02
CA LEU B 9 -11.51 -55.09 -16.60
C LEU B 9 -12.15 -56.46 -16.35
N TYR B 10 -11.44 -57.29 -15.60
CA TYR B 10 -11.92 -58.61 -15.25
C TYR B 10 -12.15 -58.77 -13.75
N LEU B 11 -13.01 -59.74 -13.41
CA LEU B 11 -13.12 -60.24 -12.05
C LEU B 11 -12.43 -61.60 -11.90
N ASP B 12 -11.76 -61.78 -10.77
CA ASP B 12 -10.91 -62.93 -10.51
C ASP B 12 -11.63 -63.80 -9.52
N THR B 13 -12.45 -64.73 -10.03
CA THR B 13 -13.45 -65.40 -9.19
C THR B 13 -14.12 -66.60 -9.86
N SER B 14 -14.61 -67.54 -9.04
CA SER B 14 -15.46 -68.64 -9.51
C SER B 14 -16.84 -68.55 -8.87
N ASP B 15 -17.13 -67.40 -8.28
CA ASP B 15 -18.38 -67.16 -7.54
C ASP B 15 -19.46 -66.64 -8.49
N VAL B 16 -20.27 -67.58 -9.00
CA VAL B 16 -21.23 -67.31 -10.08
C VAL B 16 -22.30 -66.27 -9.70
N VAL B 17 -22.81 -66.38 -8.49
CA VAL B 17 -23.83 -65.44 -7.99
C VAL B 17 -23.26 -64.01 -7.88
N ALA B 18 -22.08 -63.90 -7.28
CA ALA B 18 -21.39 -62.59 -7.18
C ALA B 18 -21.14 -62.01 -8.56
N VAL B 19 -20.70 -62.85 -9.50
CA VAL B 19 -20.46 -62.37 -10.86
C VAL B 19 -21.71 -61.79 -11.47
N LYS B 20 -22.84 -62.49 -11.30
CA LYS B 20 -24.12 -62.02 -11.86
C LYS B 20 -24.51 -60.67 -11.27
N ALA B 21 -24.38 -60.55 -9.96
CA ALA B 21 -24.72 -59.32 -9.25
C ALA B 21 -23.78 -58.15 -9.62
N LEU B 22 -22.49 -58.44 -9.68
CA LEU B 22 -21.48 -57.40 -9.93
C LEU B 22 -21.37 -56.99 -11.39
N SER B 23 -21.88 -57.82 -12.30
CA SER B 23 -21.80 -57.55 -13.75
C SER B 23 -22.73 -56.44 -14.21
N ARG B 24 -23.75 -56.12 -13.43
CA ARG B 24 -24.61 -54.97 -13.74
C ARG B 24 -24.01 -53.66 -13.20
N ILE B 25 -23.07 -53.78 -12.28
CA ILE B 25 -22.39 -52.63 -11.64
C ILE B 25 -21.12 -52.24 -12.35
N PHE B 26 -20.18 -53.19 -12.41
CA PHE B 26 -18.89 -52.95 -13.05
C PHE B 26 -18.96 -53.10 -14.58
N PRO B 27 -18.17 -52.30 -15.31
CA PRO B 27 -18.00 -52.50 -16.75
C PRO B 27 -17.01 -53.62 -17.05
N LEU B 28 -17.48 -54.86 -16.96
CA LEU B 28 -16.62 -56.05 -17.08
C LEU B 28 -16.38 -56.51 -18.51
N ALA B 29 -15.14 -56.89 -18.78
CA ALA B 29 -14.78 -57.51 -20.05
C ALA B 29 -14.91 -59.02 -19.94
N GLY B 30 -14.99 -59.52 -18.71
CA GLY B 30 -14.96 -60.94 -18.49
C GLY B 30 -14.62 -61.37 -17.08
N VAL B 31 -14.25 -62.64 -16.97
CA VAL B 31 -13.88 -63.24 -15.71
C VAL B 31 -12.64 -64.11 -15.90
N THR B 32 -11.71 -64.02 -14.95
CA THR B 32 -10.55 -64.91 -14.94
C THR B 32 -10.65 -65.92 -13.84
N THR B 33 -10.11 -67.11 -14.11
CA THR B 33 -9.99 -68.15 -13.10
C THR B 33 -8.59 -68.75 -13.11
N ASN B 34 -8.25 -69.39 -12.01
CA ASN B 34 -7.04 -70.20 -11.90
C ASN B 34 -7.38 -71.41 -11.03
N PRO B 35 -6.46 -72.40 -10.93
CA PRO B 35 -6.84 -73.64 -10.25
C PRO B 35 -7.24 -73.49 -8.80
N SER B 36 -6.63 -72.56 -8.08
CA SER B 36 -6.97 -72.35 -6.67
C SER B 36 -8.35 -71.70 -6.52
N ILE B 37 -8.68 -70.82 -7.47
CA ILE B 37 -9.98 -70.15 -7.48
C ILE B 37 -11.11 -71.15 -7.84
N ILE B 38 -10.83 -72.03 -8.80
CA ILE B 38 -11.79 -73.07 -9.19
C ILE B 38 -12.01 -74.06 -8.05
N ALA B 39 -10.90 -74.55 -7.51
CA ALA B 39 -10.90 -75.46 -6.35
C ALA B 39 -11.73 -74.92 -5.18
N ALA B 40 -11.46 -73.68 -4.80
CA ALA B 40 -12.16 -73.03 -3.69
C ALA B 40 -13.68 -72.97 -3.88
N GLY B 41 -14.11 -72.89 -5.14
CA GLY B 41 -15.53 -72.86 -5.51
C GLY B 41 -16.16 -74.25 -5.56
N LYS B 42 -15.32 -75.27 -5.67
CA LYS B 42 -15.68 -76.70 -5.54
C LYS B 42 -16.46 -77.28 -6.73
N LYS B 43 -16.80 -76.45 -7.70
CA LYS B 43 -17.49 -76.91 -8.90
C LYS B 43 -16.49 -77.23 -10.00
N PRO B 44 -16.68 -78.35 -10.71
CA PRO B 44 -15.76 -78.69 -11.81
C PRO B 44 -15.86 -77.72 -12.98
N LEU B 45 -14.82 -77.71 -13.81
CA LEU B 45 -14.70 -76.78 -14.93
C LEU B 45 -15.90 -76.83 -15.87
N ASP B 46 -16.35 -78.04 -16.20
CA ASP B 46 -17.47 -78.22 -17.15
C ASP B 46 -18.79 -77.72 -16.58
N VAL B 47 -18.84 -77.52 -15.26
CA VAL B 47 -19.97 -76.85 -14.60
C VAL B 47 -19.79 -75.30 -14.46
N VAL B 48 -18.73 -74.86 -13.75
CA VAL B 48 -18.55 -73.40 -13.47
C VAL B 48 -18.38 -72.56 -14.70
N LEU B 49 -17.61 -73.04 -15.65
CA LEU B 49 -17.30 -72.21 -16.82
C LEU B 49 -18.55 -71.74 -17.57
N PRO B 50 -19.41 -72.68 -18.02
CA PRO B 50 -20.66 -72.24 -18.67
C PRO B 50 -21.54 -71.37 -17.78
N GLN B 51 -21.59 -71.71 -16.48
CA GLN B 51 -22.33 -70.91 -15.51
C GLN B 51 -21.77 -69.46 -15.44
N LEU B 52 -20.45 -69.34 -15.40
CA LEU B 52 -19.80 -68.01 -15.37
C LEU B 52 -20.11 -67.26 -16.65
N HIS B 53 -20.03 -67.96 -17.78
CA HIS B 53 -20.35 -67.36 -19.09
C HIS B 53 -21.78 -66.81 -19.11
N GLU B 54 -22.72 -67.60 -18.59
CA GLU B 54 -24.13 -67.19 -18.50
C GLU B 54 -24.33 -66.02 -17.54
N ALA B 55 -23.68 -66.08 -16.40
CA ALA B 55 -23.81 -65.06 -15.35
C ALA B 55 -23.37 -63.66 -15.80
N MET B 56 -22.71 -63.58 -16.95
CA MET B 56 -22.28 -62.31 -17.56
C MET B 56 -23.16 -61.87 -18.73
N GLY B 57 -24.31 -62.52 -18.91
CA GLY B 57 -25.20 -62.22 -20.02
C GLY B 57 -24.73 -62.81 -21.35
N GLY B 58 -24.02 -63.94 -21.27
CA GLY B 58 -23.55 -64.66 -22.45
C GLY B 58 -22.53 -63.90 -23.29
N GLN B 59 -21.94 -62.88 -22.68
CA GLN B 59 -20.94 -62.06 -23.33
C GLN B 59 -19.71 -61.93 -22.45
N GLY B 60 -18.62 -61.45 -23.05
CA GLY B 60 -17.37 -61.27 -22.32
C GLY B 60 -16.46 -62.48 -22.45
N ARG B 61 -15.20 -62.26 -22.09
CA ARG B 61 -14.16 -63.26 -22.26
C ARG B 61 -13.95 -64.06 -20.98
N LEU B 62 -13.59 -65.33 -21.15
CA LEU B 62 -13.22 -66.19 -20.03
C LEU B 62 -11.78 -66.66 -20.14
N PHE B 63 -11.18 -66.92 -18.99
CA PHE B 63 -9.84 -67.46 -18.90
C PHE B 63 -9.81 -68.62 -17.93
N ALA B 64 -9.10 -69.68 -18.31
CA ALA B 64 -8.86 -70.79 -17.39
C ALA B 64 -7.54 -71.46 -17.66
N GLN B 65 -7.05 -72.18 -16.68
CA GLN B 65 -5.65 -72.63 -16.68
C GLN B 65 -5.47 -74.13 -16.89
N VAL B 66 -4.42 -74.47 -17.63
CA VAL B 66 -4.00 -75.87 -17.78
C VAL B 66 -3.40 -76.39 -16.48
N MET B 67 -3.36 -77.71 -16.35
CA MET B 67 -2.85 -78.38 -15.14
C MET B 67 -1.68 -79.31 -15.41
N ALA B 68 -1.51 -79.71 -16.65
CA ALA B 68 -0.46 -80.67 -17.01
C ALA B 68 0.95 -80.09 -16.85
N THR B 69 1.92 -81.01 -16.80
CA THR B 69 3.33 -80.74 -16.48
C THR B 69 4.21 -80.70 -17.74
N THR B 70 3.77 -81.39 -18.79
CA THR B 70 4.49 -81.41 -20.05
C THR B 70 3.80 -80.55 -21.06
N ALA B 71 4.57 -80.11 -22.05
CA ALA B 71 4.05 -79.24 -23.11
C ALA B 71 2.89 -79.91 -23.86
N GLU B 72 3.10 -81.18 -24.22
CA GLU B 72 2.06 -81.97 -24.91
C GLU B 72 0.79 -82.09 -24.08
N GLY B 73 0.97 -82.42 -22.80
CA GLY B 73 -0.16 -82.51 -21.87
C GLY B 73 -0.93 -81.20 -21.71
N MET B 74 -0.20 -80.08 -21.77
CA MET B 74 -0.81 -78.74 -21.64
C MET B 74 -1.61 -78.39 -22.86
N VAL B 75 -1.11 -78.76 -24.03
CA VAL B 75 -1.84 -78.59 -25.29
C VAL B 75 -3.16 -79.36 -25.24
N ASN B 76 -3.10 -80.59 -24.73
CA ASN B 76 -4.30 -81.43 -24.57
C ASN B 76 -5.30 -80.84 -23.57
N ASP B 77 -4.78 -80.28 -22.47
CA ASP B 77 -5.62 -79.56 -21.49
C ASP B 77 -6.30 -78.36 -22.13
N ALA B 78 -5.58 -77.69 -23.02
CA ALA B 78 -6.11 -76.53 -23.72
C ALA B 78 -7.31 -76.91 -24.60
N LEU B 79 -7.18 -78.03 -25.31
CA LEU B 79 -8.25 -78.53 -26.17
C LEU B 79 -9.49 -78.87 -25.35
N LYS B 80 -9.28 -79.52 -24.21
CA LYS B 80 -10.35 -79.80 -23.26
C LYS B 80 -11.06 -78.54 -22.81
N LEU B 81 -10.28 -77.51 -22.47
CA LEU B 81 -10.85 -76.22 -22.05
C LEU B 81 -11.65 -75.56 -23.17
N ARG B 82 -11.08 -75.59 -24.36
CA ARG B 82 -11.73 -75.00 -25.55
C ARG B 82 -13.03 -75.75 -25.95
N SER B 83 -13.11 -77.04 -25.61
CA SER B 83 -14.32 -77.83 -25.91
C SER B 83 -15.48 -77.47 -24.94
N ILE B 84 -15.13 -76.90 -23.79
CA ILE B 84 -16.12 -76.43 -22.82
C ILE B 84 -16.58 -75.02 -23.18
N ILE B 85 -15.61 -74.14 -23.38
CA ILE B 85 -15.88 -72.76 -23.81
C ILE B 85 -15.06 -72.49 -25.08
N ALA B 86 -15.75 -72.35 -26.20
CA ALA B 86 -15.14 -72.32 -27.54
C ALA B 86 -14.12 -71.21 -27.73
N ASP B 87 -14.41 -70.04 -27.18
CA ASP B 87 -13.58 -68.84 -27.32
C ASP B 87 -12.73 -68.50 -26.06
N ILE B 88 -12.49 -69.50 -25.22
CA ILE B 88 -11.79 -69.29 -23.94
C ILE B 88 -10.30 -69.02 -24.18
N VAL B 89 -9.73 -68.14 -23.36
CA VAL B 89 -8.29 -67.90 -23.40
C VAL B 89 -7.63 -68.88 -22.44
N VAL B 90 -6.58 -69.56 -22.90
CA VAL B 90 -5.94 -70.59 -22.10
C VAL B 90 -4.72 -70.04 -21.35
N LYS B 91 -4.78 -70.15 -20.02
CA LYS B 91 -3.68 -69.74 -19.15
C LYS B 91 -2.63 -70.85 -19.04
N VAL B 92 -1.40 -70.50 -19.37
CA VAL B 92 -0.27 -71.43 -19.28
C VAL B 92 0.85 -70.89 -18.35
N PRO B 93 1.15 -71.62 -17.26
CA PRO B 93 2.25 -71.15 -16.41
C PRO B 93 3.54 -70.97 -17.19
N VAL B 94 4.25 -69.87 -16.94
CA VAL B 94 5.44 -69.56 -17.72
C VAL B 94 6.64 -70.30 -17.13
N THR B 95 6.73 -71.58 -17.52
CA THR B 95 7.84 -72.47 -17.22
C THR B 95 8.47 -72.89 -18.54
N ALA B 96 9.52 -73.68 -18.49
CA ALA B 96 10.16 -74.21 -19.70
C ALA B 96 9.13 -74.94 -20.61
N GLU B 97 8.39 -75.87 -20.04
CA GLU B 97 7.35 -76.63 -20.78
C GLU B 97 6.20 -75.74 -21.19
N GLY B 98 5.83 -74.81 -20.30
CA GLY B 98 4.78 -73.84 -20.60
C GLY B 98 5.10 -72.99 -21.80
N LEU B 99 6.33 -72.53 -21.87
CA LEU B 99 6.82 -71.79 -23.05
C LEU B 99 6.69 -72.59 -24.35
N ALA B 100 7.16 -73.83 -24.32
CA ALA B 100 7.03 -74.76 -25.46
C ALA B 100 5.56 -74.97 -25.84
N ALA B 101 4.71 -75.15 -24.82
CA ALA B 101 3.26 -75.25 -25.01
C ALA B 101 2.67 -74.00 -25.65
N ILE B 102 3.10 -72.83 -25.21
CA ILE B 102 2.60 -71.58 -25.76
C ILE B 102 2.95 -71.49 -27.23
N LYS B 103 4.19 -71.84 -27.59
CA LYS B 103 4.61 -71.86 -28.99
C LYS B 103 3.73 -72.82 -29.83
N MET B 104 3.45 -74.00 -29.28
CA MET B 104 2.59 -74.99 -29.97
C MET B 104 1.15 -74.49 -30.13
N LEU B 105 0.61 -73.89 -29.08
CA LEU B 105 -0.74 -73.30 -29.12
C LEU B 105 -0.87 -72.09 -30.04
N LYS B 106 0.22 -71.33 -30.18
CA LYS B 106 0.30 -70.25 -31.17
C LYS B 106 0.16 -70.80 -32.60
N ALA B 107 0.91 -71.86 -32.88
CA ALA B 107 0.85 -72.54 -34.18
C ALA B 107 -0.57 -73.10 -34.48
N GLU B 108 -1.25 -73.56 -33.43
CA GLU B 108 -2.61 -74.08 -33.55
C GLU B 108 -3.72 -73.02 -33.56
N GLY B 109 -3.34 -71.75 -33.40
CA GLY B 109 -4.30 -70.62 -33.40
C GLY B 109 -5.15 -70.45 -32.13
N ILE B 110 -4.74 -71.08 -31.03
CA ILE B 110 -5.47 -70.99 -29.76
C ILE B 110 -4.83 -69.88 -28.88
N PRO B 111 -5.61 -68.82 -28.56
CA PRO B 111 -5.03 -67.71 -27.80
C PRO B 111 -4.65 -68.12 -26.38
N THR B 112 -3.49 -67.65 -25.95
CA THR B 112 -2.97 -67.98 -24.62
C THR B 112 -2.71 -66.75 -23.74
N LEU B 113 -2.66 -67.03 -22.44
CA LEU B 113 -2.16 -66.10 -21.45
C LEU B 113 -1.00 -66.75 -20.71
N GLY B 114 0.12 -66.04 -20.62
CA GLY B 114 1.28 -66.50 -19.85
C GLY B 114 1.17 -66.11 -18.37
N THR B 115 1.02 -67.11 -17.50
CA THR B 115 0.70 -66.87 -16.09
C THR B 115 1.77 -67.34 -15.13
N ALA B 116 1.53 -67.10 -13.85
CA ALA B 116 2.50 -67.35 -12.79
C ALA B 116 3.82 -66.62 -13.06
N VAL B 117 3.68 -65.36 -13.47
CA VAL B 117 4.82 -64.51 -13.82
C VAL B 117 5.30 -63.77 -12.58
N TYR B 118 6.55 -64.04 -12.18
CA TYR B 118 7.19 -63.39 -11.01
C TYR B 118 8.27 -62.44 -11.42
N GLY B 119 8.54 -62.34 -12.71
CA GLY B 119 9.66 -61.54 -13.21
C GLY B 119 9.31 -61.00 -14.57
N ALA B 120 9.90 -59.85 -14.91
CA ALA B 120 9.60 -59.17 -16.17
C ALA B 120 10.12 -59.88 -17.44
N ALA B 121 11.35 -60.39 -17.35
CA ALA B 121 11.96 -61.11 -18.49
C ALA B 121 11.22 -62.43 -18.80
N GLN B 122 10.88 -63.12 -17.73
CA GLN B 122 10.02 -64.31 -17.80
C GLN B 122 8.73 -64.01 -18.57
N GLY B 123 8.06 -62.94 -18.14
CA GLY B 123 6.82 -62.50 -18.77
C GLY B 123 6.98 -62.19 -20.22
N LEU B 124 8.02 -61.44 -20.53
CA LEU B 124 8.33 -61.10 -21.91
C LEU B 124 8.51 -62.37 -22.78
N LEU B 125 9.23 -63.34 -22.26
CA LEU B 125 9.49 -64.59 -23.05
C LEU B 125 8.20 -65.29 -23.46
N SER B 126 7.22 -65.25 -22.56
CA SER B 126 5.90 -65.83 -22.83
C SER B 126 5.18 -65.10 -23.96
N ALA B 127 5.34 -63.78 -24.01
CA ALA B 127 4.78 -62.96 -25.10
C ALA B 127 5.49 -63.18 -26.44
N LEU B 128 6.82 -63.23 -26.41
CA LEU B 128 7.59 -63.54 -27.61
C LEU B 128 7.22 -64.93 -28.18
N ALA B 129 6.88 -65.84 -27.29
CA ALA B 129 6.49 -67.21 -27.66
C ALA B 129 5.08 -67.26 -28.27
N GLY B 130 4.31 -66.19 -28.10
CA GLY B 130 3.00 -66.05 -28.73
C GLY B 130 1.83 -65.69 -27.83
N ALA B 131 2.06 -65.63 -26.52
CA ALA B 131 1.01 -65.30 -25.56
C ALA B 131 0.46 -63.89 -25.79
N GLU B 132 -0.84 -63.78 -25.70
CA GLU B 132 -1.55 -62.54 -26.04
C GLU B 132 -1.68 -61.69 -24.76
N TYR B 133 -1.71 -62.37 -23.63
CA TYR B 133 -1.76 -61.74 -22.32
C TYR B 133 -0.63 -62.29 -21.47
N VAL B 134 -0.16 -61.46 -20.54
CA VAL B 134 0.86 -61.88 -19.57
C VAL B 134 0.39 -61.41 -18.20
N ALA B 135 0.38 -62.34 -17.25
CA ALA B 135 -0.18 -62.11 -15.93
C ALA B 135 0.83 -62.23 -14.82
N PRO B 136 1.44 -61.09 -14.41
CA PRO B 136 2.28 -61.10 -13.24
C PRO B 136 1.44 -61.21 -11.98
N TYR B 137 1.96 -61.90 -10.99
CA TYR B 137 1.29 -62.01 -9.68
C TYR B 137 1.82 -60.92 -8.72
N VAL B 138 1.17 -59.77 -8.77
CA VAL B 138 1.61 -58.56 -8.12
C VAL B 138 1.81 -58.72 -6.62
N ASN B 139 0.80 -59.17 -5.92
CA ASN B 139 0.91 -59.34 -4.45
C ASN B 139 1.87 -60.45 -4.04
N ARG B 140 1.96 -61.47 -4.86
CA ARG B 140 2.89 -62.57 -4.56
C ARG B 140 4.32 -62.01 -4.57
N ILE B 141 4.62 -61.16 -5.55
CA ILE B 141 5.94 -60.55 -5.65
C ILE B 141 6.19 -59.60 -4.48
N ASP B 142 5.19 -58.78 -4.16
CA ASP B 142 5.20 -57.93 -2.97
C ASP B 142 5.39 -58.71 -1.66
N ALA B 143 4.59 -59.76 -1.49
CA ALA B 143 4.61 -60.54 -0.24
C ALA B 143 5.96 -61.21 -0.02
N GLN B 144 6.58 -61.61 -1.13
CA GLN B 144 7.86 -62.31 -1.08
C GLN B 144 9.13 -61.42 -1.19
N GLY B 145 8.98 -60.12 -0.92
CA GLY B 145 10.11 -59.25 -0.64
C GLY B 145 10.62 -58.51 -1.85
N GLY B 146 9.89 -58.65 -2.95
CA GLY B 146 10.23 -57.92 -4.16
C GLY B 146 9.43 -56.59 -4.28
N SER B 147 9.23 -56.16 -5.51
CA SER B 147 8.35 -55.05 -5.84
C SER B 147 7.43 -55.44 -7.01
N GLY B 148 6.20 -55.75 -6.67
CA GLY B 148 5.16 -56.10 -7.66
C GLY B 148 4.92 -55.02 -8.66
N ILE B 149 4.86 -53.79 -8.19
CA ILE B 149 4.70 -52.64 -9.07
C ILE B 149 5.87 -52.45 -10.04
N GLN B 150 7.10 -52.59 -9.56
CA GLN B 150 8.24 -52.42 -10.47
C GLN B 150 8.25 -53.51 -11.55
N THR B 151 7.99 -54.73 -11.13
CA THR B 151 7.87 -55.87 -12.05
C THR B 151 6.84 -55.63 -13.14
N VAL B 152 5.68 -55.17 -12.73
CA VAL B 152 4.61 -54.78 -13.68
C VAL B 152 5.01 -53.66 -14.56
N THR B 153 5.61 -52.60 -13.97
CA THR B 153 6.09 -51.45 -14.76
C THR B 153 7.10 -51.90 -15.81
N ASP B 154 8.09 -52.69 -15.38
CA ASP B 154 9.12 -53.17 -16.30
C ASP B 154 8.53 -54.10 -17.38
N LEU B 155 7.61 -54.97 -16.96
CA LEU B 155 6.94 -55.91 -17.91
C LEU B 155 6.13 -55.18 -18.98
N HIS B 156 5.30 -54.23 -18.58
CA HIS B 156 4.56 -53.40 -19.55
C HIS B 156 5.47 -52.74 -20.59
N GLN B 157 6.54 -52.10 -20.11
CA GLN B 157 7.48 -51.47 -20.99
C GLN B 157 8.10 -52.49 -21.96
N LEU B 158 8.48 -53.64 -21.44
CA LEU B 158 9.09 -54.70 -22.29
C LEU B 158 8.13 -55.20 -23.39
N LEU B 159 6.87 -55.39 -23.03
CA LEU B 159 5.85 -55.78 -24.02
C LEU B 159 5.68 -54.71 -25.07
N LYS B 160 5.55 -53.47 -24.63
CA LYS B 160 5.38 -52.32 -25.54
C LYS B 160 6.51 -52.15 -26.55
N MET B 161 7.73 -52.37 -26.09
CA MET B 161 8.90 -52.18 -26.93
C MET B 161 9.16 -53.43 -27.79
N HIS B 162 9.02 -54.59 -27.18
CA HIS B 162 9.55 -55.83 -27.75
C HIS B 162 8.52 -56.88 -28.21
N ALA B 163 7.30 -56.81 -27.67
CA ALA B 163 6.19 -57.69 -28.12
C ALA B 163 4.86 -56.98 -28.01
N PRO B 164 4.62 -55.96 -28.86
CA PRO B 164 3.50 -55.02 -28.73
C PRO B 164 2.11 -55.59 -28.97
N GLN B 165 2.03 -56.78 -29.55
CA GLN B 165 0.75 -57.47 -29.73
C GLN B 165 0.22 -57.97 -28.39
N ALA B 166 1.12 -58.12 -27.42
CA ALA B 166 0.79 -58.68 -26.13
C ALA B 166 0.39 -57.59 -25.10
N LYS B 167 -0.46 -57.99 -24.17
CA LYS B 167 -0.95 -57.09 -23.11
C LYS B 167 -0.61 -57.64 -21.73
N VAL B 168 -0.30 -56.75 -20.79
CA VAL B 168 -0.25 -57.12 -19.39
C VAL B 168 -1.66 -57.28 -18.84
N LEU B 169 -1.90 -58.42 -18.20
CA LEU B 169 -3.12 -58.66 -17.43
C LEU B 169 -2.73 -58.82 -15.95
N ALA B 170 -2.72 -57.72 -15.23
CA ALA B 170 -2.21 -57.70 -13.87
C ALA B 170 -3.15 -58.44 -12.95
N ALA B 171 -2.56 -59.26 -12.08
CA ALA B 171 -3.33 -60.11 -11.16
C ALA B 171 -2.69 -60.20 -9.77
N SER B 172 -3.47 -60.78 -8.85
CA SER B 172 -3.06 -61.04 -7.46
C SER B 172 -2.97 -59.73 -6.66
N PHE B 173 -4.07 -59.41 -5.98
CA PHE B 173 -4.23 -58.14 -5.29
C PHE B 173 -4.79 -58.31 -3.90
N LYS B 174 -4.23 -57.55 -2.96
CA LYS B 174 -4.77 -57.48 -1.57
C LYS B 174 -5.30 -56.10 -1.22
N THR B 175 -4.95 -55.09 -2.01
CA THR B 175 -5.39 -53.73 -1.75
C THR B 175 -5.58 -52.98 -3.03
N PRO B 176 -6.58 -52.08 -3.08
CA PRO B 176 -6.78 -51.27 -4.29
C PRO B 176 -5.55 -50.47 -4.77
N ARG B 177 -4.71 -49.98 -3.83
CA ARG B 177 -3.50 -49.19 -4.19
C ARG B 177 -2.61 -49.93 -5.19
N GLN B 178 -2.47 -51.24 -4.97
CA GLN B 178 -1.78 -52.10 -5.94
C GLN B 178 -2.41 -52.07 -7.31
N ALA B 179 -3.74 -52.11 -7.37
CA ALA B 179 -4.46 -52.11 -8.67
C ALA B 179 -4.28 -50.77 -9.36
N LEU B 180 -4.50 -49.71 -8.59
CA LEU B 180 -4.21 -48.35 -9.08
C LEU B 180 -2.81 -48.21 -9.68
N ASP B 181 -1.79 -48.67 -8.96
CA ASP B 181 -0.39 -48.52 -9.45
C ASP B 181 -0.12 -49.29 -10.75
N CYS B 182 -0.71 -50.49 -10.86
CA CYS B 182 -0.70 -51.25 -12.13
C CYS B 182 -1.34 -50.50 -13.28
N LEU B 183 -2.49 -49.91 -13.01
CA LEU B 183 -3.20 -49.07 -14.01
C LEU B 183 -2.35 -47.90 -14.38
N LEU B 184 -1.76 -47.25 -13.37
CA LEU B 184 -0.93 -46.06 -13.64
C LEU B 184 0.29 -46.42 -14.42
N ALA B 185 0.77 -47.66 -14.24
CA ALA B 185 1.92 -48.17 -14.98
C ALA B 185 1.58 -48.53 -16.45
N GLY B 186 0.29 -48.54 -16.79
CA GLY B 186 -0.17 -48.69 -18.15
C GLY B 186 -0.83 -50.01 -18.50
N CYS B 187 -0.99 -50.90 -17.50
CA CYS B 187 -1.57 -52.22 -17.71
C CYS B 187 -2.87 -52.11 -18.51
N GLU B 188 -2.90 -52.77 -19.65
CA GLU B 188 -4.02 -52.67 -20.58
C GLU B 188 -5.18 -53.60 -20.16
N SER B 189 -4.88 -54.52 -19.25
CA SER B 189 -5.91 -55.29 -18.59
C SER B 189 -5.56 -55.58 -17.15
N ILE B 190 -6.58 -55.90 -16.39
CA ILE B 190 -6.45 -56.17 -14.97
C ILE B 190 -7.58 -57.09 -14.49
N THR B 191 -7.28 -57.89 -13.47
CA THR B 191 -8.29 -58.71 -12.85
C THR B 191 -8.27 -58.60 -11.34
N LEU B 192 -9.44 -58.33 -10.79
CA LEU B 192 -9.61 -58.04 -9.37
C LEU B 192 -10.33 -59.09 -8.60
N PRO B 193 -9.84 -59.43 -7.39
CA PRO B 193 -10.65 -60.28 -6.57
C PRO B 193 -11.83 -59.45 -6.06
N LEU B 194 -12.84 -60.14 -5.54
CA LEU B 194 -14.11 -59.50 -5.19
C LEU B 194 -13.96 -58.46 -4.09
N ASP B 195 -13.19 -58.78 -3.06
CA ASP B 195 -13.07 -57.86 -1.93
C ASP B 195 -12.41 -56.52 -2.35
N VAL B 196 -11.38 -56.60 -3.19
CA VAL B 196 -10.69 -55.42 -3.69
C VAL B 196 -11.57 -54.59 -4.64
N ALA B 197 -12.29 -55.29 -5.53
CA ALA B 197 -13.24 -54.64 -6.44
C ALA B 197 -14.30 -53.86 -5.66
N GLN B 198 -14.83 -54.48 -4.62
CA GLN B 198 -15.83 -53.83 -3.78
C GLN B 198 -15.27 -52.60 -3.05
N GLN B 199 -14.04 -52.71 -2.54
CA GLN B 199 -13.40 -51.59 -1.83
C GLN B 199 -13.17 -50.44 -2.78
N MET B 200 -12.94 -50.77 -4.05
CA MET B 200 -12.69 -49.79 -5.10
C MET B 200 -13.91 -48.88 -5.42
N ILE B 201 -15.11 -49.31 -5.01
CA ILE B 201 -16.34 -48.55 -5.28
C ILE B 201 -17.10 -48.11 -4.02
N SER B 202 -16.53 -48.33 -2.87
CA SER B 202 -17.14 -47.95 -1.59
C SER B 202 -16.22 -47.10 -0.71
N TYR B 203 -16.60 -45.83 -0.50
CA TYR B 203 -15.76 -44.87 0.25
C TYR B 203 -16.55 -44.07 1.29
N PRO B 204 -16.07 -44.05 2.55
CA PRO B 204 -16.71 -43.25 3.59
C PRO B 204 -16.80 -41.77 3.23
N ALA B 205 -15.77 -41.24 2.60
CA ALA B 205 -15.74 -39.83 2.21
C ALA B 205 -16.84 -39.53 1.19
N VAL B 206 -17.04 -40.45 0.26
CA VAL B 206 -18.09 -40.30 -0.79
C VAL B 206 -19.49 -40.37 -0.17
N ASP B 207 -19.69 -41.30 0.75
CA ASP B 207 -20.96 -41.44 1.45
C ASP B 207 -21.28 -40.18 2.24
N ALA B 208 -20.27 -39.61 2.87
CA ALA B 208 -20.43 -38.33 3.57
C ALA B 208 -20.78 -37.16 2.66
N ALA B 209 -20.21 -37.15 1.46
CA ALA B 209 -20.49 -36.09 0.50
C ALA B 209 -21.94 -36.19 0.00
N VAL B 210 -22.39 -37.43 -0.24
CA VAL B 210 -23.78 -37.70 -0.60
C VAL B 210 -24.76 -37.30 0.51
N ALA B 211 -24.45 -37.66 1.74
CA ALA B 211 -25.27 -37.30 2.90
C ALA B 211 -25.40 -35.78 3.02
N LYS B 212 -24.27 -35.09 2.89
CA LYS B 212 -24.24 -33.63 2.91
C LYS B 212 -25.16 -33.04 1.86
N PHE B 213 -25.12 -33.57 0.65
CA PHE B 213 -25.97 -33.06 -0.42
C PHE B 213 -27.46 -33.17 -0.04
N GLU B 214 -27.82 -34.32 0.54
CA GLU B 214 -29.19 -34.59 0.96
C GLU B 214 -29.64 -33.65 2.07
N GLN B 215 -28.75 -33.41 3.04
CA GLN B 215 -29.00 -32.46 4.13
C GLN B 215 -29.20 -31.02 3.63
N ASP B 216 -28.36 -30.59 2.68
CA ASP B 216 -28.48 -29.24 2.10
C ASP B 216 -29.79 -29.08 1.30
N TRP B 217 -30.09 -30.09 0.50
CA TRP B 217 -31.35 -30.17 -0.27
C TRP B 217 -32.57 -30.08 0.66
N GLN B 218 -32.60 -30.96 1.65
CA GLN B 218 -33.64 -31.00 2.68
C GLN B 218 -33.85 -29.62 3.33
N GLY B 219 -32.73 -29.02 3.71
CA GLY B 219 -32.74 -27.71 4.38
C GLY B 219 -33.40 -26.61 3.55
N ALA B 220 -33.18 -26.64 2.25
CA ALA B 220 -33.73 -25.64 1.34
C ALA B 220 -35.13 -25.98 0.80
N PHE B 221 -35.39 -27.26 0.54
CA PHE B 221 -36.59 -27.71 -0.19
C PHE B 221 -37.56 -28.59 0.61
N GLY B 222 -37.20 -28.94 1.83
CA GLY B 222 -38.09 -29.68 2.72
C GLY B 222 -38.26 -31.16 2.38
N ARG B 223 -37.41 -31.65 1.49
CA ARG B 223 -37.37 -33.08 1.13
C ARG B 223 -35.97 -33.45 0.65
N THR B 224 -35.70 -34.76 0.54
CA THR B 224 -34.40 -35.25 0.02
C THR B 224 -34.48 -35.77 -1.41
N SER B 225 -35.65 -35.66 -2.02
CA SER B 225 -35.89 -36.13 -3.40
C SER B 225 -35.88 -34.97 -4.37
N ILE B 226 -35.70 -35.28 -5.65
CA ILE B 226 -35.52 -34.26 -6.67
C ILE B 226 -36.82 -33.54 -7.00
N HIS C 7 11.41 -57.78 -32.12
CA HIS C 7 12.56 -58.15 -31.28
C HIS C 7 13.17 -59.50 -31.69
N GLU C 8 14.49 -59.62 -31.55
CA GLU C 8 15.23 -60.83 -31.94
C GLU C 8 16.03 -61.45 -30.80
N LEU C 9 15.61 -62.64 -30.38
CA LEU C 9 16.27 -63.40 -29.33
C LEU C 9 17.20 -64.48 -29.89
N TYR C 10 18.48 -64.38 -29.54
CA TYR C 10 19.50 -65.34 -29.96
C TYR C 10 20.11 -66.10 -28.80
N LEU C 11 20.66 -67.26 -29.13
CA LEU C 11 21.49 -68.01 -28.19
C LEU C 11 22.94 -67.86 -28.60
N ASP C 12 23.78 -67.73 -27.60
CA ASP C 12 25.19 -67.48 -27.79
C ASP C 12 25.95 -68.78 -27.47
N THR C 13 26.17 -69.59 -28.51
CA THR C 13 26.60 -70.98 -28.27
C THR C 13 27.06 -71.69 -29.55
N SER C 14 27.91 -72.70 -29.39
CA SER C 14 28.24 -73.65 -30.48
C SER C 14 27.77 -75.08 -30.11
N ASP C 15 26.94 -75.18 -29.08
CA ASP C 15 26.46 -76.44 -28.54
C ASP C 15 25.21 -76.92 -29.28
N VAL C 16 25.42 -77.73 -30.31
CA VAL C 16 24.37 -78.13 -31.26
C VAL C 16 23.20 -78.87 -30.60
N VAL C 17 23.51 -79.77 -29.68
CA VAL C 17 22.50 -80.56 -28.97
C VAL C 17 21.62 -79.66 -28.10
N ALA C 18 22.27 -78.79 -27.32
CA ALA C 18 21.56 -77.79 -26.51
C ALA C 18 20.66 -76.89 -27.38
N VAL C 19 21.19 -76.43 -28.51
CA VAL C 19 20.41 -75.60 -29.42
C VAL C 19 19.15 -76.31 -29.89
N LYS C 20 19.29 -77.58 -30.25
CA LYS C 20 18.14 -78.38 -30.69
C LYS C 20 17.09 -78.48 -29.59
N ALA C 21 17.53 -78.81 -28.39
CA ALA C 21 16.64 -78.96 -27.26
C ALA C 21 15.96 -77.63 -26.85
N LEU C 22 16.75 -76.57 -26.83
CA LEU C 22 16.25 -75.25 -26.38
C LEU C 22 15.42 -74.51 -27.42
N SER C 23 15.52 -74.91 -28.68
CA SER C 23 14.80 -74.25 -29.78
C SER C 23 13.29 -74.53 -29.77
N ARG C 24 12.88 -75.62 -29.13
CA ARG C 24 11.44 -75.92 -28.98
C ARG C 24 10.84 -75.18 -27.77
N ILE C 25 11.72 -74.70 -26.89
CA ILE C 25 11.31 -73.97 -25.69
C ILE C 25 11.29 -72.45 -25.91
N PHE C 26 12.44 -71.90 -26.27
CA PHE C 26 12.58 -70.46 -26.49
C PHE C 26 12.14 -70.03 -27.89
N PRO C 27 11.58 -68.81 -28.00
CA PRO C 27 11.25 -68.26 -29.31
C PRO C 27 12.48 -67.63 -29.95
N LEU C 28 13.32 -68.47 -30.54
CA LEU C 28 14.61 -68.04 -31.06
C LEU C 28 14.55 -67.47 -32.46
N ALA C 29 15.32 -66.40 -32.67
CA ALA C 29 15.51 -65.83 -33.99
C ALA C 29 16.73 -66.46 -34.66
N GLY C 30 17.57 -67.11 -33.86
CA GLY C 30 18.81 -67.64 -34.36
C GLY C 30 19.84 -67.97 -33.29
N VAL C 31 21.09 -68.11 -33.76
CA VAL C 31 22.22 -68.41 -32.91
C VAL C 31 23.41 -67.53 -33.30
N THR C 32 24.09 -67.00 -32.29
CA THR C 32 25.32 -66.26 -32.52
C THR C 32 26.51 -67.09 -32.09
N THR C 33 27.61 -66.87 -32.79
CA THR C 33 28.89 -67.44 -32.39
C THR C 33 29.99 -66.37 -32.43
N ASN C 34 31.08 -66.67 -31.74
CA ASN C 34 32.33 -65.91 -31.88
C ASN C 34 33.49 -66.90 -31.81
N PRO C 35 34.74 -66.44 -32.05
CA PRO C 35 35.86 -67.39 -32.11
C PRO C 35 36.11 -68.21 -30.86
N SER C 36 35.88 -67.63 -29.68
CA SER C 36 36.06 -68.36 -28.43
C SER C 36 34.99 -69.42 -28.24
N ILE C 37 33.77 -69.11 -28.68
CA ILE C 37 32.65 -70.05 -28.55
C ILE C 37 32.85 -71.23 -29.52
N ILE C 38 33.31 -70.93 -30.73
CA ILE C 38 33.58 -71.96 -31.74
C ILE C 38 34.73 -72.85 -31.28
N ALA C 39 35.82 -72.22 -30.88
CA ALA C 39 36.99 -72.93 -30.33
C ALA C 39 36.63 -73.88 -29.19
N ALA C 40 35.88 -73.38 -28.21
CA ALA C 40 35.44 -74.18 -27.05
C ALA C 40 34.63 -75.44 -27.43
N GLY C 41 33.92 -75.36 -28.56
CA GLY C 41 33.14 -76.48 -29.08
C GLY C 41 33.96 -77.47 -29.92
N LYS C 42 35.12 -76.99 -30.37
CA LYS C 42 36.16 -77.81 -31.02
C LYS C 42 35.86 -78.28 -32.44
N LYS C 43 34.66 -77.98 -32.94
CA LYS C 43 34.29 -78.30 -34.30
C LYS C 43 34.59 -77.12 -35.23
N PRO C 44 35.17 -77.41 -36.41
CA PRO C 44 35.42 -76.32 -37.37
C PRO C 44 34.13 -75.69 -37.93
N LEU C 45 34.28 -74.47 -38.46
CA LEU C 45 33.16 -73.68 -38.96
C LEU C 45 32.31 -74.41 -40.00
N ASP C 46 32.97 -75.07 -40.94
CA ASP C 46 32.26 -75.80 -42.01
C ASP C 46 31.47 -77.01 -41.49
N VAL C 47 31.76 -77.42 -40.25
CA VAL C 47 30.98 -78.46 -39.56
C VAL C 47 29.88 -77.87 -38.66
N VAL C 48 30.25 -77.04 -37.68
CA VAL C 48 29.25 -76.52 -36.70
C VAL C 48 28.15 -75.67 -37.32
N LEU C 49 28.52 -74.80 -38.26
CA LEU C 49 27.56 -73.84 -38.79
C LEU C 49 26.34 -74.52 -39.45
N PRO C 50 26.57 -75.39 -40.47
CA PRO C 50 25.42 -76.18 -40.98
C PRO C 50 24.66 -77.00 -39.91
N GLN C 51 25.40 -77.58 -38.97
CA GLN C 51 24.77 -78.32 -37.85
C GLN C 51 23.88 -77.43 -37.00
N LEU C 52 24.38 -76.23 -36.68
CA LEU C 52 23.60 -75.26 -35.92
C LEU C 52 22.37 -74.85 -36.71
N HIS C 53 22.54 -74.60 -37.99
CA HIS C 53 21.42 -74.23 -38.87
C HIS C 53 20.33 -75.31 -38.85
N GLU C 54 20.76 -76.56 -38.97
CA GLU C 54 19.83 -77.71 -38.93
C GLU C 54 19.14 -77.83 -37.57
N ALA C 55 19.92 -77.69 -36.51
CA ALA C 55 19.42 -77.84 -35.13
C ALA C 55 18.31 -76.86 -34.77
N MET C 56 18.11 -75.83 -35.60
CA MET C 56 17.03 -74.85 -35.43
C MET C 56 15.85 -75.08 -36.37
N GLY C 57 15.81 -76.23 -37.03
CA GLY C 57 14.75 -76.53 -37.98
C GLY C 57 14.93 -75.85 -39.32
N GLY C 58 16.19 -75.63 -39.69
CA GLY C 58 16.53 -75.02 -40.98
C GLY C 58 16.05 -73.58 -41.15
N GLN C 59 15.71 -72.95 -40.04
CA GLN C 59 15.24 -71.57 -40.03
C GLN C 59 16.02 -70.76 -39.00
N GLY C 60 15.88 -69.44 -39.09
CA GLY C 60 16.57 -68.54 -38.20
C GLY C 60 17.90 -68.08 -38.74
N ARG C 61 18.43 -67.03 -38.12
CA ARG C 61 19.64 -66.37 -38.58
C ARG C 61 20.87 -66.87 -37.84
N LEU C 62 21.99 -66.90 -38.54
CA LEU C 62 23.28 -67.23 -37.93
C LEU C 62 24.25 -66.06 -38.02
N PHE C 63 25.16 -66.02 -37.05
CA PHE C 63 26.24 -65.05 -37.02
C PHE C 63 27.56 -65.74 -36.75
N ALA C 64 28.59 -65.32 -37.47
CA ALA C 64 29.95 -65.79 -37.19
C ALA C 64 30.96 -64.72 -37.53
N GLN C 65 32.15 -64.86 -36.93
CA GLN C 65 33.14 -63.79 -36.92
C GLN C 65 34.36 -64.04 -37.81
N VAL C 66 34.83 -62.97 -38.44
CA VAL C 66 36.09 -62.99 -39.17
C VAL C 66 37.28 -63.07 -38.22
N MET C 67 38.42 -63.48 -38.76
CA MET C 67 39.65 -63.67 -37.96
C MET C 67 40.82 -62.86 -38.44
N ALA C 68 40.76 -62.40 -39.69
CA ALA C 68 41.86 -61.66 -40.29
C ALA C 68 42.07 -60.28 -39.64
N THR C 69 43.26 -59.74 -39.88
CA THR C 69 43.78 -58.52 -39.25
C THR C 69 43.66 -57.31 -40.15
N THR C 70 43.64 -57.54 -41.46
CA THR C 70 43.53 -56.47 -42.45
C THR C 70 42.13 -56.45 -43.02
N ALA C 71 41.72 -55.29 -43.52
CA ALA C 71 40.39 -55.10 -44.05
C ALA C 71 40.15 -56.05 -45.24
N GLU C 72 41.13 -56.13 -46.14
CA GLU C 72 41.07 -57.06 -47.28
C GLU C 72 40.91 -58.52 -46.83
N GLY C 73 41.74 -58.93 -45.86
CA GLY C 73 41.66 -60.27 -45.29
C GLY C 73 40.31 -60.59 -44.63
N MET C 74 39.72 -59.58 -44.01
CA MET C 74 38.41 -59.73 -43.36
C MET C 74 37.29 -59.92 -44.39
N VAL C 75 37.38 -59.17 -45.48
CA VAL C 75 36.45 -59.32 -46.59
C VAL C 75 36.50 -60.76 -47.14
N ASN C 76 37.72 -61.28 -47.30
CA ASN C 76 37.93 -62.65 -47.77
C ASN C 76 37.38 -63.68 -46.80
N ASP C 77 37.58 -63.43 -45.50
CA ASP C 77 36.98 -64.27 -44.45
C ASP C 77 35.47 -64.28 -44.54
N ALA C 78 34.89 -63.11 -44.83
CA ALA C 78 33.44 -62.96 -44.96
C ALA C 78 32.88 -63.83 -46.11
N LEU C 79 33.57 -63.81 -47.25
CA LEU C 79 33.20 -64.63 -48.40
C LEU C 79 33.25 -66.12 -48.08
N LYS C 80 34.29 -66.54 -47.37
CA LYS C 80 34.40 -67.92 -46.86
C LYS C 80 33.23 -68.30 -45.97
N LEU C 81 32.87 -67.40 -45.05
CA LEU C 81 31.74 -67.64 -44.17
C LEU C 81 30.43 -67.74 -44.93
N ARG C 82 30.25 -66.84 -45.89
CA ARG C 82 29.04 -66.81 -46.72
C ARG C 82 28.92 -68.05 -47.65
N SER C 83 30.05 -68.65 -48.01
CA SER C 83 30.06 -69.88 -48.83
C SER C 83 29.62 -71.11 -48.02
N ILE C 84 29.75 -71.02 -46.70
CA ILE C 84 29.28 -72.08 -45.79
C ILE C 84 27.79 -71.92 -45.50
N ILE C 85 27.42 -70.71 -45.09
CA ILE C 85 26.02 -70.36 -44.82
C ILE C 85 25.70 -69.12 -45.64
N ALA C 86 24.85 -69.30 -46.66
CA ALA C 86 24.60 -68.27 -47.69
C ALA C 86 24.08 -66.94 -47.13
N ASP C 87 23.21 -67.02 -46.14
CA ASP C 87 22.54 -65.84 -45.55
C ASP C 87 23.11 -65.44 -44.17
N ILE C 88 24.35 -65.84 -43.89
CA ILE C 88 24.96 -65.59 -42.58
C ILE C 88 25.32 -64.12 -42.40
N VAL C 89 25.18 -63.62 -41.17
CA VAL C 89 25.60 -62.25 -40.85
C VAL C 89 27.05 -62.33 -40.38
N VAL C 90 27.88 -61.48 -40.95
CA VAL C 90 29.31 -61.50 -40.65
C VAL C 90 29.70 -60.51 -39.55
N LYS C 91 30.27 -61.06 -38.48
CA LYS C 91 30.73 -60.27 -37.35
C LYS C 91 32.15 -59.73 -37.63
N VAL C 92 32.29 -58.41 -37.53
CA VAL C 92 33.56 -57.76 -37.72
C VAL C 92 33.97 -56.92 -36.47
N PRO C 93 35.13 -57.25 -35.86
CA PRO C 93 35.52 -56.46 -34.67
C PRO C 93 35.67 -54.99 -35.05
N VAL C 94 35.18 -54.11 -34.19
CA VAL C 94 35.16 -52.68 -34.52
C VAL C 94 36.51 -52.07 -34.16
N THR C 95 37.44 -52.27 -35.10
CA THR C 95 38.76 -51.67 -35.09
C THR C 95 38.89 -50.79 -36.32
N ALA C 96 40.04 -50.17 -36.48
CA ALA C 96 40.31 -49.35 -37.67
C ALA C 96 40.10 -50.15 -38.96
N GLU C 97 40.76 -51.29 -39.06
CA GLU C 97 40.63 -52.17 -40.26
C GLU C 97 39.24 -52.78 -40.35
N GLY C 98 38.68 -53.15 -39.22
CA GLY C 98 37.29 -53.65 -39.17
C GLY C 98 36.30 -52.65 -39.78
N LEU C 99 36.45 -51.38 -39.40
CA LEU C 99 35.59 -50.29 -39.94
C LEU C 99 35.68 -50.20 -41.46
N ALA C 100 36.92 -50.18 -41.95
CA ALA C 100 37.19 -50.22 -43.40
C ALA C 100 36.56 -51.45 -44.06
N ALA C 101 36.71 -52.60 -43.41
CA ALA C 101 36.08 -53.87 -43.89
C ALA C 101 34.57 -53.76 -43.93
N ILE C 102 33.98 -53.17 -42.89
CA ILE C 102 32.53 -53.02 -42.83
C ILE C 102 32.04 -52.16 -43.99
N LYS C 103 32.76 -51.07 -44.27
CA LYS C 103 32.43 -50.21 -45.43
C LYS C 103 32.50 -51.01 -46.75
N MET C 104 33.54 -51.81 -46.90
CA MET C 104 33.71 -52.66 -48.11
C MET C 104 32.60 -53.70 -48.26
N LEU C 105 32.25 -54.34 -47.16
CA LEU C 105 31.18 -55.34 -47.14
C LEU C 105 29.80 -54.74 -47.37
N LYS C 106 29.62 -53.50 -46.95
CA LYS C 106 28.40 -52.75 -47.25
C LYS C 106 28.26 -52.57 -48.77
N ALA C 107 29.35 -52.13 -49.40
CA ALA C 107 29.39 -51.95 -50.86
C ALA C 107 29.13 -53.26 -51.61
N GLU C 108 29.59 -54.37 -51.06
CA GLU C 108 29.36 -55.71 -51.63
C GLU C 108 28.01 -56.34 -51.29
N GLY C 109 27.19 -55.67 -50.48
CA GLY C 109 25.85 -56.17 -50.11
C GLY C 109 25.81 -57.32 -49.12
N ILE C 110 26.91 -57.50 -48.39
CA ILE C 110 26.98 -58.53 -47.35
C ILE C 110 26.69 -57.93 -45.96
N PRO C 111 25.61 -58.40 -45.29
CA PRO C 111 25.25 -57.80 -44.00
C PRO C 111 26.29 -58.08 -42.91
N THR C 112 26.57 -57.06 -42.10
CA THR C 112 27.57 -57.16 -41.04
C THR C 112 27.05 -56.82 -39.64
N LEU C 113 27.76 -57.32 -38.66
CA LEU C 113 27.57 -56.98 -37.28
C LEU C 113 28.89 -56.43 -36.75
N GLY C 114 28.83 -55.26 -36.13
CA GLY C 114 30.01 -54.64 -35.52
C GLY C 114 30.17 -55.15 -34.11
N THR C 115 31.25 -55.91 -33.86
CA THR C 115 31.46 -56.60 -32.59
C THR C 115 32.67 -56.11 -31.80
N ALA C 116 32.85 -56.70 -30.62
CA ALA C 116 33.90 -56.31 -29.66
C ALA C 116 33.78 -54.81 -29.32
N VAL C 117 32.55 -54.40 -29.05
CA VAL C 117 32.25 -53.02 -28.76
C VAL C 117 32.31 -52.82 -27.26
N TYR C 118 33.23 -51.95 -26.85
CA TYR C 118 33.42 -51.58 -25.44
C TYR C 118 32.98 -50.13 -25.15
N GLY C 119 32.57 -49.41 -26.19
CA GLY C 119 32.20 -47.97 -26.05
C GLY C 119 31.12 -47.60 -27.04
N ALA C 120 30.34 -46.60 -26.69
CA ALA C 120 29.12 -46.23 -27.46
C ALA C 120 29.45 -45.57 -28.79
N ALA C 121 30.44 -44.67 -28.78
CA ALA C 121 30.87 -43.98 -29.98
C ALA C 121 31.50 -44.95 -30.99
N GLN C 122 32.31 -45.85 -30.48
CA GLN C 122 32.88 -46.96 -31.27
C GLN C 122 31.78 -47.76 -31.97
N GLY C 123 30.78 -48.18 -31.21
CA GLY C 123 29.61 -48.89 -31.73
C GLY C 123 28.87 -48.13 -32.81
N LEU C 124 28.63 -46.84 -32.55
CA LEU C 124 27.98 -45.99 -33.53
C LEU C 124 28.75 -45.91 -34.85
N LEU C 125 30.07 -45.74 -34.76
CA LEU C 125 30.89 -45.65 -35.97
C LEU C 125 30.71 -46.90 -36.90
N SER C 126 30.61 -48.07 -36.30
CA SER C 126 30.41 -49.33 -37.02
C SER C 126 29.06 -49.34 -37.74
N ALA C 127 28.04 -48.75 -37.11
CA ALA C 127 26.74 -48.61 -37.75
C ALA C 127 26.77 -47.60 -38.89
N LEU C 128 27.44 -46.47 -38.68
CA LEU C 128 27.52 -45.45 -39.71
C LEU C 128 28.27 -45.99 -40.93
N ALA C 129 29.18 -46.91 -40.67
CA ALA C 129 29.97 -47.55 -41.71
C ALA C 129 29.16 -48.59 -42.49
N GLY C 130 28.02 -49.01 -41.94
CA GLY C 130 27.08 -49.88 -42.65
C GLY C 130 26.62 -51.12 -41.90
N ALA C 131 27.17 -51.34 -40.72
CA ALA C 131 26.76 -52.50 -39.91
C ALA C 131 25.30 -52.44 -39.54
N GLU C 132 24.65 -53.60 -39.59
CA GLU C 132 23.22 -53.70 -39.36
C GLU C 132 22.94 -54.01 -37.90
N TYR C 133 23.92 -54.64 -37.26
CA TYR C 133 23.87 -54.93 -35.84
C TYR C 133 25.15 -54.40 -35.19
N VAL C 134 25.03 -54.04 -33.91
CA VAL C 134 26.17 -53.60 -33.10
C VAL C 134 26.11 -54.32 -31.77
N ALA C 135 27.22 -55.01 -31.43
CA ALA C 135 27.26 -55.89 -30.26
C ALA C 135 28.21 -55.46 -29.18
N PRO C 136 27.69 -54.76 -28.15
CA PRO C 136 28.53 -54.36 -27.02
C PRO C 136 28.71 -55.54 -26.11
N TYR C 137 29.90 -55.65 -25.52
CA TYR C 137 30.19 -56.73 -24.59
C TYR C 137 29.88 -56.27 -23.18
N VAL C 138 28.64 -56.47 -22.79
CA VAL C 138 28.09 -55.93 -21.55
C VAL C 138 28.90 -56.34 -20.30
N ASN C 139 29.08 -57.63 -20.09
CA ASN C 139 29.80 -58.09 -18.88
C ASN C 139 31.27 -57.76 -18.89
N ARG C 140 31.85 -57.71 -20.08
CA ARG C 140 33.25 -57.32 -20.22
C ARG C 140 33.42 -55.89 -19.70
N ILE C 141 32.49 -55.01 -20.06
CA ILE C 141 32.55 -53.61 -19.66
C ILE C 141 32.33 -53.52 -18.16
N ASP C 142 31.33 -54.25 -17.66
CA ASP C 142 31.09 -54.36 -16.21
C ASP C 142 32.30 -54.90 -15.44
N ALA C 143 32.88 -55.98 -15.95
CA ALA C 143 33.97 -56.66 -15.24
C ALA C 143 35.20 -55.77 -15.14
N GLN C 144 35.41 -54.97 -16.19
CA GLN C 144 36.56 -54.08 -16.28
C GLN C 144 36.30 -52.65 -15.74
N GLY C 145 35.29 -52.50 -14.88
CA GLY C 145 35.17 -51.33 -13.99
C GLY C 145 34.31 -50.20 -14.57
N GLY C 146 33.68 -50.49 -15.70
CA GLY C 146 32.81 -49.53 -16.37
C GLY C 146 31.36 -49.80 -16.01
N SER C 147 30.47 -49.39 -16.90
CA SER C 147 29.03 -49.70 -16.78
C SER C 147 28.47 -50.21 -18.09
N GLY C 148 28.33 -51.53 -18.16
CA GLY C 148 27.85 -52.18 -19.38
C GLY C 148 26.46 -51.69 -19.77
N ILE C 149 25.60 -51.54 -18.77
CA ILE C 149 24.24 -50.99 -18.98
C ILE C 149 24.22 -49.56 -19.49
N GLN C 150 25.06 -48.70 -18.95
CA GLN C 150 25.14 -47.30 -19.46
C GLN C 150 25.61 -47.28 -20.89
N THR C 151 26.61 -48.09 -21.18
CA THR C 151 27.15 -48.18 -22.54
C THR C 151 26.09 -48.59 -23.53
N VAL C 152 25.35 -49.64 -23.15
CA VAL C 152 24.25 -50.14 -23.97
C VAL C 152 23.15 -49.11 -24.14
N THR C 153 22.78 -48.46 -23.02
CA THR C 153 21.79 -47.36 -23.05
C THR C 153 22.21 -46.28 -24.00
N ASP C 154 23.44 -45.82 -23.86
CA ASP C 154 23.95 -44.76 -24.70
C ASP C 154 23.99 -45.20 -26.17
N LEU C 155 24.44 -46.43 -26.41
CA LEU C 155 24.60 -46.96 -27.77
C LEU C 155 23.27 -47.07 -28.48
N HIS C 156 22.29 -47.65 -27.81
CA HIS C 156 20.94 -47.71 -28.37
C HIS C 156 20.43 -46.32 -28.78
N GLN C 157 20.56 -45.35 -27.90
CA GLN C 157 20.11 -43.97 -28.20
C GLN C 157 20.83 -43.39 -29.38
N LEU C 158 22.14 -43.63 -29.45
CA LEU C 158 22.91 -43.16 -30.57
C LEU C 158 22.41 -43.76 -31.91
N LEU C 159 22.17 -45.08 -31.92
CA LEU C 159 21.71 -45.76 -33.16
C LEU C 159 20.36 -45.23 -33.58
N LYS C 160 19.48 -45.10 -32.60
CA LYS C 160 18.14 -44.54 -32.84
C LYS C 160 18.12 -43.14 -33.42
N MET C 161 19.01 -42.30 -32.93
CA MET C 161 19.06 -40.90 -33.38
C MET C 161 19.86 -40.79 -34.67
N HIS C 162 20.98 -41.51 -34.73
CA HIS C 162 22.02 -41.22 -35.76
C HIS C 162 22.21 -42.29 -36.84
N ALA C 163 21.77 -43.53 -36.57
CA ALA C 163 21.87 -44.63 -37.57
C ALA C 163 20.75 -45.63 -37.35
N PRO C 164 19.50 -45.21 -37.58
CA PRO C 164 18.31 -45.92 -37.18
C PRO C 164 18.06 -47.26 -37.90
N GLN C 165 18.76 -47.51 -38.99
CA GLN C 165 18.70 -48.80 -39.68
C GLN C 165 19.42 -49.88 -38.90
N ALA C 166 20.29 -49.46 -37.99
CA ALA C 166 21.07 -50.39 -37.18
C ALA C 166 20.42 -50.74 -35.84
N LYS C 167 20.70 -51.95 -35.38
CA LYS C 167 20.16 -52.45 -34.11
C LYS C 167 21.27 -52.82 -33.14
N VAL C 168 21.01 -52.62 -31.85
CA VAL C 168 21.88 -53.16 -30.82
C VAL C 168 21.58 -54.66 -30.68
N LEU C 169 22.65 -55.47 -30.71
CA LEU C 169 22.59 -56.90 -30.34
C LEU C 169 23.43 -57.14 -29.10
N ALA C 170 22.81 -56.99 -27.94
CA ALA C 170 23.53 -56.99 -26.69
C ALA C 170 24.08 -58.39 -26.41
N ALA C 171 25.32 -58.43 -25.94
CA ALA C 171 26.01 -59.69 -25.71
C ALA C 171 26.85 -59.67 -24.45
N SER C 172 27.32 -60.86 -24.06
CA SER C 172 28.24 -61.05 -22.94
C SER C 172 27.51 -60.83 -21.62
N PHE C 173 27.01 -61.93 -21.06
CA PHE C 173 26.19 -61.91 -19.86
C PHE C 173 26.58 -62.96 -18.83
N LYS C 174 26.59 -62.56 -17.56
CA LYS C 174 26.81 -63.50 -16.44
C LYS C 174 25.58 -63.65 -15.57
N THR C 175 24.62 -62.75 -15.73
CA THR C 175 23.40 -62.81 -14.89
C THR C 175 22.19 -62.24 -15.65
N PRO C 176 20.99 -62.78 -15.40
CA PRO C 176 19.79 -62.31 -16.10
C PRO C 176 19.45 -60.82 -15.89
N ARG C 177 19.78 -60.28 -14.72
CA ARG C 177 19.62 -58.82 -14.47
C ARG C 177 20.25 -57.94 -15.54
N GLN C 178 21.45 -58.31 -15.96
CA GLN C 178 22.10 -57.61 -17.08
C GLN C 178 21.26 -57.65 -18.37
N ALA C 179 20.72 -58.82 -18.67
CA ALA C 179 19.91 -59.00 -19.90
C ALA C 179 18.66 -58.17 -19.79
N LEU C 180 17.99 -58.28 -18.65
CA LEU C 180 16.81 -57.46 -18.36
C LEU C 180 17.05 -55.95 -18.55
N ASP C 181 18.18 -55.46 -18.05
CA ASP C 181 18.48 -54.02 -18.15
C ASP C 181 18.74 -53.59 -19.59
N CYS C 182 19.39 -54.46 -20.36
CA CYS C 182 19.57 -54.22 -21.79
C CYS C 182 18.23 -54.13 -22.53
N LEU C 183 17.35 -55.06 -22.22
CA LEU C 183 16.00 -55.09 -22.79
C LEU C 183 15.21 -53.84 -22.35
N LEU C 184 15.31 -53.47 -21.08
CA LEU C 184 14.69 -52.25 -20.58
C LEU C 184 15.25 -50.98 -21.22
N ALA C 185 16.52 -51.02 -21.61
CA ALA C 185 17.17 -49.92 -22.32
C ALA C 185 16.78 -49.82 -23.79
N GLY C 186 16.07 -50.82 -24.29
CA GLY C 186 15.49 -50.79 -25.64
C GLY C 186 16.18 -51.65 -26.67
N CYS C 187 17.15 -52.43 -26.25
CA CYS C 187 17.88 -53.32 -27.21
C CYS C 187 16.91 -54.16 -28.07
N GLU C 188 17.04 -54.02 -29.37
CA GLU C 188 16.11 -54.67 -30.32
C GLU C 188 16.51 -56.13 -30.59
N SER C 189 17.74 -56.47 -30.22
CA SER C 189 18.19 -57.86 -30.22
C SER C 189 19.12 -58.13 -29.05
N ILE C 190 19.19 -59.40 -28.71
CA ILE C 190 20.00 -59.87 -27.58
C ILE C 190 20.45 -61.32 -27.80
N THR C 191 21.61 -61.68 -27.28
CA THR C 191 22.08 -63.04 -27.34
C THR C 191 22.55 -63.51 -25.95
N LEU C 192 21.99 -64.65 -25.54
CA LEU C 192 22.20 -65.17 -24.21
C LEU C 192 23.06 -66.42 -24.21
N PRO C 193 24.01 -66.51 -23.27
CA PRO C 193 24.64 -67.81 -23.10
C PRO C 193 23.64 -68.76 -22.47
N LEU C 194 23.94 -70.06 -22.51
CA LEU C 194 23.00 -71.09 -22.10
C LEU C 194 22.64 -71.03 -20.63
N ASP C 195 23.63 -70.81 -19.76
CA ASP C 195 23.36 -70.78 -18.31
C ASP C 195 22.41 -69.61 -17.91
N VAL C 196 22.59 -68.44 -18.51
CA VAL C 196 21.73 -67.28 -18.27
C VAL C 196 20.30 -67.48 -18.83
N ALA C 197 20.22 -68.01 -20.04
CA ALA C 197 18.94 -68.33 -20.67
C ALA C 197 18.13 -69.29 -19.80
N GLN C 198 18.80 -70.31 -19.29
CA GLN C 198 18.14 -71.31 -18.43
C GLN C 198 17.69 -70.74 -17.10
N GLN C 199 18.52 -69.88 -16.51
CA GLN C 199 18.11 -69.17 -15.27
C GLN C 199 16.89 -68.29 -15.50
N MET C 200 16.79 -67.74 -16.70
CA MET C 200 15.72 -66.80 -17.07
C MET C 200 14.33 -67.47 -17.14
N ILE C 201 14.30 -68.80 -17.20
CA ILE C 201 13.04 -69.56 -17.27
C ILE C 201 12.80 -70.52 -16.11
N SER C 202 13.67 -70.48 -15.12
CA SER C 202 13.56 -71.35 -13.96
C SER C 202 13.61 -70.56 -12.66
N TYR C 203 12.48 -70.56 -11.93
CA TYR C 203 12.34 -69.82 -10.68
C TYR C 203 11.74 -70.65 -9.56
N PRO C 204 12.38 -70.68 -8.39
CA PRO C 204 11.81 -71.36 -7.22
C PRO C 204 10.42 -70.88 -6.83
N ALA C 205 10.19 -69.57 -6.93
CA ALA C 205 8.89 -68.98 -6.61
C ALA C 205 7.77 -69.48 -7.55
N VAL C 206 8.09 -69.57 -8.83
CA VAL C 206 7.18 -70.08 -9.86
C VAL C 206 6.86 -71.57 -9.64
N ASP C 207 7.89 -72.36 -9.33
CA ASP C 207 7.72 -73.80 -9.04
C ASP C 207 6.82 -73.99 -7.81
N ALA C 208 7.00 -73.16 -6.80
CA ALA C 208 6.15 -73.19 -5.61
C ALA C 208 4.69 -72.81 -5.91
N ALA C 209 4.49 -71.87 -6.82
CA ALA C 209 3.13 -71.46 -7.20
C ALA C 209 2.41 -72.59 -7.96
N VAL C 210 3.15 -73.25 -8.84
CA VAL C 210 2.65 -74.42 -9.56
C VAL C 210 2.31 -75.58 -8.61
N ALA C 211 3.21 -75.86 -7.67
CA ALA C 211 2.98 -76.89 -6.66
C ALA C 211 1.71 -76.61 -5.85
N LYS C 212 1.58 -75.36 -5.40
CA LYS C 212 0.39 -74.90 -4.67
C LYS C 212 -0.91 -75.16 -5.46
N PHE C 213 -0.90 -74.83 -6.74
CA PHE C 213 -2.08 -75.05 -7.59
C PHE C 213 -2.47 -76.53 -7.62
N GLU C 214 -1.47 -77.38 -7.78
CA GLU C 214 -1.67 -78.84 -7.77
C GLU C 214 -2.23 -79.35 -6.44
N GLN C 215 -1.68 -78.85 -5.34
CA GLN C 215 -2.16 -79.20 -3.99
C GLN C 215 -3.62 -78.77 -3.77
N ASP C 216 -3.95 -77.56 -4.19
CA ASP C 216 -5.33 -77.05 -4.05
C ASP C 216 -6.31 -77.89 -4.89
N TRP C 217 -5.90 -78.18 -6.12
CA TRP C 217 -6.69 -79.00 -7.07
C TRP C 217 -6.95 -80.40 -6.49
N GLN C 218 -5.86 -81.06 -6.09
CA GLN C 218 -5.89 -82.36 -5.40
C GLN C 218 -6.86 -82.35 -4.21
N GLY C 219 -6.74 -81.33 -3.38
CA GLY C 219 -7.57 -81.18 -2.18
C GLY C 219 -9.06 -81.16 -2.46
N ALA C 220 -9.45 -80.52 -3.56
CA ALA C 220 -10.85 -80.36 -3.94
C ALA C 220 -11.37 -81.50 -4.82
N PHE C 221 -10.52 -81.99 -5.72
CA PHE C 221 -10.95 -82.93 -6.77
C PHE C 221 -10.36 -84.34 -6.70
N GLY C 222 -9.47 -84.57 -5.74
CA GLY C 222 -8.88 -85.90 -5.52
C GLY C 222 -7.87 -86.36 -6.57
N ARG C 223 -7.43 -85.43 -7.42
CA ARG C 223 -6.37 -85.68 -8.40
C ARG C 223 -5.63 -84.37 -8.75
N THR C 224 -4.49 -84.48 -9.42
CA THR C 224 -3.71 -83.31 -9.86
C THR C 224 -3.84 -83.02 -11.36
N SER C 225 -4.65 -83.83 -12.04
CA SER C 225 -4.88 -83.66 -13.47
C SER C 225 -6.22 -82.96 -13.74
N ILE C 226 -6.35 -82.43 -14.95
CA ILE C 226 -7.49 -81.59 -15.31
C ILE C 226 -8.78 -82.41 -15.48
N HIS D 7 23.00 -38.80 -40.10
CA HIS D 7 24.13 -38.20 -39.35
C HIS D 7 25.34 -37.94 -40.23
N GLU D 8 26.07 -36.85 -39.94
CA GLU D 8 27.23 -36.44 -40.74
C GLU D 8 28.52 -36.33 -39.93
N LEU D 9 29.47 -37.23 -40.22
CA LEU D 9 30.77 -37.24 -39.56
C LEU D 9 31.85 -36.56 -40.40
N TYR D 10 32.44 -35.51 -39.83
CA TYR D 10 33.51 -34.76 -40.47
C TYR D 10 34.85 -34.87 -39.74
N LEU D 11 35.91 -34.63 -40.51
CA LEU D 11 37.25 -34.45 -39.91
C LEU D 11 37.61 -33.00 -39.95
N ASP D 12 38.24 -32.56 -38.88
CA ASP D 12 38.59 -31.15 -38.68
C ASP D 12 40.11 -31.00 -38.89
N THR D 13 40.49 -30.70 -40.14
CA THR D 13 41.91 -30.85 -40.55
C THR D 13 42.21 -30.23 -41.91
N SER D 14 43.47 -29.83 -42.11
CA SER D 14 43.99 -29.47 -43.43
C SER D 14 45.09 -30.46 -43.88
N ASP D 15 45.17 -31.60 -43.20
CA ASP D 15 46.22 -32.60 -43.42
C ASP D 15 45.78 -33.60 -44.49
N VAL D 16 46.17 -33.30 -45.74
CA VAL D 16 45.67 -34.01 -46.92
C VAL D 16 45.99 -35.51 -46.88
N VAL D 17 47.22 -35.84 -46.49
CA VAL D 17 47.70 -37.23 -46.45
C VAL D 17 46.90 -38.03 -45.40
N ALA D 18 46.76 -37.45 -44.21
CA ALA D 18 45.92 -38.04 -43.15
C ALA D 18 44.46 -38.25 -43.60
N VAL D 19 43.89 -37.24 -44.26
CA VAL D 19 42.53 -37.37 -44.78
C VAL D 19 42.39 -38.54 -45.75
N LYS D 20 43.35 -38.69 -46.67
CA LYS D 20 43.35 -39.80 -47.62
C LYS D 20 43.39 -41.14 -46.91
N ALA D 21 44.29 -41.26 -45.94
CA ALA D 21 44.43 -42.50 -45.18
C ALA D 21 43.22 -42.82 -44.33
N LEU D 22 42.70 -41.80 -43.66
CA LEU D 22 41.57 -41.99 -42.73
C LEU D 22 40.22 -42.14 -43.40
N SER D 23 40.12 -41.71 -44.65
CA SER D 23 38.86 -41.76 -45.41
C SER D 23 38.43 -43.19 -45.81
N ARG D 24 39.37 -44.12 -45.84
CA ARG D 24 39.04 -45.53 -46.10
C ARG D 24 38.60 -46.23 -44.82
N ILE D 25 38.92 -45.63 -43.67
CA ILE D 25 38.61 -46.20 -42.36
C ILE D 25 37.30 -45.67 -41.80
N PHE D 26 37.21 -44.35 -41.64
CA PHE D 26 36.00 -43.70 -41.13
C PHE D 26 34.94 -43.47 -42.20
N PRO D 27 33.66 -43.49 -41.79
CA PRO D 27 32.57 -43.19 -42.72
C PRO D 27 32.34 -41.69 -42.75
N LEU D 28 33.17 -41.00 -43.53
CA LEU D 28 33.19 -39.54 -43.55
C LEU D 28 32.18 -38.93 -44.50
N ALA D 29 31.56 -37.83 -44.05
CA ALA D 29 30.69 -37.02 -44.87
C ALA D 29 31.49 -35.90 -45.53
N GLY D 30 32.68 -35.66 -45.02
CA GLY D 30 33.48 -34.56 -45.49
C GLY D 30 34.59 -34.13 -44.56
N VAL D 31 35.08 -32.93 -44.81
CA VAL D 31 36.14 -32.33 -44.03
C VAL D 31 35.76 -30.88 -43.72
N THR D 32 36.00 -30.46 -42.49
CA THR D 32 35.89 -29.05 -42.14
C THR D 32 37.26 -28.41 -41.97
N THR D 33 37.33 -27.13 -42.29
CA THR D 33 38.47 -26.31 -41.99
C THR D 33 38.07 -24.98 -41.33
N ASN D 34 39.05 -24.34 -40.69
CA ASN D 34 38.91 -22.96 -40.21
C ASN D 34 40.26 -22.26 -40.44
N PRO D 35 40.33 -20.93 -40.20
CA PRO D 35 41.58 -20.21 -40.53
C PRO D 35 42.84 -20.69 -39.82
N SER D 36 42.69 -21.12 -38.57
CA SER D 36 43.83 -21.62 -37.82
C SER D 36 44.30 -22.98 -38.35
N ILE D 37 43.35 -23.82 -38.76
CA ILE D 37 43.68 -25.14 -39.31
C ILE D 37 44.35 -25.00 -40.70
N ILE D 38 43.88 -24.06 -41.50
CA ILE D 38 44.48 -23.79 -42.81
C ILE D 38 45.88 -23.24 -42.62
N ALA D 39 46.00 -22.21 -41.79
CA ALA D 39 47.29 -21.58 -41.46
C ALA D 39 48.35 -22.59 -41.00
N ALA D 40 47.96 -23.44 -40.06
CA ALA D 40 48.86 -24.49 -39.53
C ALA D 40 49.39 -25.45 -40.62
N GLY D 41 48.60 -25.66 -41.67
CA GLY D 41 48.95 -26.52 -42.80
C GLY D 41 49.79 -25.80 -43.85
N LYS D 42 49.75 -24.47 -43.81
CA LYS D 42 50.64 -23.57 -44.57
C LYS D 42 50.36 -23.47 -46.06
N LYS D 43 49.43 -24.28 -46.54
CA LYS D 43 49.03 -24.24 -47.93
C LYS D 43 47.87 -23.28 -48.11
N PRO D 44 47.90 -22.46 -49.19
CA PRO D 44 46.77 -21.55 -49.45
C PRO D 44 45.48 -22.28 -49.84
N LEU D 45 44.36 -21.58 -49.69
CA LEU D 45 43.02 -22.18 -49.92
C LEU D 45 42.88 -22.80 -51.32
N ASP D 46 43.38 -22.09 -52.33
CA ASP D 46 43.25 -22.56 -53.73
C ASP D 46 44.09 -23.80 -54.00
N VAL D 47 45.04 -24.10 -53.10
CA VAL D 47 45.78 -25.37 -53.12
C VAL D 47 45.14 -26.47 -52.24
N VAL D 48 45.00 -26.23 -50.94
CA VAL D 48 44.49 -27.30 -50.01
C VAL D 48 43.09 -27.78 -50.34
N LEU D 49 42.20 -26.85 -50.67
CA LEU D 49 40.78 -27.22 -50.81
C LEU D 49 40.58 -28.30 -51.89
N PRO D 50 41.08 -28.05 -53.13
CA PRO D 50 40.96 -29.10 -54.16
C PRO D 50 41.69 -30.39 -53.78
N GLN D 51 42.83 -30.26 -53.13
CA GLN D 51 43.58 -31.42 -52.62
C GLN D 51 42.76 -32.21 -51.61
N LEU D 52 42.12 -31.50 -50.69
CA LEU D 52 41.26 -32.16 -49.68
C LEU D 52 40.08 -32.85 -50.35
N HIS D 53 39.48 -32.16 -51.32
CA HIS D 53 38.37 -32.74 -52.09
C HIS D 53 38.77 -34.05 -52.78
N GLU D 54 39.94 -34.02 -53.41
CA GLU D 54 40.50 -35.21 -54.10
C GLU D 54 40.80 -36.33 -53.10
N ALA D 55 41.42 -35.97 -51.98
CA ALA D 55 41.83 -36.94 -50.96
C ALA D 55 40.67 -37.74 -50.36
N MET D 56 39.44 -37.31 -50.62
CA MET D 56 38.23 -38.01 -50.18
C MET D 56 37.54 -38.80 -51.30
N GLY D 57 38.22 -38.97 -52.42
CA GLY D 57 37.66 -39.67 -53.57
C GLY D 57 36.69 -38.83 -54.37
N GLY D 58 36.92 -37.51 -54.37
CA GLY D 58 36.09 -36.56 -55.14
C GLY D 58 34.64 -36.48 -54.67
N GLN D 59 34.38 -36.97 -53.46
CA GLN D 59 33.05 -36.96 -52.88
C GLN D 59 33.10 -36.39 -51.47
N GLY D 60 31.93 -36.06 -50.94
CA GLY D 60 31.82 -35.49 -49.61
C GLY D 60 31.83 -33.97 -49.63
N ARG D 61 31.44 -33.38 -48.51
CA ARG D 61 31.26 -31.95 -48.39
C ARG D 61 32.49 -31.29 -47.79
N LEU D 62 32.76 -30.06 -48.22
CA LEU D 62 33.82 -29.25 -47.64
C LEU D 62 33.25 -27.98 -46.97
N PHE D 63 33.99 -27.50 -45.96
CA PHE D 63 33.66 -26.27 -45.29
C PHE D 63 34.90 -25.42 -45.18
N ALA D 64 34.74 -24.12 -45.43
CA ALA D 64 35.83 -23.16 -45.17
C ALA D 64 35.27 -21.82 -44.76
N GLN D 65 36.10 -21.04 -44.11
CA GLN D 65 35.66 -19.83 -43.40
C GLN D 65 36.07 -18.52 -44.05
N VAL D 66 35.16 -17.55 -44.00
CA VAL D 66 35.47 -16.20 -44.45
C VAL D 66 36.40 -15.51 -43.46
N MET D 67 37.03 -14.44 -43.92
CA MET D 67 37.99 -13.69 -43.13
C MET D 67 37.64 -12.22 -42.94
N ALA D 68 36.78 -11.70 -43.80
CA ALA D 68 36.44 -10.29 -43.78
C ALA D 68 35.63 -9.90 -42.53
N THR D 69 35.63 -8.59 -42.26
CA THR D 69 35.10 -7.98 -41.02
C THR D 69 33.73 -7.38 -41.24
N THR D 70 33.43 -7.01 -42.48
CA THR D 70 32.13 -6.45 -42.84
C THR D 70 31.29 -7.48 -43.56
N ALA D 71 29.97 -7.30 -43.49
CA ALA D 71 29.04 -8.23 -44.11
C ALA D 71 29.30 -8.33 -45.61
N GLU D 72 29.45 -7.19 -46.24
CA GLU D 72 29.67 -7.13 -47.68
C GLU D 72 31.03 -7.78 -48.08
N GLY D 73 32.07 -7.57 -47.28
CA GLY D 73 33.36 -8.27 -47.44
C GLY D 73 33.28 -9.79 -47.26
N MET D 74 32.42 -10.21 -46.35
CA MET D 74 32.21 -11.66 -46.09
C MET D 74 31.51 -12.33 -47.25
N VAL D 75 30.55 -11.63 -47.82
CA VAL D 75 29.85 -12.13 -49.00
C VAL D 75 30.84 -12.33 -50.16
N ASN D 76 31.73 -11.36 -50.33
CA ASN D 76 32.78 -11.44 -51.36
C ASN D 76 33.75 -12.60 -51.12
N ASP D 77 34.10 -12.80 -49.86
CA ASP D 77 34.92 -13.94 -49.46
C ASP D 77 34.24 -15.27 -49.79
N ALA D 78 32.93 -15.32 -49.56
CA ALA D 78 32.12 -16.51 -49.87
C ALA D 78 32.17 -16.85 -51.36
N LEU D 79 32.05 -15.84 -52.21
CA LEU D 79 32.12 -16.01 -53.66
C LEU D 79 33.49 -16.54 -54.10
N LYS D 80 34.53 -15.98 -53.51
CA LYS D 80 35.90 -16.50 -53.71
C LYS D 80 36.03 -17.97 -53.33
N LEU D 81 35.48 -18.34 -52.18
CA LEU D 81 35.51 -19.73 -51.71
C LEU D 81 34.76 -20.65 -52.67
N ARG D 82 33.59 -20.19 -53.11
CA ARG D 82 32.73 -20.95 -53.99
C ARG D 82 33.36 -21.13 -55.39
N SER D 83 34.21 -20.19 -55.79
CA SER D 83 34.90 -20.27 -57.08
C SER D 83 36.02 -21.31 -57.06
N ILE D 84 36.50 -21.63 -55.85
CA ILE D 84 37.49 -22.69 -55.68
C ILE D 84 36.81 -24.06 -55.60
N ILE D 85 35.81 -24.17 -54.73
CA ILE D 85 35.00 -25.39 -54.57
C ILE D 85 33.54 -25.00 -54.74
N ALA D 86 32.95 -25.44 -55.84
CA ALA D 86 31.62 -24.99 -56.26
C ALA D 86 30.52 -25.21 -55.23
N ASP D 87 30.55 -26.36 -54.58
CA ASP D 87 29.52 -26.78 -53.62
C ASP D 87 29.95 -26.63 -52.14
N ILE D 88 30.92 -25.77 -51.89
CA ILE D 88 31.48 -25.61 -50.53
C ILE D 88 30.52 -24.88 -49.59
N VAL D 89 30.49 -25.30 -48.33
CA VAL D 89 29.64 -24.63 -47.31
C VAL D 89 30.51 -23.54 -46.69
N VAL D 90 29.97 -22.33 -46.65
CA VAL D 90 30.73 -21.17 -46.18
C VAL D 90 30.50 -20.91 -44.67
N LYS D 91 31.58 -21.00 -43.90
CA LYS D 91 31.57 -20.73 -42.47
C LYS D 91 31.67 -19.24 -42.18
N VAL D 92 30.68 -18.72 -41.46
CA VAL D 92 30.62 -17.30 -41.10
C VAL D 92 30.58 -17.12 -39.56
N PRO D 93 31.61 -16.47 -38.98
CA PRO D 93 31.51 -16.24 -37.54
C PRO D 93 30.23 -15.52 -37.14
N VAL D 94 29.62 -15.99 -36.06
CA VAL D 94 28.32 -15.44 -35.65
C VAL D 94 28.54 -14.17 -34.82
N THR D 95 28.76 -13.10 -35.55
CA THR D 95 28.85 -11.74 -35.04
C THR D 95 27.74 -10.91 -35.66
N ALA D 96 27.66 -9.64 -35.32
CA ALA D 96 26.66 -8.77 -35.89
C ALA D 96 26.75 -8.79 -37.42
N GLU D 97 27.93 -8.51 -37.95
CA GLU D 97 28.15 -8.47 -39.40
C GLU D 97 27.99 -9.84 -40.04
N GLY D 98 28.46 -10.85 -39.33
CA GLY D 98 28.29 -12.23 -39.75
C GLY D 98 26.83 -12.58 -39.95
N LEU D 99 25.97 -12.17 -39.01
CA LEU D 99 24.51 -12.40 -39.10
C LEU D 99 23.93 -11.75 -40.35
N ALA D 100 24.29 -10.50 -40.58
CA ALA D 100 23.88 -9.77 -41.76
C ALA D 100 24.37 -10.47 -43.04
N ALA D 101 25.60 -10.90 -43.02
CA ALA D 101 26.19 -11.68 -44.13
C ALA D 101 25.40 -12.98 -44.37
N ILE D 102 25.11 -13.69 -43.31
CA ILE D 102 24.36 -14.95 -43.43
C ILE D 102 22.98 -14.72 -44.07
N LYS D 103 22.29 -13.64 -43.68
CA LYS D 103 21.04 -13.25 -44.32
C LYS D 103 21.24 -12.99 -45.83
N MET D 104 22.29 -12.26 -46.17
CA MET D 104 22.61 -11.94 -47.59
C MET D 104 22.94 -13.19 -48.41
N LEU D 105 23.73 -14.08 -47.81
CA LEU D 105 24.09 -15.37 -48.45
C LEU D 105 22.91 -16.34 -48.58
N LYS D 106 21.97 -16.27 -47.66
CA LYS D 106 20.68 -16.98 -47.77
C LYS D 106 19.91 -16.51 -49.02
N ALA D 107 19.82 -15.21 -49.18
CA ALA D 107 19.14 -14.61 -50.34
C ALA D 107 19.81 -15.00 -51.66
N GLU D 108 21.14 -15.13 -51.63
CA GLU D 108 21.91 -15.53 -52.81
C GLU D 108 21.98 -17.05 -53.05
N GLY D 109 21.39 -17.83 -52.16
CA GLY D 109 21.32 -19.31 -52.31
C GLY D 109 22.63 -20.04 -52.03
N ILE D 110 23.54 -19.38 -51.31
CA ILE D 110 24.80 -20.00 -50.89
C ILE D 110 24.67 -20.56 -49.46
N PRO D 111 24.85 -21.89 -49.29
CA PRO D 111 24.68 -22.48 -47.96
C PRO D 111 25.75 -22.04 -46.97
N THR D 112 25.33 -21.77 -45.74
CA THR D 112 26.25 -21.25 -44.72
C THR D 112 26.25 -22.09 -43.45
N LEU D 113 27.34 -21.93 -42.70
CA LEU D 113 27.48 -22.48 -41.40
C LEU D 113 27.80 -21.32 -40.45
N GLY D 114 27.04 -21.22 -39.36
CA GLY D 114 27.28 -20.22 -38.32
C GLY D 114 28.29 -20.72 -37.32
N THR D 115 29.47 -20.10 -37.31
CA THR D 115 30.61 -20.61 -36.50
C THR D 115 31.06 -19.65 -35.36
N ALA D 116 32.05 -20.07 -34.61
CA ALA D 116 32.52 -19.36 -33.42
C ALA D 116 31.40 -19.14 -32.40
N VAL D 117 30.62 -20.21 -32.16
CA VAL D 117 29.44 -20.10 -31.34
C VAL D 117 29.84 -20.51 -29.92
N TYR D 118 29.68 -19.59 -28.99
CA TYR D 118 29.98 -19.79 -27.59
C TYR D 118 28.72 -19.82 -26.74
N GLY D 119 27.58 -19.57 -27.35
CA GLY D 119 26.31 -19.51 -26.62
C GLY D 119 25.16 -20.02 -27.47
N ALA D 120 24.14 -20.56 -26.82
CA ALA D 120 23.02 -21.20 -27.51
C ALA D 120 22.12 -20.25 -28.30
N ALA D 121 21.82 -19.11 -27.70
CA ALA D 121 21.00 -18.12 -28.33
C ALA D 121 21.68 -17.57 -29.56
N GLN D 122 22.96 -17.27 -29.39
CA GLN D 122 23.80 -16.79 -30.49
C GLN D 122 23.68 -17.76 -31.66
N GLY D 123 23.90 -19.02 -31.37
CA GLY D 123 23.81 -20.09 -32.39
C GLY D 123 22.47 -20.15 -33.06
N LEU D 124 21.40 -20.08 -32.25
CA LEU D 124 20.06 -20.03 -32.79
C LEU D 124 19.84 -18.85 -33.74
N LEU D 125 20.32 -17.67 -33.37
CA LEU D 125 20.16 -16.50 -34.26
C LEU D 125 20.73 -16.75 -35.65
N SER D 126 21.85 -17.45 -35.71
CA SER D 126 22.55 -17.72 -36.99
C SER D 126 21.69 -18.66 -37.87
N ALA D 127 21.03 -19.60 -37.22
CA ALA D 127 20.07 -20.50 -37.89
C ALA D 127 18.80 -19.80 -38.37
N LEU D 128 18.26 -18.92 -37.53
CA LEU D 128 17.09 -18.11 -37.95
C LEU D 128 17.44 -17.19 -39.12
N ALA D 129 18.70 -16.78 -39.20
CA ALA D 129 19.16 -15.91 -40.26
C ALA D 129 19.38 -16.66 -41.56
N GLY D 130 19.43 -17.98 -41.49
CA GLY D 130 19.46 -18.84 -42.67
C GLY D 130 20.56 -19.91 -42.70
N ALA D 131 21.43 -19.91 -41.70
CA ALA D 131 22.49 -20.90 -41.61
C ALA D 131 21.93 -22.32 -41.53
N GLU D 132 22.57 -23.23 -42.26
CA GLU D 132 22.12 -24.62 -42.35
C GLU D 132 22.80 -25.47 -41.28
N TYR D 133 23.97 -25.00 -40.86
CA TYR D 133 24.75 -25.63 -39.80
C TYR D 133 25.13 -24.56 -38.76
N VAL D 134 25.26 -24.99 -37.52
CA VAL D 134 25.68 -24.12 -36.42
C VAL D 134 26.72 -24.88 -35.62
N ALA D 135 27.89 -24.24 -35.48
CA ALA D 135 29.06 -24.89 -34.89
C ALA D 135 29.47 -24.22 -33.56
N PRO D 136 28.96 -24.75 -32.43
CA PRO D 136 29.53 -24.39 -31.14
C PRO D 136 30.94 -24.93 -30.91
N TYR D 137 31.77 -24.13 -30.24
CA TYR D 137 33.16 -24.55 -29.90
C TYR D 137 33.16 -25.17 -28.53
N VAL D 138 32.91 -26.46 -28.50
CA VAL D 138 32.71 -27.18 -27.27
C VAL D 138 33.85 -27.01 -26.24
N ASN D 139 35.09 -27.37 -26.62
CA ASN D 139 36.19 -27.31 -25.71
C ASN D 139 36.55 -25.87 -25.30
N ARG D 140 36.38 -24.94 -26.22
CA ARG D 140 36.59 -23.54 -25.90
C ARG D 140 35.67 -23.11 -24.75
N ILE D 141 34.40 -23.53 -24.80
CA ILE D 141 33.47 -23.20 -23.75
C ILE D 141 33.87 -23.89 -22.44
N ASP D 142 34.18 -25.19 -22.53
CA ASP D 142 34.70 -25.94 -21.40
C ASP D 142 35.98 -25.34 -20.78
N ALA D 143 36.94 -24.97 -21.64
CA ALA D 143 38.21 -24.46 -21.18
C ALA D 143 38.07 -23.11 -20.46
N GLN D 144 37.11 -22.30 -20.94
CA GLN D 144 36.86 -20.99 -20.41
C GLN D 144 35.83 -20.95 -19.26
N GLY D 145 35.63 -22.10 -18.60
CA GLY D 145 34.88 -22.13 -17.34
C GLY D 145 33.37 -22.34 -17.44
N GLY D 146 32.89 -22.57 -18.65
CA GLY D 146 31.46 -22.81 -18.88
C GLY D 146 31.17 -24.30 -18.96
N SER D 147 30.14 -24.64 -19.71
CA SER D 147 29.79 -26.06 -19.98
C SER D 147 29.48 -26.26 -21.46
N GLY D 148 30.48 -26.75 -22.18
CA GLY D 148 30.32 -26.99 -23.62
C GLY D 148 29.15 -27.89 -23.93
N ILE D 149 29.03 -28.94 -23.16
CA ILE D 149 27.94 -29.91 -23.34
C ILE D 149 26.55 -29.29 -23.08
N GLN D 150 26.42 -28.44 -22.06
CA GLN D 150 25.10 -27.80 -21.80
C GLN D 150 24.75 -26.86 -22.94
N THR D 151 25.75 -26.13 -23.42
CA THR D 151 25.57 -25.23 -24.53
C THR D 151 25.07 -25.98 -25.78
N VAL D 152 25.71 -27.10 -26.08
CA VAL D 152 25.37 -27.93 -27.21
C VAL D 152 23.96 -28.52 -27.05
N THR D 153 23.68 -29.02 -25.86
CA THR D 153 22.38 -29.57 -25.50
C THR D 153 21.28 -28.53 -25.68
N ASP D 154 21.48 -27.35 -25.09
CA ASP D 154 20.55 -26.25 -25.25
C ASP D 154 20.41 -25.83 -26.74
N LEU D 155 21.54 -25.76 -27.44
CA LEU D 155 21.52 -25.31 -28.85
C LEU D 155 20.69 -26.29 -29.74
N HIS D 156 20.97 -27.58 -29.58
CA HIS D 156 20.26 -28.60 -30.37
C HIS D 156 18.74 -28.52 -30.16
N GLN D 157 18.34 -28.44 -28.89
CA GLN D 157 16.93 -28.22 -28.57
C GLN D 157 16.36 -26.96 -29.19
N LEU D 158 17.11 -25.85 -29.12
CA LEU D 158 16.63 -24.61 -29.74
C LEU D 158 16.43 -24.78 -31.26
N LEU D 159 17.40 -25.37 -31.91
CA LEU D 159 17.29 -25.56 -33.40
C LEU D 159 16.07 -26.42 -33.69
N LYS D 160 15.94 -27.51 -32.96
CA LYS D 160 14.81 -28.48 -33.16
C LYS D 160 13.44 -27.84 -33.00
N MET D 161 13.32 -26.98 -32.00
CA MET D 161 12.05 -26.32 -31.72
C MET D 161 11.83 -25.14 -32.64
N HIS D 162 12.90 -24.36 -32.88
CA HIS D 162 12.73 -23.00 -33.45
C HIS D 162 13.31 -22.77 -34.83
N ALA D 163 14.23 -23.62 -35.27
CA ALA D 163 14.78 -23.55 -36.64
C ALA D 163 15.19 -24.96 -37.09
N PRO D 164 14.20 -25.83 -37.32
CA PRO D 164 14.42 -27.28 -37.54
C PRO D 164 15.14 -27.65 -38.84
N GLN D 165 15.23 -26.72 -39.79
CA GLN D 165 16.00 -26.95 -41.01
C GLN D 165 17.51 -26.95 -40.72
N ALA D 166 17.90 -26.35 -39.59
CA ALA D 166 19.31 -26.22 -39.21
C ALA D 166 19.79 -27.36 -38.34
N LYS D 167 21.07 -27.67 -38.48
CA LYS D 167 21.73 -28.74 -37.72
C LYS D 167 22.89 -28.21 -36.89
N VAL D 168 23.08 -28.80 -35.71
CA VAL D 168 24.27 -28.59 -34.93
C VAL D 168 25.43 -29.38 -35.58
N LEU D 169 26.52 -28.65 -35.87
CA LEU D 169 27.82 -29.25 -36.23
C LEU D 169 28.81 -29.01 -35.10
N ALA D 170 28.84 -29.93 -34.14
CA ALA D 170 29.66 -29.75 -32.96
C ALA D 170 31.15 -29.80 -33.31
N ALA D 171 31.90 -28.87 -32.72
CA ALA D 171 33.33 -28.74 -33.00
C ALA D 171 34.15 -28.44 -31.75
N SER D 172 35.47 -28.53 -31.91
CA SER D 172 36.46 -28.14 -30.88
C SER D 172 36.48 -29.18 -29.76
N PHE D 173 37.38 -30.15 -29.90
CA PHE D 173 37.41 -31.31 -29.01
C PHE D 173 38.82 -31.63 -28.56
N LYS D 174 38.94 -31.98 -27.27
CA LYS D 174 40.23 -32.47 -26.73
C LYS D 174 40.15 -33.94 -26.26
N THR D 175 38.94 -34.46 -26.11
CA THR D 175 38.75 -35.81 -25.64
C THR D 175 37.48 -36.42 -26.22
N PRO D 176 37.49 -37.73 -26.48
CA PRO D 176 36.31 -38.38 -27.05
C PRO D 176 35.05 -38.25 -26.23
N ARG D 177 35.17 -38.18 -24.90
CA ARG D 177 34.01 -38.00 -24.01
C ARG D 177 33.16 -36.79 -24.39
N GLN D 178 33.81 -35.70 -24.74
CA GLN D 178 33.13 -34.53 -25.28
C GLN D 178 32.36 -34.81 -26.54
N ALA D 179 32.97 -35.58 -27.45
CA ALA D 179 32.28 -35.94 -28.70
C ALA D 179 31.06 -36.83 -28.42
N LEU D 180 31.25 -37.83 -27.60
CA LEU D 180 30.19 -38.75 -27.17
C LEU D 180 28.99 -37.98 -26.58
N ASP D 181 29.27 -37.03 -25.69
CA ASP D 181 28.19 -36.25 -25.02
C ASP D 181 27.43 -35.41 -26.02
N CYS D 182 28.13 -34.88 -27.01
CA CYS D 182 27.48 -34.11 -28.10
C CYS D 182 26.56 -34.98 -28.93
N LEU D 183 27.05 -36.17 -29.26
CA LEU D 183 26.25 -37.17 -29.98
C LEU D 183 25.06 -37.62 -29.15
N LEU D 184 25.28 -37.86 -27.87
CA LEU D 184 24.18 -38.20 -26.95
C LEU D 184 23.13 -37.08 -26.80
N ALA D 185 23.59 -35.84 -26.94
CA ALA D 185 22.68 -34.67 -26.90
C ALA D 185 21.88 -34.49 -28.18
N GLY D 186 22.25 -35.23 -29.23
CA GLY D 186 21.47 -35.29 -30.47
C GLY D 186 22.09 -34.60 -31.66
N CYS D 187 23.32 -34.10 -31.53
CA CYS D 187 24.00 -33.41 -32.63
C CYS D 187 23.98 -34.24 -33.94
N GLU D 188 23.46 -33.62 -34.99
CA GLU D 188 23.20 -34.32 -36.26
C GLU D 188 24.44 -34.28 -37.14
N SER D 189 25.38 -33.41 -36.80
CA SER D 189 26.74 -33.49 -37.35
C SER D 189 27.80 -33.19 -36.29
N ILE D 190 29.02 -33.62 -36.60
CA ILE D 190 30.17 -33.46 -35.72
C ILE D 190 31.46 -33.45 -36.55
N THR D 191 32.46 -32.71 -36.05
CA THR D 191 33.78 -32.71 -36.68
C THR D 191 34.89 -32.91 -35.66
N LEU D 192 35.74 -33.90 -35.93
CA LEU D 192 36.73 -34.35 -35.00
C LEU D 192 38.12 -33.99 -35.45
N PRO D 193 38.95 -33.46 -34.53
CA PRO D 193 40.35 -33.40 -34.88
C PRO D 193 40.93 -34.82 -34.97
N LEU D 194 42.10 -34.94 -35.58
CA LEU D 194 42.71 -36.25 -35.90
C LEU D 194 43.05 -37.06 -34.66
N ASP D 195 43.59 -36.42 -33.65
CA ASP D 195 43.97 -37.16 -32.44
C ASP D 195 42.76 -37.78 -31.74
N VAL D 196 41.68 -37.04 -31.64
CA VAL D 196 40.44 -37.51 -30.98
C VAL D 196 39.76 -38.61 -31.80
N ALA D 197 39.72 -38.41 -33.11
CA ALA D 197 39.20 -39.44 -34.03
C ALA D 197 39.94 -40.76 -33.88
N GLN D 198 41.27 -40.66 -33.82
CA GLN D 198 42.10 -41.88 -33.66
C GLN D 198 41.91 -42.57 -32.32
N GLN D 199 41.78 -41.78 -31.24
CA GLN D 199 41.47 -42.34 -29.89
C GLN D 199 40.11 -43.03 -29.88
N MET D 200 39.20 -42.52 -30.70
CA MET D 200 37.82 -43.05 -30.76
C MET D 200 37.73 -44.45 -31.37
N ILE D 201 38.78 -44.88 -32.08
CA ILE D 201 38.82 -46.22 -32.71
C ILE D 201 39.92 -47.16 -32.19
N SER D 202 40.62 -46.74 -31.14
CA SER D 202 41.72 -47.52 -30.58
C SER D 202 41.54 -47.67 -29.07
N TYR D 203 41.29 -48.89 -28.64
CA TYR D 203 41.06 -49.21 -27.24
C TYR D 203 41.87 -50.42 -26.82
N PRO D 204 42.66 -50.29 -25.75
CA PRO D 204 43.36 -51.45 -25.19
C PRO D 204 42.46 -52.66 -24.88
N ALA D 205 41.25 -52.40 -24.36
CA ALA D 205 40.32 -53.47 -24.01
C ALA D 205 39.86 -54.25 -25.25
N VAL D 206 39.63 -53.52 -26.33
CA VAL D 206 39.24 -54.11 -27.63
C VAL D 206 40.39 -54.93 -28.24
N ASP D 207 41.61 -54.40 -28.18
CA ASP D 207 42.81 -55.11 -28.66
C ASP D 207 43.04 -56.41 -27.87
N ALA D 208 42.82 -56.35 -26.55
CA ALA D 208 42.87 -57.56 -25.71
C ALA D 208 41.79 -58.60 -26.04
N ALA D 209 40.59 -58.16 -26.39
CA ALA D 209 39.51 -59.07 -26.78
C ALA D 209 39.83 -59.77 -28.12
N VAL D 210 40.37 -59.01 -29.06
CA VAL D 210 40.84 -59.54 -30.33
C VAL D 210 41.99 -60.56 -30.15
N ALA D 211 42.98 -60.19 -29.34
CA ALA D 211 44.11 -61.09 -29.04
C ALA D 211 43.61 -62.41 -28.45
N LYS D 212 42.70 -62.31 -27.48
CA LYS D 212 42.07 -63.47 -26.86
C LYS D 212 41.40 -64.39 -27.90
N PHE D 213 40.67 -63.80 -28.84
CA PHE D 213 40.01 -64.58 -29.88
C PHE D 213 41.04 -65.37 -30.71
N GLU D 214 42.12 -64.71 -31.07
CA GLU D 214 43.21 -65.31 -31.84
C GLU D 214 43.88 -66.46 -31.08
N GLN D 215 44.14 -66.24 -29.79
CA GLN D 215 44.71 -67.26 -28.91
C GLN D 215 43.81 -68.50 -28.78
N ASP D 216 42.51 -68.27 -28.59
CA ASP D 216 41.55 -69.38 -28.50
C ASP D 216 41.46 -70.17 -29.81
N TRP D 217 41.42 -69.45 -30.93
CA TRP D 217 41.40 -70.03 -32.26
C TRP D 217 42.64 -70.89 -32.52
N GLN D 218 43.81 -70.28 -32.30
CA GLN D 218 45.12 -70.96 -32.37
C GLN D 218 45.14 -72.26 -31.54
N GLY D 219 44.68 -72.15 -30.30
CA GLY D 219 44.64 -73.28 -29.37
C GLY D 219 43.85 -74.47 -29.89
N ALA D 220 42.74 -74.20 -30.57
CA ALA D 220 41.86 -75.26 -31.07
C ALA D 220 42.20 -75.72 -32.49
N PHE D 221 42.64 -74.79 -33.34
CA PHE D 221 42.82 -75.05 -34.78
C PHE D 221 44.26 -75.00 -35.31
N GLY D 222 45.20 -74.64 -34.45
CA GLY D 222 46.63 -74.61 -34.82
C GLY D 222 47.05 -73.46 -35.74
N ARG D 223 46.17 -72.47 -35.89
CA ARG D 223 46.47 -71.27 -36.66
C ARG D 223 45.61 -70.11 -36.16
N THR D 224 45.93 -68.88 -36.59
CA THR D 224 45.15 -67.67 -36.22
C THR D 224 44.28 -67.15 -37.37
N SER D 225 44.29 -67.86 -38.50
CA SER D 225 43.52 -67.48 -39.67
C SER D 225 42.26 -68.33 -39.80
N ILE D 226 41.30 -67.84 -40.58
CA ILE D 226 39.98 -68.46 -40.67
C ILE D 226 40.02 -69.76 -41.47
N HIS E 7 9.43 -19.98 -35.70
CA HIS E 7 9.71 -19.04 -34.58
C HIS E 7 9.71 -17.60 -35.02
N GLU E 8 9.26 -16.71 -34.12
CA GLU E 8 9.16 -15.27 -34.43
C GLU E 8 9.94 -14.39 -33.46
N LEU E 9 10.98 -13.74 -33.99
CA LEU E 9 11.81 -12.83 -33.24
C LEU E 9 11.40 -11.36 -33.45
N TYR E 10 11.07 -10.69 -32.35
CA TYR E 10 10.71 -9.28 -32.38
C TYR E 10 11.66 -8.40 -31.59
N LEU E 11 11.67 -7.11 -31.95
CA LEU E 11 12.32 -6.08 -31.13
C LEU E 11 11.25 -5.28 -30.41
N ASP E 12 11.54 -4.98 -29.16
CA ASP E 12 10.64 -4.28 -28.25
C ASP E 12 11.10 -2.83 -28.13
N THR E 13 10.57 -1.96 -28.99
CA THR E 13 11.15 -0.62 -29.17
C THR E 13 10.30 0.32 -30.01
N SER E 14 10.47 1.63 -29.78
CA SER E 14 9.90 2.66 -30.67
C SER E 14 11.01 3.47 -31.38
N ASP E 15 12.23 2.95 -31.30
CA ASP E 15 13.43 3.63 -31.80
C ASP E 15 13.64 3.30 -33.27
N VAL E 16 13.09 4.16 -34.15
CA VAL E 16 13.03 3.92 -35.60
C VAL E 16 14.41 3.74 -36.27
N VAL E 17 15.38 4.57 -35.88
CA VAL E 17 16.75 4.51 -36.40
C VAL E 17 17.44 3.18 -36.01
N ALA E 18 17.34 2.84 -34.73
CA ALA E 18 17.86 1.56 -34.26
C ALA E 18 17.22 0.37 -34.99
N VAL E 19 15.91 0.43 -35.16
CA VAL E 19 15.18 -0.65 -35.86
C VAL E 19 15.72 -0.81 -37.28
N LYS E 20 15.94 0.29 -37.97
CA LYS E 20 16.46 0.27 -39.33
C LYS E 20 17.84 -0.39 -39.36
N ALA E 21 18.70 0.03 -38.44
CA ALA E 21 20.06 -0.49 -38.36
C ALA E 21 20.09 -1.98 -37.98
N LEU E 22 19.27 -2.36 -37.02
CA LEU E 22 19.28 -3.72 -36.48
C LEU E 22 18.52 -4.73 -37.33
N SER E 23 17.68 -4.24 -38.23
CA SER E 23 16.90 -5.10 -39.11
C SER E 23 17.72 -5.78 -40.23
N ARG E 24 18.89 -5.23 -40.56
CA ARG E 24 19.81 -5.87 -41.52
C ARG E 24 20.69 -6.92 -40.82
N ILE E 25 20.77 -6.83 -39.49
CA ILE E 25 21.54 -7.76 -38.70
C ILE E 25 20.69 -8.95 -38.23
N PHE E 26 19.65 -8.65 -37.47
CA PHE E 26 18.82 -9.70 -36.87
C PHE E 26 17.79 -10.21 -37.87
N PRO E 27 17.45 -11.51 -37.78
CA PRO E 27 16.32 -12.04 -38.54
C PRO E 27 14.96 -11.75 -37.87
N LEU E 28 14.48 -10.52 -38.07
CA LEU E 28 13.29 -10.03 -37.38
C LEU E 28 11.98 -10.40 -38.05
N ALA E 29 11.01 -10.78 -37.24
CA ALA E 29 9.63 -11.00 -37.69
C ALA E 29 8.83 -9.70 -37.58
N GLY E 30 9.35 -8.74 -36.84
CA GLY E 30 8.63 -7.48 -36.60
C GLY E 30 9.14 -6.67 -35.41
N VAL E 31 8.28 -5.77 -34.98
CA VAL E 31 8.53 -4.91 -33.82
C VAL E 31 7.30 -4.87 -32.93
N THR E 32 7.52 -4.97 -31.63
CA THR E 32 6.44 -4.77 -30.64
C THR E 32 6.58 -3.43 -29.96
N THR E 33 5.44 -2.86 -29.62
CA THR E 33 5.39 -1.67 -28.79
C THR E 33 4.40 -1.85 -27.64
N ASN E 34 4.57 -1.02 -26.63
CA ASN E 34 3.55 -0.85 -25.57
C ASN E 34 3.49 0.64 -25.20
N PRO E 35 2.54 1.05 -24.33
CA PRO E 35 2.38 2.50 -24.09
C PRO E 35 3.58 3.21 -23.47
N SER E 36 4.32 2.52 -22.61
CA SER E 36 5.55 3.09 -22.05
C SER E 36 6.66 3.24 -23.08
N ILE E 37 6.76 2.30 -24.01
CA ILE E 37 7.77 2.34 -25.06
C ILE E 37 7.45 3.46 -26.08
N ILE E 38 6.17 3.62 -26.40
CA ILE E 38 5.72 4.68 -27.31
C ILE E 38 5.97 6.05 -26.64
N ALA E 39 5.49 6.18 -25.41
CA ALA E 39 5.64 7.41 -24.62
C ALA E 39 7.11 7.87 -24.54
N ALA E 40 7.99 6.93 -24.20
CA ALA E 40 9.43 7.20 -24.09
C ALA E 40 10.06 7.72 -25.40
N GLY E 41 9.50 7.32 -26.53
CA GLY E 41 9.94 7.78 -27.87
C GLY E 41 9.34 9.11 -28.29
N LYS E 42 8.25 9.49 -27.62
CA LYS E 42 7.63 10.83 -27.71
C LYS E 42 6.87 11.11 -29.00
N LYS E 43 6.91 10.18 -29.94
CA LYS E 43 6.19 10.33 -31.19
C LYS E 43 4.82 9.67 -31.10
N PRO E 44 3.78 10.32 -31.61
CA PRO E 44 2.45 9.71 -31.56
C PRO E 44 2.33 8.47 -32.43
N LEU E 45 1.32 7.65 -32.14
CA LEU E 45 1.11 6.38 -32.86
C LEU E 45 1.02 6.55 -34.39
N ASP E 46 0.28 7.56 -34.84
CA ASP E 46 0.08 7.78 -36.29
C ASP E 46 1.37 8.21 -37.00
N VAL E 47 2.37 8.62 -36.21
CA VAL E 47 3.73 8.88 -36.71
C VAL E 47 4.67 7.65 -36.60
N VAL E 48 4.89 7.13 -35.39
CA VAL E 48 5.88 6.06 -35.19
C VAL E 48 5.54 4.78 -35.92
N LEU E 49 4.27 4.41 -35.90
CA LEU E 49 3.89 3.10 -36.44
C LEU E 49 4.27 2.95 -37.93
N PRO E 50 3.81 3.89 -38.79
CA PRO E 50 4.25 3.82 -40.20
C PRO E 50 5.76 3.91 -40.37
N GLN E 51 6.40 4.73 -39.55
CA GLN E 51 7.87 4.85 -39.57
C GLN E 51 8.54 3.53 -39.22
N LEU E 52 8.03 2.87 -38.19
CA LEU E 52 8.56 1.55 -37.77
C LEU E 52 8.34 0.52 -38.87
N HIS E 53 7.15 0.53 -39.46
CA HIS E 53 6.84 -0.35 -40.60
C HIS E 53 7.85 -0.16 -41.75
N GLU E 54 8.12 1.11 -42.08
CA GLU E 54 9.07 1.44 -43.16
C GLU E 54 10.49 1.02 -42.80
N ALA E 55 10.89 1.30 -41.57
CA ALA E 55 12.24 1.01 -41.08
C ALA E 55 12.59 -0.50 -41.13
N MET E 56 11.59 -1.35 -41.35
CA MET E 56 11.80 -2.80 -41.52
C MET E 56 11.71 -3.27 -42.97
N GLY E 57 11.73 -2.33 -43.91
CA GLY E 57 11.63 -2.66 -45.33
C GLY E 57 10.21 -2.97 -45.77
N GLY E 58 9.24 -2.35 -45.09
CA GLY E 58 7.82 -2.52 -45.43
C GLY E 58 7.29 -3.93 -45.24
N GLN E 59 8.02 -4.74 -44.49
CA GLN E 59 7.64 -6.11 -44.18
C GLN E 59 7.71 -6.37 -42.69
N GLY E 60 7.12 -7.47 -42.27
CA GLY E 60 7.10 -7.83 -40.85
C GLY E 60 5.86 -7.34 -40.14
N ARG E 61 5.64 -7.90 -38.96
CA ARG E 61 4.42 -7.65 -38.19
C ARG E 61 4.67 -6.54 -37.16
N LEU E 62 3.62 -5.76 -36.88
CA LEU E 62 3.63 -4.76 -35.82
C LEU E 62 2.59 -5.05 -34.75
N PHE E 63 2.91 -4.63 -33.52
CA PHE E 63 2.01 -4.78 -32.38
C PHE E 63 1.90 -3.46 -31.66
N ALA E 64 0.68 -3.11 -31.27
CA ALA E 64 0.48 -1.92 -30.42
C ALA E 64 -0.72 -2.11 -29.50
N GLN E 65 -0.72 -1.34 -28.42
CA GLN E 65 -1.63 -1.57 -27.30
C GLN E 65 -2.78 -0.58 -27.17
N VAL E 66 -3.95 -1.10 -26.80
CA VAL E 66 -5.10 -0.24 -26.49
C VAL E 66 -4.87 0.46 -25.17
N MET E 67 -5.62 1.54 -24.95
CA MET E 67 -5.49 2.38 -23.75
C MET E 67 -6.78 2.49 -22.94
N ALA E 68 -7.91 2.18 -23.57
CA ALA E 68 -9.21 2.31 -22.92
C ALA E 68 -9.41 1.32 -21.79
N THR E 69 -10.37 1.64 -20.94
CA THR E 69 -10.66 0.94 -19.67
C THR E 69 -11.85 -0.01 -19.78
N THR E 70 -12.74 0.26 -20.73
CA THR E 70 -13.91 -0.58 -20.98
C THR E 70 -13.71 -1.41 -22.23
N ALA E 71 -14.41 -2.53 -22.30
CA ALA E 71 -14.31 -3.44 -23.43
C ALA E 71 -14.67 -2.73 -24.72
N GLU E 72 -15.78 -1.98 -24.69
CA GLU E 72 -16.22 -1.21 -25.87
C GLU E 72 -15.17 -0.20 -26.30
N GLY E 73 -14.64 0.54 -25.34
CA GLY E 73 -13.57 1.51 -25.60
C GLY E 73 -12.30 0.88 -26.19
N MET E 74 -11.99 -0.33 -25.75
CA MET E 74 -10.83 -1.08 -26.25
C MET E 74 -11.02 -1.54 -27.69
N VAL E 75 -12.24 -1.95 -28.01
CA VAL E 75 -12.59 -2.32 -29.38
C VAL E 75 -12.42 -1.11 -30.31
N ASN E 76 -12.88 0.06 -29.85
CA ASN E 76 -12.73 1.32 -30.61
C ASN E 76 -11.27 1.70 -30.79
N ASP E 77 -10.48 1.54 -29.74
CA ASP E 77 -9.01 1.74 -29.81
C ASP E 77 -8.36 0.83 -30.85
N ALA E 78 -8.84 -0.40 -30.91
CA ALA E 78 -8.35 -1.39 -31.86
C ALA E 78 -8.60 -0.96 -33.29
N LEU E 79 -9.80 -0.44 -33.55
CA LEU E 79 -10.16 0.06 -34.90
C LEU E 79 -9.28 1.24 -35.30
N LYS E 80 -9.05 2.15 -34.36
CA LYS E 80 -8.10 3.26 -34.57
C LYS E 80 -6.70 2.76 -34.93
N LEU E 81 -6.23 1.75 -34.19
CA LEU E 81 -4.89 1.17 -34.47
C LEU E 81 -4.82 0.52 -35.84
N ARG E 82 -5.88 -0.21 -36.18
CA ARG E 82 -6.00 -0.89 -37.47
C ARG E 82 -6.10 0.08 -38.65
N SER E 83 -6.64 1.27 -38.40
CA SER E 83 -6.73 2.31 -39.45
C SER E 83 -5.37 2.95 -39.76
N ILE E 84 -4.45 2.85 -38.80
CA ILE E 84 -3.07 3.33 -39.00
C ILE E 84 -2.23 2.26 -39.69
N ILE E 85 -2.27 1.04 -39.15
CA ILE E 85 -1.58 -0.11 -39.74
C ILE E 85 -2.59 -1.23 -39.93
N ALA E 86 -2.90 -1.52 -41.19
CA ALA E 86 -4.03 -2.39 -41.57
C ALA E 86 -3.95 -3.81 -41.00
N ASP E 87 -2.73 -4.35 -40.96
CA ASP E 87 -2.48 -5.72 -40.49
C ASP E 87 -1.86 -5.79 -39.07
N ILE E 88 -2.04 -4.75 -38.28
CA ILE E 88 -1.43 -4.68 -36.94
C ILE E 88 -2.12 -5.65 -35.96
N VAL E 89 -1.32 -6.21 -35.07
CA VAL E 89 -1.87 -7.06 -34.00
C VAL E 89 -2.15 -6.16 -32.81
N VAL E 90 -3.35 -6.27 -32.25
CA VAL E 90 -3.77 -5.40 -31.15
C VAL E 90 -3.53 -6.04 -29.78
N LYS E 91 -2.72 -5.38 -28.98
CA LYS E 91 -2.41 -5.80 -27.62
C LYS E 91 -3.51 -5.34 -26.66
N VAL E 92 -4.05 -6.30 -25.92
CA VAL E 92 -5.08 -6.03 -24.92
C VAL E 92 -4.70 -6.54 -23.53
N PRO E 93 -4.63 -5.65 -22.52
CA PRO E 93 -4.26 -6.13 -21.19
C PRO E 93 -5.25 -7.14 -20.68
N VAL E 94 -4.76 -8.19 -20.05
CA VAL E 94 -5.62 -9.31 -19.69
C VAL E 94 -6.23 -9.02 -18.34
N THR E 95 -7.27 -8.20 -18.41
CA THR E 95 -8.14 -7.85 -17.31
C THR E 95 -9.54 -8.38 -17.63
N ALA E 96 -10.49 -8.18 -16.72
CA ALA E 96 -11.87 -8.57 -16.95
C ALA E 96 -12.41 -7.96 -18.27
N GLU E 97 -12.30 -6.64 -18.39
CA GLU E 97 -12.77 -5.92 -19.60
C GLU E 97 -11.95 -6.29 -20.83
N GLY E 98 -10.64 -6.43 -20.64
CA GLY E 98 -9.76 -6.88 -21.71
C GLY E 98 -10.17 -8.24 -22.28
N LEU E 99 -10.50 -9.18 -21.40
CA LEU E 99 -11.03 -10.51 -21.82
C LEU E 99 -12.29 -10.39 -22.68
N ALA E 100 -13.23 -9.58 -22.22
CA ALA E 100 -14.46 -9.25 -22.98
C ALA E 100 -14.16 -8.62 -24.31
N ALA E 101 -13.24 -7.65 -24.30
CA ALA E 101 -12.75 -7.04 -25.53
C ALA E 101 -12.14 -8.07 -26.51
N ILE E 102 -11.32 -8.98 -25.97
CA ILE E 102 -10.67 -9.98 -26.81
C ILE E 102 -11.71 -10.86 -27.49
N LYS E 103 -12.73 -11.26 -26.74
CA LYS E 103 -13.85 -12.02 -27.31
C LYS E 103 -14.55 -11.24 -28.45
N MET E 104 -14.78 -9.95 -28.22
CA MET E 104 -15.43 -9.10 -29.22
C MET E 104 -14.58 -8.92 -30.48
N LEU E 105 -13.29 -8.69 -30.27
CA LEU E 105 -12.33 -8.59 -31.39
C LEU E 105 -12.15 -9.90 -32.17
N LYS E 106 -12.25 -11.02 -31.48
CA LYS E 106 -12.26 -12.34 -32.13
C LYS E 106 -13.45 -12.47 -33.11
N ALA E 107 -14.63 -12.07 -32.63
CA ALA E 107 -15.85 -12.07 -33.45
C ALA E 107 -15.73 -11.14 -34.66
N GLU E 108 -15.01 -10.03 -34.49
CA GLU E 108 -14.78 -9.07 -35.57
C GLU E 108 -13.60 -9.41 -36.49
N GLY E 109 -12.89 -10.49 -36.21
CA GLY E 109 -11.79 -10.97 -37.05
C GLY E 109 -10.49 -10.17 -36.94
N ILE E 110 -10.34 -9.42 -35.86
CA ILE E 110 -9.13 -8.63 -35.61
C ILE E 110 -8.19 -9.39 -34.66
N PRO E 111 -6.96 -9.72 -35.13
CA PRO E 111 -6.07 -10.55 -34.30
C PRO E 111 -5.61 -9.78 -33.07
N THR E 112 -5.59 -10.47 -31.94
CA THR E 112 -5.17 -9.88 -30.67
C THR E 112 -3.99 -10.58 -29.99
N LEU E 113 -3.37 -9.83 -29.11
CA LEU E 113 -2.38 -10.34 -28.19
C LEU E 113 -2.82 -10.01 -26.79
N GLY E 114 -2.84 -11.02 -25.93
CA GLY E 114 -3.16 -10.84 -24.51
C GLY E 114 -1.93 -10.47 -23.70
N THR E 115 -1.91 -9.24 -23.20
CA THR E 115 -0.72 -8.68 -22.57
C THR E 115 -0.88 -8.39 -21.07
N ALA E 116 0.21 -7.92 -20.47
CA ALA E 116 0.29 -7.65 -19.00
C ALA E 116 -0.03 -8.90 -18.24
N VAL E 117 0.56 -10.01 -18.69
CA VAL E 117 0.28 -11.32 -18.10
C VAL E 117 1.32 -11.60 -17.00
N TYR E 118 0.84 -11.79 -15.78
CA TYR E 118 1.69 -12.05 -14.61
C TYR E 118 1.49 -13.46 -14.08
N GLY E 119 0.56 -14.20 -14.70
CA GLY E 119 0.19 -15.54 -14.24
C GLY E 119 -0.22 -16.41 -15.41
N ALA E 120 -0.02 -17.73 -15.26
CA ALA E 120 -0.23 -18.67 -16.35
C ALA E 120 -1.69 -18.89 -16.70
N ALA E 121 -2.51 -19.03 -15.68
CA ALA E 121 -3.97 -19.20 -15.87
C ALA E 121 -4.60 -17.96 -16.53
N GLN E 122 -4.16 -16.80 -16.08
CA GLN E 122 -4.57 -15.51 -16.67
C GLN E 122 -4.27 -15.48 -18.15
N GLY E 123 -3.04 -15.83 -18.49
CA GLY E 123 -2.61 -15.92 -19.89
C GLY E 123 -3.41 -16.91 -20.72
N LEU E 124 -3.64 -18.10 -20.18
CA LEU E 124 -4.49 -19.09 -20.83
C LEU E 124 -5.90 -18.58 -21.13
N LEU E 125 -6.51 -17.89 -20.15
CA LEU E 125 -7.88 -17.34 -20.35
C LEU E 125 -7.94 -16.42 -21.55
N SER E 126 -6.89 -15.62 -21.73
CA SER E 126 -6.82 -14.68 -22.89
C SER E 126 -6.78 -15.45 -24.22
N ALA E 127 -6.06 -16.55 -24.24
CA ALA E 127 -5.98 -17.44 -25.43
C ALA E 127 -7.31 -18.15 -25.70
N LEU E 128 -7.95 -18.65 -24.64
CA LEU E 128 -9.27 -19.28 -24.79
C LEU E 128 -10.32 -18.29 -25.30
N ALA E 129 -10.13 -17.02 -24.94
CA ALA E 129 -11.01 -15.94 -25.38
C ALA E 129 -10.78 -15.55 -26.84
N GLY E 130 -9.66 -15.97 -27.41
CA GLY E 130 -9.38 -15.80 -28.84
C GLY E 130 -8.05 -15.16 -29.19
N ALA E 131 -7.29 -14.75 -28.19
CA ALA E 131 -5.98 -14.14 -28.45
C ALA E 131 -5.04 -15.12 -29.14
N GLU E 132 -4.31 -14.59 -30.12
CA GLU E 132 -3.40 -15.39 -30.93
C GLU E 132 -2.01 -15.46 -30.29
N TYR E 133 -1.70 -14.43 -29.50
CA TYR E 133 -0.45 -14.35 -28.75
C TYR E 133 -0.79 -14.06 -27.31
N VAL E 134 0.10 -14.50 -26.42
CA VAL E 134 0.00 -14.22 -25.02
C VAL E 134 1.37 -13.78 -24.52
N ALA E 135 1.42 -12.60 -23.90
CA ALA E 135 2.72 -11.97 -23.52
C ALA E 135 2.88 -11.85 -22.01
N PRO E 136 3.54 -12.84 -21.37
CA PRO E 136 3.90 -12.68 -19.97
C PRO E 136 5.05 -11.69 -19.81
N TYR E 137 5.02 -10.96 -18.70
CA TYR E 137 6.11 -10.01 -18.37
C TYR E 137 7.15 -10.66 -17.50
N VAL E 138 8.15 -11.27 -18.15
CA VAL E 138 9.09 -12.16 -17.49
C VAL E 138 9.86 -11.48 -16.35
N ASN E 139 10.56 -10.38 -16.66
CA ASN E 139 11.32 -9.64 -15.64
C ASN E 139 10.45 -8.99 -14.55
N ARG E 140 9.22 -8.62 -14.90
CA ARG E 140 8.27 -8.05 -13.90
C ARG E 140 7.91 -9.09 -12.85
N ILE E 141 7.67 -10.31 -13.29
CA ILE E 141 7.43 -11.42 -12.39
C ILE E 141 8.67 -11.75 -11.53
N ASP E 142 9.82 -11.86 -12.18
CA ASP E 142 11.09 -12.00 -11.46
C ASP E 142 11.38 -10.90 -10.45
N ALA E 143 11.24 -9.65 -10.90
CA ALA E 143 11.54 -8.50 -10.06
C ALA E 143 10.64 -8.43 -8.82
N GLN E 144 9.40 -8.87 -8.98
CA GLN E 144 8.41 -8.91 -7.90
C GLN E 144 8.33 -10.21 -7.09
N GLY E 145 9.40 -11.02 -7.14
CA GLY E 145 9.63 -12.09 -6.16
C GLY E 145 9.03 -13.42 -6.56
N GLY E 146 8.58 -13.50 -7.80
CA GLY E 146 8.05 -14.77 -8.36
C GLY E 146 9.13 -15.47 -9.21
N SER E 147 8.69 -16.28 -10.18
CA SER E 147 9.58 -16.91 -11.13
C SER E 147 9.04 -16.70 -12.54
N GLY E 148 9.61 -15.73 -13.23
CA GLY E 148 9.19 -15.46 -14.60
C GLY E 148 9.27 -16.70 -15.49
N ILE E 149 10.34 -17.43 -15.33
CA ILE E 149 10.59 -18.65 -16.16
C ILE E 149 9.58 -19.74 -15.90
N GLN E 150 9.25 -19.97 -14.64
CA GLN E 150 8.25 -20.95 -14.32
C GLN E 150 6.89 -20.54 -14.89
N THR E 151 6.55 -19.26 -14.80
CA THR E 151 5.30 -18.76 -15.34
C THR E 151 5.21 -18.97 -16.85
N VAL E 152 6.30 -18.62 -17.53
CA VAL E 152 6.43 -18.85 -18.98
C VAL E 152 6.33 -20.35 -19.34
N THR E 153 7.03 -21.19 -18.58
CA THR E 153 7.04 -22.63 -18.78
C THR E 153 5.62 -23.17 -18.63
N ASP E 154 4.96 -22.78 -17.55
CA ASP E 154 3.59 -23.20 -17.28
C ASP E 154 2.61 -22.70 -18.34
N LEU E 155 2.76 -21.44 -18.72
CA LEU E 155 1.94 -20.88 -19.73
C LEU E 155 2.06 -21.59 -21.09
N HIS E 156 3.28 -21.78 -21.54
CA HIS E 156 3.49 -22.47 -22.82
C HIS E 156 2.80 -23.86 -22.83
N GLN E 157 2.98 -24.60 -21.76
CA GLN E 157 2.39 -25.93 -21.62
C GLN E 157 0.87 -25.82 -21.63
N LEU E 158 0.32 -24.82 -20.95
CA LEU E 158 -1.15 -24.61 -20.97
C LEU E 158 -1.70 -24.31 -22.39
N LEU E 159 -1.03 -23.42 -23.11
CA LEU E 159 -1.42 -23.10 -24.48
C LEU E 159 -1.36 -24.35 -25.37
N LYS E 160 -0.25 -25.06 -25.29
CA LYS E 160 -0.04 -26.27 -26.10
C LYS E 160 -1.10 -27.36 -25.86
N MET E 161 -1.52 -27.52 -24.61
CA MET E 161 -2.50 -28.52 -24.24
C MET E 161 -3.93 -28.04 -24.48
N HIS E 162 -4.18 -26.77 -24.12
CA HIS E 162 -5.56 -26.28 -24.01
C HIS E 162 -6.00 -25.23 -25.02
N ALA E 163 -5.06 -24.53 -25.65
CA ALA E 163 -5.38 -23.53 -26.68
C ALA E 163 -4.21 -23.48 -27.68
N PRO E 164 -3.99 -24.56 -28.44
CA PRO E 164 -2.83 -24.72 -29.32
C PRO E 164 -2.70 -23.76 -30.49
N GLN E 165 -3.78 -23.06 -30.84
CA GLN E 165 -3.71 -22.02 -31.89
C GLN E 165 -2.94 -20.78 -31.40
N ALA E 166 -2.83 -20.65 -30.08
CA ALA E 166 -2.17 -19.50 -29.47
C ALA E 166 -0.69 -19.74 -29.16
N LYS E 167 0.07 -18.66 -29.20
CA LYS E 167 1.51 -18.70 -28.98
C LYS E 167 1.92 -17.79 -27.82
N VAL E 168 2.94 -18.21 -27.09
CA VAL E 168 3.61 -17.35 -26.12
C VAL E 168 4.52 -16.35 -26.83
N LEU E 169 4.31 -15.07 -26.57
CA LEU E 169 5.23 -14.01 -27.00
C LEU E 169 5.89 -13.44 -25.75
N ALA E 170 7.04 -14.01 -25.38
CA ALA E 170 7.69 -13.67 -24.11
C ALA E 170 8.28 -12.28 -24.19
N ALA E 171 8.04 -11.51 -23.11
CA ALA E 171 8.45 -10.10 -23.04
C ALA E 171 9.00 -9.71 -21.69
N SER E 172 9.59 -8.51 -21.66
CA SER E 172 10.12 -7.88 -20.43
C SER E 172 11.41 -8.62 -19.97
N PHE E 173 12.55 -8.09 -20.42
CA PHE E 173 13.85 -8.72 -20.18
C PHE E 173 14.89 -7.71 -19.71
N LYS E 174 15.68 -8.13 -18.74
CA LYS E 174 16.91 -7.38 -18.34
C LYS E 174 18.20 -8.07 -18.66
N THR E 175 18.13 -9.39 -18.95
CA THR E 175 19.34 -10.15 -19.22
C THR E 175 19.06 -11.25 -20.27
N PRO E 176 20.03 -11.54 -21.16
CA PRO E 176 19.87 -12.62 -22.14
C PRO E 176 19.52 -13.99 -21.57
N ARG E 177 20.00 -14.31 -20.40
CA ARG E 177 19.66 -15.58 -19.73
C ARG E 177 18.12 -15.80 -19.67
N GLN E 178 17.40 -14.74 -19.34
CA GLN E 178 15.96 -14.82 -19.26
C GLN E 178 15.37 -15.18 -20.62
N ALA E 179 15.90 -14.56 -21.69
CA ALA E 179 15.45 -14.81 -23.05
C ALA E 179 15.75 -16.24 -23.45
N LEU E 180 16.96 -16.67 -23.16
CA LEU E 180 17.36 -18.07 -23.39
C LEU E 180 16.44 -19.08 -22.73
N ASP E 181 16.13 -18.86 -21.44
CA ASP E 181 15.28 -19.78 -20.70
C ASP E 181 13.86 -19.85 -21.25
N CYS E 182 13.34 -18.72 -21.67
CA CYS E 182 12.03 -18.67 -22.35
C CYS E 182 12.04 -19.47 -23.68
N LEU E 183 13.11 -19.30 -24.45
CA LEU E 183 13.33 -20.06 -25.70
C LEU E 183 13.44 -21.57 -25.40
N LEU E 184 14.17 -21.89 -24.34
CA LEU E 184 14.32 -23.31 -23.92
C LEU E 184 13.03 -23.90 -23.45
N ALA E 185 12.16 -23.06 -22.90
CA ALA E 185 10.84 -23.49 -22.43
C ALA E 185 9.85 -23.71 -23.57
N GLY E 186 10.21 -23.29 -24.78
CA GLY E 186 9.46 -23.55 -25.98
C GLY E 186 8.76 -22.35 -26.58
N CYS E 187 8.94 -21.16 -26.00
CA CYS E 187 8.27 -19.96 -26.51
C CYS E 187 8.44 -19.85 -28.03
N GLU E 188 7.30 -19.74 -28.73
CA GLU E 188 7.31 -19.69 -30.18
C GLU E 188 7.55 -18.29 -30.71
N SER E 189 7.42 -17.31 -29.84
CA SER E 189 7.81 -15.95 -30.15
C SER E 189 8.41 -15.27 -28.94
N ILE E 190 9.17 -14.23 -29.22
CA ILE E 190 9.86 -13.46 -28.19
C ILE E 190 10.13 -12.05 -28.68
N THR E 191 10.16 -11.10 -27.74
CA THR E 191 10.50 -9.73 -28.07
C THR E 191 11.56 -9.18 -27.11
N LEU E 192 12.62 -8.64 -27.71
CA LEU E 192 13.78 -8.23 -26.95
C LEU E 192 13.94 -6.71 -26.94
N PRO E 193 14.25 -6.13 -25.76
CA PRO E 193 14.68 -4.74 -25.78
C PRO E 193 16.08 -4.66 -26.43
N LEU E 194 16.48 -3.45 -26.82
CA LEU E 194 17.65 -3.23 -27.62
C LEU E 194 18.94 -3.62 -26.89
N ASP E 195 19.04 -3.30 -25.60
CA ASP E 195 20.25 -3.61 -24.84
C ASP E 195 20.49 -5.12 -24.71
N VAL E 196 19.43 -5.88 -24.46
CA VAL E 196 19.51 -7.35 -24.38
C VAL E 196 19.83 -8.01 -25.75
N ALA E 197 19.16 -7.53 -26.78
CA ALA E 197 19.40 -8.01 -28.16
C ALA E 197 20.87 -7.79 -28.55
N GLN E 198 21.41 -6.61 -28.26
CA GLN E 198 22.82 -6.30 -28.52
C GLN E 198 23.79 -7.14 -27.72
N GLN E 199 23.48 -7.41 -26.45
CA GLN E 199 24.29 -8.31 -25.65
C GLN E 199 24.29 -9.75 -26.22
N MET E 200 23.17 -10.14 -26.81
CA MET E 200 22.96 -11.51 -27.30
C MET E 200 23.84 -11.82 -28.54
N ILE E 201 24.37 -10.77 -29.17
CA ILE E 201 25.25 -10.93 -30.35
C ILE E 201 26.69 -10.44 -30.18
N SER E 202 27.05 -10.03 -28.97
CA SER E 202 28.38 -9.49 -28.68
C SER E 202 29.02 -10.17 -27.48
N TYR E 203 30.07 -10.94 -27.75
CA TYR E 203 30.73 -11.74 -26.73
C TYR E 203 32.23 -11.53 -26.79
N PRO E 204 32.84 -11.16 -25.66
CA PRO E 204 34.32 -11.11 -25.60
C PRO E 204 35.00 -12.39 -26.09
N ALA E 205 34.47 -13.55 -25.71
CA ALA E 205 35.11 -14.83 -26.06
C ALA E 205 35.10 -15.04 -27.58
N VAL E 206 34.01 -14.65 -28.21
CA VAL E 206 33.84 -14.73 -29.66
C VAL E 206 34.79 -13.77 -30.39
N ASP E 207 34.92 -12.54 -29.87
CA ASP E 207 35.82 -11.54 -30.44
C ASP E 207 37.28 -12.02 -30.33
N ALA E 208 37.65 -12.61 -29.19
CA ALA E 208 38.96 -13.22 -29.00
C ALA E 208 39.24 -14.39 -29.98
N ALA E 209 38.21 -15.22 -30.26
CA ALA E 209 38.38 -16.32 -31.23
C ALA E 209 38.61 -15.78 -32.64
N VAL E 210 37.87 -14.75 -33.00
CA VAL E 210 38.03 -14.07 -34.29
C VAL E 210 39.45 -13.45 -34.41
N ALA E 211 39.88 -12.73 -33.38
CA ALA E 211 41.19 -12.12 -33.35
C ALA E 211 42.28 -13.18 -33.55
N LYS E 212 42.17 -14.27 -32.82
CA LYS E 212 43.05 -15.41 -32.91
C LYS E 212 43.15 -15.95 -34.36
N PHE E 213 42.01 -16.11 -35.02
CA PHE E 213 42.01 -16.56 -36.41
C PHE E 213 42.80 -15.61 -37.32
N GLU E 214 42.58 -14.31 -37.15
CA GLU E 214 43.27 -13.26 -37.91
C GLU E 214 44.79 -13.27 -37.67
N GLN E 215 45.17 -13.44 -36.41
CA GLN E 215 46.60 -13.57 -36.04
C GLN E 215 47.26 -14.81 -36.66
N ASP E 216 46.59 -15.94 -36.61
CA ASP E 216 47.12 -17.18 -37.20
C ASP E 216 47.26 -17.05 -38.73
N TRP E 217 46.24 -16.46 -39.36
CA TRP E 217 46.22 -16.21 -40.81
C TRP E 217 47.38 -15.30 -41.22
N GLN E 218 47.47 -14.15 -40.54
CA GLN E 218 48.56 -13.19 -40.70
C GLN E 218 49.94 -13.87 -40.60
N GLY E 219 50.09 -14.67 -39.56
CA GLY E 219 51.34 -15.39 -39.30
C GLY E 219 51.80 -16.29 -40.44
N ALA E 220 50.85 -16.94 -41.10
CA ALA E 220 51.14 -17.85 -42.19
C ALA E 220 51.17 -17.20 -43.57
N PHE E 221 50.30 -16.22 -43.79
CA PHE E 221 50.06 -15.65 -45.12
C PHE E 221 50.42 -14.18 -45.30
N GLY E 222 50.86 -13.53 -44.22
CA GLY E 222 51.34 -12.16 -44.29
C GLY E 222 50.26 -11.10 -44.47
N ARG E 223 49.01 -11.51 -44.29
CA ARG E 223 47.85 -10.60 -44.32
C ARG E 223 46.70 -11.16 -43.49
N THR E 224 45.68 -10.33 -43.24
CA THR E 224 44.47 -10.77 -42.47
C THR E 224 43.24 -10.96 -43.36
N SER E 225 43.42 -10.74 -44.65
CA SER E 225 42.34 -10.93 -45.63
C SER E 225 42.46 -12.29 -46.34
N ILE E 226 41.35 -12.71 -46.95
CA ILE E 226 41.25 -14.04 -47.56
C ILE E 226 42.07 -14.14 -48.87
N HIS F 7 7.96 -26.57 17.79
CA HIS F 7 6.96 -26.02 16.82
C HIS F 7 5.88 -25.21 17.52
N GLU F 8 5.41 -24.17 16.84
CA GLU F 8 4.37 -23.26 17.39
C GLU F 8 3.11 -23.15 16.54
N LEU F 9 1.99 -23.64 17.10
CA LEU F 9 0.68 -23.61 16.43
C LEU F 9 -0.21 -22.47 16.94
N TYR F 10 -0.59 -21.59 16.02
CA TYR F 10 -1.41 -20.45 16.33
C TYR F 10 -2.75 -20.51 15.61
N LEU F 11 -3.73 -19.80 16.18
CA LEU F 11 -4.99 -19.53 15.52
C LEU F 11 -5.07 -18.10 15.06
N ASP F 12 -5.59 -17.91 13.87
CA ASP F 12 -5.59 -16.64 13.16
C ASP F 12 -6.99 -16.08 13.25
N THR F 13 -7.26 -15.31 14.30
CA THR F 13 -8.64 -14.99 14.65
C THR F 13 -8.76 -13.87 15.70
N SER F 14 -9.90 -13.16 15.67
CA SER F 14 -10.28 -12.24 16.79
C SER F 14 -11.56 -12.73 17.50
N ASP F 15 -11.94 -13.99 17.25
CA ASP F 15 -13.15 -14.59 17.77
C ASP F 15 -12.92 -15.22 19.14
N VAL F 16 -13.19 -14.44 20.18
CA VAL F 16 -12.81 -14.79 21.55
C VAL F 16 -13.45 -16.10 22.03
N VAL F 17 -14.74 -16.26 21.72
CA VAL F 17 -15.52 -17.43 22.14
C VAL F 17 -14.96 -18.70 21.48
N ALA F 18 -14.76 -18.64 20.17
CA ALA F 18 -14.11 -19.73 19.42
C ALA F 18 -12.73 -20.07 20.00
N VAL F 19 -11.93 -19.05 20.29
CA VAL F 19 -10.60 -19.29 20.88
C VAL F 19 -10.68 -20.02 22.19
N LYS F 20 -11.61 -19.61 23.04
CA LYS F 20 -11.82 -20.30 24.34
C LYS F 20 -12.18 -21.76 24.14
N ALA F 21 -13.12 -22.00 23.25
CA ALA F 21 -13.57 -23.39 22.97
C ALA F 21 -12.47 -24.26 22.32
N LEU F 22 -11.76 -23.66 21.35
CA LEU F 22 -10.75 -24.41 20.59
C LEU F 22 -9.42 -24.59 21.31
N SER F 23 -9.20 -23.80 22.37
CA SER F 23 -7.95 -23.88 23.15
C SER F 23 -7.85 -25.12 24.03
N ARG F 24 -8.99 -25.74 24.36
CA ARG F 24 -8.96 -27.01 25.11
C ARG F 24 -8.75 -28.21 24.16
N ILE F 25 -8.99 -27.99 22.88
CA ILE F 25 -8.83 -29.01 21.85
C ILE F 25 -7.41 -29.00 21.22
N PHE F 26 -7.05 -27.88 20.61
CA PHE F 26 -5.76 -27.74 19.94
C PHE F 26 -4.63 -27.41 20.91
N PRO F 27 -3.41 -27.91 20.63
CA PRO F 27 -2.23 -27.53 21.40
C PRO F 27 -1.68 -26.19 20.92
N LEU F 28 -2.32 -25.11 21.36
CA LEU F 28 -2.02 -23.77 20.87
C LEU F 28 -0.84 -23.13 21.58
N ALA F 29 -0.01 -22.47 20.78
CA ALA F 29 1.06 -21.60 21.32
C ALA F 29 0.53 -20.17 21.52
N GLY F 30 -0.61 -19.85 20.91
CA GLY F 30 -1.15 -18.51 20.96
C GLY F 30 -2.18 -18.19 19.92
N VAL F 31 -2.35 -16.89 19.69
CA VAL F 31 -3.24 -16.37 18.66
C VAL F 31 -2.57 -15.23 17.90
N THR F 32 -2.75 -15.20 16.57
CA THR F 32 -2.34 -14.10 15.77
C THR F 32 -3.51 -13.27 15.32
N THR F 33 -3.29 -11.98 15.18
CA THR F 33 -4.25 -11.08 14.56
C THR F 33 -3.58 -10.20 13.51
N ASN F 34 -4.41 -9.61 12.66
CA ASN F 34 -4.00 -8.57 11.74
C ASN F 34 -5.14 -7.56 11.63
N PRO F 35 -4.92 -6.42 10.97
CA PRO F 35 -5.96 -5.37 10.98
C PRO F 35 -7.30 -5.78 10.40
N SER F 36 -7.29 -6.65 9.38
CA SER F 36 -8.56 -7.11 8.79
C SER F 36 -9.32 -8.03 9.74
N ILE F 37 -8.56 -8.84 10.46
CA ILE F 37 -9.14 -9.80 11.41
C ILE F 37 -9.73 -9.05 12.61
N ILE F 38 -9.02 -8.02 13.08
CA ILE F 38 -9.48 -7.19 14.20
C ILE F 38 -10.74 -6.42 13.78
N ALA F 39 -10.64 -5.75 12.63
CA ALA F 39 -11.77 -5.02 12.04
C ALA F 39 -13.05 -5.86 11.92
N ALA F 40 -12.91 -7.06 11.34
CA ALA F 40 -14.03 -8.00 11.17
C ALA F 40 -14.72 -8.41 12.49
N GLY F 41 -13.96 -8.42 13.59
CA GLY F 41 -14.47 -8.69 14.93
C GLY F 41 -15.08 -7.47 15.63
N LYS F 42 -14.75 -6.28 15.13
CA LYS F 42 -15.40 -5.00 15.49
C LYS F 42 -15.05 -4.45 16.89
N LYS F 43 -14.27 -5.21 17.65
CA LYS F 43 -13.82 -4.78 18.96
C LYS F 43 -12.45 -4.09 18.83
N PRO F 44 -12.26 -2.96 19.52
CA PRO F 44 -10.96 -2.32 19.53
C PRO F 44 -9.86 -3.14 20.20
N LEU F 45 -8.62 -2.81 19.86
CA LEU F 45 -7.44 -3.56 20.36
C LEU F 45 -7.39 -3.66 21.88
N ASP F 46 -7.65 -2.55 22.56
CA ASP F 46 -7.57 -2.53 24.04
C ASP F 46 -8.69 -3.35 24.70
N VAL F 47 -9.70 -3.71 23.92
CA VAL F 47 -10.69 -4.72 24.33
C VAL F 47 -10.32 -6.18 23.93
N VAL F 48 -10.15 -6.45 22.62
CA VAL F 48 -9.98 -7.86 22.13
C VAL F 48 -8.73 -8.51 22.65
N LEU F 49 -7.64 -7.76 22.68
CA LEU F 49 -6.37 -8.35 23.05
C LEU F 49 -6.38 -8.99 24.45
N PRO F 50 -6.73 -8.22 25.52
CA PRO F 50 -6.82 -8.83 26.84
C PRO F 50 -7.85 -9.99 26.90
N GLN F 51 -8.95 -9.84 26.20
CA GLN F 51 -9.95 -10.90 26.10
C GLN F 51 -9.39 -12.17 25.44
N LEU F 52 -8.65 -12.00 24.34
CA LEU F 52 -7.99 -13.13 23.68
C LEU F 52 -6.98 -13.77 24.61
N HIS F 53 -6.19 -12.94 25.29
CA HIS F 53 -5.21 -13.45 26.26
C HIS F 53 -5.88 -14.31 27.34
N GLU F 54 -7.00 -13.81 27.88
CA GLU F 54 -7.77 -14.54 28.92
C GLU F 54 -8.37 -15.84 28.37
N ALA F 55 -8.94 -15.75 27.17
CA ALA F 55 -9.57 -16.89 26.53
C ALA F 55 -8.65 -18.10 26.27
N MET F 56 -7.34 -17.88 26.41
CA MET F 56 -6.34 -18.93 26.32
C MET F 56 -5.80 -19.41 27.67
N GLY F 57 -6.46 -19.04 28.75
CA GLY F 57 -6.02 -19.39 30.10
C GLY F 57 -4.85 -18.56 30.60
N GLY F 58 -4.77 -17.32 30.13
CA GLY F 58 -3.73 -16.38 30.55
C GLY F 58 -2.32 -16.79 30.15
N GLN F 59 -2.21 -17.71 29.20
CA GLN F 59 -0.93 -18.20 28.71
C GLN F 59 -0.90 -18.16 27.18
N GLY F 60 0.28 -18.31 26.63
CA GLY F 60 0.47 -18.28 25.19
C GLY F 60 0.80 -16.88 24.68
N ARG F 61 1.26 -16.85 23.44
CA ARG F 61 1.78 -15.63 22.83
C ARG F 61 0.70 -14.96 21.99
N LEU F 62 0.73 -13.63 21.95
CA LEU F 62 -0.14 -12.84 21.06
C LEU F 62 0.66 -12.06 20.05
N PHE F 63 0.04 -11.82 18.89
CA PHE F 63 0.58 -10.99 17.84
C PHE F 63 -0.44 -9.98 17.38
N ALA F 64 0.02 -8.74 17.17
CA ALA F 64 -0.81 -7.73 16.55
C ALA F 64 0.01 -6.75 15.74
N GLN F 65 -0.66 -6.08 14.81
CA GLN F 65 -0.01 -5.34 13.76
C GLN F 65 -0.08 -3.82 13.92
N VAL F 66 1.02 -3.15 13.53
CA VAL F 66 1.04 -1.68 13.48
C VAL F 66 0.25 -1.20 12.30
N MET F 67 -0.13 0.07 12.33
CA MET F 67 -0.94 0.69 11.27
C MET F 67 -0.27 1.90 10.60
N ALA F 68 0.73 2.47 11.27
CA ALA F 68 1.38 3.68 10.77
C ALA F 68 2.20 3.42 9.50
N THR F 69 2.48 4.52 8.80
CA THR F 69 3.08 4.54 7.46
C THR F 69 4.57 4.84 7.51
N THR F 70 5.00 5.51 8.58
CA THR F 70 6.40 5.85 8.76
C THR F 70 7.00 4.98 9.80
N ALA F 71 8.34 4.85 9.73
CA ALA F 71 9.06 4.01 10.69
C ALA F 71 8.84 4.50 12.12
N GLU F 72 8.95 5.82 12.31
CA GLU F 72 8.73 6.44 13.64
C GLU F 72 7.34 6.17 14.17
N GLY F 73 6.35 6.38 13.31
CA GLY F 73 4.94 6.09 13.66
C GLY F 73 4.68 4.64 13.98
N MET F 74 5.39 3.74 13.31
CA MET F 74 5.26 2.27 13.58
C MET F 74 5.87 1.90 14.92
N VAL F 75 6.97 2.55 15.27
CA VAL F 75 7.61 2.34 16.58
C VAL F 75 6.67 2.78 17.71
N ASN F 76 6.02 3.92 17.49
CA ASN F 76 4.99 4.43 18.44
C ASN F 76 3.79 3.51 18.57
N ASP F 77 3.36 2.95 17.44
CA ASP F 77 2.27 1.95 17.41
C ASP F 77 2.64 0.71 18.19
N ALA F 78 3.89 0.30 18.05
CA ALA F 78 4.43 -0.84 18.79
C ALA F 78 4.34 -0.63 20.30
N LEU F 79 4.73 0.57 20.75
CA LEU F 79 4.69 0.90 22.20
C LEU F 79 3.27 0.87 22.72
N LYS F 80 2.34 1.41 21.94
CA LYS F 80 0.91 1.33 22.26
C LYS F 80 0.45 -0.11 22.41
N LEU F 81 0.85 -0.96 21.47
CA LEU F 81 0.48 -2.41 21.53
C LEU F 81 1.07 -3.10 22.74
N ARG F 82 2.33 -2.79 23.02
CA ARG F 82 3.02 -3.36 24.19
C ARG F 82 2.40 -2.89 25.54
N SER F 83 1.81 -1.70 25.55
CA SER F 83 1.18 -1.17 26.78
C SER F 83 -0.15 -1.88 27.07
N ILE F 84 -0.72 -2.49 26.04
CA ILE F 84 -1.94 -3.29 26.19
C ILE F 84 -1.60 -4.71 26.61
N ILE F 85 -0.67 -5.32 25.87
CA ILE F 85 -0.16 -6.66 26.18
C ILE F 85 1.34 -6.59 26.27
N ALA F 86 1.87 -6.78 27.48
CA ALA F 86 3.29 -6.49 27.80
C ALA F 86 4.30 -7.31 26.99
N ASP F 87 3.96 -8.58 26.75
CA ASP F 87 4.83 -9.51 26.02
C ASP F 87 4.41 -9.79 24.56
N ILE F 88 3.64 -8.87 23.97
CA ILE F 88 3.07 -9.07 22.65
C ILE F 88 4.16 -8.96 21.57
N VAL F 89 4.04 -9.78 20.52
CA VAL F 89 4.94 -9.68 19.36
C VAL F 89 4.33 -8.71 18.40
N VAL F 90 5.12 -7.77 17.94
CA VAL F 90 4.63 -6.74 17.04
C VAL F 90 4.84 -7.10 15.56
N LYS F 91 3.74 -7.13 14.81
CA LYS F 91 3.77 -7.35 13.39
C LYS F 91 4.02 -6.07 12.62
N VAL F 92 5.04 -6.09 11.77
CA VAL F 92 5.38 -4.97 10.93
C VAL F 92 5.37 -5.36 9.45
N PRO F 93 4.50 -4.72 8.64
CA PRO F 93 4.62 -5.01 7.22
C PRO F 93 6.01 -4.81 6.65
N VAL F 94 6.47 -5.74 5.82
CA VAL F 94 7.83 -5.65 5.28
C VAL F 94 7.83 -4.76 4.07
N THR F 95 7.87 -3.47 4.37
CA THR F 95 8.10 -2.38 3.40
C THR F 95 9.38 -1.64 3.75
N ALA F 96 9.74 -0.63 2.98
CA ALA F 96 10.95 0.16 3.25
C ALA F 96 10.91 0.71 4.69
N GLU F 97 9.82 1.39 5.03
CA GLU F 97 9.67 1.98 6.39
C GLU F 97 9.54 0.91 7.46
N GLY F 98 8.82 -0.16 7.13
CA GLY F 98 8.72 -1.32 8.00
C GLY F 98 10.06 -1.93 8.37
N LEU F 99 10.91 -2.11 7.39
CA LEU F 99 12.31 -2.55 7.61
C LEU F 99 13.10 -1.65 8.60
N ALA F 100 13.03 -0.35 8.36
CA ALA F 100 13.63 0.65 9.25
C ALA F 100 13.04 0.58 10.64
N ALA F 101 11.72 0.45 10.71
CA ALA F 101 11.03 0.23 11.99
C ALA F 101 11.51 -1.03 12.71
N ILE F 102 11.66 -2.13 11.96
CA ILE F 102 12.12 -3.40 12.57
C ILE F 102 13.49 -3.23 13.16
N LYS F 103 14.37 -2.55 12.45
CA LYS F 103 15.72 -2.26 12.98
C LYS F 103 15.65 -1.45 14.29
N MET F 104 14.77 -0.46 14.31
CA MET F 104 14.61 0.40 15.50
C MET F 104 14.05 -0.37 16.68
N LEU F 105 13.07 -1.21 16.41
CA LEU F 105 12.45 -2.06 17.44
C LEU F 105 13.41 -3.14 17.96
N LYS F 106 14.30 -3.61 17.09
CA LYS F 106 15.38 -4.53 17.50
C LYS F 106 16.27 -3.84 18.55
N ALA F 107 16.68 -2.62 18.24
CA ALA F 107 17.53 -1.83 19.15
C ALA F 107 16.84 -1.57 20.48
N GLU F 108 15.52 -1.38 20.44
CA GLU F 108 14.71 -1.20 21.65
C GLU F 108 14.31 -2.47 22.41
N GLY F 109 14.69 -3.65 21.88
CA GLY F 109 14.44 -4.94 22.53
C GLY F 109 12.99 -5.43 22.46
N ILE F 110 12.22 -4.88 21.53
CA ILE F 110 10.83 -5.30 21.29
C ILE F 110 10.78 -6.35 20.15
N PRO F 111 10.37 -7.59 20.46
CA PRO F 111 10.30 -8.63 19.40
C PRO F 111 9.30 -8.34 18.31
N THR F 112 9.73 -8.59 17.07
CA THR F 112 8.90 -8.28 15.88
C THR F 112 8.67 -9.48 14.96
N LEU F 113 7.62 -9.36 14.16
CA LEU F 113 7.30 -10.27 13.13
C LEU F 113 7.18 -9.48 11.84
N GLY F 114 7.89 -9.92 10.82
CA GLY F 114 7.85 -9.29 9.49
C GLY F 114 6.72 -9.87 8.68
N THR F 115 5.73 -9.06 8.37
CA THR F 115 4.48 -9.54 7.75
C THR F 115 4.24 -8.99 6.35
N ALA F 116 3.14 -9.44 5.74
CA ALA F 116 2.77 -9.08 4.37
C ALA F 116 3.88 -9.44 3.41
N VAL F 117 4.40 -10.63 3.60
CA VAL F 117 5.52 -11.10 2.82
C VAL F 117 4.93 -11.87 1.62
N TYR F 118 5.26 -11.39 0.42
CA TYR F 118 4.87 -11.98 -0.83
C TYR F 118 6.07 -12.57 -1.59
N GLY F 119 7.27 -12.46 -1.00
CA GLY F 119 8.49 -12.94 -1.67
C GLY F 119 9.49 -13.38 -0.66
N ALA F 120 10.36 -14.30 -1.06
CA ALA F 120 11.36 -14.92 -0.13
C ALA F 120 12.48 -13.98 0.32
N ALA F 121 12.97 -13.19 -0.62
CA ALA F 121 14.04 -12.25 -0.34
C ALA F 121 13.55 -11.15 0.59
N GLN F 122 12.37 -10.66 0.29
CA GLN F 122 11.68 -9.68 1.10
C GLN F 122 11.60 -10.16 2.54
N GLY F 123 11.15 -11.39 2.70
CA GLY F 123 11.05 -12.02 4.01
C GLY F 123 12.37 -12.13 4.71
N LEU F 124 13.39 -12.59 3.97
CA LEU F 124 14.75 -12.66 4.54
C LEU F 124 15.27 -11.30 5.06
N LEU F 125 15.09 -10.26 4.28
CA LEU F 125 15.51 -8.89 4.69
C LEU F 125 14.93 -8.48 6.04
N SER F 126 13.66 -8.84 6.29
CA SER F 126 13.00 -8.54 7.56
C SER F 126 13.63 -9.28 8.72
N ALA F 127 14.04 -10.52 8.47
CA ALA F 127 14.79 -11.30 9.47
C ALA F 127 16.22 -10.75 9.74
N LEU F 128 16.93 -10.41 8.68
CA LEU F 128 18.28 -9.79 8.81
C LEU F 128 18.19 -8.48 9.60
N ALA F 129 17.06 -7.78 9.46
CA ALA F 129 16.83 -6.52 10.14
C ALA F 129 16.53 -6.71 11.61
N GLY F 130 16.20 -7.94 12.01
CA GLY F 130 15.99 -8.29 13.41
C GLY F 130 14.69 -9.02 13.75
N ALA F 131 13.79 -9.15 12.78
CA ALA F 131 12.51 -9.85 13.01
C ALA F 131 12.72 -11.29 13.42
N GLU F 132 11.95 -11.70 14.41
CA GLU F 132 12.09 -13.02 15.01
C GLU F 132 11.20 -14.03 14.24
N TYR F 133 10.13 -13.49 13.62
CA TYR F 133 9.20 -14.27 12.83
C TYR F 133 9.00 -13.58 11.50
N VAL F 134 8.75 -14.38 10.46
CA VAL F 134 8.51 -13.89 9.12
C VAL F 134 7.27 -14.61 8.57
N ALA F 135 6.27 -13.83 8.17
CA ALA F 135 4.97 -14.35 7.79
C ALA F 135 4.60 -14.15 6.33
N PRO F 136 4.89 -15.17 5.48
CA PRO F 136 4.46 -15.11 4.09
C PRO F 136 2.95 -15.37 4.00
N TYR F 137 2.29 -14.69 3.08
CA TYR F 137 0.85 -14.85 2.87
C TYR F 137 0.60 -15.89 1.77
N VAL F 138 0.62 -17.12 2.19
CA VAL F 138 0.60 -18.30 1.31
C VAL F 138 -0.52 -18.29 0.28
N ASN F 139 -1.76 -18.13 0.72
CA ASN F 139 -2.89 -18.10 -0.22
C ASN F 139 -2.99 -16.87 -1.09
N ARG F 140 -2.54 -15.74 -0.56
CA ARG F 140 -2.46 -14.53 -1.37
C ARG F 140 -1.52 -14.75 -2.57
N ILE F 141 -0.38 -15.38 -2.31
CA ILE F 141 0.59 -15.67 -3.38
C ILE F 141 -0.03 -16.66 -4.37
N ASP F 142 -0.61 -17.72 -3.85
CA ASP F 142 -1.33 -18.73 -4.71
C ASP F 142 -2.46 -18.10 -5.53
N ALA F 143 -3.27 -17.25 -4.87
CA ALA F 143 -4.41 -16.65 -5.52
C ALA F 143 -4.01 -15.73 -6.64
N GLN F 144 -2.88 -15.06 -6.46
CA GLN F 144 -2.37 -14.12 -7.45
C GLN F 144 -1.41 -14.69 -8.47
N GLY F 145 -1.42 -16.00 -8.65
CA GLY F 145 -0.80 -16.65 -9.82
C GLY F 145 0.62 -17.13 -9.58
N GLY F 146 1.07 -17.05 -8.33
CA GLY F 146 2.42 -17.47 -7.96
C GLY F 146 2.39 -18.87 -7.38
N SER F 147 3.39 -19.19 -6.54
CA SER F 147 3.40 -20.45 -5.76
C SER F 147 3.72 -20.19 -4.30
N GLY F 148 2.66 -20.16 -3.50
CA GLY F 148 2.81 -19.92 -2.07
C GLY F 148 3.76 -20.88 -1.42
N ILE F 149 3.61 -22.15 -1.78
CA ILE F 149 4.45 -23.19 -1.24
C ILE F 149 5.93 -23.04 -1.61
N GLN F 150 6.22 -22.71 -2.84
CA GLN F 150 7.61 -22.48 -3.24
C GLN F 150 8.22 -21.29 -2.47
N THR F 151 7.44 -20.23 -2.33
CA THR F 151 7.88 -19.01 -1.60
C THR F 151 8.24 -19.38 -0.17
N VAL F 152 7.37 -20.16 0.46
CA VAL F 152 7.55 -20.62 1.84
C VAL F 152 8.76 -21.50 1.94
N THR F 153 8.85 -22.44 1.01
CA THR F 153 10.03 -23.35 0.94
C THR F 153 11.33 -22.56 0.82
N ASP F 154 11.34 -21.62 -0.14
CA ASP F 154 12.53 -20.83 -0.35
C ASP F 154 12.84 -19.98 0.91
N LEU F 155 11.80 -19.39 1.49
CA LEU F 155 11.98 -18.52 2.65
C LEU F 155 12.55 -19.27 3.83
N HIS F 156 11.95 -20.42 4.15
CA HIS F 156 12.48 -21.22 5.20
C HIS F 156 13.98 -21.50 5.01
N GLN F 157 14.34 -21.95 3.81
CA GLN F 157 15.76 -22.28 3.53
C GLN F 157 16.65 -21.03 3.73
N LEU F 158 16.17 -19.89 3.29
CA LEU F 158 16.93 -18.62 3.44
C LEU F 158 17.16 -18.28 4.92
N LEU F 159 16.10 -18.40 5.73
CA LEU F 159 16.22 -18.12 7.16
C LEU F 159 17.19 -19.08 7.81
N LYS F 160 17.05 -20.36 7.50
CA LYS F 160 17.93 -21.39 8.02
C LYS F 160 19.43 -21.18 7.71
N MET F 161 19.69 -20.76 6.50
CA MET F 161 21.06 -20.56 6.07
C MET F 161 21.60 -19.20 6.53
N HIS F 162 20.76 -18.17 6.41
CA HIS F 162 21.24 -16.78 6.46
C HIS F 162 20.79 -15.97 7.67
N ALA F 163 19.73 -16.39 8.34
CA ALA F 163 19.24 -15.74 9.58
C ALA F 163 18.55 -16.74 10.49
N PRO F 164 19.31 -17.67 11.05
CA PRO F 164 18.79 -18.85 11.73
C PRO F 164 18.06 -18.59 13.05
N GLN F 165 18.22 -17.39 13.60
CA GLN F 165 17.47 -17.00 14.81
C GLN F 165 15.99 -16.73 14.48
N ALA F 166 15.71 -16.50 13.21
CA ALA F 166 14.36 -16.20 12.75
C ALA F 166 13.57 -17.46 12.28
N LYS F 167 12.26 -17.38 12.45
CA LYS F 167 11.35 -18.50 12.11
C LYS F 167 10.31 -18.06 11.11
N VAL F 168 9.97 -18.96 10.21
CA VAL F 168 8.82 -18.78 9.36
C VAL F 168 7.53 -19.01 10.17
N LEU F 169 6.64 -18.04 10.12
CA LEU F 169 5.25 -18.18 10.65
C LEU F 169 4.30 -18.10 9.49
N ALA F 170 4.01 -19.26 8.93
CA ALA F 170 3.22 -19.32 7.69
C ALA F 170 1.77 -18.91 7.99
N ALA F 171 1.21 -18.13 7.10
CA ALA F 171 -0.14 -17.58 7.23
C ALA F 171 -0.91 -17.52 5.91
N SER F 172 -2.21 -17.23 6.03
CA SER F 172 -3.12 -17.03 4.90
C SER F 172 -3.41 -18.38 4.22
N PHE F 173 -4.49 -19.04 4.67
CA PHE F 173 -4.83 -20.38 4.22
C PHE F 173 -6.30 -20.49 3.83
N LYS F 174 -6.56 -21.16 2.70
CA LYS F 174 -7.94 -21.54 2.32
C LYS F 174 -8.20 -23.04 2.42
N THR F 175 -7.14 -23.85 2.51
CA THR F 175 -7.32 -25.29 2.54
C THR F 175 -6.22 -25.91 3.42
N PRO F 176 -6.54 -27.02 4.11
CA PRO F 176 -5.50 -27.74 4.88
C PRO F 176 -4.24 -28.20 4.10
N ARG F 177 -4.39 -28.52 2.83
CA ARG F 177 -3.25 -28.93 1.96
C ARG F 177 -2.11 -27.91 1.92
N GLN F 178 -2.49 -26.64 1.85
CA GLN F 178 -1.54 -25.55 2.00
C GLN F 178 -0.80 -25.55 3.31
N ALA F 179 -1.52 -25.81 4.41
CA ALA F 179 -0.90 -25.83 5.74
C ALA F 179 0.07 -27.00 5.84
N LEU F 180 -0.38 -28.17 5.42
CA LEU F 180 0.43 -29.36 5.36
C LEU F 180 1.75 -29.14 4.61
N ASP F 181 1.66 -28.54 3.45
CA ASP F 181 2.85 -28.33 2.62
C ASP F 181 3.85 -27.36 3.31
N CYS F 182 3.33 -26.34 3.99
CA CYS F 182 4.17 -25.40 4.75
C CYS F 182 4.87 -26.11 5.88
N LEU F 183 4.12 -26.96 6.59
CA LEU F 183 4.70 -27.82 7.60
C LEU F 183 5.78 -28.77 6.99
N LEU F 184 5.47 -29.37 5.85
CA LEU F 184 6.40 -30.30 5.19
C LEU F 184 7.68 -29.58 4.72
N ALA F 185 7.53 -28.29 4.40
CA ALA F 185 8.63 -27.45 3.99
C ALA F 185 9.52 -27.04 5.19
N GLY F 186 9.06 -27.31 6.39
CA GLY F 186 9.83 -27.08 7.60
C GLY F 186 9.46 -25.84 8.43
N CYS F 187 8.38 -25.14 8.06
CA CYS F 187 7.88 -24.00 8.86
C CYS F 187 7.77 -24.29 10.34
N GLU F 188 8.50 -23.50 11.13
CA GLU F 188 8.62 -23.76 12.59
C GLU F 188 7.44 -23.20 13.35
N SER F 189 6.69 -22.35 12.68
CA SER F 189 5.40 -21.90 13.19
C SER F 189 4.39 -21.74 12.06
N ILE F 190 3.11 -21.77 12.45
CA ILE F 190 2.03 -21.62 11.55
C ILE F 190 0.80 -21.03 12.26
N THR F 191 -0.02 -20.31 11.50
CA THR F 191 -1.29 -19.83 12.03
C THR F 191 -2.43 -20.14 11.10
N LEU F 192 -3.46 -20.73 11.68
CA LEU F 192 -4.62 -21.21 10.90
C LEU F 192 -5.87 -20.39 11.14
N PRO F 193 -6.62 -20.09 10.06
CA PRO F 193 -7.95 -19.57 10.31
C PRO F 193 -8.85 -20.69 10.82
N LEU F 194 -9.98 -20.33 11.40
CA LEU F 194 -10.83 -21.27 12.15
C LEU F 194 -11.39 -22.37 11.26
N ASP F 195 -11.82 -22.00 10.07
CA ASP F 195 -12.43 -23.01 9.17
C ASP F 195 -11.43 -24.11 8.75
N VAL F 196 -10.20 -23.71 8.46
CA VAL F 196 -9.11 -24.65 8.10
C VAL F 196 -8.66 -25.51 9.26
N ALA F 197 -8.51 -24.90 10.43
CA ALA F 197 -8.20 -25.64 11.65
C ALA F 197 -9.25 -26.72 11.93
N GLN F 198 -10.51 -26.36 11.79
CA GLN F 198 -11.63 -27.32 12.05
C GLN F 198 -11.66 -28.46 11.03
N GLN F 199 -11.40 -28.13 9.77
CA GLN F 199 -11.29 -29.16 8.70
C GLN F 199 -10.11 -30.13 8.99
N MET F 200 -9.05 -29.61 9.63
CA MET F 200 -7.84 -30.37 9.92
C MET F 200 -8.03 -31.42 11.01
N ILE F 201 -9.13 -31.32 11.75
CA ILE F 201 -9.46 -32.33 12.80
C ILE F 201 -10.78 -33.11 12.59
N SER F 202 -11.42 -32.89 11.46
CA SER F 202 -12.68 -33.55 11.14
C SER F 202 -12.65 -34.24 9.80
N TYR F 203 -12.72 -35.56 9.85
CA TYR F 203 -12.63 -36.40 8.61
C TYR F 203 -13.72 -37.45 8.60
N PRO F 204 -14.48 -37.53 7.51
CA PRO F 204 -15.47 -38.61 7.33
C PRO F 204 -14.88 -40.00 7.50
N ALA F 205 -13.69 -40.22 6.97
CA ALA F 205 -13.05 -41.55 7.03
C ALA F 205 -12.72 -41.94 8.48
N VAL F 206 -12.28 -40.95 9.26
CA VAL F 206 -11.98 -41.15 10.66
C VAL F 206 -13.25 -41.46 11.45
N ASP F 207 -14.32 -40.69 11.19
CA ASP F 207 -15.61 -40.89 11.88
C ASP F 207 -16.13 -42.31 11.58
N ALA F 208 -15.96 -42.74 10.34
CA ALA F 208 -16.36 -44.12 9.94
C ALA F 208 -15.55 -45.19 10.63
N ALA F 209 -14.25 -44.93 10.86
CA ALA F 209 -13.39 -45.89 11.57
C ALA F 209 -13.77 -46.01 13.04
N VAL F 210 -14.11 -44.87 13.64
CA VAL F 210 -14.65 -44.84 15.00
C VAL F 210 -16.02 -45.59 15.13
N ALA F 211 -16.93 -45.30 14.21
CA ALA F 211 -18.26 -45.96 14.19
C ALA F 211 -18.13 -47.48 14.06
N LYS F 212 -17.27 -47.90 13.14
CA LYS F 212 -16.88 -49.31 12.98
C LYS F 212 -16.38 -49.96 14.28
N PHE F 213 -15.47 -49.28 14.99
CA PHE F 213 -15.00 -49.80 16.27
C PHE F 213 -16.14 -50.02 17.28
N GLU F 214 -17.04 -49.05 17.36
CA GLU F 214 -18.20 -49.12 18.25
C GLU F 214 -19.15 -50.26 17.88
N GLN F 215 -19.43 -50.43 16.59
CA GLN F 215 -20.23 -51.54 16.07
C GLN F 215 -19.62 -52.92 16.36
N ASP F 216 -18.31 -53.06 16.17
CA ASP F 216 -17.62 -54.31 16.47
C ASP F 216 -17.65 -54.63 17.98
N TRP F 217 -17.42 -53.59 18.79
CA TRP F 217 -17.48 -53.72 20.26
C TRP F 217 -18.87 -54.17 20.73
N GLN F 218 -19.88 -53.42 20.29
CA GLN F 218 -21.30 -53.72 20.54
C GLN F 218 -21.65 -55.17 20.18
N GLY F 219 -21.23 -55.59 18.99
CA GLY F 219 -21.46 -56.93 18.48
C GLY F 219 -20.93 -58.03 19.38
N ALA F 220 -19.75 -57.80 19.96
CA ALA F 220 -19.10 -58.81 20.83
C ALA F 220 -19.50 -58.70 22.30
N PHE F 221 -19.70 -57.47 22.77
CA PHE F 221 -19.87 -57.22 24.22
C PHE F 221 -21.23 -56.66 24.65
N GLY F 222 -22.11 -56.39 23.70
CA GLY F 222 -23.47 -55.94 23.99
C GLY F 222 -23.59 -54.50 24.48
N ARG F 223 -22.50 -53.74 24.34
CA ARG F 223 -22.50 -52.31 24.65
C ARG F 223 -21.43 -51.59 23.82
N THR F 224 -21.47 -50.26 23.82
CA THR F 224 -20.45 -49.43 23.11
C THR F 224 -19.43 -48.78 24.06
N SER F 225 -19.55 -49.05 25.35
CA SER F 225 -18.66 -48.50 26.37
C SER F 225 -17.63 -49.52 26.83
N ILE F 226 -16.56 -49.03 27.44
CA ILE F 226 -15.42 -49.85 27.77
C ILE F 226 -15.70 -50.79 28.94
N HIS G 7 14.48 -49.29 17.29
CA HIS G 7 13.23 -49.65 16.56
C HIS G 7 12.36 -50.60 17.40
N GLU G 8 11.05 -50.44 17.27
CA GLU G 8 10.06 -51.25 18.04
C GLU G 8 9.06 -52.04 17.17
N LEU G 9 9.20 -53.37 17.21
CA LEU G 9 8.35 -54.29 16.43
C LEU G 9 7.23 -54.87 17.27
N TYR G 10 6.00 -54.58 16.84
CA TYR G 10 4.82 -55.07 17.55
C TYR G 10 4.01 -56.05 16.70
N LEU G 11 3.22 -56.86 17.40
CA LEU G 11 2.17 -57.65 16.76
C LEU G 11 0.83 -57.05 17.04
N ASP G 12 0.00 -57.06 16.01
CA ASP G 12 -1.33 -56.44 16.07
C ASP G 12 -2.39 -57.55 16.19
N THR G 13 -2.73 -57.91 17.43
CA THR G 13 -3.48 -59.16 17.69
C THR G 13 -4.02 -59.26 19.11
N SER G 14 -5.10 -60.05 19.28
CA SER G 14 -5.59 -60.46 20.60
C SER G 14 -5.50 -61.98 20.75
N ASP G 15 -4.73 -62.60 19.87
CA ASP G 15 -4.56 -64.06 19.83
C ASP G 15 -3.41 -64.49 20.74
N VAL G 16 -3.76 -64.83 21.98
CA VAL G 16 -2.79 -65.13 23.05
C VAL G 16 -1.87 -66.32 22.75
N VAL G 17 -2.42 -67.39 22.20
CA VAL G 17 -1.64 -68.59 21.81
C VAL G 17 -0.64 -68.28 20.70
N ALA G 18 -1.10 -67.61 19.64
CA ALA G 18 -0.22 -67.14 18.56
C ALA G 18 0.89 -66.23 19.11
N VAL G 19 0.54 -65.31 20.00
CA VAL G 19 1.56 -64.40 20.57
C VAL G 19 2.64 -65.18 21.30
N LYS G 20 2.23 -66.18 22.09
CA LYS G 20 3.18 -67.02 22.83
C LYS G 20 4.12 -67.76 21.89
N ALA G 21 3.54 -68.37 20.86
CA ALA G 21 4.33 -69.08 19.86
C ALA G 21 5.28 -68.14 19.06
N LEU G 22 4.76 -67.01 18.63
CA LEU G 22 5.51 -66.10 17.75
C LEU G 22 6.56 -65.25 18.49
N SER G 23 6.42 -65.14 19.82
CA SER G 23 7.32 -64.33 20.64
C SER G 23 8.72 -64.94 20.81
N ARG G 24 8.85 -66.26 20.60
CA ARG G 24 10.16 -66.90 20.59
C ARG G 24 10.85 -66.78 19.23
N ILE G 25 10.07 -66.47 18.21
CA ILE G 25 10.57 -66.29 16.85
C ILE G 25 10.95 -64.84 16.55
N PHE G 26 9.97 -63.95 16.65
CA PHE G 26 10.17 -62.53 16.33
C PHE G 26 10.77 -61.75 17.49
N PRO G 27 11.61 -60.74 17.20
CA PRO G 27 12.13 -59.85 18.24
C PRO G 27 11.11 -58.77 18.56
N LEU G 28 10.14 -59.12 19.40
CA LEU G 28 9.00 -58.27 19.70
C LEU G 28 9.25 -57.27 20.81
N ALA G 29 8.75 -56.05 20.60
CA ALA G 29 8.76 -55.02 21.65
C ALA G 29 7.44 -55.08 22.44
N GLY G 30 6.46 -55.76 21.87
CA GLY G 30 5.15 -55.81 22.49
C GLY G 30 4.03 -56.25 21.59
N VAL G 31 2.82 -55.94 22.02
CA VAL G 31 1.60 -56.22 21.28
C VAL G 31 0.68 -55.02 21.30
N THR G 32 0.08 -54.74 20.14
CA THR G 32 -0.96 -53.71 20.05
C THR G 32 -2.33 -54.32 19.87
N THR G 33 -3.32 -53.65 20.45
CA THR G 33 -4.71 -54.00 20.23
C THR G 33 -5.54 -52.77 19.86
N ASN G 34 -6.68 -53.00 19.25
CA ASN G 34 -7.71 -51.98 19.05
C ASN G 34 -9.10 -52.65 19.27
N PRO G 35 -10.19 -51.87 19.30
CA PRO G 35 -11.49 -52.45 19.68
C PRO G 35 -11.99 -53.57 18.75
N SER G 36 -11.67 -53.50 17.46
CA SER G 36 -12.05 -54.55 16.53
C SER G 36 -11.26 -55.83 16.75
N ILE G 37 -9.99 -55.68 17.10
CA ILE G 37 -9.13 -56.83 17.38
C ILE G 37 -9.51 -57.51 18.69
N ILE G 38 -9.86 -56.72 19.70
CA ILE G 38 -10.31 -57.24 20.99
C ILE G 38 -11.65 -57.96 20.81
N ALA G 39 -12.60 -57.27 20.17
CA ALA G 39 -13.93 -57.79 19.89
C ALA G 39 -13.86 -59.16 19.16
N ALA G 40 -13.07 -59.22 18.09
CA ALA G 40 -12.87 -60.45 17.30
C ALA G 40 -12.38 -61.65 18.16
N GLY G 41 -11.63 -61.35 19.21
CA GLY G 41 -11.08 -62.37 20.11
C GLY G 41 -12.07 -62.78 21.21
N LYS G 42 -13.05 -61.90 21.46
CA LYS G 42 -14.22 -62.17 22.29
C LYS G 42 -13.95 -62.16 23.80
N LYS G 43 -12.69 -62.01 24.19
CA LYS G 43 -12.33 -61.94 25.60
C LYS G 43 -12.31 -60.50 26.05
N PRO G 44 -12.87 -60.21 27.24
CA PRO G 44 -12.82 -58.83 27.73
C PRO G 44 -11.41 -58.35 28.09
N LEU G 45 -11.25 -57.03 28.16
CA LEU G 45 -9.94 -56.39 28.38
C LEU G 45 -9.23 -56.87 29.65
N ASP G 46 -10.00 -57.00 30.73
CA ASP G 46 -9.43 -57.46 32.01
C ASP G 46 -8.95 -58.92 31.97
N VAL G 47 -9.39 -59.67 30.95
CA VAL G 47 -8.89 -61.01 30.69
C VAL G 47 -7.72 -61.04 29.69
N VAL G 48 -7.95 -60.56 28.46
CA VAL G 48 -6.92 -60.67 27.40
C VAL G 48 -5.63 -59.93 27.73
N LEU G 49 -5.74 -58.75 28.31
CA LEU G 49 -4.55 -57.91 28.50
C LEU G 49 -3.50 -58.62 29.37
N PRO G 50 -3.87 -59.06 30.60
CA PRO G 50 -2.90 -59.78 31.41
C PRO G 50 -2.40 -61.06 30.73
N GLN G 51 -3.29 -61.74 30.02
CA GLN G 51 -2.91 -62.94 29.26
C GLN G 51 -1.87 -62.63 28.18
N LEU G 52 -2.11 -61.55 27.44
CA LEU G 52 -1.16 -61.11 26.41
C LEU G 52 0.17 -60.73 27.05
N HIS G 53 0.12 -60.02 28.17
CA HIS G 53 1.33 -59.63 28.90
C HIS G 53 2.14 -60.88 29.29
N GLU G 54 1.45 -61.88 29.82
CA GLU G 54 2.09 -63.14 30.21
C GLU G 54 2.67 -63.89 29.02
N ALA G 55 1.89 -63.95 27.95
CA ALA G 55 2.27 -64.68 26.73
C ALA G 55 3.56 -64.16 26.08
N MET G 56 4.02 -63.00 26.52
CA MET G 56 5.29 -62.41 26.06
C MET G 56 6.44 -62.55 27.06
N GLY G 57 6.25 -63.37 28.08
CA GLY G 57 7.26 -63.57 29.13
C GLY G 57 7.29 -62.44 30.14
N GLY G 58 6.15 -61.82 30.36
CA GLY G 58 6.01 -60.74 31.34
C GLY G 58 6.80 -59.49 31.02
N GLN G 59 7.23 -59.38 29.78
CA GLN G 59 8.00 -58.23 29.31
C GLN G 59 7.38 -57.66 28.04
N GLY G 60 7.82 -56.47 27.67
CA GLY G 60 7.31 -55.80 26.50
C GLY G 60 6.16 -54.86 26.80
N ARG G 61 5.85 -54.01 25.84
CA ARG G 61 4.84 -52.98 26.01
C ARG G 61 3.49 -53.44 25.45
N LEU G 62 2.41 -52.98 26.09
CA LEU G 62 1.05 -53.19 25.58
C LEU G 62 0.35 -51.87 25.21
N PHE G 63 -0.52 -51.95 24.21
CA PHE G 63 -1.35 -50.83 23.80
C PHE G 63 -2.80 -51.25 23.78
N ALA G 64 -3.67 -50.39 24.27
CA ALA G 64 -5.13 -50.60 24.11
C ALA G 64 -5.86 -49.29 24.02
N GLN G 65 -7.07 -49.35 23.44
CA GLN G 65 -7.79 -48.16 23.02
C GLN G 65 -8.98 -47.79 23.88
N VAL G 66 -9.17 -46.48 24.06
CA VAL G 66 -10.39 -45.96 24.74
C VAL G 66 -11.59 -46.10 23.84
N MET G 67 -12.77 -46.05 24.45
CA MET G 67 -14.04 -46.21 23.72
C MET G 67 -14.97 -45.02 23.84
N ALA G 68 -14.74 -44.18 24.83
CA ALA G 68 -15.63 -43.05 25.11
C ALA G 68 -15.56 -42.00 24.02
N THR G 69 -16.59 -41.16 24.00
CA THR G 69 -16.85 -40.16 22.97
C THR G 69 -16.41 -38.73 23.40
N THR G 70 -16.38 -38.52 24.70
CA THR G 70 -15.98 -37.23 25.25
C THR G 70 -14.58 -37.33 25.81
N ALA G 71 -13.91 -36.19 25.89
CA ALA G 71 -12.54 -36.12 26.41
C ALA G 71 -12.49 -36.66 27.84
N GLU G 72 -13.43 -36.21 28.66
CA GLU G 72 -13.51 -36.65 30.04
C GLU G 72 -13.71 -38.16 30.14
N GLY G 73 -14.63 -38.68 29.35
CA GLY G 73 -14.91 -40.11 29.31
C GLY G 73 -13.70 -40.93 28.86
N MET G 74 -12.91 -40.35 27.94
CA MET G 74 -11.68 -41.00 27.43
C MET G 74 -10.58 -41.05 28.48
N VAL G 75 -10.48 -39.98 29.26
CA VAL G 75 -9.56 -39.97 30.41
C VAL G 75 -9.92 -41.08 31.40
N ASN G 76 -11.20 -41.23 31.69
CA ASN G 76 -11.70 -42.26 32.61
C ASN G 76 -11.43 -43.66 32.10
N ASP G 77 -11.63 -43.84 30.78
CA ASP G 77 -11.28 -45.10 30.12
C ASP G 77 -9.81 -45.42 30.26
N ALA G 78 -8.98 -44.38 30.13
CA ALA G 78 -7.52 -44.53 30.25
C ALA G 78 -7.13 -45.03 31.65
N LEU G 79 -7.77 -44.48 32.67
CA LEU G 79 -7.52 -44.91 34.06
C LEU G 79 -7.92 -46.37 34.29
N LYS G 80 -9.07 -46.76 33.75
CA LYS G 80 -9.49 -48.15 33.75
C LYS G 80 -8.47 -49.07 33.09
N LEU G 81 -7.97 -48.64 31.94
CA LEU G 81 -6.95 -49.44 31.22
C LEU G 81 -5.66 -49.57 32.01
N ARG G 82 -5.25 -48.46 32.60
CA ARG G 82 -4.02 -48.42 33.41
C ARG G 82 -4.15 -49.26 34.71
N SER G 83 -5.36 -49.42 35.21
CA SER G 83 -5.59 -50.24 36.40
C SER G 83 -5.47 -51.74 36.08
N ILE G 84 -5.64 -52.09 34.81
CA ILE G 84 -5.47 -53.49 34.35
C ILE G 84 -4.01 -53.79 34.07
N ILE G 85 -3.39 -52.90 33.28
CA ILE G 85 -1.97 -53.00 32.97
C ILE G 85 -1.31 -51.66 33.31
N ALA G 86 -0.48 -51.65 34.36
CA ALA G 86 0.02 -50.42 34.98
C ALA G 86 0.81 -49.51 34.03
N ASP G 87 1.60 -50.14 33.15
CA ASP G 87 2.47 -49.42 32.22
C ASP G 87 1.93 -49.39 30.77
N ILE G 88 0.63 -49.55 30.60
CA ILE G 88 0.03 -49.64 29.26
C ILE G 88 0.02 -48.29 28.57
N VAL G 89 0.24 -48.30 27.25
CA VAL G 89 0.10 -47.09 26.47
C VAL G 89 -1.36 -47.00 26.01
N VAL G 90 -1.95 -45.84 26.22
CA VAL G 90 -3.35 -45.64 25.88
C VAL G 90 -3.55 -45.04 24.48
N LYS G 91 -4.27 -45.77 23.64
CA LYS G 91 -4.62 -45.33 22.28
C LYS G 91 -5.86 -44.45 22.28
N VAL G 92 -5.72 -43.26 21.72
CA VAL G 92 -6.80 -42.29 21.64
C VAL G 92 -7.05 -41.89 20.19
N PRO G 93 -8.27 -42.16 19.67
CA PRO G 93 -8.55 -41.71 18.30
C PRO G 93 -8.33 -40.21 18.14
N VAL G 94 -7.69 -39.82 17.05
CA VAL G 94 -7.35 -38.41 16.84
C VAL G 94 -8.53 -37.65 16.24
N THR G 95 -9.43 -37.29 17.15
CA THR G 95 -10.60 -36.47 16.89
C THR G 95 -10.47 -35.19 17.74
N ALA G 96 -11.43 -34.29 17.62
CA ALA G 96 -11.45 -33.08 18.46
C ALA G 96 -11.37 -33.41 19.96
N GLU G 97 -12.26 -34.30 20.41
CA GLU G 97 -12.30 -34.73 21.82
C GLU G 97 -11.08 -35.55 22.20
N GLY G 98 -10.66 -36.41 21.27
CA GLY G 98 -9.42 -37.19 21.45
C GLY G 98 -8.20 -36.30 21.70
N LEU G 99 -8.08 -35.25 20.91
CA LEU G 99 -6.98 -34.24 21.07
C LEU G 99 -6.98 -33.61 22.47
N ALA G 100 -8.16 -33.17 22.88
CA ALA G 100 -8.38 -32.64 24.24
C ALA G 100 -8.03 -33.66 25.31
N ALA G 101 -8.46 -34.90 25.08
CA ALA G 101 -8.11 -36.00 25.98
C ALA G 101 -6.59 -36.23 26.06
N ILE G 102 -5.93 -36.21 24.90
CA ILE G 102 -4.48 -36.43 24.84
C ILE G 102 -3.74 -35.34 25.64
N LYS G 103 -4.18 -34.10 25.52
CA LYS G 103 -3.65 -32.98 26.34
C LYS G 103 -3.83 -33.23 27.84
N MET G 104 -5.03 -33.67 28.23
CA MET G 104 -5.33 -33.98 29.63
C MET G 104 -4.49 -35.14 30.17
N LEU G 105 -4.35 -36.19 29.38
CA LEU G 105 -3.52 -37.35 29.76
C LEU G 105 -2.01 -37.02 29.84
N LYS G 106 -1.57 -36.10 28.99
CA LYS G 106 -0.21 -35.58 29.05
C LYS G 106 0.05 -34.91 30.42
N ALA G 107 -0.88 -34.07 30.82
CA ALA G 107 -0.81 -33.39 32.12
C ALA G 107 -0.82 -34.39 33.28
N GLU G 108 -1.55 -35.49 33.11
CA GLU G 108 -1.61 -36.56 34.13
C GLU G 108 -0.47 -37.59 34.07
N GLY G 109 0.42 -37.45 33.10
CA GLY G 109 1.62 -38.29 33.01
C GLY G 109 1.36 -39.71 32.48
N ILE G 110 0.23 -39.88 31.78
CA ILE G 110 -0.12 -41.15 31.18
C ILE G 110 0.20 -41.17 29.68
N PRO G 111 1.09 -42.08 29.24
CA PRO G 111 1.56 -42.03 27.87
C PRO G 111 0.46 -42.44 26.91
N THR G 112 0.38 -41.72 25.78
CA THR G 112 -0.68 -41.95 24.80
C THR G 112 -0.15 -42.22 23.39
N LEU G 113 -1.01 -42.84 22.61
CA LEU G 113 -0.82 -43.05 21.20
C LEU G 113 -1.99 -42.44 20.48
N GLY G 114 -1.71 -41.59 19.49
CA GLY G 114 -2.74 -40.97 18.65
C GLY G 114 -3.10 -41.86 17.48
N THR G 115 -4.32 -42.39 17.49
CA THR G 115 -4.71 -43.43 16.52
C THR G 115 -5.81 -43.02 15.59
N ALA G 116 -6.17 -43.93 14.69
CA ALA G 116 -7.15 -43.63 13.61
C ALA G 116 -6.72 -42.45 12.78
N VAL G 117 -5.43 -42.43 12.42
CA VAL G 117 -4.83 -41.31 11.70
C VAL G 117 -4.90 -41.61 10.20
N TYR G 118 -5.60 -40.76 9.48
CA TYR G 118 -5.80 -40.87 8.02
C TYR G 118 -5.13 -39.74 7.28
N GLY G 119 -4.52 -38.82 8.00
CA GLY G 119 -3.80 -37.68 7.40
C GLY G 119 -2.60 -37.30 8.25
N ALA G 120 -1.60 -36.70 7.61
CA ALA G 120 -0.34 -36.37 8.25
C ALA G 120 -0.46 -35.22 9.29
N ALA G 121 -1.20 -34.17 8.91
CA ALA G 121 -1.40 -33.00 9.77
C ALA G 121 -2.18 -33.38 11.00
N GLN G 122 -3.19 -34.21 10.79
CA GLN G 122 -3.93 -34.81 11.90
C GLN G 122 -2.99 -35.51 12.87
N GLY G 123 -2.17 -36.37 12.35
CA GLY G 123 -1.21 -37.13 13.15
C GLY G 123 -0.26 -36.23 13.93
N LEU G 124 0.26 -35.23 13.26
CA LEU G 124 1.13 -34.25 13.89
C LEU G 124 0.45 -33.56 15.08
N LEU G 125 -0.81 -33.18 14.91
CA LEU G 125 -1.57 -32.48 16.00
C LEU G 125 -1.67 -33.28 17.25
N SER G 126 -1.80 -34.60 17.09
CA SER G 126 -1.82 -35.53 18.21
C SER G 126 -0.49 -35.59 18.94
N ALA G 127 0.60 -35.57 18.19
CA ALA G 127 1.95 -35.52 18.78
C ALA G 127 2.24 -34.17 19.50
N LEU G 128 1.84 -33.07 18.89
CA LEU G 128 2.00 -31.75 19.54
C LEU G 128 1.18 -31.65 20.82
N ALA G 129 0.06 -32.37 20.85
CA ALA G 129 -0.81 -32.40 21.99
C ALA G 129 -0.22 -33.27 23.14
N GLY G 130 0.78 -34.09 22.81
CA GLY G 130 1.52 -34.87 23.81
C GLY G 130 1.65 -36.36 23.56
N ALA G 131 1.01 -36.86 22.51
CA ALA G 131 1.10 -38.27 22.16
C ALA G 131 2.56 -38.69 21.84
N GLU G 132 2.93 -39.87 22.33
CA GLU G 132 4.28 -40.39 22.21
C GLU G 132 4.42 -41.24 20.94
N TYR G 133 3.30 -41.78 20.50
CA TYR G 133 3.19 -42.57 19.28
C TYR G 133 2.02 -42.07 18.45
N VAL G 134 2.16 -42.19 17.15
CA VAL G 134 1.12 -41.76 16.19
C VAL G 134 0.95 -42.85 15.14
N ALA G 135 -0.26 -43.37 15.06
CA ALA G 135 -0.56 -44.58 14.28
C ALA G 135 -1.44 -44.31 13.07
N PRO G 136 -0.82 -44.05 11.90
CA PRO G 136 -1.59 -43.97 10.69
C PRO G 136 -2.10 -45.38 10.25
N TYR G 137 -3.31 -45.41 9.69
CA TYR G 137 -3.90 -46.66 9.16
C TYR G 137 -3.58 -46.80 7.68
N VAL G 138 -2.45 -47.41 7.42
CA VAL G 138 -1.86 -47.44 6.09
C VAL G 138 -2.78 -48.04 5.04
N ASN G 139 -3.22 -49.26 5.25
CA ASN G 139 -4.07 -49.93 4.27
C ASN G 139 -5.45 -49.30 4.14
N ARG G 140 -5.93 -48.71 5.22
CA ARG G 140 -7.20 -47.97 5.15
C ARG G 140 -7.09 -46.81 4.19
N ILE G 141 -5.95 -46.11 4.23
CA ILE G 141 -5.71 -44.97 3.33
C ILE G 141 -5.53 -45.45 1.90
N ASP G 142 -4.72 -46.48 1.73
CA ASP G 142 -4.60 -47.17 0.43
C ASP G 142 -5.94 -47.66 -0.16
N ALA G 143 -6.74 -48.32 0.68
CA ALA G 143 -8.02 -48.93 0.24
C ALA G 143 -9.02 -47.90 -0.16
N GLN G 144 -8.98 -46.75 0.53
CA GLN G 144 -9.87 -45.62 0.26
C GLN G 144 -9.35 -44.58 -0.75
N GLY G 145 -8.37 -44.99 -1.57
CA GLY G 145 -8.04 -44.24 -2.82
C GLY G 145 -6.93 -43.21 -2.65
N GLY G 146 -6.32 -43.21 -1.45
CA GLY G 146 -5.22 -42.30 -1.14
C GLY G 146 -3.87 -42.99 -1.33
N SER G 147 -2.88 -42.54 -0.58
CA SER G 147 -1.57 -43.18 -0.55
C SER G 147 -1.11 -43.33 0.89
N GLY G 148 -1.25 -44.53 1.40
CA GLY G 148 -0.84 -44.82 2.76
C GLY G 148 0.66 -44.55 3.00
N ILE G 149 1.49 -44.91 2.04
CA ILE G 149 2.93 -44.69 2.11
C ILE G 149 3.32 -43.20 2.11
N GLN G 150 2.69 -42.40 1.26
CA GLN G 150 2.93 -40.99 1.27
C GLN G 150 2.54 -40.37 2.61
N THR G 151 1.39 -40.78 3.14
CA THR G 151 0.89 -40.25 4.40
C THR G 151 1.83 -40.56 5.55
N VAL G 152 2.30 -41.80 5.59
CA VAL G 152 3.31 -42.22 6.53
C VAL G 152 4.66 -41.45 6.37
N THR G 153 5.10 -41.33 5.13
CA THR G 153 6.33 -40.61 4.79
C THR G 153 6.24 -39.13 5.27
N ASP G 154 5.14 -38.49 4.94
CA ASP G 154 4.91 -37.12 5.34
C ASP G 154 4.84 -37.02 6.87
N LEU G 155 4.14 -37.98 7.51
CA LEU G 155 3.95 -37.95 8.95
C LEU G 155 5.25 -38.08 9.70
N HIS G 156 6.05 -39.08 9.32
CA HIS G 156 7.35 -39.24 9.91
C HIS G 156 8.21 -37.96 9.82
N GLN G 157 8.29 -37.36 8.64
CA GLN G 157 9.00 -36.12 8.48
C GLN G 157 8.46 -35.03 9.43
N LEU G 158 7.14 -34.92 9.52
CA LEU G 158 6.53 -33.89 10.38
C LEU G 158 6.93 -34.08 11.84
N LEU G 159 6.91 -35.32 12.30
CA LEU G 159 7.26 -35.60 13.66
C LEU G 159 8.72 -35.23 13.91
N LYS G 160 9.58 -35.62 12.98
CA LYS G 160 11.00 -35.44 13.10
C LYS G 160 11.37 -33.94 13.14
N MET G 161 10.65 -33.13 12.37
CA MET G 161 10.92 -31.71 12.30
C MET G 161 10.22 -30.96 13.42
N HIS G 162 8.97 -31.35 13.73
CA HIS G 162 8.09 -30.52 14.54
C HIS G 162 7.69 -31.07 15.91
N ALA G 163 7.83 -32.39 16.12
CA ALA G 163 7.55 -33.02 17.43
C ALA G 163 8.41 -34.27 17.64
N PRO G 164 9.73 -34.08 17.80
CA PRO G 164 10.72 -35.17 17.67
C PRO G 164 10.70 -36.18 18.80
N GLN G 165 10.01 -35.85 19.89
CA GLN G 165 9.80 -36.82 20.98
C GLN G 165 8.80 -37.94 20.58
N ALA G 166 8.01 -37.67 19.56
CA ALA G 166 6.98 -38.60 19.09
C ALA G 166 7.46 -39.52 17.96
N LYS G 167 6.90 -40.73 17.94
CA LYS G 167 7.28 -41.76 16.96
C LYS G 167 6.07 -42.19 16.13
N VAL G 168 6.30 -42.49 14.86
CA VAL G 168 5.32 -43.14 14.04
C VAL G 168 5.23 -44.63 14.42
N LEU G 169 4.02 -45.09 14.73
CA LEU G 169 3.74 -46.56 14.89
C LEU G 169 2.80 -47.00 13.75
N ALA G 170 3.40 -47.42 12.64
CA ALA G 170 2.63 -47.70 11.41
C ALA G 170 1.80 -48.94 11.59
N ALA G 171 0.54 -48.85 11.14
CA ALA G 171 -0.44 -49.91 11.35
C ALA G 171 -1.32 -50.12 10.13
N SER G 172 -2.09 -51.20 10.18
CA SER G 172 -3.11 -51.55 9.16
C SER G 172 -2.44 -52.01 7.87
N PHE G 173 -2.23 -53.33 7.74
CA PHE G 173 -1.44 -53.88 6.66
C PHE G 173 -2.14 -55.09 6.05
N LYS G 174 -2.11 -55.17 4.72
CA LYS G 174 -2.56 -56.38 3.99
C LYS G 174 -1.42 -57.11 3.28
N THR G 175 -0.28 -56.45 3.12
CA THR G 175 0.85 -57.04 2.41
C THR G 175 2.18 -56.56 2.98
N PRO G 176 3.21 -57.44 2.98
CA PRO G 176 4.53 -57.04 3.51
C PRO G 176 5.16 -55.82 2.84
N ARG G 177 4.89 -55.63 1.56
CA ARG G 177 5.39 -54.47 0.85
C ARG G 177 5.08 -53.15 1.59
N GLN G 178 3.86 -53.06 2.09
CA GLN G 178 3.38 -51.89 2.80
C GLN G 178 4.23 -51.68 4.03
N ALA G 179 4.56 -52.77 4.71
CA ALA G 179 5.35 -52.71 5.93
C ALA G 179 6.77 -52.27 5.60
N LEU G 180 7.34 -52.92 4.60
CA LEU G 180 8.63 -52.54 4.08
C LEU G 180 8.75 -51.02 3.75
N ASP G 181 7.76 -50.49 3.04
CA ASP G 181 7.78 -49.09 2.61
C ASP G 181 7.71 -48.13 3.84
N CYS G 182 6.91 -48.48 4.83
CA CYS G 182 6.86 -47.74 6.08
C CYS G 182 8.19 -47.74 6.82
N LEU G 183 8.84 -48.90 6.87
CA LEU G 183 10.16 -49.02 7.45
C LEU G 183 11.15 -48.18 6.65
N LEU G 184 11.09 -48.26 5.33
CA LEU G 184 12.00 -47.49 4.47
C LEU G 184 11.80 -45.98 4.64
N ALA G 185 10.58 -45.58 4.94
CA ALA G 185 10.23 -44.18 5.16
C ALA G 185 10.71 -43.67 6.53
N GLY G 186 11.15 -44.58 7.38
CA GLY G 186 11.81 -44.24 8.64
C GLY G 186 11.02 -44.55 9.89
N CYS G 187 9.83 -45.15 9.73
CA CYS G 187 9.00 -45.45 10.89
C CYS G 187 9.76 -46.13 12.00
N GLU G 188 9.68 -45.54 13.20
CA GLU G 188 10.49 -46.02 14.33
C GLU G 188 9.81 -47.16 15.06
N SER G 189 8.54 -47.31 14.80
CA SER G 189 7.78 -48.47 15.26
C SER G 189 6.78 -48.90 14.20
N ILE G 190 6.39 -50.16 14.34
CA ILE G 190 5.45 -50.77 13.45
C ILE G 190 4.69 -51.91 14.17
N THR G 191 3.45 -52.14 13.74
CA THR G 191 2.70 -53.28 14.22
C THR G 191 2.08 -54.08 13.08
N LEU G 192 2.33 -55.38 13.11
CA LEU G 192 1.93 -56.28 12.02
C LEU G 192 0.79 -57.22 12.43
N PRO G 193 -0.22 -57.36 11.56
CA PRO G 193 -1.08 -58.49 11.79
C PRO G 193 -0.34 -59.80 11.60
N LEU G 194 -0.92 -60.90 12.11
CA LEU G 194 -0.30 -62.22 12.07
C LEU G 194 -0.01 -62.74 10.67
N ASP G 195 -0.94 -62.59 9.75
CA ASP G 195 -0.74 -63.15 8.41
C ASP G 195 0.41 -62.47 7.65
N VAL G 196 0.51 -61.15 7.77
CA VAL G 196 1.61 -60.37 7.17
C VAL G 196 2.96 -60.67 7.83
N ALA G 197 2.98 -60.76 9.16
CA ALA G 197 4.19 -61.13 9.89
C ALA G 197 4.72 -62.48 9.42
N GLN G 198 3.82 -63.44 9.26
CA GLN G 198 4.20 -64.81 8.84
C GLN G 198 4.69 -64.87 7.42
N GLN G 199 4.06 -64.10 6.54
CA GLN G 199 4.56 -63.94 5.16
C GLN G 199 5.96 -63.34 5.13
N MET G 200 6.25 -62.46 6.08
CA MET G 200 7.53 -61.71 6.11
C MET G 200 8.72 -62.60 6.45
N ILE G 201 8.43 -63.80 6.98
CA ILE G 201 9.50 -64.77 7.34
C ILE G 201 9.49 -66.09 6.55
N SER G 202 8.61 -66.19 5.56
CA SER G 202 8.44 -67.40 4.76
C SER G 202 8.49 -67.12 3.27
N TYR G 203 9.54 -67.59 2.62
CA TYR G 203 9.78 -67.34 1.20
C TYR G 203 10.17 -68.61 0.45
N PRO G 204 9.49 -68.91 -0.67
CA PRO G 204 9.83 -70.07 -1.45
C PRO G 204 11.29 -70.07 -1.88
N ALA G 205 11.80 -68.91 -2.26
CA ALA G 205 13.18 -68.79 -2.74
C ALA G 205 14.19 -69.16 -1.66
N VAL G 206 13.90 -68.74 -0.44
CA VAL G 206 14.71 -69.04 0.72
C VAL G 206 14.68 -70.53 1.05
N ASP G 207 13.49 -71.13 1.00
CA ASP G 207 13.32 -72.58 1.25
C ASP G 207 14.10 -73.40 0.22
N ALA G 208 14.06 -72.97 -1.04
CA ALA G 208 14.84 -73.58 -2.10
C ALA G 208 16.36 -73.47 -1.91
N ALA G 209 16.82 -72.34 -1.38
CA ALA G 209 18.24 -72.15 -1.08
C ALA G 209 18.71 -73.07 0.05
N VAL G 210 17.89 -73.18 1.08
CA VAL G 210 18.13 -74.09 2.19
C VAL G 210 18.16 -75.56 1.73
N ALA G 211 17.16 -75.95 0.93
CA ALA G 211 17.10 -77.32 0.39
C ALA G 211 18.35 -77.64 -0.43
N LYS G 212 18.75 -76.71 -1.29
CA LYS G 212 19.98 -76.82 -2.08
C LYS G 212 21.21 -77.05 -1.20
N PHE G 213 21.33 -76.29 -0.11
CA PHE G 213 22.46 -76.47 0.81
C PHE G 213 22.50 -77.89 1.40
N GLU G 214 21.33 -78.38 1.79
CA GLU G 214 21.19 -79.74 2.34
C GLU G 214 21.56 -80.82 1.34
N GLN G 215 21.10 -80.65 0.10
CA GLN G 215 21.43 -81.56 -1.00
C GLN G 215 22.93 -81.59 -1.31
N ASP G 216 23.56 -80.42 -1.36
CA ASP G 216 25.00 -80.33 -1.60
C ASP G 216 25.80 -80.99 -0.47
N TRP G 217 25.40 -80.70 0.76
CA TRP G 217 26.01 -81.28 1.98
C TRP G 217 25.91 -82.81 1.97
N GLN G 218 24.68 -83.31 1.78
CA GLN G 218 24.39 -84.74 1.62
C GLN G 218 25.28 -85.40 0.56
N GLY G 219 25.36 -84.76 -0.60
CA GLY G 219 26.15 -85.25 -1.72
C GLY G 219 27.62 -85.46 -1.41
N ALA G 220 28.18 -84.55 -0.62
CA ALA G 220 29.60 -84.60 -0.25
C ALA G 220 29.90 -85.40 1.01
N PHE G 221 29.00 -85.33 2.00
CA PHE G 221 29.25 -85.88 3.34
C PHE G 221 28.34 -87.05 3.77
N GLY G 222 27.38 -87.42 2.93
CA GLY G 222 26.50 -88.57 3.19
C GLY G 222 25.46 -88.36 4.29
N ARG G 223 25.28 -87.11 4.70
CA ARG G 223 24.24 -86.74 5.67
C ARG G 223 23.85 -85.27 5.48
N THR G 224 22.74 -84.85 6.11
CA THR G 224 22.26 -83.45 6.04
C THR G 224 22.52 -82.67 7.32
N SER G 225 23.17 -83.31 8.28
CA SER G 225 23.51 -82.69 9.56
C SER G 225 24.96 -82.26 9.60
N ILE G 226 25.27 -81.35 10.53
CA ILE G 226 26.59 -80.74 10.60
C ILE G 226 27.66 -81.70 11.12
N HIS H 7 35.66 -50.78 6.95
CA HIS H 7 35.12 -51.74 5.94
C HIS H 7 35.81 -53.11 6.02
N GLU H 8 35.06 -54.17 5.74
CA GLU H 8 35.56 -55.54 5.82
C GLU H 8 35.43 -56.33 4.52
N LEU H 9 36.58 -56.66 3.92
CA LEU H 9 36.65 -57.43 2.69
C LEU H 9 36.93 -58.92 2.94
N TYR H 10 36.01 -59.76 2.48
CA TYR H 10 36.14 -61.20 2.63
C TYR H 10 36.21 -61.92 1.30
N LEU H 11 36.78 -63.12 1.35
CA LEU H 11 36.74 -64.04 0.21
C LEU H 11 35.75 -65.15 0.52
N ASP H 12 35.00 -65.53 -0.51
CA ASP H 12 33.92 -66.49 -0.41
C ASP H 12 34.39 -67.80 -1.02
N THR H 13 34.96 -68.67 -0.20
CA THR H 13 35.75 -69.81 -0.74
C THR H 13 36.13 -70.84 0.33
N SER H 14 36.34 -72.08 -0.11
CA SER H 14 36.96 -73.13 0.74
C SER H 14 38.31 -73.58 0.14
N ASP H 15 38.82 -72.79 -0.82
CA ASP H 15 40.06 -73.10 -1.56
C ASP H 15 41.30 -72.58 -0.81
N VAL H 16 41.89 -73.45 0.02
CA VAL H 16 42.95 -73.06 0.97
C VAL H 16 44.19 -72.49 0.29
N VAL H 17 44.61 -73.11 -0.81
CA VAL H 17 45.79 -72.68 -1.57
C VAL H 17 45.58 -71.29 -2.19
N ALA H 18 44.43 -71.10 -2.83
CA ALA H 18 44.04 -69.78 -3.35
C ALA H 18 44.00 -68.72 -2.24
N VAL H 19 43.41 -69.06 -1.10
CA VAL H 19 43.36 -68.12 0.03
C VAL H 19 44.76 -67.68 0.47
N LYS H 20 45.67 -68.63 0.57
CA LYS H 20 47.06 -68.33 0.95
C LYS H 20 47.72 -67.38 -0.05
N ALA H 21 47.58 -67.70 -1.33
CA ALA H 21 48.14 -66.87 -2.40
C ALA H 21 47.51 -65.46 -2.45
N LEU H 22 46.18 -65.41 -2.34
CA LEU H 22 45.45 -64.14 -2.49
C LEU H 22 45.49 -63.24 -1.24
N SER H 23 45.83 -63.82 -0.10
CA SER H 23 45.91 -63.07 1.16
C SER H 23 47.11 -62.09 1.25
N ARG H 24 48.14 -62.32 0.45
CA ARG H 24 49.26 -61.36 0.37
C ARG H 24 48.96 -60.22 -0.60
N ILE H 25 47.97 -60.42 -1.45
CA ILE H 25 47.56 -59.44 -2.44
C ILE H 25 46.45 -58.54 -1.91
N PHE H 26 45.32 -59.16 -1.55
CA PHE H 26 44.12 -58.40 -1.09
C PHE H 26 44.22 -58.07 0.38
N PRO H 27 43.65 -56.91 0.78
CA PRO H 27 43.56 -56.56 2.19
C PRO H 27 42.33 -57.24 2.81
N LEU H 28 42.49 -58.51 3.16
CA LEU H 28 41.40 -59.33 3.63
C LEU H 28 41.13 -59.18 5.12
N ALA H 29 39.85 -59.12 5.46
CA ALA H 29 39.40 -59.20 6.86
C ALA H 29 39.16 -60.66 7.25
N GLY H 30 39.04 -61.54 6.26
CA GLY H 30 38.72 -62.94 6.55
C GLY H 30 38.23 -63.73 5.35
N VAL H 31 37.62 -64.85 5.65
CA VAL H 31 37.03 -65.75 4.66
C VAL H 31 35.65 -66.18 5.12
N THR H 32 34.71 -66.20 4.17
CA THR H 32 33.36 -66.72 4.44
C THR H 32 33.16 -68.06 3.73
N THR H 33 32.39 -68.92 4.36
CA THR H 33 31.98 -70.19 3.76
C THR H 33 30.48 -70.40 3.92
N ASN H 34 29.93 -71.27 3.10
CA ASN H 34 28.57 -71.76 3.24
C ASN H 34 28.58 -73.24 2.87
N PRO H 35 27.45 -73.96 3.07
CA PRO H 35 27.48 -75.42 2.88
C PRO H 35 27.82 -75.89 1.46
N SER H 36 27.44 -75.12 0.45
CA SER H 36 27.74 -75.46 -0.94
C SER H 36 29.22 -75.25 -1.25
N ILE H 37 29.80 -74.20 -0.66
CA ILE H 37 31.22 -73.90 -0.84
C ILE H 37 32.10 -74.95 -0.13
N ILE H 38 31.69 -75.36 1.06
CA ILE H 38 32.39 -76.40 1.81
C ILE H 38 32.31 -77.73 1.06
N ALA H 39 31.09 -78.12 0.70
CA ALA H 39 30.83 -79.34 -0.05
C ALA H 39 31.67 -79.45 -1.32
N ALA H 40 31.69 -78.37 -2.11
CA ALA H 40 32.46 -78.31 -3.35
C ALA H 40 33.97 -78.54 -3.14
N GLY H 41 34.48 -78.15 -1.97
CA GLY H 41 35.88 -78.34 -1.61
C GLY H 41 36.18 -79.73 -1.06
N LYS H 42 35.12 -80.42 -0.63
CA LYS H 42 35.14 -81.85 -0.25
C LYS H 42 35.83 -82.16 1.09
N LYS H 43 36.40 -81.15 1.73
CA LYS H 43 37.02 -81.33 3.04
C LYS H 43 36.02 -81.03 4.13
N PRO H 44 36.00 -81.85 5.19
CA PRO H 44 35.09 -81.57 6.32
C PRO H 44 35.47 -80.32 7.10
N LEU H 45 34.50 -79.78 7.85
CA LEU H 45 34.66 -78.53 8.57
C LEU H 45 35.86 -78.53 9.51
N ASP H 46 36.04 -79.63 10.24
CA ASP H 46 37.14 -79.73 11.23
C ASP H 46 38.52 -79.77 10.55
N VAL H 47 38.54 -80.02 9.25
CA VAL H 47 39.76 -79.92 8.43
C VAL H 47 39.93 -78.54 7.77
N VAL H 48 38.97 -78.12 6.94
CA VAL H 48 39.11 -76.85 6.17
C VAL H 48 39.22 -75.62 7.04
N LEU H 49 38.42 -75.56 8.11
CA LEU H 49 38.35 -74.33 8.88
C LEU H 49 39.71 -73.94 9.47
N PRO H 50 40.35 -74.84 10.26
CA PRO H 50 41.71 -74.53 10.74
C PRO H 50 42.71 -74.25 9.61
N GLN H 51 42.60 -74.98 8.51
CA GLN H 51 43.46 -74.75 7.33
C GLN H 51 43.25 -73.35 6.74
N LEU H 52 41.99 -72.95 6.62
CA LEU H 52 41.67 -71.60 6.14
C LEU H 52 42.21 -70.54 7.10
N HIS H 53 42.02 -70.76 8.40
CA HIS H 53 42.54 -69.86 9.42
C HIS H 53 44.06 -69.68 9.31
N GLU H 54 44.77 -70.80 9.13
CA GLU H 54 46.23 -70.79 8.95
C GLU H 54 46.64 -70.09 7.67
N ALA H 55 45.93 -70.40 6.59
CA ALA H 55 46.24 -69.85 5.26
C ALA H 55 46.16 -68.31 5.19
N MET H 56 45.58 -67.70 6.23
CA MET H 56 45.50 -66.23 6.35
C MET H 56 46.51 -65.64 7.33
N GLY H 57 47.48 -66.44 7.75
CA GLY H 57 48.49 -66.00 8.72
C GLY H 57 47.97 -65.98 10.14
N GLY H 58 47.04 -66.88 10.43
CA GLY H 58 46.47 -67.02 11.78
C GLY H 58 45.71 -65.80 12.27
N GLN H 59 45.33 -64.92 11.35
CA GLN H 59 44.56 -63.72 11.65
C GLN H 59 43.36 -63.62 10.74
N GLY H 60 42.44 -62.71 11.09
CA GLY H 60 41.22 -62.52 10.32
C GLY H 60 40.07 -63.37 10.82
N ARG H 61 38.88 -63.01 10.37
CA ARG H 61 37.64 -63.62 10.85
C ARG H 61 37.19 -64.73 9.92
N LEU H 62 36.57 -65.75 10.50
CA LEU H 62 35.95 -66.82 9.73
C LEU H 62 34.43 -66.87 9.94
N PHE H 63 33.73 -67.34 8.91
CA PHE H 63 32.28 -67.55 8.98
C PHE H 63 31.95 -68.94 8.47
N ALA H 64 31.05 -69.63 9.17
CA ALA H 64 30.52 -70.89 8.68
C ALA H 64 29.08 -71.09 9.13
N GLN H 65 28.37 -71.95 8.40
CA GLN H 65 26.92 -72.05 8.50
C GLN H 65 26.41 -73.30 9.22
N VAL H 66 25.34 -73.12 10.00
CA VAL H 66 24.65 -74.26 10.61
C VAL H 66 23.86 -75.02 9.55
N MET H 67 23.51 -76.26 9.89
CA MET H 67 22.80 -77.15 8.96
C MET H 67 21.46 -77.65 9.50
N ALA H 68 21.26 -77.55 10.82
CA ALA H 68 20.06 -78.05 11.45
C ALA H 68 18.81 -77.24 11.07
N THR H 69 17.66 -77.89 11.30
CA THR H 69 16.34 -77.41 10.86
C THR H 69 15.55 -76.76 12.00
N THR H 70 15.86 -77.15 13.24
CA THR H 70 15.22 -76.57 14.42
C THR H 70 16.16 -75.60 15.11
N ALA H 71 15.57 -74.68 15.85
CA ALA H 71 16.34 -73.64 16.54
C ALA H 71 17.32 -74.27 17.51
N GLU H 72 16.85 -75.25 18.27
CA GLU H 72 17.71 -75.98 19.22
C GLU H 72 18.88 -76.66 18.51
N GLY H 73 18.57 -77.35 17.43
CA GLY H 73 19.59 -78.02 16.61
C GLY H 73 20.62 -77.05 16.02
N MET H 74 20.16 -75.85 15.65
CA MET H 74 21.05 -74.80 15.12
C MET H 74 21.99 -74.24 16.18
N VAL H 75 21.48 -74.06 17.40
CA VAL H 75 22.30 -73.67 18.54
C VAL H 75 23.42 -74.71 18.78
N ASN H 76 23.07 -75.99 18.73
CA ASN H 76 24.02 -77.09 18.91
C ASN H 76 25.07 -77.12 17.81
N ASP H 77 24.63 -76.88 16.57
CA ASP H 77 25.54 -76.72 15.43
C ASP H 77 26.54 -75.59 15.65
N ALA H 78 26.04 -74.48 16.22
CA ALA H 78 26.86 -73.32 16.50
C ALA H 78 27.97 -73.65 17.49
N LEU H 79 27.62 -74.40 18.53
CA LEU H 79 28.59 -74.81 19.54
C LEU H 79 29.69 -75.69 18.92
N LYS H 80 29.26 -76.61 18.07
CA LYS H 80 30.20 -77.46 17.31
C LYS H 80 31.16 -76.63 16.46
N LEU H 81 30.62 -75.62 15.77
CA LEU H 81 31.44 -74.71 14.95
C LEU H 81 32.43 -73.91 15.80
N ARG H 82 31.94 -73.40 16.93
CA ARG H 82 32.77 -72.63 17.87
C ARG H 82 33.88 -73.48 18.52
N SER H 83 33.66 -74.78 18.66
CA SER H 83 34.66 -75.69 19.22
C SER H 83 35.80 -75.96 18.24
N ILE H 84 35.53 -75.75 16.95
CA ILE H 84 36.56 -75.89 15.91
C ILE H 84 37.35 -74.59 15.77
N ILE H 85 36.62 -73.48 15.64
CA ILE H 85 37.22 -72.14 15.58
C ILE H 85 36.55 -71.29 16.65
N ALA H 86 37.32 -70.94 17.68
CA ALA H 86 36.80 -70.31 18.91
C ALA H 86 36.06 -69.00 18.67
N ASP H 87 36.59 -68.19 17.76
CA ASP H 87 36.05 -66.84 17.48
C ASP H 87 35.25 -66.77 16.16
N ILE H 88 34.75 -67.91 15.70
CA ILE H 88 34.03 -67.98 14.41
C ILE H 88 32.66 -67.32 14.49
N VAL H 89 32.26 -66.67 13.40
CA VAL H 89 30.91 -66.08 13.31
C VAL H 89 30.01 -67.15 12.72
N VAL H 90 28.88 -67.37 13.37
CA VAL H 90 27.95 -68.43 12.95
C VAL H 90 26.85 -67.90 12.02
N LYS H 91 26.82 -68.45 10.81
CA LYS H 91 25.81 -68.12 9.81
C LYS H 91 24.52 -68.92 10.03
N VAL H 92 23.41 -68.19 10.17
CA VAL H 92 22.10 -68.82 10.40
C VAL H 92 21.11 -68.39 9.34
N PRO H 93 20.57 -69.36 8.58
CA PRO H 93 19.59 -68.94 7.58
C PRO H 93 18.43 -68.21 8.22
N VAL H 94 17.98 -67.14 7.57
CA VAL H 94 16.92 -66.34 8.15
C VAL H 94 15.55 -66.93 7.79
N THR H 95 15.20 -67.94 8.57
CA THR H 95 13.89 -68.57 8.56
C THR H 95 13.24 -68.34 9.93
N ALA H 96 12.02 -68.84 10.11
CA ALA H 96 11.37 -68.79 11.42
C ALA H 96 12.26 -69.37 12.54
N GLU H 97 12.72 -70.61 12.35
CA GLU H 97 13.59 -71.28 13.35
C GLU H 97 14.95 -70.61 13.48
N GLY H 98 15.49 -70.17 12.35
CA GLY H 98 16.73 -69.40 12.31
C GLY H 98 16.67 -68.14 13.16
N LEU H 99 15.56 -67.41 13.03
CA LEU H 99 15.30 -66.21 13.87
C LEU H 99 15.32 -66.53 15.36
N ALA H 100 14.60 -67.57 15.74
CA ALA H 100 14.59 -68.05 17.12
C ALA H 100 16.00 -68.44 17.59
N ALA H 101 16.73 -69.14 16.72
CA ALA H 101 18.11 -69.54 16.99
C ALA H 101 19.01 -68.33 17.19
N ILE H 102 18.83 -67.31 16.33
CA ILE H 102 19.63 -66.09 16.45
C ILE H 102 19.38 -65.41 17.79
N LYS H 103 18.14 -65.34 18.22
CA LYS H 103 17.80 -64.80 19.55
C LYS H 103 18.50 -65.59 20.67
N MET H 104 18.48 -66.91 20.55
CA MET H 104 19.10 -67.79 21.57
C MET H 104 20.60 -67.59 21.61
N LEU H 105 21.21 -67.52 20.43
CA LEU H 105 22.67 -67.31 20.31
C LEU H 105 23.11 -65.93 20.78
N LYS H 106 22.24 -64.94 20.62
CA LYS H 106 22.45 -63.60 21.18
C LYS H 106 22.55 -63.66 22.70
N ALA H 107 21.60 -64.37 23.31
CA ALA H 107 21.57 -64.57 24.77
C ALA H 107 22.81 -65.30 25.28
N GLU H 108 23.30 -66.24 24.47
CA GLU H 108 24.53 -66.99 24.79
C GLU H 108 25.86 -66.28 24.44
N GLY H 109 25.78 -65.09 23.85
CA GLY H 109 26.97 -64.29 23.52
C GLY H 109 27.78 -64.77 22.33
N ILE H 110 27.16 -65.58 21.48
CA ILE H 110 27.81 -66.09 20.27
C ILE H 110 27.40 -65.22 19.06
N PRO H 111 28.38 -64.56 18.41
CA PRO H 111 28.03 -63.67 17.30
C PRO H 111 27.48 -64.43 16.10
N THR H 112 26.44 -63.87 15.50
CA THR H 112 25.79 -64.49 14.34
C THR H 112 25.72 -63.62 13.10
N LEU H 113 25.52 -64.30 11.99
CA LEU H 113 25.25 -63.66 10.72
C LEU H 113 23.94 -64.24 10.22
N GLY H 114 23.01 -63.36 9.84
CA GLY H 114 21.76 -63.76 9.21
C GLY H 114 21.90 -63.93 7.72
N THR H 115 21.79 -65.17 7.26
CA THR H 115 22.07 -65.51 5.84
C THR H 115 20.84 -65.97 5.04
N ALA H 116 21.07 -66.26 3.77
CA ALA H 116 20.01 -66.66 2.82
C ALA H 116 18.93 -65.60 2.81
N VAL H 117 19.37 -64.35 2.74
CA VAL H 117 18.45 -63.21 2.74
C VAL H 117 18.12 -62.86 1.30
N TYR H 118 16.83 -62.92 0.98
CA TYR H 118 16.31 -62.58 -0.32
C TYR H 118 15.42 -61.33 -0.28
N GLY H 119 15.22 -60.77 0.90
CA GLY H 119 14.38 -59.58 1.06
C GLY H 119 14.89 -58.71 2.19
N ALA H 120 14.59 -57.42 2.11
CA ALA H 120 15.14 -56.43 3.03
C ALA H 120 14.56 -56.53 4.43
N ALA H 121 13.25 -56.73 4.50
CA ALA H 121 12.57 -56.85 5.79
C ALA H 121 13.00 -58.11 6.54
N GLN H 122 13.12 -59.19 5.79
CA GLN H 122 13.64 -60.43 6.30
C GLN H 122 15.02 -60.18 6.95
N GLY H 123 15.89 -59.53 6.20
CA GLY H 123 17.24 -59.22 6.68
C GLY H 123 17.19 -58.42 7.96
N LEU H 124 16.34 -57.39 7.98
CA LEU H 124 16.22 -56.53 9.14
C LEU H 124 15.80 -57.30 10.37
N LEU H 125 14.83 -58.21 10.22
CA LEU H 125 14.37 -59.01 11.34
C LEU H 125 15.52 -59.81 12.00
N SER H 126 16.43 -60.32 11.19
CA SER H 126 17.60 -61.10 11.68
C SER H 126 18.53 -60.21 12.51
N ALA H 127 18.68 -58.96 12.09
CA ALA H 127 19.46 -57.95 12.85
C ALA H 127 18.77 -57.56 14.14
N LEU H 128 17.45 -57.36 14.10
CA LEU H 128 16.68 -57.01 15.32
C LEU H 128 16.71 -58.15 16.33
N ALA H 129 16.82 -59.36 15.81
CA ALA H 129 16.93 -60.57 16.64
C ALA H 129 18.32 -60.73 17.27
N GLY H 130 19.30 -59.97 16.78
CA GLY H 130 20.65 -59.94 17.38
C GLY H 130 21.82 -60.19 16.43
N ALA H 131 21.53 -60.52 15.18
CA ALA H 131 22.60 -60.79 14.20
C ALA H 131 23.46 -59.55 13.98
N GLU H 132 24.77 -59.78 13.88
CA GLU H 132 25.75 -58.71 13.78
C GLU H 132 26.03 -58.41 12.30
N TYR H 133 25.82 -59.43 11.47
CA TYR H 133 25.92 -59.30 10.02
C TYR H 133 24.66 -59.83 9.37
N VAL H 134 24.34 -59.28 8.20
CA VAL H 134 23.19 -59.73 7.41
C VAL H 134 23.63 -59.87 5.97
N ALA H 135 23.43 -61.07 5.42
CA ALA H 135 23.98 -61.42 4.09
C ALA H 135 22.93 -61.69 3.03
N PRO H 136 22.61 -60.66 2.24
CA PRO H 136 21.71 -60.87 1.13
C PRO H 136 22.42 -61.58 0.00
N TYR H 137 21.70 -62.42 -0.72
CA TYR H 137 22.26 -63.11 -1.89
C TYR H 137 21.96 -62.35 -3.15
N VAL H 138 22.87 -61.45 -3.49
CA VAL H 138 22.67 -60.46 -4.53
C VAL H 138 22.33 -61.09 -5.89
N ASN H 139 23.19 -61.99 -6.38
CA ASN H 139 23.00 -62.57 -7.69
C ASN H 139 21.82 -63.50 -7.74
N ARG H 140 21.53 -64.14 -6.62
CA ARG H 140 20.35 -65.01 -6.53
C ARG H 140 19.09 -64.18 -6.76
N ILE H 141 19.03 -63.00 -6.15
CA ILE H 141 17.88 -62.10 -6.31
C ILE H 141 17.84 -61.63 -7.75
N ASP H 142 18.97 -61.20 -8.27
CA ASP H 142 19.08 -60.78 -9.70
C ASP H 142 18.70 -61.90 -10.70
N ALA H 143 19.23 -63.09 -10.46
CA ALA H 143 18.97 -64.24 -11.36
C ALA H 143 17.49 -64.64 -11.38
N GLN H 144 16.85 -64.52 -10.23
CA GLN H 144 15.42 -64.85 -10.06
C GLN H 144 14.43 -63.69 -10.32
N GLY H 145 14.88 -62.65 -11.04
CA GLY H 145 13.96 -61.66 -11.66
C GLY H 145 13.74 -60.40 -10.83
N GLY H 146 14.43 -60.33 -9.71
CA GLY H 146 14.29 -59.21 -8.78
C GLY H 146 15.40 -58.19 -9.04
N SER H 147 15.74 -57.43 -7.99
CA SER H 147 16.84 -56.48 -8.04
C SER H 147 17.71 -56.61 -6.81
N GLY H 148 18.82 -57.29 -7.00
CA GLY H 148 19.74 -57.53 -5.88
C GLY H 148 20.26 -56.24 -5.29
N ILE H 149 20.55 -55.30 -6.15
CA ILE H 149 21.05 -53.98 -5.74
C ILE H 149 20.01 -53.17 -4.95
N GLN H 150 18.75 -53.19 -5.38
CA GLN H 150 17.70 -52.51 -4.63
C GLN H 150 17.52 -53.13 -3.25
N THR H 151 17.52 -54.48 -3.21
CA THR H 151 17.40 -55.20 -1.95
C THR H 151 18.50 -54.88 -0.96
N VAL H 152 19.73 -54.88 -1.45
CA VAL H 152 20.89 -54.45 -0.68
C VAL H 152 20.82 -52.98 -0.22
N THR H 153 20.45 -52.10 -1.14
CA THR H 153 20.25 -50.68 -0.85
C THR H 153 19.20 -50.47 0.25
N ASP H 154 18.05 -51.12 0.08
CA ASP H 154 16.97 -51.02 1.07
C ASP H 154 17.39 -51.64 2.43
N LEU H 155 18.07 -52.78 2.38
CA LEU H 155 18.56 -53.44 3.60
C LEU H 155 19.55 -52.58 4.36
N HIS H 156 20.56 -52.04 3.67
CA HIS H 156 21.53 -51.16 4.34
C HIS H 156 20.85 -49.98 5.08
N GLN H 157 19.90 -49.36 4.40
CA GLN H 157 19.14 -48.22 4.98
C GLN H 157 18.34 -48.66 6.16
N LEU H 158 17.74 -49.85 6.09
CA LEU H 158 17.00 -50.38 7.21
C LEU H 158 17.88 -50.64 8.45
N LEU H 159 19.04 -51.24 8.24
CA LEU H 159 19.97 -51.52 9.34
C LEU H 159 20.42 -50.21 9.99
N LYS H 160 20.81 -49.26 9.13
CA LYS H 160 21.29 -47.95 9.59
C LYS H 160 20.26 -47.17 10.41
N MET H 161 19.00 -47.25 10.00
CA MET H 161 17.93 -46.53 10.70
C MET H 161 17.45 -47.33 11.90
N HIS H 162 17.31 -48.65 11.75
CA HIS H 162 16.56 -49.47 12.74
C HIS H 162 17.37 -50.47 13.58
N ALA H 163 18.56 -50.86 13.11
CA ALA H 163 19.42 -51.78 13.86
C ALA H 163 20.90 -51.48 13.54
N PRO H 164 21.39 -50.30 13.97
CA PRO H 164 22.67 -49.74 13.55
C PRO H 164 23.92 -50.50 14.01
N GLN H 165 23.76 -51.41 14.97
CA GLN H 165 24.85 -52.28 15.40
C GLN H 165 25.17 -53.35 14.36
N ALA H 166 24.22 -53.60 13.47
CA ALA H 166 24.35 -54.61 12.46
C ALA H 166 24.90 -54.07 11.14
N LYS H 167 25.59 -54.93 10.43
CA LYS H 167 26.17 -54.60 9.14
C LYS H 167 25.62 -55.50 8.03
N VAL H 168 25.50 -54.92 6.84
CA VAL H 168 25.35 -55.72 5.64
C VAL H 168 26.67 -56.38 5.27
N LEU H 169 26.63 -57.70 5.08
CA LEU H 169 27.71 -58.46 4.41
C LEU H 169 27.19 -59.01 3.06
N ALA H 170 27.39 -58.22 2.00
CA ALA H 170 26.87 -58.55 0.71
C ALA H 170 27.56 -59.77 0.11
N ALA H 171 26.76 -60.67 -0.46
CA ALA H 171 27.25 -61.94 -0.97
C ALA H 171 26.57 -62.34 -2.27
N SER H 172 27.16 -63.36 -2.91
CA SER H 172 26.63 -63.96 -4.14
C SER H 172 26.80 -63.02 -5.33
N PHE H 173 27.91 -63.21 -6.06
CA PHE H 173 28.29 -62.33 -7.15
C PHE H 173 28.74 -63.09 -8.40
N LYS H 174 28.34 -62.59 -9.56
CA LYS H 174 28.81 -63.12 -10.85
C LYS H 174 29.64 -62.10 -11.61
N THR H 175 29.57 -60.84 -11.22
CA THR H 175 30.28 -59.78 -11.94
C THR H 175 30.70 -58.67 -10.98
N PRO H 176 31.86 -58.04 -11.21
CA PRO H 176 32.32 -56.95 -10.32
C PRO H 176 31.36 -55.78 -10.19
N ARG H 177 30.63 -55.47 -11.24
CA ARG H 177 29.61 -54.39 -11.21
C ARG H 177 28.64 -54.54 -10.02
N GLN H 178 28.22 -55.78 -9.76
CA GLN H 178 27.36 -56.04 -8.63
C GLN H 178 28.03 -55.67 -7.33
N ALA H 179 29.31 -55.99 -7.22
CA ALA H 179 30.07 -55.73 -6.00
C ALA H 179 30.22 -54.22 -5.81
N LEU H 180 30.63 -53.56 -6.89
CA LEU H 180 30.71 -52.10 -6.92
C LEU H 180 29.41 -51.40 -6.44
N ASP H 181 28.27 -51.86 -6.97
CA ASP H 181 26.97 -51.26 -6.62
C ASP H 181 26.61 -51.48 -5.17
N CYS H 182 26.94 -52.66 -4.64
CA CYS H 182 26.77 -52.91 -3.20
C CYS H 182 27.63 -51.97 -2.34
N LEU H 183 28.88 -51.79 -2.77
CA LEU H 183 29.79 -50.88 -2.07
C LEU H 183 29.25 -49.45 -2.15
N LEU H 184 28.78 -49.06 -3.34
CA LEU H 184 28.23 -47.73 -3.54
C LEU H 184 26.96 -47.50 -2.72
N ALA H 185 26.22 -48.57 -2.46
CA ALA H 185 25.03 -48.53 -1.61
C ALA H 185 25.37 -48.43 -0.11
N GLY H 186 26.64 -48.61 0.24
CA GLY H 186 27.11 -48.39 1.61
C GLY H 186 27.44 -49.65 2.39
N CYS H 187 27.34 -50.81 1.77
CA CYS H 187 27.67 -52.07 2.44
C CYS H 187 29.01 -51.98 3.20
N GLU H 188 28.96 -52.26 4.49
CA GLU H 188 30.12 -52.15 5.36
C GLU H 188 30.99 -53.40 5.32
N SER H 189 30.44 -54.47 4.78
CA SER H 189 31.23 -55.66 4.47
C SER H 189 30.75 -56.31 3.19
N ILE H 190 31.64 -57.09 2.62
CA ILE H 190 31.38 -57.79 1.36
C ILE H 190 32.23 -59.07 1.29
N THR H 191 31.69 -60.09 0.61
CA THR H 191 32.47 -61.29 0.31
C THR H 191 32.43 -61.66 -1.16
N LEU H 192 33.60 -61.83 -1.73
CA LEU H 192 33.74 -62.08 -3.18
C LEU H 192 34.16 -63.52 -3.49
N PRO H 193 33.54 -64.12 -4.52
CA PRO H 193 34.11 -65.37 -5.01
C PRO H 193 35.41 -65.06 -5.74
N LEU H 194 36.21 -66.09 -5.98
CA LEU H 194 37.58 -65.91 -6.47
C LEU H 194 37.63 -65.30 -7.86
N ASP H 195 36.74 -65.78 -8.74
CA ASP H 195 36.76 -65.28 -10.12
C ASP H 195 36.46 -63.77 -10.19
N VAL H 196 35.50 -63.31 -9.40
CA VAL H 196 35.13 -61.90 -9.35
C VAL H 196 36.23 -61.03 -8.72
N ALA H 197 36.78 -61.53 -7.63
CA ALA H 197 37.90 -60.85 -6.96
C ALA H 197 39.06 -60.66 -7.94
N GLN H 198 39.39 -61.70 -8.69
CA GLN H 198 40.49 -61.64 -9.65
C GLN H 198 40.21 -60.68 -10.80
N GLN H 199 38.98 -60.66 -11.28
CA GLN H 199 38.58 -59.68 -12.31
C GLN H 199 38.70 -58.25 -11.79
N MET H 200 38.47 -58.08 -10.50
CA MET H 200 38.45 -56.75 -9.86
C MET H 200 39.85 -56.11 -9.79
N ILE H 201 40.90 -56.91 -9.99
CA ILE H 201 42.29 -56.42 -9.96
C ILE H 201 43.07 -56.60 -11.26
N SER H 202 42.40 -57.04 -12.32
CA SER H 202 43.02 -57.26 -13.60
C SER H 202 42.25 -56.55 -14.72
N TYR H 203 42.90 -55.55 -15.31
CA TYR H 203 42.31 -54.77 -16.39
C TYR H 203 43.25 -54.60 -17.56
N PRO H 204 42.78 -54.91 -18.79
CA PRO H 204 43.57 -54.65 -19.98
C PRO H 204 44.06 -53.21 -20.11
N ALA H 205 43.20 -52.26 -19.75
CA ALA H 205 43.55 -50.83 -19.86
C ALA H 205 44.72 -50.47 -18.93
N VAL H 206 44.69 -51.03 -17.73
CA VAL H 206 45.72 -50.82 -16.74
C VAL H 206 47.05 -51.45 -17.16
N ASP H 207 46.98 -52.67 -17.70
CA ASP H 207 48.17 -53.35 -18.23
C ASP H 207 48.79 -52.57 -19.39
N ALA H 208 47.95 -52.02 -20.28
CA ALA H 208 48.42 -51.13 -21.35
C ALA H 208 49.08 -49.83 -20.84
N ALA H 209 48.56 -49.28 -19.76
CA ALA H 209 49.14 -48.05 -19.17
C ALA H 209 50.52 -48.34 -18.56
N VAL H 210 50.64 -49.48 -17.90
CA VAL H 210 51.91 -49.95 -17.35
C VAL H 210 52.94 -50.22 -18.46
N ALA H 211 52.51 -50.91 -19.52
CA ALA H 211 53.38 -51.18 -20.67
C ALA H 211 53.90 -49.88 -21.30
N LYS H 212 52.99 -48.94 -21.50
CA LYS H 212 53.33 -47.60 -21.99
C LYS H 212 54.42 -46.92 -21.12
N PHE H 213 54.25 -46.99 -19.81
CA PHE H 213 55.23 -46.38 -18.89
C PHE H 213 56.63 -46.98 -19.08
N GLU H 214 56.66 -48.31 -19.20
CA GLU H 214 57.90 -49.05 -19.45
C GLU H 214 58.57 -48.68 -20.79
N GLN H 215 57.76 -48.58 -21.84
CA GLN H 215 58.22 -48.16 -23.17
C GLN H 215 58.79 -46.73 -23.17
N ASP H 216 58.11 -45.81 -22.51
CA ASP H 216 58.58 -44.43 -22.41
C ASP H 216 59.90 -44.35 -21.62
N TRP H 217 59.96 -45.07 -20.51
CA TRP H 217 61.16 -45.16 -19.66
C TRP H 217 62.35 -45.71 -20.46
N GLN H 218 62.14 -46.87 -21.08
CA GLN H 218 63.12 -47.51 -21.99
C GLN H 218 63.64 -46.53 -23.04
N GLY H 219 62.71 -45.84 -23.68
CA GLY H 219 63.03 -44.88 -24.75
C GLY H 219 63.98 -43.77 -24.30
N ALA H 220 63.81 -43.31 -23.07
CA ALA H 220 64.61 -42.20 -22.53
C ALA H 220 65.88 -42.66 -21.80
N PHE H 221 65.80 -43.80 -21.11
CA PHE H 221 66.87 -44.25 -20.21
C PHE H 221 67.58 -45.56 -20.61
N GLY H 222 67.11 -46.20 -21.68
CA GLY H 222 67.75 -47.42 -22.19
C GLY H 222 67.54 -48.67 -21.35
N ARG H 223 66.61 -48.61 -20.41
CA ARG H 223 66.21 -49.77 -19.60
C ARG H 223 64.76 -49.60 -19.11
N THR H 224 64.18 -50.67 -18.57
CA THR H 224 62.80 -50.63 -18.01
C THR H 224 62.77 -50.64 -16.47
N SER H 225 63.96 -50.62 -15.86
CA SER H 225 64.10 -50.62 -14.41
C SER H 225 64.41 -49.22 -13.88
N ILE H 226 64.18 -49.03 -12.60
CA ILE H 226 64.30 -47.71 -11.99
C ILE H 226 65.76 -47.25 -11.83
N HIS I 7 42.24 -28.87 1.12
CA HIS I 7 42.43 -29.28 -0.31
C HIS I 7 43.89 -29.14 -0.76
N GLU I 8 44.33 -30.05 -1.64
CA GLU I 8 45.72 -30.07 -2.14
C GLU I 8 45.83 -29.97 -3.67
N LEU I 9 46.37 -28.86 -4.13
CA LEU I 9 46.59 -28.59 -5.55
C LEU I 9 48.02 -28.90 -5.98
N TYR I 10 48.15 -29.83 -6.92
CA TYR I 10 49.44 -30.23 -7.48
C TYR I 10 49.58 -29.87 -8.95
N LEU I 11 50.84 -29.75 -9.38
CA LEU I 11 51.16 -29.70 -10.80
C LEU I 11 51.74 -31.03 -11.24
N ASP I 12 51.34 -31.44 -12.43
CA ASP I 12 51.71 -32.73 -12.99
C ASP I 12 52.78 -32.49 -14.07
N THR I 13 54.05 -32.53 -13.67
CA THR I 13 55.13 -32.03 -14.53
C THR I 13 56.52 -32.39 -14.03
N SER I 14 57.48 -32.43 -14.96
CA SER I 14 58.92 -32.51 -14.61
C SER I 14 59.66 -31.27 -15.07
N ASP I 15 58.89 -30.23 -15.43
CA ASP I 15 59.44 -28.99 -16.01
C ASP I 15 59.81 -28.02 -14.88
N VAL I 16 61.07 -28.08 -14.48
CA VAL I 16 61.57 -27.35 -13.28
C VAL I 16 61.40 -25.83 -13.37
N VAL I 17 61.69 -25.27 -14.53
CA VAL I 17 61.57 -23.83 -14.77
C VAL I 17 60.12 -23.37 -14.65
N ALA I 18 59.23 -24.10 -15.32
CA ALA I 18 57.80 -23.82 -15.24
C ALA I 18 57.31 -23.92 -13.79
N VAL I 19 57.76 -24.93 -13.06
CA VAL I 19 57.36 -25.09 -11.67
C VAL I 19 57.75 -23.89 -10.85
N LYS I 20 58.98 -23.43 -11.04
CA LYS I 20 59.46 -22.25 -10.32
C LYS I 20 58.57 -21.04 -10.61
N ALA I 21 58.30 -20.81 -11.89
CA ALA I 21 57.53 -19.64 -12.31
C ALA I 21 56.07 -19.73 -11.82
N LEU I 22 55.48 -20.91 -11.93
CA LEU I 22 54.08 -21.10 -11.60
C LEU I 22 53.82 -21.22 -10.09
N SER I 23 54.85 -21.51 -9.32
CA SER I 23 54.72 -21.66 -7.86
C SER I 23 54.46 -20.34 -7.12
N ARG I 24 54.81 -19.21 -7.73
CA ARG I 24 54.49 -17.89 -7.15
C ARG I 24 53.07 -17.45 -7.49
N ILE I 25 52.50 -18.09 -8.50
CA ILE I 25 51.14 -17.79 -8.96
C ILE I 25 50.09 -18.67 -8.30
N PHE I 26 50.23 -19.99 -8.49
CA PHE I 26 49.29 -20.95 -7.95
C PHE I 26 49.58 -21.29 -6.49
N PRO I 27 48.53 -21.57 -5.70
CA PRO I 27 48.72 -22.06 -4.34
C PRO I 27 48.98 -23.56 -4.31
N LEU I 28 50.22 -23.94 -4.59
CA LEU I 28 50.59 -25.33 -4.78
C LEU I 28 50.90 -26.07 -3.49
N ALA I 29 50.42 -27.30 -3.39
CA ALA I 29 50.79 -28.21 -2.32
C ALA I 29 52.02 -29.02 -2.69
N GLY I 30 52.35 -29.04 -3.98
CA GLY I 30 53.44 -29.88 -4.47
C GLY I 30 53.41 -30.15 -5.96
N VAL I 31 54.17 -31.17 -6.33
CA VAL I 31 54.31 -31.60 -7.72
C VAL I 31 54.20 -33.11 -7.78
N THR I 32 53.47 -33.60 -8.77
CA THR I 32 53.41 -35.03 -9.05
C THR I 32 54.15 -35.37 -10.33
N THR I 33 54.75 -36.55 -10.33
CA THR I 33 55.39 -37.09 -11.52
C THR I 33 54.95 -38.53 -11.75
N ASN I 34 55.15 -38.98 -12.98
CA ASN I 34 55.00 -40.38 -13.34
C ASN I 34 56.11 -40.72 -14.35
N PRO I 35 56.28 -42.00 -14.70
CA PRO I 35 57.41 -42.36 -15.59
C PRO I 35 57.43 -41.69 -16.96
N SER I 36 56.26 -41.44 -17.56
CA SER I 36 56.18 -40.78 -18.85
C SER I 36 56.55 -39.30 -18.74
N ILE I 37 56.15 -38.69 -17.63
CA ILE I 37 56.47 -37.28 -17.40
C ILE I 37 57.97 -37.08 -17.11
N ILE I 38 58.56 -38.00 -16.36
CA ILE I 38 59.99 -37.97 -16.06
C ILE I 38 60.77 -38.20 -17.36
N ALA I 39 60.41 -39.26 -18.07
CA ALA I 39 61.03 -39.60 -19.36
C ALA I 39 61.04 -38.43 -20.36
N ALA I 40 59.87 -37.79 -20.52
CA ALA I 40 59.70 -36.64 -21.42
C ALA I 40 60.63 -35.46 -21.08
N GLY I 41 60.95 -35.32 -19.78
CA GLY I 41 61.87 -34.27 -19.30
C GLY I 41 63.36 -34.64 -19.45
N LYS I 42 63.62 -35.94 -19.60
CA LYS I 42 64.94 -36.52 -19.93
C LYS I 42 65.98 -36.50 -18.81
N LYS I 43 65.63 -35.91 -17.67
CA LYS I 43 66.54 -35.88 -16.53
C LYS I 43 66.23 -37.04 -15.62
N PRO I 44 67.29 -37.69 -15.09
CA PRO I 44 67.05 -38.82 -14.18
C PRO I 44 66.47 -38.38 -12.84
N LEU I 45 65.89 -39.34 -12.12
CA LEU I 45 65.18 -39.06 -10.86
C LEU I 45 66.05 -38.37 -9.83
N ASP I 46 67.29 -38.82 -9.69
CA ASP I 46 68.21 -38.22 -8.70
C ASP I 46 68.59 -36.77 -9.04
N VAL I 47 68.33 -36.36 -10.27
CA VAL I 47 68.51 -34.96 -10.70
C VAL I 47 67.21 -34.14 -10.59
N VAL I 48 66.15 -34.56 -11.29
CA VAL I 48 64.89 -33.77 -11.31
C VAL I 48 64.26 -33.59 -9.95
N LEU I 49 64.22 -34.65 -9.17
CA LEU I 49 63.46 -34.62 -7.93
C LEU I 49 63.95 -33.52 -6.98
N PRO I 50 65.26 -33.52 -6.63
CA PRO I 50 65.78 -32.40 -5.81
C PRO I 50 65.58 -31.04 -6.45
N GLN I 51 65.74 -30.97 -7.78
CA GLN I 51 65.48 -29.71 -8.52
C GLN I 51 64.04 -29.24 -8.40
N LEU I 52 63.10 -30.19 -8.53
CA LEU I 52 61.65 -29.88 -8.38
C LEU I 52 61.34 -29.45 -6.96
N HIS I 53 61.93 -30.14 -5.99
CA HIS I 53 61.82 -29.75 -4.57
C HIS I 53 62.30 -28.32 -4.31
N GLU I 54 63.46 -27.98 -4.86
CA GLU I 54 64.01 -26.63 -4.74
C GLU I 54 63.14 -25.60 -5.43
N ALA I 55 62.68 -25.93 -6.63
CA ALA I 55 61.91 -24.99 -7.46
C ALA I 55 60.59 -24.55 -6.81
N MET I 56 60.20 -25.23 -5.73
CA MET I 56 59.01 -24.90 -4.95
C MET I 56 59.33 -24.18 -3.65
N GLY I 57 60.57 -23.72 -3.49
CA GLY I 57 60.99 -23.05 -2.26
C GLY I 57 61.27 -24.01 -1.12
N GLY I 58 61.70 -25.23 -1.46
CA GLY I 58 62.05 -26.25 -0.47
C GLY I 58 60.90 -26.72 0.39
N GLN I 59 59.68 -26.44 -0.06
CA GLN I 59 58.46 -26.84 0.64
C GLN I 59 57.52 -27.55 -0.33
N GLY I 60 56.52 -28.19 0.25
CA GLY I 60 55.54 -28.92 -0.54
C GLY I 60 55.90 -30.38 -0.73
N ARG I 61 54.93 -31.16 -1.18
CA ARG I 61 55.04 -32.60 -1.28
C ARG I 61 55.41 -33.02 -2.69
N LEU I 62 56.17 -34.09 -2.79
CA LEU I 62 56.50 -34.70 -4.08
C LEU I 62 55.95 -36.11 -4.19
N PHE I 63 55.66 -36.50 -5.42
CA PHE I 63 55.24 -37.87 -5.73
C PHE I 63 56.04 -38.42 -6.89
N ALA I 64 56.44 -39.68 -6.78
CA ALA I 64 57.09 -40.38 -7.90
C ALA I 64 56.78 -41.85 -7.87
N GLN I 65 56.91 -42.50 -9.03
CA GLN I 65 56.40 -43.83 -9.25
C GLN I 65 57.45 -44.92 -9.34
N VAL I 66 57.12 -46.07 -8.76
CA VAL I 66 57.96 -47.26 -8.91
C VAL I 66 57.87 -47.80 -10.33
N MET I 67 58.85 -48.63 -10.69
CA MET I 67 58.93 -49.21 -12.04
C MET I 67 58.91 -50.74 -12.06
N ALA I 68 59.22 -51.35 -10.92
CA ALA I 68 59.34 -52.80 -10.84
C ALA I 68 57.99 -53.51 -11.02
N THR I 69 58.09 -54.81 -11.34
CA THR I 69 56.96 -55.65 -11.72
C THR I 69 56.48 -56.54 -10.57
N THR I 70 57.39 -56.82 -9.64
CA THR I 70 57.06 -57.63 -8.46
C THR I 70 56.92 -56.76 -7.24
N ALA I 71 56.16 -57.26 -6.27
CA ALA I 71 55.91 -56.51 -5.04
C ALA I 71 57.22 -56.18 -4.32
N GLU I 72 58.09 -57.19 -4.21
CA GLU I 72 59.42 -57.01 -3.59
C GLU I 72 60.25 -55.97 -4.30
N GLY I 73 60.29 -56.06 -5.63
CA GLY I 73 60.98 -55.07 -6.47
C GLY I 73 60.43 -53.64 -6.33
N MET I 74 59.12 -53.54 -6.16
CA MET I 74 58.46 -52.23 -5.95
C MET I 74 58.82 -51.61 -4.61
N VAL I 75 58.89 -52.45 -3.58
CA VAL I 75 59.33 -52.00 -2.25
C VAL I 75 60.76 -51.45 -2.32
N ASN I 76 61.63 -52.15 -3.04
CA ASN I 76 63.03 -51.72 -3.25
C ASN I 76 63.12 -50.40 -4.03
N ASP I 77 62.27 -50.28 -5.05
CA ASP I 77 62.14 -49.00 -5.79
C ASP I 77 61.73 -47.85 -4.87
N ALA I 78 60.80 -48.14 -3.97
CA ALA I 78 60.31 -47.16 -3.00
C ALA I 78 61.43 -46.64 -2.10
N LEU I 79 62.27 -47.55 -1.63
CA LEU I 79 63.42 -47.20 -0.78
C LEU I 79 64.41 -46.31 -1.53
N LYS I 80 64.67 -46.66 -2.79
CA LYS I 80 65.49 -45.82 -3.67
C LYS I 80 64.91 -44.40 -3.84
N LEU I 81 63.60 -44.31 -4.06
CA LEU I 81 62.93 -43.01 -4.16
C LEU I 81 63.01 -42.19 -2.87
N ARG I 82 62.79 -42.87 -1.75
CA ARG I 82 62.86 -42.25 -0.42
C ARG I 82 64.28 -41.79 -0.05
N SER I 83 65.29 -42.44 -0.59
CA SER I 83 66.70 -42.04 -0.35
C SER I 83 67.06 -40.76 -1.13
N ILE I 84 66.31 -40.47 -2.20
CA ILE I 84 66.49 -39.23 -2.97
C ILE I 84 65.72 -38.08 -2.31
N ILE I 85 64.44 -38.32 -2.04
CA ILE I 85 63.58 -37.35 -1.33
C ILE I 85 62.98 -38.05 -0.12
N ALA I 86 63.41 -37.64 1.06
CA ALA I 86 63.11 -38.35 2.31
C ALA I 86 61.61 -38.51 2.60
N ASP I 87 60.85 -37.46 2.30
CA ASP I 87 59.40 -37.40 2.61
C ASP I 87 58.51 -37.61 1.36
N ILE I 88 59.06 -38.24 0.32
CA ILE I 88 58.35 -38.43 -0.95
C ILE I 88 57.22 -39.47 -0.82
N VAL I 89 56.12 -39.21 -1.52
CA VAL I 89 55.01 -40.17 -1.56
C VAL I 89 55.25 -41.08 -2.74
N VAL I 90 55.16 -42.38 -2.51
CA VAL I 90 55.49 -43.38 -3.54
C VAL I 90 54.24 -43.83 -4.27
N LYS I 91 54.26 -43.62 -5.59
CA LYS I 91 53.16 -44.04 -6.46
C LYS I 91 53.34 -45.51 -6.87
N VAL I 92 52.32 -46.31 -6.61
CA VAL I 92 52.31 -47.72 -6.96
C VAL I 92 51.12 -48.07 -7.87
N PRO I 93 51.39 -48.57 -9.09
CA PRO I 93 50.25 -48.95 -9.94
C PRO I 93 49.37 -49.99 -9.26
N VAL I 94 48.06 -49.81 -9.37
CA VAL I 94 47.13 -50.68 -8.64
C VAL I 94 46.90 -51.94 -9.47
N THR I 95 47.85 -52.85 -9.35
CA THR I 95 47.80 -54.20 -9.90
C THR I 95 47.88 -55.19 -8.73
N ALA I 96 47.85 -56.47 -9.04
CA ALA I 96 47.93 -57.51 -8.00
C ALA I 96 49.19 -57.34 -7.16
N GLU I 97 50.33 -57.27 -7.83
CA GLU I 97 51.61 -57.05 -7.14
C GLU I 97 51.69 -55.69 -6.46
N GLY I 98 51.15 -54.67 -7.14
CA GLY I 98 51.09 -53.32 -6.57
C GLY I 98 50.36 -53.30 -5.25
N LEU I 99 49.21 -53.98 -5.21
CA LEU I 99 48.42 -54.10 -3.96
C LEU I 99 49.23 -54.72 -2.84
N ALA I 100 49.89 -55.83 -3.14
CA ALA I 100 50.77 -56.50 -2.19
C ALA I 100 51.89 -55.56 -1.72
N ALA I 101 52.46 -54.83 -2.67
CA ALA I 101 53.49 -53.83 -2.36
C ALA I 101 52.97 -52.73 -1.44
N ILE I 102 51.76 -52.27 -1.72
CA ILE I 102 51.16 -51.22 -0.90
C ILE I 102 51.00 -51.70 0.54
N LYS I 103 50.54 -52.94 0.70
CA LYS I 103 50.42 -53.54 2.04
C LYS I 103 51.78 -53.59 2.76
N MET I 104 52.82 -53.98 2.02
CA MET I 104 54.18 -54.06 2.58
C MET I 104 54.72 -52.68 2.97
N LEU I 105 54.49 -51.70 2.11
CA LEU I 105 54.90 -50.31 2.37
C LEU I 105 54.13 -49.65 3.51
N LYS I 106 52.88 -50.04 3.69
CA LYS I 106 52.08 -49.64 4.85
C LYS I 106 52.73 -50.13 6.15
N ALA I 107 53.09 -51.40 6.17
CA ALA I 107 53.78 -52.01 7.32
C ALA I 107 55.12 -51.34 7.63
N GLU I 108 55.81 -50.90 6.58
CA GLU I 108 57.10 -50.19 6.73
C GLU I 108 56.98 -48.68 7.01
N GLY I 109 55.75 -48.17 7.05
CA GLY I 109 55.49 -46.75 7.36
C GLY I 109 55.81 -45.75 6.24
N ILE I 110 55.88 -46.24 5.02
CA ILE I 110 56.15 -45.39 3.85
C ILE I 110 54.83 -45.04 3.14
N PRO I 111 54.48 -43.75 3.07
CA PRO I 111 53.19 -43.38 2.50
C PRO I 111 53.13 -43.63 1.01
N THR I 112 51.99 -44.14 0.55
CA THR I 112 51.80 -44.52 -0.85
C THR I 112 50.63 -43.83 -1.51
N LEU I 113 50.70 -43.82 -2.82
CA LEU I 113 49.59 -43.43 -3.66
C LEU I 113 49.29 -44.57 -4.60
N GLY I 114 48.02 -44.97 -4.68
CA GLY I 114 47.57 -46.00 -5.62
C GLY I 114 47.24 -45.40 -6.97
N THR I 115 48.06 -45.71 -7.99
CA THR I 115 47.93 -45.07 -9.29
C THR I 115 47.49 -46.01 -10.43
N ALA I 116 47.33 -45.43 -11.62
CA ALA I 116 46.84 -46.16 -12.81
C ALA I 116 45.47 -46.77 -12.54
N VAL I 117 44.63 -45.96 -11.93
CA VAL I 117 43.30 -46.41 -11.52
C VAL I 117 42.33 -46.07 -12.65
N TYR I 118 41.68 -47.11 -13.17
CA TYR I 118 40.71 -47.00 -14.23
C TYR I 118 39.30 -47.42 -13.77
N GLY I 119 39.19 -47.84 -12.53
CA GLY I 119 37.89 -48.26 -11.97
C GLY I 119 37.81 -47.91 -10.51
N ALA I 120 36.58 -47.74 -10.01
CA ALA I 120 36.36 -47.29 -8.63
C ALA I 120 36.70 -48.32 -7.59
N ALA I 121 36.31 -49.56 -7.85
CA ALA I 121 36.59 -50.64 -6.93
C ALA I 121 38.09 -50.89 -6.79
N GLN I 122 38.76 -50.89 -7.93
CA GLN I 122 40.20 -51.01 -8.01
C GLN I 122 40.86 -49.97 -7.10
N GLY I 123 40.46 -48.71 -7.28
CA GLY I 123 40.94 -47.61 -6.46
C GLY I 123 40.70 -47.83 -4.97
N LEU I 124 39.49 -48.24 -4.62
CA LEU I 124 39.16 -48.54 -3.22
C LEU I 124 40.07 -49.58 -2.63
N LEU I 125 40.33 -50.65 -3.38
CA LEU I 125 41.17 -51.73 -2.88
C LEU I 125 42.57 -51.21 -2.46
N SER I 126 43.09 -50.27 -3.25
CA SER I 126 44.41 -49.68 -2.98
C SER I 126 44.40 -48.89 -1.67
N ALA I 127 43.29 -48.21 -1.41
CA ALA I 127 43.10 -47.49 -0.15
C ALA I 127 42.95 -48.42 1.05
N LEU I 128 42.16 -49.47 0.88
CA LEU I 128 41.99 -50.47 1.94
C LEU I 128 43.33 -51.18 2.27
N ALA I 129 44.16 -51.31 1.25
CA ALA I 129 45.50 -51.89 1.41
C ALA I 129 46.46 -50.95 2.14
N GLY I 130 46.13 -49.66 2.22
CA GLY I 130 46.91 -48.70 3.00
C GLY I 130 47.32 -47.43 2.27
N ALA I 131 47.01 -47.33 0.99
CA ALA I 131 47.32 -46.13 0.25
C ALA I 131 46.61 -44.91 0.82
N GLU I 132 47.35 -43.80 0.86
CA GLU I 132 46.84 -42.55 1.42
C GLU I 132 46.18 -41.69 0.35
N TYR I 133 46.60 -41.89 -0.89
CA TYR I 133 46.03 -41.23 -2.04
C TYR I 133 45.64 -42.29 -3.07
N VAL I 134 44.63 -41.97 -3.87
CA VAL I 134 44.22 -42.83 -5.00
C VAL I 134 44.00 -41.96 -6.23
N ALA I 135 44.70 -42.30 -7.31
CA ALA I 135 44.77 -41.46 -8.51
C ALA I 135 44.14 -42.10 -9.72
N PRO I 136 42.84 -41.79 -9.96
CA PRO I 136 42.21 -42.23 -11.21
C PRO I 136 42.70 -41.44 -12.37
N TYR I 137 42.84 -42.10 -13.52
CA TYR I 137 43.23 -41.42 -14.75
C TYR I 137 41.97 -41.00 -15.50
N VAL I 138 41.52 -39.77 -15.18
CA VAL I 138 40.26 -39.25 -15.67
C VAL I 138 40.14 -39.24 -17.21
N ASN I 139 41.06 -38.58 -17.89
CA ASN I 139 41.00 -38.50 -19.37
C ASN I 139 41.19 -39.84 -20.06
N ARG I 140 41.97 -40.71 -19.44
CA ARG I 140 42.22 -42.04 -20.00
C ARG I 140 40.92 -42.85 -20.02
N ILE I 141 40.14 -42.71 -18.95
CA ILE I 141 38.83 -43.34 -18.85
C ILE I 141 37.84 -42.73 -19.86
N ASP I 142 37.81 -41.40 -19.94
CA ASP I 142 37.04 -40.69 -20.94
C ASP I 142 37.41 -41.06 -22.38
N ALA I 143 38.72 -41.03 -22.68
CA ALA I 143 39.19 -41.30 -24.01
C ALA I 143 38.82 -42.69 -24.48
N GLN I 144 38.84 -43.64 -23.54
CA GLN I 144 38.59 -45.03 -23.84
C GLN I 144 37.11 -45.48 -23.74
N GLY I 145 36.19 -44.52 -23.77
CA GLY I 145 34.76 -44.81 -23.93
C GLY I 145 33.99 -44.98 -22.64
N GLY I 146 34.64 -44.69 -21.51
CA GLY I 146 33.97 -44.75 -20.22
C GLY I 146 33.54 -43.36 -19.77
N SER I 147 33.44 -43.18 -18.46
CA SER I 147 33.13 -41.86 -17.87
C SER I 147 34.07 -41.58 -16.72
N GLY I 148 35.07 -40.77 -17.00
CA GLY I 148 36.09 -40.43 -16.01
C GLY I 148 35.48 -39.76 -14.80
N ILE I 149 34.53 -38.89 -15.03
CA ILE I 149 33.81 -38.19 -13.92
C ILE I 149 32.97 -39.13 -13.05
N GLN I 150 32.29 -40.09 -13.66
CA GLN I 150 31.50 -41.06 -12.86
C GLN I 150 32.39 -41.93 -12.03
N THR I 151 33.49 -42.35 -12.63
CA THR I 151 34.50 -43.13 -11.89
C THR I 151 35.01 -42.38 -10.69
N VAL I 152 35.37 -41.12 -10.90
CA VAL I 152 35.89 -40.26 -9.84
C VAL I 152 34.85 -40.04 -8.75
N THR I 153 33.64 -39.74 -9.19
CA THR I 153 32.48 -39.56 -8.28
C THR I 153 32.28 -40.82 -7.43
N ASP I 154 32.24 -41.97 -8.10
CA ASP I 154 32.05 -43.24 -7.39
C ASP I 154 33.23 -43.52 -6.42
N LEU I 155 34.44 -43.27 -6.90
CA LEU I 155 35.64 -43.50 -6.09
C LEU I 155 35.70 -42.64 -4.83
N HIS I 156 35.42 -41.36 -4.99
CA HIS I 156 35.36 -40.46 -3.82
C HIS I 156 34.38 -40.93 -2.78
N GLN I 157 33.17 -41.28 -3.23
CA GLN I 157 32.15 -41.80 -2.31
C GLN I 157 32.60 -43.07 -1.62
N LEU I 158 33.23 -43.97 -2.38
CA LEU I 158 33.74 -45.22 -1.79
C LEU I 158 34.78 -44.95 -0.69
N LEU I 159 35.71 -44.05 -0.98
CA LEU I 159 36.75 -43.73 0.01
C LEU I 159 36.11 -43.16 1.24
N LYS I 160 35.20 -42.22 1.04
CA LYS I 160 34.52 -41.53 2.17
C LYS I 160 33.74 -42.46 3.06
N MET I 161 33.10 -43.45 2.45
CA MET I 161 32.31 -44.41 3.21
C MET I 161 33.17 -45.53 3.79
N HIS I 162 34.12 -46.02 2.99
CA HIS I 162 34.82 -47.29 3.32
C HIS I 162 36.31 -47.20 3.69
N ALA I 163 36.99 -46.12 3.31
CA ALA I 163 38.41 -45.90 3.68
C ALA I 163 38.69 -44.40 3.82
N PRO I 164 38.10 -43.74 4.82
CA PRO I 164 38.06 -42.31 4.94
C PRO I 164 39.42 -41.62 5.20
N GLN I 165 40.42 -42.40 5.57
CA GLN I 165 41.78 -41.85 5.73
C GLN I 165 42.41 -41.55 4.37
N ALA I 166 41.85 -42.15 3.32
CA ALA I 166 42.39 -42.00 1.97
C ALA I 166 41.71 -40.88 1.19
N LYS I 167 42.48 -40.28 0.30
CA LYS I 167 42.00 -39.16 -0.53
C LYS I 167 42.11 -39.48 -2.01
N VAL I 168 41.15 -38.96 -2.78
CA VAL I 168 41.26 -38.99 -4.23
C VAL I 168 42.24 -37.91 -4.65
N LEU I 169 43.24 -38.31 -5.45
CA LEU I 169 44.12 -37.38 -6.17
C LEU I 169 43.87 -37.50 -7.68
N ALA I 170 42.95 -36.69 -8.18
CA ALA I 170 42.49 -36.83 -9.54
C ALA I 170 43.60 -36.42 -10.48
N ALA I 171 43.78 -37.22 -11.54
CA ALA I 171 44.83 -36.96 -12.55
C ALA I 171 44.37 -37.23 -13.98
N SER I 172 45.22 -36.83 -14.92
CA SER I 172 45.05 -37.05 -16.36
C SER I 172 43.93 -36.17 -16.93
N PHE I 173 44.32 -34.99 -17.40
CA PHE I 173 43.36 -33.99 -17.86
C PHE I 173 43.74 -33.41 -19.20
N LYS I 174 42.72 -33.22 -20.04
CA LYS I 174 42.89 -32.46 -21.31
C LYS I 174 42.14 -31.14 -21.35
N THR I 175 41.21 -30.95 -20.43
CA THR I 175 40.42 -29.71 -20.40
C THR I 175 40.05 -29.35 -18.95
N PRO I 176 39.99 -28.04 -18.64
CA PRO I 176 39.60 -27.60 -17.31
C PRO I 176 38.24 -28.14 -16.81
N ARG I 177 37.29 -28.34 -17.72
CA ARG I 177 35.94 -28.87 -17.35
C ARG I 177 36.04 -30.19 -16.58
N GLN I 178 36.96 -31.04 -17.00
CA GLN I 178 37.23 -32.28 -16.30
C GLN I 178 37.70 -32.03 -14.86
N ALA I 179 38.58 -31.05 -14.69
CA ALA I 179 39.14 -30.75 -13.39
C ALA I 179 38.08 -30.17 -12.48
N LEU I 180 37.33 -29.22 -13.02
CA LEU I 180 36.12 -28.67 -12.33
C LEU I 180 35.13 -29.74 -11.86
N ASP I 181 34.81 -30.69 -12.72
CA ASP I 181 33.87 -31.77 -12.34
C ASP I 181 34.43 -32.64 -11.24
N CYS I 182 35.71 -32.92 -11.29
CA CYS I 182 36.38 -33.71 -10.20
C CYS I 182 36.35 -32.98 -8.85
N LEU I 183 36.61 -31.70 -8.90
CA LEU I 183 36.50 -30.82 -7.72
C LEU I 183 35.05 -30.80 -7.23
N LEU I 184 34.10 -30.67 -8.16
CA LEU I 184 32.69 -30.66 -7.77
C LEU I 184 32.27 -31.97 -7.13
N ALA I 185 32.91 -33.06 -7.56
CA ALA I 185 32.60 -34.38 -7.05
C ALA I 185 33.18 -34.60 -5.68
N GLY I 186 34.00 -33.67 -5.24
CA GLY I 186 34.54 -33.68 -3.86
C GLY I 186 36.03 -34.08 -3.74
N CYS I 187 36.72 -34.28 -4.85
CA CYS I 187 38.16 -34.66 -4.82
C CYS I 187 38.96 -33.75 -3.89
N GLU I 188 39.61 -34.35 -2.92
CA GLU I 188 40.36 -33.61 -1.89
C GLU I 188 41.75 -33.22 -2.38
N SER I 189 42.20 -33.86 -3.46
CA SER I 189 43.40 -33.42 -4.16
C SER I 189 43.25 -33.60 -5.68
N ILE I 190 44.07 -32.85 -6.39
CA ILE I 190 44.06 -32.85 -7.84
C ILE I 190 45.46 -32.43 -8.37
N THR I 191 45.81 -32.97 -9.53
CA THR I 191 47.04 -32.60 -10.20
C THR I 191 46.82 -32.27 -11.66
N LEU I 192 47.29 -31.08 -12.03
CA LEU I 192 47.02 -30.54 -13.33
C LEU I 192 48.26 -30.52 -14.21
N PRO I 193 48.11 -30.89 -15.49
CA PRO I 193 49.21 -30.60 -16.40
C PRO I 193 49.26 -29.09 -16.65
N LEU I 194 50.37 -28.63 -17.20
CA LEU I 194 50.64 -27.21 -17.32
C LEU I 194 49.65 -26.47 -18.22
N ASP I 195 49.32 -27.07 -19.35
CA ASP I 195 48.44 -26.40 -20.31
C ASP I 195 47.03 -26.17 -19.72
N VAL I 196 46.50 -27.17 -19.01
CA VAL I 196 45.21 -27.07 -18.33
C VAL I 196 45.22 -26.06 -17.15
N ALA I 197 46.27 -26.12 -16.34
CA ALA I 197 46.46 -25.13 -15.28
C ALA I 197 46.45 -23.70 -15.81
N GLN I 198 47.16 -23.48 -16.91
CA GLN I 198 47.25 -22.13 -17.50
C GLN I 198 45.92 -21.67 -18.08
N GLN I 199 45.21 -22.59 -18.70
CA GLN I 199 43.84 -22.28 -19.21
C GLN I 199 42.89 -21.92 -18.07
N MET I 200 43.12 -22.52 -16.90
CA MET I 200 42.27 -22.31 -15.73
C MET I 200 42.40 -20.92 -15.11
N ILE I 201 43.46 -20.18 -15.47
CA ILE I 201 43.67 -18.81 -14.98
C ILE I 201 43.67 -17.73 -16.05
N SER I 202 43.34 -18.09 -17.28
CA SER I 202 43.34 -17.13 -18.40
C SER I 202 42.03 -17.18 -19.19
N TYR I 203 41.27 -16.09 -19.15
CA TYR I 203 39.97 -16.01 -19.77
C TYR I 203 39.80 -14.75 -20.53
N PRO I 204 39.42 -14.85 -21.82
CA PRO I 204 39.09 -13.63 -22.59
C PRO I 204 38.07 -12.73 -21.91
N ALA I 205 37.05 -13.33 -21.30
CA ALA I 205 35.92 -12.56 -20.71
C ALA I 205 36.42 -11.72 -19.50
N VAL I 206 37.32 -12.31 -18.75
CA VAL I 206 37.98 -11.66 -17.62
C VAL I 206 38.93 -10.51 -18.06
N ASP I 207 39.71 -10.76 -19.11
CA ASP I 207 40.57 -9.73 -19.68
C ASP I 207 39.73 -8.55 -20.20
N ALA I 208 38.61 -8.85 -20.86
CA ALA I 208 37.67 -7.81 -21.33
C ALA I 208 37.04 -7.00 -20.18
N ALA I 209 36.77 -7.66 -19.07
CA ALA I 209 36.20 -6.97 -17.89
C ALA I 209 37.25 -6.02 -17.27
N VAL I 210 38.47 -6.48 -17.21
CA VAL I 210 39.63 -5.66 -16.74
C VAL I 210 39.88 -4.45 -17.65
N ALA I 211 39.89 -4.69 -18.96
CA ALA I 211 40.00 -3.60 -19.93
C ALA I 211 38.91 -2.55 -19.77
N LYS I 212 37.67 -3.02 -19.66
CA LYS I 212 36.51 -2.15 -19.42
C LYS I 212 36.70 -1.26 -18.17
N PHE I 213 37.17 -1.84 -17.09
CA PHE I 213 37.42 -1.10 -15.85
C PHE I 213 38.43 0.04 -16.08
N GLU I 214 39.51 -0.27 -16.78
CA GLU I 214 40.53 0.70 -17.15
C GLU I 214 40.01 1.83 -18.03
N GLN I 215 39.23 1.48 -19.04
CA GLN I 215 38.55 2.46 -19.90
C GLN I 215 37.60 3.39 -19.13
N ASP I 216 36.79 2.81 -18.24
CA ASP I 216 35.86 3.62 -17.44
C ASP I 216 36.62 4.59 -16.51
N TRP I 217 37.67 4.07 -15.88
CA TRP I 217 38.53 4.84 -14.98
C TRP I 217 39.18 6.01 -15.71
N GLN I 218 39.83 5.70 -16.83
CA GLN I 218 40.40 6.68 -17.75
C GLN I 218 39.41 7.76 -18.13
N GLY I 219 38.21 7.34 -18.52
CA GLY I 219 37.14 8.26 -18.94
C GLY I 219 36.74 9.28 -17.89
N ALA I 220 36.71 8.85 -16.63
CA ALA I 220 36.33 9.72 -15.51
C ALA I 220 37.51 10.48 -14.89
N PHE I 221 38.69 9.85 -14.82
CA PHE I 221 39.83 10.39 -14.07
C PHE I 221 41.07 10.78 -14.90
N GLY I 222 41.04 10.54 -16.21
CA GLY I 222 42.12 10.93 -17.11
C GLY I 222 43.40 10.12 -16.99
N ARG I 223 43.32 8.98 -16.31
CA ARG I 223 44.42 8.02 -16.21
C ARG I 223 43.88 6.61 -15.94
N THR I 224 44.74 5.60 -16.07
CA THR I 224 44.36 4.19 -15.80
C THR I 224 44.91 3.66 -14.46
N SER I 225 45.59 4.53 -13.72
CA SER I 225 46.17 4.17 -12.44
C SER I 225 45.32 4.68 -11.29
N ILE I 226 45.54 4.11 -10.11
CA ILE I 226 44.71 4.38 -8.94
C ILE I 226 44.99 5.78 -8.36
N HIS J 7 25.25 -13.83 7.67
CA HIS J 7 25.13 -13.33 6.29
C HIS J 7 25.47 -11.83 6.21
N GLU J 8 26.04 -11.44 5.07
CA GLU J 8 26.46 -10.03 4.84
C GLU J 8 25.83 -9.42 3.60
N LEU J 9 24.97 -8.41 3.84
CA LEU J 9 24.35 -7.64 2.78
C LEU J 9 25.06 -6.31 2.47
N TYR J 10 25.49 -6.15 1.21
CA TYR J 10 26.15 -4.96 0.78
C TYR J 10 25.35 -4.24 -0.29
N LEU J 11 25.61 -2.94 -0.39
CA LEU J 11 25.23 -2.16 -1.56
C LEU J 11 26.41 -1.90 -2.48
N ASP J 12 26.13 -1.99 -3.76
CA ASP J 12 27.12 -1.91 -4.82
C ASP J 12 26.95 -0.53 -5.48
N THR J 13 27.68 0.45 -4.96
CA THR J 13 27.42 1.85 -5.29
C THR J 13 28.51 2.81 -4.83
N SER J 14 28.60 3.96 -5.49
CA SER J 14 29.45 5.09 -5.01
C SER J 14 28.56 6.31 -4.70
N ASP J 15 27.25 6.07 -4.64
CA ASP J 15 26.25 7.14 -4.45
C ASP J 15 26.02 7.42 -2.97
N VAL J 16 26.76 8.40 -2.44
CA VAL J 16 26.86 8.65 -1.00
C VAL J 16 25.51 9.00 -0.35
N VAL J 17 24.73 9.83 -1.05
CA VAL J 17 23.43 10.28 -0.57
C VAL J 17 22.45 9.10 -0.50
N ALA J 18 22.40 8.30 -1.57
CA ALA J 18 21.61 7.06 -1.57
C ALA J 18 22.01 6.12 -0.45
N VAL J 19 23.31 5.97 -0.24
CA VAL J 19 23.81 5.07 0.85
C VAL J 19 23.31 5.54 2.21
N LYS J 20 23.38 6.85 2.45
CA LYS J 20 22.91 7.40 3.71
C LYS J 20 21.43 7.14 3.92
N ALA J 21 20.65 7.38 2.88
CA ALA J 21 19.20 7.15 2.94
C ALA J 21 18.83 5.68 3.11
N LEU J 22 19.51 4.82 2.36
CA LEU J 22 19.18 3.38 2.34
C LEU J 22 19.74 2.60 3.52
N SER J 23 20.72 3.18 4.22
CA SER J 23 21.33 2.54 5.40
C SER J 23 20.45 2.51 6.67
N ARG J 24 19.44 3.37 6.73
CA ARG J 24 18.44 3.30 7.79
C ARG J 24 17.32 2.28 7.48
N ILE J 25 17.21 1.91 6.22
CA ILE J 25 16.19 0.94 5.75
C ILE J 25 16.73 -0.49 5.74
N PHE J 26 17.80 -0.72 4.96
CA PHE J 26 18.39 -2.03 4.82
C PHE J 26 19.34 -2.36 5.96
N PRO J 27 19.39 -3.64 6.34
CA PRO J 27 20.37 -4.10 7.30
C PRO J 27 21.72 -4.36 6.60
N LEU J 28 22.47 -3.30 6.38
CA LEU J 28 23.71 -3.35 5.60
C LEU J 28 24.91 -3.73 6.42
N ALA J 29 25.74 -4.58 5.83
CA ALA J 29 27.08 -4.88 6.38
C ALA J 29 28.11 -3.87 5.88
N GLY J 30 27.77 -3.13 4.85
CA GLY J 30 28.75 -2.29 4.18
C GLY J 30 28.38 -1.87 2.77
N VAL J 31 29.41 -1.42 2.06
CA VAL J 31 29.30 -1.01 0.68
C VAL J 31 30.46 -1.56 -0.13
N THR J 32 30.14 -2.03 -1.34
CA THR J 32 31.23 -2.42 -2.29
C THR J 32 31.34 -1.44 -3.40
N THR J 33 32.55 -1.29 -3.89
CA THR J 33 32.80 -0.52 -5.10
C THR J 33 33.71 -1.27 -6.06
N ASN J 34 33.73 -0.82 -7.30
CA ASN J 34 34.69 -1.26 -8.31
C ASN J 34 35.06 -0.06 -9.18
N PRO J 35 36.01 -0.20 -10.10
CA PRO J 35 36.45 0.98 -10.86
C PRO J 35 35.40 1.65 -11.72
N SER J 36 34.46 0.89 -12.26
CA SER J 36 33.40 1.47 -13.06
C SER J 36 32.37 2.22 -12.21
N ILE J 37 32.12 1.70 -11.02
CA ILE J 37 31.19 2.34 -10.08
C ILE J 37 31.80 3.65 -9.53
N ILE J 38 33.11 3.63 -9.24
CA ILE J 38 33.81 4.82 -8.75
C ILE J 38 33.83 5.88 -9.85
N ALA J 39 34.27 5.47 -11.04
CA ALA J 39 34.30 6.33 -12.22
C ALA J 39 32.96 7.03 -12.49
N ALA J 40 31.91 6.24 -12.52
CA ALA J 40 30.54 6.76 -12.77
C ALA J 40 30.09 7.83 -11.75
N GLY J 41 30.62 7.74 -10.53
CA GLY J 41 30.35 8.72 -9.46
C GLY J 41 31.23 9.96 -9.53
N LYS J 42 32.35 9.84 -10.26
CA LYS J 42 33.24 10.95 -10.62
C LYS J 42 34.09 11.52 -9.49
N LYS J 43 33.89 11.03 -8.28
CA LYS J 43 34.70 11.44 -7.14
C LYS J 43 35.89 10.49 -6.93
N PRO J 44 37.06 11.04 -6.61
CA PRO J 44 38.25 10.17 -6.45
C PRO J 44 38.16 9.34 -5.17
N LEU J 45 38.96 8.28 -5.10
CA LEU J 45 38.92 7.34 -3.99
C LEU J 45 39.11 8.01 -2.62
N ASP J 46 40.07 8.97 -2.53
CA ASP J 46 40.37 9.62 -1.26
C ASP J 46 39.23 10.55 -0.80
N VAL J 47 38.31 10.89 -1.70
CA VAL J 47 37.07 11.59 -1.38
C VAL J 47 35.89 10.62 -1.08
N VAL J 48 35.51 9.77 -2.05
CA VAL J 48 34.29 8.91 -1.88
C VAL J 48 34.39 7.93 -0.74
N LEU J 49 35.55 7.32 -0.57
CA LEU J 49 35.66 6.25 0.41
C LEU J 49 35.31 6.74 1.82
N PRO J 50 35.95 7.85 2.28
CA PRO J 50 35.63 8.32 3.64
C PRO J 50 34.19 8.77 3.72
N GLN J 51 33.71 9.39 2.64
CA GLN J 51 32.30 9.80 2.56
C GLN J 51 31.34 8.61 2.68
N LEU J 52 31.66 7.52 1.98
CA LEU J 52 30.84 6.30 2.06
C LEU J 52 30.88 5.72 3.46
N HIS J 53 32.06 5.70 4.06
CA HIS J 53 32.23 5.22 5.42
C HIS J 53 31.36 6.01 6.41
N GLU J 54 31.39 7.33 6.28
CA GLU J 54 30.57 8.23 7.11
C GLU J 54 29.07 8.02 6.88
N ALA J 55 28.70 7.92 5.61
CA ALA J 55 27.29 7.77 5.22
C ALA J 55 26.62 6.50 5.78
N MET J 56 27.42 5.58 6.33
CA MET J 56 26.93 4.37 6.98
C MET J 56 26.97 4.44 8.51
N GLY J 57 27.20 5.63 9.06
CA GLY J 57 27.29 5.81 10.51
C GLY J 57 28.64 5.37 11.07
N GLY J 58 29.68 5.47 10.25
CA GLY J 58 31.05 5.14 10.66
C GLY J 58 31.27 3.68 10.97
N GLN J 59 30.34 2.84 10.53
CA GLN J 59 30.39 1.41 10.78
C GLN J 59 30.17 0.65 9.47
N GLY J 60 30.48 -0.64 9.50
CA GLY J 60 30.37 -1.46 8.31
C GLY J 60 31.65 -1.52 7.51
N ARG J 61 31.69 -2.51 6.61
CA ARG J 61 32.90 -2.81 5.85
C ARG J 61 32.87 -2.12 4.51
N LEU J 62 34.04 -1.76 4.01
CA LEU J 62 34.20 -1.23 2.65
C LEU J 62 35.09 -2.11 1.78
N PHE J 63 34.81 -2.10 0.49
CA PHE J 63 35.63 -2.78 -0.50
C PHE J 63 35.98 -1.83 -1.62
N ALA J 64 37.22 -1.92 -2.08
CA ALA J 64 37.64 -1.20 -3.30
C ALA J 64 38.74 -1.93 -4.02
N GLN J 65 38.88 -1.63 -5.30
CA GLN J 65 39.65 -2.46 -6.23
C GLN J 65 40.96 -1.84 -6.68
N VAL J 66 41.97 -2.70 -6.81
CA VAL J 66 43.28 -2.27 -7.35
C VAL J 66 43.14 -2.04 -8.86
N MET J 67 44.10 -1.31 -9.42
CA MET J 67 44.10 -0.96 -10.86
C MET J 67 45.35 -1.43 -11.60
N ALA J 68 46.41 -1.74 -10.86
CA ALA J 68 47.67 -2.12 -11.45
C ALA J 68 47.60 -3.47 -12.17
N THR J 69 48.57 -3.68 -13.05
CA THR J 69 48.66 -4.83 -13.96
C THR J 69 49.62 -5.90 -13.48
N THR J 70 50.61 -5.50 -12.66
CA THR J 70 51.56 -6.44 -12.09
C THR J 70 51.23 -6.71 -10.62
N ALA J 71 51.69 -7.87 -10.13
CA ALA J 71 51.45 -8.26 -8.76
C ALA J 71 52.01 -7.24 -7.77
N GLU J 72 53.24 -6.82 -8.01
CA GLU J 72 53.90 -5.79 -7.19
C GLU J 72 53.12 -4.48 -7.18
N GLY J 73 52.71 -4.02 -8.36
CA GLY J 73 51.89 -2.83 -8.50
C GLY J 73 50.54 -2.92 -7.78
N MET J 74 49.97 -4.11 -7.77
CA MET J 74 48.69 -4.35 -7.08
C MET J 74 48.84 -4.30 -5.58
N VAL J 75 49.92 -4.84 -5.08
CA VAL J 75 50.25 -4.76 -3.65
C VAL J 75 50.39 -3.30 -3.23
N ASN J 76 51.05 -2.50 -4.06
CA ASN J 76 51.22 -1.07 -3.80
C ASN J 76 49.89 -0.34 -3.81
N ASP J 77 49.02 -0.71 -4.75
CA ASP J 77 47.65 -0.16 -4.83
C ASP J 77 46.86 -0.47 -3.56
N ALA J 78 47.05 -1.68 -3.06
CA ALA J 78 46.42 -2.14 -1.83
C ALA J 78 46.83 -1.27 -0.62
N LEU J 79 48.12 -0.98 -0.52
CA LEU J 79 48.66 -0.12 0.56
C LEU J 79 48.07 1.29 0.50
N LYS J 80 47.99 1.83 -0.71
CA LYS J 80 47.33 3.12 -0.96
C LYS J 80 45.86 3.10 -0.50
N LEU J 81 45.14 2.04 -0.86
CA LEU J 81 43.73 1.88 -0.42
C LEU J 81 43.60 1.81 1.09
N ARG J 82 44.48 1.02 1.70
CA ARG J 82 44.49 0.83 3.15
C ARG J 82 44.85 2.14 3.92
N SER J 83 45.61 3.01 3.27
CA SER J 83 45.99 4.31 3.88
C SER J 83 44.82 5.29 3.86
N ILE J 84 43.86 5.06 2.96
CA ILE J 84 42.61 5.85 2.94
C ILE J 84 41.59 5.32 3.94
N ILE J 85 41.34 4.01 3.89
CA ILE J 85 40.45 3.31 4.82
C ILE J 85 41.21 2.14 5.43
N ALA J 86 41.50 2.25 6.72
CA ALA J 86 42.43 1.35 7.41
C ALA J 86 42.03 -0.12 7.37
N ASP J 87 40.73 -0.37 7.52
CA ASP J 87 40.17 -1.72 7.56
C ASP J 87 39.48 -2.16 6.25
N ILE J 88 39.84 -1.53 5.14
CA ILE J 88 39.21 -1.81 3.83
C ILE J 88 39.63 -3.18 3.26
N VAL J 89 38.69 -3.83 2.61
CA VAL J 89 38.99 -5.11 1.95
C VAL J 89 39.41 -4.75 0.54
N VAL J 90 40.52 -5.34 0.12
CA VAL J 90 41.05 -5.04 -1.21
C VAL J 90 40.60 -6.05 -2.26
N LYS J 91 39.91 -5.54 -3.28
CA LYS J 91 39.46 -6.34 -4.43
C LYS J 91 40.56 -6.51 -5.48
N VAL J 92 40.88 -7.76 -5.78
CA VAL J 92 41.94 -8.09 -6.76
C VAL J 92 41.36 -8.94 -7.90
N PRO J 93 41.45 -8.46 -9.15
CA PRO J 93 40.94 -9.30 -10.23
C PRO J 93 41.66 -10.64 -10.26
N VAL J 94 40.91 -11.72 -10.46
CA VAL J 94 41.49 -13.03 -10.43
C VAL J 94 42.10 -13.35 -11.81
N THR J 95 43.32 -12.83 -11.99
CA THR J 95 44.21 -13.12 -13.12
C THR J 95 45.49 -13.76 -12.58
N ALA J 96 46.41 -14.11 -13.46
CA ALA J 96 47.72 -14.71 -13.05
C ALA J 96 48.45 -13.83 -12.06
N GLU J 97 48.59 -12.56 -12.40
CA GLU J 97 49.21 -11.59 -11.49
C GLU J 97 48.39 -11.34 -10.24
N GLY J 98 47.07 -11.27 -10.41
CA GLY J 98 46.15 -11.06 -9.29
C GLY J 98 46.30 -12.14 -8.26
N LEU J 99 46.38 -13.38 -8.73
CA LEU J 99 46.63 -14.53 -7.85
C LEU J 99 47.92 -14.39 -7.03
N ALA J 100 49.00 -14.07 -7.74
CA ALA J 100 50.30 -13.78 -7.09
C ALA J 100 50.17 -12.66 -6.07
N ALA J 101 49.49 -11.59 -6.46
CA ALA J 101 49.20 -10.46 -5.55
C ALA J 101 48.40 -10.89 -4.32
N ILE J 102 47.38 -11.72 -4.53
CA ILE J 102 46.59 -12.22 -3.40
C ILE J 102 47.45 -13.01 -2.41
N LYS J 103 48.33 -13.86 -2.94
CA LYS J 103 49.28 -14.60 -2.08
C LYS J 103 50.20 -13.65 -1.27
N MET J 104 50.70 -12.62 -1.92
CA MET J 104 51.55 -11.62 -1.26
C MET J 104 50.79 -10.84 -0.18
N LEU J 105 49.57 -10.44 -0.49
CA LEU J 105 48.72 -9.72 0.45
C LEU J 105 48.25 -10.58 1.64
N LYS J 106 48.10 -11.87 1.39
CA LYS J 106 47.88 -12.84 2.47
C LYS J 106 49.06 -12.84 3.46
N ALA J 107 50.27 -12.93 2.93
CA ALA J 107 51.50 -12.92 3.74
C ALA J 107 51.64 -11.61 4.54
N GLU J 108 51.18 -10.51 3.96
CA GLU J 108 51.20 -9.20 4.61
C GLU J 108 50.02 -8.92 5.55
N GLY J 109 49.09 -9.86 5.66
CA GLY J 109 47.94 -9.75 6.57
C GLY J 109 46.85 -8.77 6.14
N ILE J 110 46.83 -8.43 4.85
CA ILE J 110 45.80 -7.55 4.28
C ILE J 110 44.67 -8.40 3.65
N PRO J 111 43.43 -8.30 4.19
CA PRO J 111 42.32 -9.12 3.63
C PRO J 111 41.96 -8.75 2.20
N THR J 112 41.74 -9.77 1.38
CA THR J 112 41.42 -9.58 -0.02
C THR J 112 40.11 -10.23 -0.47
N LEU J 113 39.61 -9.73 -1.59
CA LEU J 113 38.50 -10.29 -2.28
C LEU J 113 38.94 -10.57 -3.70
N GLY J 114 38.73 -11.80 -4.14
CA GLY J 114 38.99 -12.18 -5.52
C GLY J 114 37.84 -11.87 -6.45
N THR J 115 38.05 -10.93 -7.37
CA THR J 115 36.98 -10.38 -8.20
C THR J 115 37.16 -10.67 -9.68
N ALA J 116 36.18 -10.22 -10.45
CA ALA J 116 36.10 -10.48 -11.91
C ALA J 116 36.10 -11.98 -12.19
N VAL J 117 35.32 -12.68 -11.42
CA VAL J 117 35.27 -14.16 -11.48
C VAL J 117 34.14 -14.55 -12.44
N TYR J 118 34.53 -15.25 -13.51
CA TYR J 118 33.61 -15.71 -14.55
C TYR J 118 33.53 -17.23 -14.55
N GLY J 119 34.23 -17.87 -13.64
CA GLY J 119 34.25 -19.34 -13.60
C GLY J 119 34.50 -19.81 -12.22
N ALA J 120 34.00 -21.01 -11.91
CA ALA J 120 34.07 -21.52 -10.55
C ALA J 120 35.50 -21.87 -10.09
N ALA J 121 36.23 -22.55 -10.95
CA ALA J 121 37.57 -22.98 -10.62
C ALA J 121 38.48 -21.77 -10.40
N GLN J 122 38.34 -20.80 -11.28
CA GLN J 122 39.01 -19.52 -11.16
C GLN J 122 38.78 -18.93 -9.78
N GLY J 123 37.52 -18.89 -9.38
CA GLY J 123 37.13 -18.37 -8.06
C GLY J 123 37.77 -19.13 -6.93
N LEU J 124 37.72 -20.45 -7.02
CA LEU J 124 38.33 -21.28 -6.02
C LEU J 124 39.83 -21.01 -5.87
N LEU J 125 40.54 -20.87 -6.99
CA LEU J 125 41.98 -20.61 -6.92
C LEU J 125 42.31 -19.35 -6.09
N SER J 126 41.47 -18.32 -6.23
CA SER J 126 41.65 -17.05 -5.52
C SER J 126 41.47 -17.24 -4.01
N ALA J 127 40.57 -18.13 -3.64
CA ALA J 127 40.36 -18.49 -2.24
C ALA J 127 41.51 -19.33 -1.67
N LEU J 128 41.97 -20.30 -2.45
CA LEU J 128 43.13 -21.12 -2.05
C LEU J 128 44.40 -20.28 -1.89
N ALA J 129 44.47 -19.20 -2.66
CA ALA J 129 45.57 -18.26 -2.60
C ALA J 129 45.51 -17.33 -1.38
N GLY J 130 44.34 -17.27 -0.73
CA GLY J 130 44.17 -16.55 0.52
C GLY J 130 43.05 -15.54 0.58
N ALA J 131 42.36 -15.33 -0.54
CA ALA J 131 41.20 -14.43 -0.59
C ALA J 131 40.10 -14.88 0.37
N GLU J 132 39.52 -13.90 1.06
CA GLU J 132 38.51 -14.16 2.09
C GLU J 132 37.11 -14.13 1.47
N TYR J 133 37.00 -13.38 0.38
CA TYR J 133 35.78 -13.27 -0.39
C TYR J 133 36.09 -13.56 -1.86
N VAL J 134 35.10 -14.13 -2.55
CA VAL J 134 35.19 -14.40 -3.98
C VAL J 134 33.92 -13.86 -4.62
N ALA J 135 34.08 -13.01 -5.61
CA ALA J 135 33.00 -12.32 -6.25
C ALA J 135 32.80 -12.68 -7.72
N PRO J 136 31.90 -13.64 -7.99
CA PRO J 136 31.51 -13.92 -9.37
C PRO J 136 30.60 -12.84 -9.91
N TYR J 137 30.76 -12.55 -11.18
CA TYR J 137 29.91 -11.56 -11.86
C TYR J 137 28.73 -12.30 -12.52
N VAL J 138 27.66 -12.40 -11.76
CA VAL J 138 26.47 -13.19 -12.13
C VAL J 138 25.84 -12.79 -13.45
N ASN J 139 25.46 -11.54 -13.59
CA ASN J 139 24.84 -11.08 -14.82
C ASN J 139 25.77 -11.04 -16.03
N ARG J 140 27.03 -10.76 -15.80
CA ARG J 140 28.02 -10.83 -16.85
C ARG J 140 28.09 -12.26 -17.46
N ILE J 141 28.07 -13.26 -16.60
CA ILE J 141 28.04 -14.68 -17.04
C ILE J 141 26.73 -15.03 -17.77
N ASP J 142 25.61 -14.60 -17.20
CA ASP J 142 24.30 -14.70 -17.86
C ASP J 142 24.22 -14.00 -19.22
N ALA J 143 24.71 -12.77 -19.29
CA ALA J 143 24.63 -11.96 -20.47
C ALA J 143 25.44 -12.52 -21.59
N GLN J 144 26.56 -13.14 -21.24
CA GLN J 144 27.47 -13.73 -22.20
C GLN J 144 27.24 -15.22 -22.50
N GLY J 145 26.04 -15.73 -22.19
CA GLY J 145 25.57 -16.99 -22.78
C GLY J 145 25.80 -18.18 -21.88
N GLY J 146 26.27 -17.90 -20.66
CA GLY J 146 26.56 -18.95 -19.72
C GLY J 146 25.40 -19.10 -18.74
N SER J 147 25.71 -19.59 -17.56
CA SER J 147 24.76 -19.62 -16.42
C SER J 147 25.38 -19.07 -15.13
N GLY J 148 25.06 -17.84 -14.83
CA GLY J 148 25.55 -17.19 -13.63
C GLY J 148 25.21 -17.90 -12.38
N ILE J 149 23.98 -18.38 -12.30
CA ILE J 149 23.54 -19.16 -11.13
C ILE J 149 24.28 -20.48 -10.98
N GLN J 150 24.51 -21.20 -12.08
CA GLN J 150 25.28 -22.48 -11.97
C GLN J 150 26.72 -22.21 -11.51
N THR J 151 27.35 -21.19 -12.08
CA THR J 151 28.68 -20.76 -11.68
C THR J 151 28.74 -20.48 -10.17
N VAL J 152 27.76 -19.73 -9.67
CA VAL J 152 27.68 -19.37 -8.22
C VAL J 152 27.46 -20.58 -7.38
N THR J 153 26.54 -21.42 -7.83
CA THR J 153 26.28 -22.66 -7.15
C THR J 153 27.52 -23.52 -7.03
N ASP J 154 28.18 -23.70 -8.17
CA ASP J 154 29.38 -24.54 -8.20
C ASP J 154 30.51 -23.90 -7.32
N LEU J 155 30.65 -22.59 -7.40
CA LEU J 155 31.65 -21.85 -6.60
C LEU J 155 31.44 -21.97 -5.10
N HIS J 156 30.20 -21.78 -4.66
CA HIS J 156 29.86 -21.93 -3.25
C HIS J 156 30.18 -23.31 -2.71
N GLN J 157 29.77 -24.34 -3.45
CA GLN J 157 30.13 -25.71 -3.10
C GLN J 157 31.67 -25.91 -3.03
N LEU J 158 32.39 -25.36 -4.00
CA LEU J 158 33.85 -25.54 -4.03
C LEU J 158 34.51 -24.89 -2.79
N LEU J 159 34.06 -23.70 -2.44
CA LEU J 159 34.59 -23.01 -1.27
C LEU J 159 34.32 -23.83 -0.04
N LYS J 160 33.07 -24.29 0.08
CA LYS J 160 32.63 -25.04 1.25
C LYS J 160 33.39 -26.36 1.46
N MET J 161 33.68 -27.03 0.36
CA MET J 161 34.42 -28.29 0.42
C MET J 161 35.94 -28.06 0.51
N HIS J 162 36.45 -27.11 -0.25
CA HIS J 162 37.93 -26.97 -0.48
C HIS J 162 38.64 -25.75 0.11
N ALA J 163 37.91 -24.68 0.41
CA ALA J 163 38.48 -23.49 1.06
C ALA J 163 37.45 -22.81 1.94
N PRO J 164 37.04 -23.49 3.02
CA PRO J 164 35.87 -23.10 3.84
C PRO J 164 36.00 -21.77 4.60
N GLN J 165 37.21 -21.23 4.69
CA GLN J 165 37.39 -19.91 5.32
C GLN J 165 36.87 -18.80 4.42
N ALA J 166 36.74 -19.11 3.13
CA ALA J 166 36.34 -18.14 2.13
C ALA J 166 34.84 -18.13 1.89
N LYS J 167 34.34 -16.94 1.52
CA LYS J 167 32.92 -16.74 1.28
C LYS J 167 32.67 -16.26 -0.14
N VAL J 168 31.56 -16.68 -0.72
CA VAL J 168 31.08 -16.09 -1.94
C VAL J 168 30.48 -14.74 -1.62
N LEU J 169 30.89 -13.74 -2.37
CA LEU J 169 30.23 -12.42 -2.40
C LEU J 169 29.67 -12.18 -3.81
N ALA J 170 28.42 -12.56 -4.00
CA ALA J 170 27.79 -12.55 -5.30
C ALA J 170 27.52 -11.15 -5.75
N ALA J 171 27.84 -10.87 -7.01
CA ALA J 171 27.76 -9.53 -7.57
C ALA J 171 27.21 -9.52 -8.98
N SER J 172 26.93 -8.32 -9.46
CA SER J 172 26.52 -8.04 -10.86
C SER J 172 25.11 -8.59 -11.06
N PHE J 173 24.13 -7.72 -10.87
CA PHE J 173 22.72 -8.09 -10.92
C PHE J 173 21.88 -7.12 -11.73
N LYS J 174 20.97 -7.68 -12.52
CA LYS J 174 19.97 -6.84 -13.26
C LYS J 174 18.56 -7.06 -12.78
N THR J 175 18.35 -8.15 -12.04
CA THR J 175 17.01 -8.51 -11.57
C THR J 175 17.09 -9.18 -10.23
N PRO J 176 16.11 -8.92 -9.34
CA PRO J 176 16.10 -9.60 -8.04
C PRO J 176 16.15 -11.13 -8.09
N ARG J 177 15.55 -11.74 -9.09
CA ARG J 177 15.55 -13.22 -9.23
C ARG J 177 16.95 -13.81 -9.19
N GLN J 178 17.88 -13.12 -9.84
CA GLN J 178 19.31 -13.48 -9.77
C GLN J 178 19.86 -13.45 -8.39
N ALA J 179 19.51 -12.42 -7.64
CA ALA J 179 19.94 -12.30 -6.21
C ALA J 179 19.36 -13.41 -5.40
N LEU J 180 18.05 -13.59 -5.52
CA LEU J 180 17.35 -14.69 -4.83
C LEU J 180 18.01 -16.07 -5.08
N ASP J 181 18.34 -16.36 -6.31
CA ASP J 181 18.95 -17.66 -6.66
C ASP J 181 20.33 -17.84 -6.08
N CYS J 182 21.10 -16.76 -6.03
CA CYS J 182 22.40 -16.77 -5.34
C CYS J 182 22.24 -17.06 -3.88
N LEU J 183 21.25 -16.42 -3.27
CA LEU J 183 20.98 -16.59 -1.83
C LEU J 183 20.53 -18.02 -1.60
N LEU J 184 19.67 -18.51 -2.50
CA LEU J 184 19.19 -19.90 -2.37
C LEU J 184 20.31 -20.91 -2.54
N ALA J 185 21.31 -20.54 -3.36
CA ALA J 185 22.49 -21.39 -3.58
C ALA J 185 23.44 -21.41 -2.38
N GLY J 186 23.19 -20.54 -1.41
CA GLY J 186 23.96 -20.51 -0.18
C GLY J 186 24.95 -19.36 0.00
N CYS J 187 25.01 -18.43 -0.94
CA CYS J 187 25.97 -17.29 -0.88
C CYS J 187 25.92 -16.58 0.48
N GLU J 188 27.05 -16.56 1.15
CA GLU J 188 27.14 -16.01 2.51
C GLU J 188 27.25 -14.47 2.49
N SER J 189 27.53 -13.91 1.31
CA SER J 189 27.45 -12.48 1.13
C SER J 189 26.96 -12.15 -0.25
N ILE J 190 26.44 -10.95 -0.38
CA ILE J 190 25.91 -10.45 -1.65
C ILE J 190 26.00 -8.94 -1.70
N THR J 191 26.13 -8.39 -2.91
CA THR J 191 26.08 -6.98 -3.11
C THR J 191 25.11 -6.60 -4.23
N LEU J 192 24.20 -5.69 -3.88
CA LEU J 192 23.16 -5.28 -4.80
C LEU J 192 23.35 -3.87 -5.35
N PRO J 193 23.09 -3.70 -6.66
CA PRO J 193 23.01 -2.31 -7.15
C PRO J 193 21.69 -1.72 -6.66
N LEU J 194 21.57 -0.40 -6.74
CA LEU J 194 20.49 0.34 -6.07
C LEU J 194 19.13 0.03 -6.65
N ASP J 195 19.05 -0.07 -7.98
CA ASP J 195 17.78 -0.36 -8.61
C ASP J 195 17.19 -1.74 -8.22
N VAL J 196 18.05 -2.76 -8.14
CA VAL J 196 17.65 -4.10 -7.72
C VAL J 196 17.28 -4.17 -6.23
N ALA J 197 18.09 -3.54 -5.39
CA ALA J 197 17.80 -3.45 -3.96
C ALA J 197 16.42 -2.81 -3.72
N GLN J 198 16.15 -1.73 -4.44
CA GLN J 198 14.86 -1.04 -4.30
C GLN J 198 13.69 -1.91 -4.77
N GLN J 199 13.89 -2.62 -5.88
CA GLN J 199 12.84 -3.54 -6.39
C GLN J 199 12.56 -4.64 -5.38
N MET J 200 13.60 -5.00 -4.62
CA MET J 200 13.52 -6.09 -3.65
C MET J 200 12.67 -5.76 -2.41
N ILE J 201 12.38 -4.46 -2.21
CA ILE J 201 11.53 -4.01 -1.07
C ILE J 201 10.23 -3.32 -1.48
N SER J 202 9.94 -3.28 -2.77
CA SER J 202 8.75 -2.59 -3.29
C SER J 202 7.95 -3.51 -4.21
N TYR J 203 6.77 -3.89 -3.75
CA TYR J 203 5.87 -4.82 -4.50
C TYR J 203 4.47 -4.28 -4.58
N PRO J 204 3.89 -4.22 -5.79
CA PRO J 204 2.49 -3.81 -5.91
C PRO J 204 1.54 -4.64 -5.05
N ALA J 205 1.78 -5.96 -4.97
CA ALA J 205 0.90 -6.86 -4.25
C ALA J 205 0.92 -6.53 -2.75
N VAL J 206 2.10 -6.22 -2.23
CA VAL J 206 2.30 -5.84 -0.84
C VAL J 206 1.64 -4.49 -0.52
N ASP J 207 1.79 -3.52 -1.40
CA ASP J 207 1.13 -2.21 -1.28
C ASP J 207 -0.41 -2.35 -1.28
N ALA J 208 -0.92 -3.23 -2.13
CA ALA J 208 -2.36 -3.55 -2.14
C ALA J 208 -2.84 -4.21 -0.86
N ALA J 209 -2.00 -5.05 -0.26
CA ALA J 209 -2.37 -5.72 0.99
C ALA J 209 -2.42 -4.72 2.16
N VAL J 210 -1.47 -3.82 2.18
CA VAL J 210 -1.43 -2.71 3.14
C VAL J 210 -2.64 -1.77 2.98
N ALA J 211 -2.94 -1.36 1.74
CA ALA J 211 -4.09 -0.52 1.46
C ALA J 211 -5.39 -1.18 1.95
N LYS J 212 -5.54 -2.46 1.63
CA LYS J 212 -6.68 -3.25 2.11
C LYS J 212 -6.82 -3.22 3.62
N PHE J 213 -5.73 -3.42 4.34
CA PHE J 213 -5.77 -3.39 5.79
C PHE J 213 -6.29 -2.04 6.31
N GLU J 214 -5.80 -0.96 5.71
CA GLU J 214 -6.20 0.39 6.06
C GLU J 214 -7.70 0.62 5.79
N GLN J 215 -8.18 0.17 4.65
CA GLN J 215 -9.59 0.26 4.28
C GLN J 215 -10.49 -0.51 5.25
N ASP J 216 -10.09 -1.73 5.61
CA ASP J 216 -10.85 -2.54 6.54
C ASP J 216 -10.90 -1.89 7.94
N TRP J 217 -9.75 -1.41 8.39
CA TRP J 217 -9.61 -0.69 9.65
C TRP J 217 -10.53 0.54 9.70
N GLN J 218 -10.39 1.40 8.70
CA GLN J 218 -11.22 2.58 8.49
C GLN J 218 -12.71 2.23 8.58
N GLY J 219 -13.09 1.19 7.84
CA GLY J 219 -14.48 0.74 7.78
C GLY J 219 -15.09 0.37 9.13
N ALA J 220 -14.28 -0.25 9.98
CA ALA J 220 -14.71 -0.67 11.32
C ALA J 220 -14.52 0.39 12.40
N PHE J 221 -13.43 1.15 12.32
CA PHE J 221 -13.00 2.06 13.41
C PHE J 221 -13.04 3.58 13.08
N GLY J 222 -13.35 3.91 11.85
CA GLY J 222 -13.51 5.31 11.43
C GLY J 222 -12.23 6.10 11.31
N ARG J 223 -11.11 5.39 11.34
CA ARG J 223 -9.78 5.97 11.12
C ARG J 223 -8.81 4.92 10.56
N THR J 224 -7.66 5.37 10.06
CA THR J 224 -6.61 4.44 9.55
C THR J 224 -5.44 4.26 10.50
N SER J 225 -5.52 4.90 11.66
CA SER J 225 -4.47 4.82 12.67
C SER J 225 -4.84 3.87 13.79
N ILE J 226 -3.84 3.45 14.54
CA ILE J 226 -4.01 2.39 15.54
C ILE J 226 -4.76 2.89 16.77
N HIS K 7 -29.19 49.94 33.95
CA HIS K 7 -29.11 48.48 34.24
C HIS K 7 -29.66 48.13 35.61
N GLU K 8 -30.27 46.93 35.71
CA GLU K 8 -30.89 46.46 36.95
C GLU K 8 -30.35 45.12 37.45
N LEU K 9 -29.67 45.17 38.60
CA LEU K 9 -29.09 43.99 39.24
C LEU K 9 -29.98 43.46 40.36
N TYR K 10 -30.41 42.20 40.22
CA TYR K 10 -31.25 41.54 41.20
C TYR K 10 -30.57 40.34 41.84
N LEU K 11 -31.03 39.99 43.03
CA LEU K 11 -30.66 38.72 43.68
C LEU K 11 -31.82 37.77 43.59
N ASP K 12 -31.49 36.52 43.32
CA ASP K 12 -32.46 35.46 43.08
C ASP K 12 -32.51 34.57 44.31
N THR K 13 -33.42 34.90 45.23
CA THR K 13 -33.34 34.35 46.59
C THR K 13 -34.61 34.63 47.43
N SER K 14 -34.87 33.75 48.41
CA SER K 14 -35.83 34.04 49.50
C SER K 14 -35.15 34.14 50.88
N ASP K 15 -33.82 34.29 50.86
CA ASP K 15 -32.99 34.28 52.09
C ASP K 15 -32.86 35.69 52.64
N VAL K 16 -33.78 36.04 53.55
CA VAL K 16 -33.92 37.42 54.05
C VAL K 16 -32.67 37.98 54.71
N VAL K 17 -32.02 37.16 55.52
CA VAL K 17 -30.80 37.55 56.25
C VAL K 17 -29.65 37.84 55.27
N ALA K 18 -29.45 36.92 54.32
CA ALA K 18 -28.47 37.14 53.23
C ALA K 18 -28.77 38.40 52.45
N VAL K 19 -30.03 38.60 52.11
CA VAL K 19 -30.42 39.84 51.36
C VAL K 19 -30.06 41.10 52.13
N LYS K 20 -30.32 41.11 53.43
CA LYS K 20 -29.98 42.27 54.27
C LYS K 20 -28.46 42.52 54.28
N ALA K 21 -27.69 41.46 54.48
CA ALA K 21 -26.24 41.56 54.50
C ALA K 21 -25.65 41.97 53.14
N LEU K 22 -26.16 41.37 52.08
CA LEU K 22 -25.63 41.62 50.71
C LEU K 22 -26.09 42.91 50.08
N SER K 23 -27.17 43.48 50.60
CA SER K 23 -27.71 44.76 50.07
C SER K 23 -26.86 46.01 50.39
N ARG K 24 -26.00 45.93 51.40
CA ARG K 24 -25.04 47.01 51.69
C ARG K 24 -23.76 46.88 50.84
N ILE K 25 -23.56 45.69 50.27
CA ILE K 25 -22.41 45.42 49.40
C ILE K 25 -22.72 45.66 47.91
N PHE K 26 -23.71 44.94 47.39
CA PHE K 26 -24.08 45.04 45.98
C PHE K 26 -25.00 46.21 45.70
N PRO K 27 -24.90 46.80 44.50
CA PRO K 27 -25.84 47.82 44.08
C PRO K 27 -27.12 47.21 43.50
N LEU K 28 -28.01 46.79 44.40
CA LEU K 28 -29.20 46.03 44.02
C LEU K 28 -30.37 46.89 43.61
N ALA K 29 -31.06 46.46 42.55
CA ALA K 29 -32.31 47.06 42.11
C ALA K 29 -33.48 46.36 42.80
N GLY K 30 -33.23 45.19 43.38
CA GLY K 30 -34.30 44.39 43.97
C GLY K 30 -33.96 42.92 44.20
N VAL K 31 -35.01 42.14 44.39
CA VAL K 31 -34.91 40.69 44.59
C VAL K 31 -35.98 39.98 43.76
N THR K 32 -35.58 38.89 43.11
CA THR K 32 -36.51 38.04 42.39
C THR K 32 -36.73 36.77 43.11
N THR K 33 -37.95 36.25 42.99
CA THR K 33 -38.27 34.95 43.51
C THR K 33 -39.04 34.13 42.49
N ASN K 34 -39.11 32.84 42.76
CA ASN K 34 -39.95 31.93 41.99
C ASN K 34 -40.46 30.87 42.94
N PRO K 35 -41.40 30.01 42.51
CA PRO K 35 -41.95 29.04 43.44
C PRO K 35 -40.99 28.09 44.12
N SER K 36 -39.93 27.67 43.43
CA SER K 36 -38.95 26.76 44.03
C SER K 36 -38.08 27.48 45.04
N ILE K 37 -37.77 28.72 44.76
CA ILE K 37 -36.99 29.55 45.69
C ILE K 37 -37.78 29.90 46.97
N ILE K 38 -39.08 30.17 46.80
CA ILE K 38 -39.98 30.42 47.95
C ILE K 38 -40.12 29.17 48.78
N ALA K 39 -40.48 28.07 48.11
CA ALA K 39 -40.63 26.76 48.75
C ALA K 39 -39.42 26.35 49.59
N ALA K 40 -38.24 26.46 48.99
CA ALA K 40 -36.98 26.13 49.66
C ALA K 40 -36.73 26.96 50.96
N GLY K 41 -37.26 28.18 51.00
CA GLY K 41 -37.16 29.08 52.17
C GLY K 41 -38.22 28.79 53.23
N LYS K 42 -39.28 28.09 52.80
CA LYS K 42 -40.33 27.54 53.70
C LYS K 42 -41.30 28.56 54.34
N LYS K 43 -41.07 29.83 54.09
CA LYS K 43 -41.96 30.88 54.54
C LYS K 43 -43.00 31.19 53.47
N PRO K 44 -44.29 31.33 53.87
CA PRO K 44 -45.30 31.76 52.90
C PRO K 44 -45.08 33.15 52.31
N LEU K 45 -45.68 33.39 51.15
CA LEU K 45 -45.54 34.67 50.42
C LEU K 45 -45.87 35.91 51.28
N ASP K 46 -46.96 35.84 52.05
CA ASP K 46 -47.40 36.99 52.87
C ASP K 46 -46.41 37.30 54.01
N VAL K 47 -45.51 36.35 54.30
CA VAL K 47 -44.42 36.55 55.25
C VAL K 47 -43.12 36.99 54.57
N VAL K 48 -42.60 36.19 53.62
CA VAL K 48 -41.28 36.51 52.99
C VAL K 48 -41.23 37.78 52.23
N LEU K 49 -42.27 38.03 51.46
CA LEU K 49 -42.26 39.20 50.57
C LEU K 49 -42.06 40.53 51.34
N PRO K 50 -42.92 40.83 52.35
CA PRO K 50 -42.67 42.06 53.16
C PRO K 50 -41.31 42.05 53.84
N GLN K 51 -40.89 40.89 54.30
CA GLN K 51 -39.56 40.73 54.95
C GLN K 51 -38.44 41.06 53.96
N LEU K 52 -38.57 40.55 52.74
CA LEU K 52 -37.57 40.83 51.69
C LEU K 52 -37.57 42.30 51.36
N HIS K 53 -38.76 42.89 51.26
CA HIS K 53 -38.88 44.33 50.98
C HIS K 53 -38.15 45.17 52.05
N GLU K 54 -38.37 44.80 53.31
CA GLU K 54 -37.74 45.49 54.45
C GLU K 54 -36.23 45.29 54.44
N ALA K 55 -35.81 44.05 54.18
CA ALA K 55 -34.37 43.70 54.19
C ALA K 55 -33.53 44.49 53.18
N MET K 56 -34.21 45.18 52.26
CA MET K 56 -33.55 46.03 51.26
C MET K 56 -33.62 47.52 51.58
N GLY K 57 -34.04 47.85 52.79
CA GLY K 57 -34.22 49.24 53.19
C GLY K 57 -35.49 49.87 52.66
N GLY K 58 -36.52 49.05 52.45
CA GLY K 58 -37.82 49.52 51.99
C GLY K 58 -37.82 50.10 50.59
N GLN K 59 -36.76 49.80 49.85
CA GLN K 59 -36.63 50.27 48.47
C GLN K 59 -36.28 49.11 47.56
N GLY K 60 -36.39 49.34 46.25
CA GLY K 60 -36.12 48.34 45.27
C GLY K 60 -37.36 47.53 44.88
N ARG K 61 -37.23 46.82 43.77
CA ARG K 61 -38.36 46.12 43.16
C ARG K 61 -38.38 44.67 43.58
N LEU K 62 -39.59 44.12 43.69
CA LEU K 62 -39.79 42.70 43.96
C LEU K 62 -40.53 41.99 42.82
N PHE K 63 -40.23 40.70 42.67
CA PHE K 63 -40.87 39.84 41.67
C PHE K 63 -41.31 38.55 42.29
N ALA K 64 -42.53 38.13 41.98
CA ALA K 64 -43.00 36.83 42.40
C ALA K 64 -43.94 36.25 41.40
N GLN K 65 -44.11 34.94 41.47
CA GLN K 65 -44.74 34.18 40.41
C GLN K 65 -46.12 33.63 40.72
N VAL K 66 -46.99 33.65 39.71
CA VAL K 66 -48.30 33.00 39.80
C VAL K 66 -48.15 31.48 39.77
N MET K 67 -49.19 30.78 40.26
CA MET K 67 -49.21 29.33 40.37
C MET K 67 -50.34 28.67 39.60
N ALA K 68 -51.35 29.45 39.25
CA ALA K 68 -52.53 28.92 38.58
C ALA K 68 -52.23 28.46 37.14
N THR K 69 -53.13 27.62 36.64
CA THR K 69 -53.00 26.92 35.36
C THR K 69 -53.79 27.59 34.24
N THR K 70 -54.85 28.32 34.61
CA THR K 70 -55.68 29.04 33.64
C THR K 70 -55.35 30.51 33.68
N ALA K 71 -55.62 31.19 32.56
CA ALA K 71 -55.38 32.61 32.45
C ALA K 71 -56.13 33.40 33.55
N GLU K 72 -57.42 33.06 33.74
CA GLU K 72 -58.26 33.70 34.79
C GLU K 72 -57.69 33.50 36.18
N GLY K 73 -57.30 32.26 36.46
CA GLY K 73 -56.67 31.92 37.74
C GLY K 73 -55.35 32.62 37.98
N MET K 74 -54.59 32.84 36.91
CA MET K 74 -53.33 33.59 37.00
C MET K 74 -53.55 35.07 37.31
N VAL K 75 -54.57 35.65 36.68
CA VAL K 75 -54.94 37.04 36.94
C VAL K 75 -55.31 37.22 38.42
N ASN K 76 -56.06 36.26 38.94
CA ASN K 76 -56.44 36.26 40.37
C ASN K 76 -55.23 36.11 41.29
N ASP K 77 -54.29 35.25 40.91
CA ASP K 77 -53.02 35.10 41.63
C ASP K 77 -52.27 36.41 41.67
N ALA K 78 -52.29 37.12 40.54
CA ALA K 78 -51.58 38.39 40.41
C ALA K 78 -52.14 39.42 41.40
N LEU K 79 -53.47 39.47 41.50
CA LEU K 79 -54.15 40.39 42.43
C LEU K 79 -53.77 40.09 43.87
N LYS K 80 -53.73 38.80 44.20
CA LYS K 80 -53.27 38.35 45.52
C LYS K 80 -51.85 38.83 45.81
N LEU K 81 -50.96 38.67 44.82
CA LEU K 81 -49.59 39.10 44.98
C LEU K 81 -49.51 40.62 45.18
N ARG K 82 -50.27 41.35 44.37
CA ARG K 82 -50.28 42.82 44.42
C ARG K 82 -50.87 43.35 45.74
N SER K 83 -51.74 42.58 46.36
CA SER K 83 -52.30 42.95 47.66
C SER K 83 -51.26 42.81 48.80
N ILE K 84 -50.24 41.98 48.58
CA ILE K 84 -49.15 41.79 49.56
C ILE K 84 -48.09 42.85 49.38
N ILE K 85 -47.66 43.01 48.13
CA ILE K 85 -46.72 44.06 47.75
C ILE K 85 -47.33 44.84 46.60
N ALA K 86 -47.67 46.10 46.88
CA ALA K 86 -48.46 46.95 45.97
C ALA K 86 -47.84 47.17 44.60
N ASP K 87 -46.52 47.35 44.58
CA ASP K 87 -45.77 47.62 43.34
C ASP K 87 -44.99 46.39 42.79
N ILE K 88 -45.41 45.19 43.15
CA ILE K 88 -44.67 43.97 42.78
C ILE K 88 -44.86 43.67 41.28
N VAL K 89 -43.80 43.14 40.66
CA VAL K 89 -43.89 42.68 39.25
C VAL K 89 -44.29 41.22 39.28
N VAL K 90 -45.30 40.87 38.49
CA VAL K 90 -45.87 39.52 38.50
C VAL K 90 -45.29 38.62 37.37
N LYS K 91 -44.67 37.52 37.79
CA LYS K 91 -44.03 36.58 36.90
C LYS K 91 -45.04 35.56 36.39
N VAL K 92 -45.17 35.47 35.09
CA VAL K 92 -46.12 34.59 34.45
C VAL K 92 -45.39 33.63 33.48
N PRO K 93 -45.49 32.32 33.73
CA PRO K 93 -44.81 31.40 32.82
C PRO K 93 -45.34 31.57 31.40
N VAL K 94 -44.42 31.55 30.43
CA VAL K 94 -44.81 31.83 29.06
C VAL K 94 -45.32 30.56 28.39
N THR K 95 -46.59 30.29 28.68
CA THR K 95 -47.37 29.22 28.10
C THR K 95 -48.56 29.86 27.38
N ALA K 96 -49.41 29.03 26.77
CA ALA K 96 -50.59 29.54 26.06
C ALA K 96 -51.46 30.39 27.01
N GLU K 97 -51.81 29.81 28.15
CA GLU K 97 -52.63 30.50 29.16
C GLU K 97 -51.89 31.68 29.78
N GLY K 98 -50.60 31.51 30.01
CA GLY K 98 -49.75 32.60 30.50
C GLY K 98 -49.78 33.80 29.58
N LEU K 99 -49.66 33.56 28.28
CA LEU K 99 -49.74 34.62 27.26
C LEU K 99 -51.06 35.39 27.35
N ALA K 100 -52.16 34.64 27.40
CA ALA K 100 -53.51 35.21 27.56
C ALA K 100 -53.63 36.01 28.85
N ALA K 101 -53.08 35.45 29.93
CA ALA K 101 -52.99 36.17 31.20
C ALA K 101 -52.19 37.48 31.10
N ILE K 102 -51.06 37.42 30.41
CA ILE K 102 -50.21 38.61 30.27
C ILE K 102 -50.96 39.72 29.54
N LYS K 103 -51.70 39.35 28.49
CA LYS K 103 -52.55 40.30 27.77
C LYS K 103 -53.61 40.92 28.69
N MET K 104 -54.25 40.09 29.52
CA MET K 104 -55.26 40.56 30.47
C MET K 104 -54.66 41.51 31.53
N LEU K 105 -53.50 41.15 32.05
CA LEU K 105 -52.79 41.96 33.04
C LEU K 105 -52.26 43.28 32.48
N LYS K 106 -51.91 43.27 31.20
CA LYS K 106 -51.57 44.49 30.49
C LYS K 106 -52.76 45.46 30.47
N ALA K 107 -53.94 44.93 30.13
CA ALA K 107 -55.17 45.72 30.08
C ALA K 107 -55.52 46.28 31.46
N GLU K 108 -55.23 45.50 32.50
CA GLU K 108 -55.47 45.93 33.90
C GLU K 108 -54.37 46.82 34.51
N GLY K 109 -53.32 47.09 33.74
CA GLY K 109 -52.22 47.99 34.19
C GLY K 109 -51.27 47.39 35.23
N ILE K 110 -51.25 46.07 35.34
CA ILE K 110 -50.35 45.36 36.26
C ILE K 110 -49.08 44.89 35.51
N PRO K 111 -47.89 45.41 35.88
CA PRO K 111 -46.67 45.01 35.17
C PRO K 111 -46.33 43.53 35.34
N THR K 112 -45.91 42.91 34.24
CA THR K 112 -45.59 41.49 34.23
C THR K 112 -44.18 41.19 33.76
N LEU K 113 -43.72 40.02 34.14
CA LEU K 113 -42.51 39.44 33.63
C LEU K 113 -42.87 38.08 33.02
N GLY K 114 -42.43 37.85 31.79
CA GLY K 114 -42.62 36.55 31.10
C GLY K 114 -41.48 35.59 31.45
N THR K 115 -41.81 34.53 32.17
CA THR K 115 -40.80 33.62 32.72
C THR K 115 -40.86 32.19 32.14
N ALA K 116 -39.97 31.34 32.63
CA ALA K 116 -39.80 29.97 32.14
C ALA K 116 -39.56 29.95 30.63
N VAL K 117 -38.70 30.84 30.21
CA VAL K 117 -38.43 31.05 28.79
C VAL K 117 -37.22 30.17 28.41
N TYR K 118 -37.47 29.25 27.47
CA TYR K 118 -36.45 28.33 26.95
C TYR K 118 -36.14 28.61 25.48
N GLY K 119 -36.83 29.56 24.87
CA GLY K 119 -36.62 29.90 23.47
C GLY K 119 -36.86 31.37 23.21
N ALA K 120 -36.21 31.90 22.19
CA ALA K 120 -36.19 33.34 21.91
C ALA K 120 -37.53 33.85 21.42
N ALA K 121 -38.15 33.07 20.54
CA ALA K 121 -39.42 33.45 19.95
C ALA K 121 -40.52 33.44 21.01
N GLN K 122 -40.48 32.41 21.85
CA GLN K 122 -41.35 32.30 23.00
C GLN K 122 -41.26 33.56 23.88
N GLY K 123 -40.03 33.93 24.21
CA GLY K 123 -39.78 35.14 24.99
C GLY K 123 -40.33 36.38 24.34
N LEU K 124 -40.08 36.52 23.03
CA LEU K 124 -40.60 37.67 22.30
C LEU K 124 -42.13 37.77 22.38
N LEU K 125 -42.81 36.65 22.21
CA LEU K 125 -44.28 36.65 22.24
C LEU K 125 -44.81 37.21 23.55
N SER K 126 -44.13 36.89 24.65
CA SER K 126 -44.52 37.39 25.99
C SER K 126 -44.38 38.91 26.06
N ALA K 127 -43.35 39.44 25.42
CA ALA K 127 -43.12 40.90 25.36
C ALA K 127 -44.16 41.60 24.47
N LEU K 128 -44.45 41.00 23.32
CA LEU K 128 -45.48 41.54 22.41
C LEU K 128 -46.86 41.53 23.08
N ALA K 129 -47.08 40.55 23.96
CA ALA K 129 -48.32 40.44 24.71
C ALA K 129 -48.43 41.50 25.83
N GLY K 130 -47.31 42.12 26.19
CA GLY K 130 -47.29 43.23 27.14
C GLY K 130 -46.32 43.12 28.31
N ALA K 131 -45.64 41.98 28.42
CA ALA K 131 -44.62 41.81 29.46
C ALA K 131 -43.49 42.82 29.36
N GLU K 132 -43.08 43.31 30.53
CA GLU K 132 -42.08 44.39 30.64
C GLU K 132 -40.68 43.81 30.78
N TYR K 133 -40.66 42.58 31.32
CA TYR K 133 -39.44 41.81 31.47
C TYR K 133 -39.66 40.43 30.87
N VAL K 134 -38.57 39.84 30.36
CA VAL K 134 -38.58 38.46 29.82
C VAL K 134 -37.37 37.73 30.40
N ALA K 135 -37.66 36.61 31.07
CA ALA K 135 -36.64 35.88 31.84
C ALA K 135 -36.33 34.50 31.24
N PRO K 136 -35.28 34.43 30.39
CA PRO K 136 -34.82 33.12 29.93
C PRO K 136 -34.10 32.39 31.05
N TYR K 137 -34.26 31.08 31.10
CA TYR K 137 -33.53 30.26 32.05
C TYR K 137 -32.21 29.76 31.39
N VAL K 138 -31.17 30.55 31.57
CA VAL K 138 -29.88 30.34 30.92
C VAL K 138 -29.26 28.96 31.18
N ASN K 139 -29.08 28.59 32.45
CA ASN K 139 -28.46 27.32 32.76
C ASN K 139 -29.33 26.14 32.40
N ARG K 140 -30.64 26.31 32.52
CA ARG K 140 -31.57 25.23 32.14
C ARG K 140 -31.40 24.89 30.65
N ILE K 141 -31.26 25.91 29.83
CA ILE K 141 -31.02 25.73 28.37
C ILE K 141 -29.64 25.11 28.12
N ASP K 142 -28.62 25.61 28.80
CA ASP K 142 -27.29 24.98 28.78
C ASP K 142 -27.29 23.51 29.23
N ALA K 143 -27.98 23.22 30.34
CA ALA K 143 -27.93 21.93 30.94
C ALA K 143 -28.61 20.90 30.06
N GLN K 144 -29.63 21.36 29.33
CA GLN K 144 -30.40 20.52 28.45
C GLN K 144 -29.91 20.49 26.95
N GLY K 145 -28.68 20.89 26.70
CA GLY K 145 -27.98 20.55 25.47
C GLY K 145 -28.08 21.65 24.45
N GLY K 146 -28.63 22.79 24.88
CA GLY K 146 -28.80 23.93 24.00
C GLY K 146 -27.67 24.92 24.22
N SER K 147 -27.95 26.18 23.91
CA SER K 147 -27.05 27.29 24.21
C SER K 147 -27.82 28.43 24.87
N GLY K 148 -27.68 28.51 26.18
CA GLY K 148 -28.29 29.56 26.97
C GLY K 148 -27.87 30.95 26.52
N ILE K 149 -26.60 31.11 26.23
CA ILE K 149 -26.08 32.39 25.75
C ILE K 149 -26.64 32.79 24.37
N GLN K 150 -26.74 31.84 23.45
CA GLN K 150 -27.27 32.18 22.15
C GLN K 150 -28.74 32.59 22.27
N THR K 151 -29.48 31.87 23.08
CA THR K 151 -30.89 32.14 23.32
C THR K 151 -31.04 33.57 23.86
N VAL K 152 -30.23 33.91 24.84
CA VAL K 152 -30.24 35.24 25.44
C VAL K 152 -29.85 36.31 24.46
N THR K 153 -28.79 36.05 23.68
CA THR K 153 -28.35 36.95 22.62
C THR K 153 -29.47 37.19 21.60
N ASP K 154 -30.06 36.11 21.13
CA ASP K 154 -31.13 36.22 20.17
C ASP K 154 -32.36 36.98 20.77
N LEU K 155 -32.70 36.66 22.01
CA LEU K 155 -33.85 37.25 22.69
C LEU K 155 -33.68 38.76 22.89
N HIS K 156 -32.53 39.17 23.38
CA HIS K 156 -32.23 40.57 23.50
C HIS K 156 -32.41 41.33 22.16
N GLN K 157 -31.83 40.78 21.11
CA GLN K 157 -31.95 41.40 19.79
C GLN K 157 -33.41 41.49 19.37
N LEU K 158 -34.17 40.43 19.61
CA LEU K 158 -35.59 40.43 19.21
C LEU K 158 -36.40 41.50 19.96
N LEU K 159 -36.15 41.62 21.25
CA LEU K 159 -36.81 42.67 22.06
C LEU K 159 -36.44 44.07 21.52
N LYS K 160 -35.15 44.28 21.30
CA LYS K 160 -34.64 45.57 20.83
C LYS K 160 -35.22 46.00 19.48
N MET K 161 -35.40 45.04 18.60
CA MET K 161 -35.93 45.32 17.27
C MET K 161 -37.45 45.38 17.28
N HIS K 162 -38.09 44.46 18.01
CA HIS K 162 -39.51 44.19 17.84
C HIS K 162 -40.41 44.54 19.01
N ALA K 163 -39.86 44.65 20.21
CA ALA K 163 -40.63 45.06 21.39
C ALA K 163 -39.72 45.79 22.35
N PRO K 164 -39.24 46.98 21.94
CA PRO K 164 -38.20 47.72 22.66
C PRO K 164 -38.55 48.23 24.07
N GLN K 165 -39.84 48.23 24.44
CA GLN K 165 -40.25 48.61 25.79
C GLN K 165 -39.89 47.51 26.79
N ALA K 166 -39.66 46.30 26.27
CA ALA K 166 -39.38 45.15 27.11
C ALA K 166 -37.87 44.91 27.29
N LYS K 167 -37.54 44.36 28.46
CA LYS K 167 -36.15 44.10 28.83
C LYS K 167 -35.93 42.61 29.12
N VAL K 168 -34.76 42.13 28.76
CA VAL K 168 -34.32 40.82 29.20
C VAL K 168 -33.92 40.89 30.66
N LEU K 169 -34.50 39.99 31.45
CA LEU K 169 -34.03 39.72 32.81
C LEU K 169 -33.45 38.30 32.87
N ALA K 170 -32.15 38.20 32.64
CA ALA K 170 -31.49 36.90 32.54
C ALA K 170 -31.44 36.20 33.89
N ALA K 171 -31.76 34.91 33.88
CA ALA K 171 -31.85 34.13 35.11
C ALA K 171 -31.31 32.71 34.94
N SER K 172 -31.17 32.02 36.07
CA SER K 172 -30.73 30.62 36.15
C SER K 172 -29.23 30.46 35.82
N PHE K 173 -28.40 30.51 36.86
CA PHE K 173 -26.94 30.57 36.69
C PHE K 173 -26.24 29.61 37.61
N LYS K 174 -25.21 28.93 37.08
CA LYS K 174 -24.33 28.09 37.91
C LYS K 174 -22.91 28.64 38.02
N THR K 175 -22.56 29.56 37.15
CA THR K 175 -21.24 30.09 37.10
C THR K 175 -21.27 31.55 36.64
N PRO K 176 -20.37 32.37 37.16
CA PRO K 176 -20.29 33.77 36.74
C PRO K 176 -20.10 34.00 35.26
N ARG K 177 -19.37 33.12 34.59
CA ARG K 177 -19.14 33.27 33.12
C ARG K 177 -20.43 33.42 32.37
N GLN K 178 -21.41 32.63 32.78
CA GLN K 178 -22.75 32.75 32.17
C GLN K 178 -23.34 34.14 32.34
N ALA K 179 -23.18 34.71 33.54
CA ALA K 179 -23.72 36.05 33.86
C ALA K 179 -23.01 37.09 33.05
N LEU K 180 -21.69 36.99 33.03
CA LEU K 180 -20.86 37.84 32.17
C LEU K 180 -21.29 37.84 30.71
N ASP K 181 -21.51 36.65 30.15
CA ASP K 181 -21.89 36.57 28.73
C ASP K 181 -23.27 37.19 28.45
N CYS K 182 -24.20 37.01 29.37
CA CYS K 182 -25.52 37.67 29.27
C CYS K 182 -25.40 39.18 29.29
N LEU K 183 -24.56 39.67 30.19
CA LEU K 183 -24.28 41.10 30.28
C LEU K 183 -23.63 41.58 29.00
N LEU K 184 -22.66 40.80 28.51
CA LEU K 184 -21.98 41.17 27.23
C LEU K 184 -22.92 41.16 26.04
N ALA K 185 -23.93 40.30 26.12
CA ALA K 185 -24.96 40.22 25.08
C ALA K 185 -25.98 41.40 25.13
N GLY K 186 -25.93 42.18 26.19
CA GLY K 186 -26.70 43.41 26.31
C GLY K 186 -27.85 43.37 27.31
N CYS K 187 -28.00 42.27 28.04
CA CYS K 187 -29.11 42.12 28.98
C CYS K 187 -29.21 43.34 29.92
N GLU K 188 -30.38 43.97 29.91
CA GLU K 188 -30.57 45.21 30.67
C GLU K 188 -30.88 44.92 32.13
N SER K 189 -31.23 43.68 32.41
CA SER K 189 -31.35 43.23 33.79
C SER K 189 -30.86 41.82 33.93
N ILE K 190 -30.55 41.47 35.17
CA ILE K 190 -30.06 40.14 35.51
C ILE K 190 -30.36 39.81 36.96
N THR K 191 -30.52 38.52 37.25
CA THR K 191 -30.69 38.08 38.63
C THR K 191 -29.79 36.91 38.95
N LEU K 192 -29.04 37.07 40.04
CA LEU K 192 -28.03 36.11 40.44
C LEU K 192 -28.42 35.32 41.66
N PRO K 193 -28.20 33.98 41.64
CA PRO K 193 -28.24 33.29 42.91
C PRO K 193 -27.05 33.72 43.79
N LEU K 194 -27.15 33.40 45.08
CA LEU K 194 -26.21 33.91 46.07
C LEU K 194 -24.79 33.40 45.86
N ASP K 195 -24.66 32.12 45.55
CA ASP K 195 -23.33 31.55 45.36
C ASP K 195 -22.57 32.19 44.19
N VAL K 196 -23.28 32.45 43.10
CA VAL K 196 -22.68 33.09 41.91
C VAL K 196 -22.34 34.57 42.14
N ALA K 197 -23.26 35.28 42.77
CA ALA K 197 -23.01 36.67 43.21
C ALA K 197 -21.77 36.79 44.08
N GLN K 198 -21.62 35.89 45.03
CA GLN K 198 -20.46 35.90 45.93
C GLN K 198 -19.16 35.58 45.20
N GLN K 199 -19.19 34.64 44.27
CA GLN K 199 -18.00 34.33 43.46
C GLN K 199 -17.60 35.53 42.62
N MET K 200 -18.60 36.31 42.23
CA MET K 200 -18.38 37.44 41.33
C MET K 200 -17.61 38.60 42.00
N ILE K 201 -17.52 38.57 43.33
CA ILE K 201 -16.80 39.60 44.11
C ILE K 201 -15.63 39.09 44.94
N SER K 202 -15.29 37.82 44.78
CA SER K 202 -14.19 37.20 45.54
C SER K 202 -13.19 36.49 44.62
N TYR K 203 -11.97 37.03 44.53
CA TYR K 203 -10.92 36.52 43.60
C TYR K 203 -9.59 36.36 44.30
N PRO K 204 -9.01 35.15 44.25
CA PRO K 204 -7.67 34.93 44.83
C PRO K 204 -6.63 35.92 44.33
N ALA K 205 -6.71 36.27 43.05
CA ALA K 205 -5.73 37.17 42.44
C ALA K 205 -5.82 38.58 43.05
N VAL K 206 -7.05 39.01 43.29
CA VAL K 206 -7.34 40.31 43.88
C VAL K 206 -6.86 40.34 45.33
N ASP K 207 -7.12 39.28 46.07
CA ASP K 207 -6.69 39.17 47.47
C ASP K 207 -5.16 39.22 47.56
N ALA K 208 -4.48 38.54 46.64
CA ALA K 208 -3.02 38.58 46.54
C ALA K 208 -2.45 39.96 46.20
N ALA K 209 -3.15 40.70 45.34
CA ALA K 209 -2.76 42.07 45.02
C ALA K 209 -2.89 43.02 46.23
N VAL K 210 -3.98 42.85 46.98
CA VAL K 210 -4.20 43.58 48.23
C VAL K 210 -3.13 43.25 49.29
N ALA K 211 -2.86 41.97 49.49
CA ALA K 211 -1.82 41.51 50.41
C ALA K 211 -0.44 42.11 50.08
N LYS K 212 -0.10 42.05 48.79
CA LYS K 212 1.12 42.67 48.28
C LYS K 212 1.21 44.17 48.64
N PHE K 213 0.13 44.92 48.43
CA PHE K 213 0.10 46.34 48.74
C PHE K 213 0.39 46.59 50.22
N GLU K 214 -0.22 45.77 51.08
CA GLU K 214 -0.01 45.84 52.53
C GLU K 214 1.44 45.54 52.92
N GLN K 215 2.01 44.50 52.32
CA GLN K 215 3.41 44.13 52.55
C GLN K 215 4.38 45.24 52.12
N ASP K 216 4.14 45.83 50.95
CA ASP K 216 5.00 46.91 50.45
C ASP K 216 4.91 48.14 51.37
N TRP K 217 3.68 48.46 51.79
CA TRP K 217 3.40 49.59 52.70
C TRP K 217 4.13 49.40 54.04
N GLN K 218 3.90 48.23 54.64
CA GLN K 218 4.58 47.80 55.87
C GLN K 218 6.10 47.94 55.76
N GLY K 219 6.65 47.45 54.66
CA GLY K 219 8.09 47.48 54.41
C GLY K 219 8.69 48.87 54.43
N ALA K 220 7.94 49.84 53.89
CA ALA K 220 8.41 51.23 53.78
C ALA K 220 8.04 52.09 54.98
N PHE K 221 6.86 51.85 55.55
CA PHE K 221 6.30 52.73 56.60
C PHE K 221 6.14 52.12 58.00
N GLY K 222 6.45 50.83 58.13
CA GLY K 222 6.40 50.14 59.43
C GLY K 222 5.00 49.86 59.98
N ARG K 223 3.99 50.00 59.12
CA ARG K 223 2.60 49.67 59.46
C ARG K 223 1.82 49.34 58.19
N THR K 224 0.62 48.76 58.35
CA THR K 224 -0.26 48.42 57.21
C THR K 224 -1.44 49.39 57.06
N SER K 225 -1.50 50.40 57.92
CA SER K 225 -2.55 51.41 57.90
C SER K 225 -2.08 52.71 57.23
N ILE K 226 -3.04 53.51 56.82
CA ILE K 226 -2.75 54.71 56.03
C ILE K 226 -2.12 55.83 56.86
N HIS L 7 -43.69 46.00 15.80
CA HIS L 7 -43.75 44.68 15.11
C HIS L 7 -45.19 44.20 14.94
N GLU L 8 -45.43 43.49 13.83
CA GLU L 8 -46.78 42.99 13.49
C GLU L 8 -46.84 41.48 13.28
N LEU L 9 -47.54 40.81 14.18
CA LEU L 9 -47.74 39.37 14.12
C LEU L 9 -49.10 38.98 13.51
N TYR L 10 -49.05 38.21 12.42
CA TYR L 10 -50.24 37.75 11.72
C TYR L 10 -50.37 36.24 11.74
N LEU L 11 -51.60 35.78 11.56
CA LEU L 11 -51.88 34.38 11.31
C LEU L 11 -52.24 34.20 9.84
N ASP L 12 -51.72 33.11 9.27
CA ASP L 12 -51.85 32.81 7.86
C ASP L 12 -52.89 31.70 7.73
N THR L 13 -54.15 32.09 7.55
CA THR L 13 -55.25 31.13 7.69
C THR L 13 -56.60 31.67 7.20
N SER L 14 -57.50 30.76 6.81
CA SER L 14 -58.92 31.11 6.57
C SER L 14 -59.84 30.37 7.58
N ASP L 15 -59.23 29.83 8.64
CA ASP L 15 -59.92 29.02 9.64
C ASP L 15 -60.49 29.92 10.76
N VAL L 16 -61.75 30.31 10.58
CA VAL L 16 -62.40 31.34 11.42
C VAL L 16 -62.46 30.95 12.91
N VAL L 17 -62.79 29.69 13.17
CA VAL L 17 -62.89 29.17 14.54
C VAL L 17 -61.54 29.20 15.25
N ALA L 18 -60.52 28.70 14.56
CA ALA L 18 -59.13 28.76 15.07
C ALA L 18 -58.69 30.19 15.33
N VAL L 19 -59.00 31.09 14.41
CA VAL L 19 -58.65 32.50 14.59
C VAL L 19 -59.27 33.07 15.87
N LYS L 20 -60.54 32.76 16.09
CA LYS L 20 -61.26 33.23 17.29
C LYS L 20 -60.59 32.72 18.56
N ALA L 21 -60.31 31.43 18.58
CA ALA L 21 -59.67 30.79 19.72
C ALA L 21 -58.24 31.33 19.97
N LEU L 22 -57.48 31.47 18.89
CA LEU L 22 -56.07 31.85 19.00
C LEU L 22 -55.85 33.35 19.24
N SER L 23 -56.87 34.15 18.93
CA SER L 23 -56.78 35.61 19.09
C SER L 23 -56.78 36.09 20.55
N ARG L 24 -57.29 35.26 21.47
CA ARG L 24 -57.19 35.58 22.91
C ARG L 24 -55.82 35.17 23.49
N ILE L 25 -55.10 34.32 22.76
CA ILE L 25 -53.79 33.84 23.19
C ILE L 25 -52.66 34.68 22.63
N PHE L 26 -52.57 34.75 21.30
CA PHE L 26 -51.50 35.48 20.62
C PHE L 26 -51.80 36.97 20.54
N PRO L 27 -50.76 37.81 20.60
CA PRO L 27 -50.92 39.23 20.34
C PRO L 27 -50.94 39.53 18.84
N LEU L 28 -52.11 39.31 18.22
CA LEU L 28 -52.24 39.41 16.76
C LEU L 28 -52.51 40.81 16.25
N ALA L 29 -51.85 41.16 15.14
CA ALA L 29 -52.09 42.41 14.43
C ALA L 29 -53.17 42.18 13.39
N GLY L 30 -53.42 40.92 13.06
CA GLY L 30 -54.35 40.60 12.00
C GLY L 30 -54.24 39.18 11.47
N VAL L 31 -54.82 39.00 10.28
CA VAL L 31 -54.82 37.72 9.57
C VAL L 31 -54.50 37.94 8.10
N THR L 32 -53.63 37.09 7.55
CA THR L 32 -53.33 37.11 6.12
C THR L 32 -53.96 35.92 5.43
N THR L 33 -54.38 36.15 4.20
CA THR L 33 -54.89 35.08 3.34
C THR L 33 -54.23 35.14 1.97
N ASN L 34 -54.30 34.04 1.26
CA ASN L 34 -53.93 33.98 -0.15
C ASN L 34 -54.91 33.04 -0.85
N PRO L 35 -54.86 32.94 -2.19
CA PRO L 35 -55.87 32.12 -2.89
C PRO L 35 -55.93 30.64 -2.52
N SER L 36 -54.79 30.03 -2.22
CA SER L 36 -54.76 28.64 -1.79
C SER L 36 -55.35 28.44 -0.39
N ILE L 37 -55.09 29.39 0.49
CA ILE L 37 -55.64 29.35 1.85
C ILE L 37 -57.16 29.58 1.86
N ILE L 38 -57.63 30.49 1.01
CA ILE L 38 -59.08 30.73 0.86
C ILE L 38 -59.76 29.51 0.26
N ALA L 39 -59.21 29.01 -0.84
CA ALA L 39 -59.72 27.82 -1.53
C ALA L 39 -59.86 26.63 -0.58
N ALA L 40 -58.80 26.35 0.17
CA ALA L 40 -58.77 25.24 1.13
C ALA L 40 -59.88 25.33 2.21
N GLY L 41 -60.28 26.56 2.54
CA GLY L 41 -61.38 26.82 3.50
C GLY L 41 -62.77 26.74 2.88
N LYS L 42 -62.81 26.84 1.55
CA LYS L 42 -64.01 26.60 0.72
C LYS L 42 -65.10 27.67 0.80
N LYS L 43 -64.90 28.69 1.65
CA LYS L 43 -65.84 29.79 1.75
C LYS L 43 -65.40 30.93 0.84
N PRO L 44 -66.36 31.56 0.13
CA PRO L 44 -66.00 32.70 -0.74
C PRO L 44 -65.56 33.92 0.05
N LEU L 45 -64.85 34.83 -0.64
CA LEU L 45 -64.26 36.01 -0.01
C LEU L 45 -65.26 36.88 0.73
N ASP L 46 -66.43 37.09 0.12
CA ASP L 46 -67.48 37.92 0.74
C ASP L 46 -68.07 37.29 2.01
N VAL L 47 -67.84 35.99 2.20
CA VAL L 47 -68.18 35.29 3.44
C VAL L 47 -67.03 35.28 4.46
N VAL L 48 -65.89 34.68 4.09
CA VAL L 48 -64.77 34.50 5.07
C VAL L 48 -64.22 35.81 5.59
N LEU L 49 -64.07 36.79 4.73
CA LEU L 49 -63.37 38.02 5.13
C LEU L 49 -64.07 38.73 6.30
N PRO L 50 -65.37 39.05 6.16
CA PRO L 50 -66.09 39.62 7.32
C PRO L 50 -66.06 38.70 8.56
N GLN L 51 -66.18 37.40 8.34
CA GLN L 51 -66.11 36.41 9.45
C GLN L 51 -64.76 36.46 10.15
N LEU L 52 -63.69 36.54 9.37
CA LEU L 52 -62.34 36.65 9.93
C LEU L 52 -62.17 37.96 10.69
N HIS L 53 -62.68 39.04 10.12
CA HIS L 53 -62.66 40.35 10.78
C HIS L 53 -63.37 40.31 12.13
N GLU L 54 -64.54 39.68 12.16
CA GLU L 54 -65.32 39.52 13.40
C GLU L 54 -64.59 38.65 14.42
N ALA L 55 -64.05 37.54 13.93
CA ALA L 55 -63.37 36.55 14.79
C ALA L 55 -62.16 37.13 15.55
N MET L 56 -61.72 38.32 15.16
CA MET L 56 -60.63 39.04 15.82
C MET L 56 -61.11 40.17 16.74
N GLY L 57 -62.41 40.22 17.01
CA GLY L 57 -62.99 41.29 17.83
C GLY L 57 -63.17 42.60 17.08
N GLY L 58 -63.38 42.49 15.76
CA GLY L 58 -63.62 43.66 14.91
C GLY L 58 -62.43 44.61 14.80
N GLN L 59 -61.26 44.13 15.18
CA GLN L 59 -60.02 44.91 15.13
C GLN L 59 -58.94 44.13 14.41
N GLY L 60 -57.87 44.83 14.06
CA GLY L 60 -56.76 44.21 13.35
C GLY L 60 -56.89 44.31 11.84
N ARG L 61 -55.78 44.06 11.17
CA ARG L 61 -55.68 44.24 9.72
C ARG L 61 -55.93 42.93 9.00
N LEU L 62 -56.53 43.04 7.81
CA LEU L 62 -56.70 41.89 6.92
C LEU L 62 -55.94 42.08 5.61
N PHE L 63 -55.53 40.95 5.03
CA PHE L 63 -54.87 40.92 3.72
C PHE L 63 -55.53 39.88 2.83
N ALA L 64 -55.76 40.23 1.57
CA ALA L 64 -56.23 39.26 0.59
C ALA L 64 -55.70 39.60 -0.79
N GLN L 65 -55.69 38.59 -1.65
CA GLN L 65 -54.96 38.63 -2.91
C GLN L 65 -55.82 38.76 -4.15
N VAL L 66 -55.33 39.55 -5.12
CA VAL L 66 -55.98 39.63 -6.43
C VAL L 66 -55.75 38.36 -7.21
N MET L 67 -56.57 38.14 -8.23
CA MET L 67 -56.52 36.94 -9.06
C MET L 67 -56.29 37.23 -10.56
N ALA L 68 -56.53 38.47 -10.97
CA ALA L 68 -56.43 38.85 -12.37
C ALA L 68 -54.98 38.84 -12.87
N THR L 69 -54.87 38.77 -14.20
CA THR L 69 -53.59 38.58 -14.93
C THR L 69 -53.04 39.88 -15.48
N THR L 70 -53.93 40.84 -15.73
CA THR L 70 -53.53 42.16 -16.23
C THR L 70 -53.56 43.19 -15.12
N ALA L 71 -52.78 44.25 -15.28
CA ALA L 71 -52.71 45.32 -14.29
C ALA L 71 -54.08 45.94 -14.04
N GLU L 72 -54.80 46.23 -15.13
CA GLU L 72 -56.15 46.79 -15.04
C GLU L 72 -57.10 45.86 -14.28
N GLY L 73 -57.08 44.58 -14.64
CA GLY L 73 -57.88 43.56 -13.96
C GLY L 73 -57.57 43.41 -12.48
N MET L 74 -56.29 43.59 -12.13
CA MET L 74 -55.85 43.54 -10.73
C MET L 74 -56.35 44.73 -9.92
N VAL L 75 -56.35 45.90 -10.54
CA VAL L 75 -56.89 47.11 -9.93
C VAL L 75 -58.39 46.92 -9.63
N ASN L 76 -59.10 46.33 -10.58
CA ASN L 76 -60.53 46.03 -10.41
C ASN L 76 -60.78 45.01 -9.30
N ASP L 77 -59.92 44.00 -9.23
CA ASP L 77 -59.96 43.01 -8.14
C ASP L 77 -59.76 43.68 -6.79
N ALA L 78 -58.84 44.64 -6.75
CA ALA L 78 -58.55 45.40 -5.53
C ALA L 78 -59.77 46.18 -5.03
N LEU L 79 -60.48 46.81 -5.96
CA LEU L 79 -61.71 47.55 -5.63
C LEU L 79 -62.78 46.62 -5.07
N LYS L 80 -62.95 45.46 -5.69
CA LYS L 80 -63.84 44.41 -5.19
C LYS L 80 -63.49 43.97 -3.76
N LEU L 81 -62.20 43.76 -3.50
CA LEU L 81 -61.73 43.39 -2.17
C LEU L 81 -62.00 44.50 -1.14
N ARG L 82 -61.72 45.74 -1.53
CA ARG L 82 -61.94 46.90 -0.68
C ARG L 82 -63.43 47.17 -0.39
N SER L 83 -64.31 46.75 -1.29
CA SER L 83 -65.76 46.87 -1.07
C SER L 83 -66.29 45.86 -0.05
N ILE L 84 -65.55 44.77 0.15
CA ILE L 84 -65.87 43.77 1.17
C ILE L 84 -65.32 44.19 2.54
N ILE L 85 -64.04 44.53 2.55
CA ILE L 85 -63.36 45.02 3.76
C ILE L 85 -62.70 46.35 3.41
N ALA L 86 -63.24 47.43 3.98
CA ALA L 86 -62.89 48.81 3.59
C ALA L 86 -61.42 49.15 3.75
N ASP L 87 -60.81 48.65 4.82
CA ASP L 87 -59.40 48.94 5.15
C ASP L 87 -58.43 47.78 4.85
N ILE L 88 -58.84 46.89 3.94
CA ILE L 88 -58.04 45.70 3.63
C ILE L 88 -56.78 46.04 2.85
N VAL L 89 -55.70 45.32 3.13
CA VAL L 89 -54.45 45.48 2.36
C VAL L 89 -54.51 44.50 1.20
N VAL L 90 -54.25 44.99 -0.01
CA VAL L 90 -54.35 44.17 -1.22
C VAL L 90 -53.02 43.55 -1.61
N LYS L 91 -53.01 42.22 -1.64
CA LYS L 91 -51.83 41.46 -2.05
C LYS L 91 -51.76 41.35 -3.58
N VAL L 92 -50.63 41.77 -4.13
CA VAL L 92 -50.40 41.72 -5.58
C VAL L 92 -49.14 40.91 -5.91
N PRO L 93 -49.29 39.79 -6.66
CA PRO L 93 -48.07 39.07 -7.02
C PRO L 93 -47.07 39.95 -7.76
N VAL L 94 -45.80 39.83 -7.39
CA VAL L 94 -44.78 40.70 -7.96
C VAL L 94 -44.31 40.14 -9.31
N THR L 95 -45.13 40.44 -10.31
CA THR L 95 -44.86 40.17 -11.72
C THR L 95 -44.81 41.49 -12.47
N ALA L 96 -44.56 41.45 -13.77
CA ALA L 96 -44.54 42.67 -14.58
C ALA L 96 -45.85 43.45 -14.43
N GLU L 97 -46.97 42.77 -14.67
CA GLU L 97 -48.30 43.40 -14.55
C GLU L 97 -48.62 43.78 -13.10
N GLY L 98 -48.23 42.92 -12.17
CA GLY L 98 -48.37 43.22 -10.75
C GLY L 98 -47.69 44.52 -10.34
N LEU L 99 -46.46 44.71 -10.81
CA LEU L 99 -45.71 45.96 -10.58
C LEU L 99 -46.47 47.19 -11.09
N ALA L 100 -46.93 47.10 -12.33
CA ALA L 100 -47.76 48.15 -12.93
C ALA L 100 -49.02 48.41 -12.09
N ALA L 101 -49.67 47.32 -11.68
CA ALA L 101 -50.86 47.41 -10.81
C ALA L 101 -50.54 48.10 -9.47
N ILE L 102 -49.41 47.73 -8.88
CA ILE L 102 -48.99 48.34 -7.61
C ILE L 102 -48.81 49.85 -7.77
N LYS L 103 -48.18 50.28 -8.87
CA LYS L 103 -48.03 51.71 -9.16
C LYS L 103 -49.38 52.40 -9.29
N MET L 104 -50.32 51.76 -9.99
CA MET L 104 -51.67 52.31 -10.15
C MET L 104 -52.41 52.43 -8.83
N LEU L 105 -52.31 51.38 -8.02
CA LEU L 105 -52.96 51.35 -6.69
C LEU L 105 -52.34 52.35 -5.72
N LYS L 106 -51.06 52.61 -5.87
CA LYS L 106 -50.37 53.67 -5.12
C LYS L 106 -50.99 55.04 -5.43
N ALA L 107 -51.17 55.30 -6.72
CA ALA L 107 -51.79 56.55 -7.19
C ALA L 107 -53.24 56.70 -6.69
N GLU L 108 -53.94 55.58 -6.59
CA GLU L 108 -55.32 55.56 -6.07
C GLU L 108 -55.45 55.53 -4.54
N GLY L 109 -54.32 55.49 -3.83
CA GLY L 109 -54.31 55.52 -2.36
C GLY L 109 -54.73 54.23 -1.66
N ILE L 110 -54.68 53.12 -2.39
CA ILE L 110 -55.02 51.80 -1.85
C ILE L 110 -53.73 51.06 -1.42
N PRO L 111 -53.57 50.76 -0.12
CA PRO L 111 -52.34 50.11 0.33
C PRO L 111 -52.19 48.70 -0.23
N THR L 112 -50.96 48.37 -0.63
CA THR L 112 -50.66 47.08 -1.23
C THR L 112 -49.56 46.30 -0.52
N LEU L 113 -49.58 45.00 -0.76
CA LEU L 113 -48.51 44.11 -0.35
C LEU L 113 -48.00 43.40 -1.59
N GLY L 114 -46.68 43.43 -1.80
CA GLY L 114 -46.04 42.73 -2.91
C GLY L 114 -45.74 41.28 -2.53
N THR L 115 -46.43 40.35 -3.17
CA THR L 115 -46.37 38.94 -2.78
C THR L 115 -45.77 38.01 -3.84
N ALA L 116 -45.67 36.73 -3.50
CA ALA L 116 -45.03 35.70 -4.34
C ALA L 116 -43.59 36.11 -4.67
N VAL L 117 -42.89 36.57 -3.63
CA VAL L 117 -41.54 37.06 -3.78
C VAL L 117 -40.58 35.90 -3.53
N TYR L 118 -39.77 35.59 -4.55
CA TYR L 118 -38.77 34.53 -4.49
C TYR L 118 -37.36 35.08 -4.55
N GLY L 119 -37.22 36.39 -4.66
CA GLY L 119 -35.91 37.04 -4.78
C GLY L 119 -35.94 38.42 -4.16
N ALA L 120 -34.77 38.89 -3.73
CA ALA L 120 -34.66 40.13 -2.98
C ALA L 120 -34.88 41.39 -3.85
N ALA L 121 -34.29 41.38 -5.04
CA ALA L 121 -34.42 42.51 -5.96
C ALA L 121 -35.85 42.65 -6.46
N GLN L 122 -36.46 41.52 -6.75
CA GLN L 122 -37.88 41.44 -7.08
C GLN L 122 -38.72 42.13 -5.99
N GLY L 123 -38.50 41.71 -4.75
CA GLY L 123 -39.20 42.29 -3.61
C GLY L 123 -39.01 43.80 -3.49
N LEU L 124 -37.76 44.23 -3.64
CA LEU L 124 -37.45 45.65 -3.59
C LEU L 124 -38.21 46.46 -4.64
N LEU L 125 -38.28 45.92 -5.86
CA LEU L 125 -38.98 46.62 -6.94
C LEU L 125 -40.44 46.89 -6.59
N SER L 126 -41.08 45.94 -5.91
CA SER L 126 -42.47 46.07 -5.49
C SER L 126 -42.63 47.21 -4.48
N ALA L 127 -41.65 47.34 -3.59
CA ALA L 127 -41.63 48.43 -2.60
C ALA L 127 -41.38 49.79 -3.24
N LEU L 128 -40.44 49.84 -4.18
CA LEU L 128 -40.17 51.08 -4.92
C LEU L 128 -41.40 51.52 -5.72
N ALA L 129 -42.18 50.55 -6.16
CA ALA L 129 -43.40 50.80 -6.91
C ALA L 129 -44.54 51.30 -6.03
N GLY L 130 -44.40 51.15 -4.72
CA GLY L 130 -45.34 51.71 -3.75
C GLY L 130 -45.91 50.76 -2.72
N ALA L 131 -45.57 49.47 -2.84
CA ALA L 131 -46.03 48.49 -1.87
C ALA L 131 -45.53 48.80 -0.46
N GLU L 132 -46.42 48.61 0.51
CA GLU L 132 -46.15 48.94 1.91
C GLU L 132 -45.58 47.73 2.64
N TYR L 133 -45.92 46.55 2.14
CA TYR L 133 -45.42 45.29 2.65
C TYR L 133 -44.85 44.48 1.48
N VAL L 134 -43.85 43.66 1.78
CA VAL L 134 -43.26 42.74 0.80
C VAL L 134 -43.17 41.37 1.46
N ALA L 135 -43.75 40.38 0.80
CA ALA L 135 -43.88 39.03 1.36
C ALA L 135 -43.09 37.97 0.59
N PRO L 136 -41.85 37.68 1.05
CA PRO L 136 -41.10 36.56 0.48
C PRO L 136 -41.67 35.23 0.97
N TYR L 137 -41.65 34.23 0.10
CA TYR L 137 -42.10 32.90 0.47
C TYR L 137 -40.91 32.06 0.93
N VAL L 138 -40.65 32.15 2.23
CA VAL L 138 -39.46 31.59 2.85
C VAL L 138 -39.27 30.08 2.58
N ASN L 139 -40.26 29.26 2.93
CA ASN L 139 -40.15 27.83 2.75
C ASN L 139 -40.13 27.40 1.29
N ARG L 140 -40.84 28.15 0.45
CA ARG L 140 -40.82 27.88 -0.98
C ARG L 140 -39.39 28.01 -1.52
N ILE L 141 -38.69 29.04 -1.08
CA ILE L 141 -37.30 29.28 -1.50
C ILE L 141 -36.39 28.18 -0.95
N ASP L 142 -36.56 27.85 0.33
CA ASP L 142 -35.86 26.72 0.96
C ASP L 142 -36.12 25.36 0.30
N ALA L 143 -37.39 25.09 0.03
CA ALA L 143 -37.79 23.82 -0.57
C ALA L 143 -37.21 23.64 -1.98
N GLN L 144 -37.10 24.74 -2.71
CA GLN L 144 -36.61 24.73 -4.08
C GLN L 144 -35.10 24.95 -4.23
N GLY L 145 -34.35 24.73 -3.15
CA GLY L 145 -32.88 24.62 -3.23
C GLY L 145 -32.13 25.91 -3.01
N GLY L 146 -32.86 26.95 -2.63
CA GLY L 146 -32.24 28.26 -2.35
C GLY L 146 -31.99 28.44 -0.86
N SER L 147 -31.94 29.70 -0.43
CA SER L 147 -31.90 30.04 1.00
C SER L 147 -32.95 31.10 1.34
N GLY L 148 -34.05 30.65 1.92
CA GLY L 148 -35.13 31.54 2.31
C GLY L 148 -34.69 32.62 3.27
N ILE L 149 -33.89 32.22 4.23
CA ILE L 149 -33.34 33.15 5.21
C ILE L 149 -32.42 34.19 4.57
N GLN L 150 -31.55 33.79 3.64
CA GLN L 150 -30.66 34.78 3.00
C GLN L 150 -31.46 35.78 2.17
N THR L 151 -32.46 35.28 1.48
CA THR L 151 -33.37 36.12 0.68
C THR L 151 -34.07 37.15 1.55
N VAL L 152 -34.60 36.69 2.68
CA VAL L 152 -35.25 37.57 3.66
C VAL L 152 -34.28 38.58 4.24
N THR L 153 -33.11 38.11 4.63
CA THR L 153 -32.03 38.98 5.15
C THR L 153 -31.68 40.07 4.14
N ASP L 154 -31.43 39.67 2.90
CA ASP L 154 -31.08 40.60 1.85
C ASP L 154 -32.23 41.59 1.59
N LEU L 155 -33.46 41.07 1.55
CA LEU L 155 -34.65 41.89 1.27
C LEU L 155 -34.89 42.95 2.34
N HIS L 156 -34.83 42.55 3.59
CA HIS L 156 -34.94 43.50 4.69
C HIS L 156 -33.92 44.64 4.58
N GLN L 157 -32.66 44.28 4.34
CA GLN L 157 -31.60 45.29 4.19
C GLN L 157 -31.91 46.22 3.01
N LEU L 158 -32.38 45.66 1.91
CA LEU L 158 -32.68 46.47 0.73
C LEU L 158 -33.81 47.47 1.02
N LEU L 159 -34.86 47.00 1.69
CA LEU L 159 -35.96 47.90 2.06
C LEU L 159 -35.45 49.02 2.97
N LYS L 160 -34.69 48.64 3.98
CA LYS L 160 -34.16 49.59 4.96
C LYS L 160 -33.27 50.67 4.35
N MET L 161 -32.47 50.28 3.37
CA MET L 161 -31.58 51.22 2.71
C MET L 161 -32.29 52.01 1.60
N HIS L 162 -33.13 51.33 0.84
CA HIS L 162 -33.63 51.86 -0.43
C HIS L 162 -35.11 52.19 -0.53
N ALA L 163 -35.93 51.59 0.34
CA ALA L 163 -37.37 51.90 0.40
C ALA L 163 -37.88 51.73 1.83
N PRO L 164 -37.43 52.60 2.74
CA PRO L 164 -37.63 52.45 4.19
C PRO L 164 -39.09 52.55 4.67
N GLN L 165 -40.00 53.05 3.84
CA GLN L 165 -41.42 53.10 4.19
C GLN L 165 -42.04 51.69 4.13
N ALA L 166 -41.37 50.79 3.43
CA ALA L 166 -41.85 49.43 3.24
C ALA L 166 -41.32 48.45 4.29
N LYS L 167 -42.13 47.45 4.58
CA LYS L 167 -41.80 46.43 5.57
C LYS L 167 -41.80 45.04 4.96
N VAL L 168 -40.90 44.19 5.44
CA VAL L 168 -40.96 42.77 5.11
C VAL L 168 -42.08 42.14 5.93
N LEU L 169 -42.97 41.43 5.23
CA LEU L 169 -43.94 40.51 5.87
C LEU L 169 -43.59 39.07 5.49
N ALA L 170 -42.76 38.45 6.32
CA ALA L 170 -42.25 37.11 6.02
C ALA L 170 -43.36 36.07 6.07
N ALA L 171 -43.37 35.19 5.09
CA ALA L 171 -44.41 34.18 4.96
C ALA L 171 -43.88 32.83 4.49
N SER L 172 -44.76 31.83 4.58
CA SER L 172 -44.49 30.46 4.09
C SER L 172 -43.49 29.74 5.02
N PHE L 173 -44.02 29.01 6.00
CA PHE L 173 -43.22 28.38 7.07
C PHE L 173 -43.63 26.95 7.35
N LYS L 174 -42.63 26.10 7.53
CA LYS L 174 -42.85 24.70 7.96
C LYS L 174 -42.32 24.42 9.35
N THR L 175 -41.46 25.30 9.86
CA THR L 175 -40.86 25.09 11.17
C THR L 175 -40.60 26.43 11.85
N PRO L 176 -40.68 26.45 13.21
CA PRO L 176 -40.47 27.72 13.93
C PRO L 176 -39.09 28.33 13.74
N ARG L 177 -38.08 27.49 13.55
CA ARG L 177 -36.71 27.98 13.28
C ARG L 177 -36.65 29.00 12.13
N GLN L 178 -37.40 28.71 11.06
CA GLN L 178 -37.51 29.65 9.93
C GLN L 178 -38.09 31.01 10.33
N ALA L 179 -39.12 30.97 11.16
CA ALA L 179 -39.76 32.18 11.68
C ALA L 179 -38.79 32.96 12.56
N LEU L 180 -38.15 32.25 13.45
CA LEU L 180 -37.10 32.84 14.32
C LEU L 180 -36.02 33.55 13.51
N ASP L 181 -35.53 32.89 12.47
CA ASP L 181 -34.42 33.47 11.68
C ASP L 181 -34.86 34.70 10.92
N CYS L 182 -36.10 34.70 10.43
CA CYS L 182 -36.70 35.91 9.82
C CYS L 182 -36.80 37.08 10.81
N LEU L 183 -37.23 36.75 12.02
CA LEU L 183 -37.32 37.75 13.09
C LEU L 183 -35.92 38.26 13.43
N LEU L 184 -34.96 37.35 13.52
CA LEU L 184 -33.58 37.74 13.84
C LEU L 184 -32.98 38.60 12.75
N ALA L 185 -33.42 38.36 11.52
CA ALA L 185 -32.98 39.16 10.36
C ALA L 185 -33.61 40.55 10.31
N GLY L 186 -34.59 40.80 11.17
CA GLY L 186 -35.17 42.14 11.36
C GLY L 186 -36.55 42.33 10.78
N CYS L 187 -37.15 41.27 10.25
CA CYS L 187 -38.50 41.37 9.68
C CYS L 187 -39.47 42.09 10.63
N GLU L 188 -40.07 43.16 10.14
CA GLU L 188 -40.96 43.99 10.95
C GLU L 188 -42.38 43.42 11.02
N SER L 189 -42.68 42.50 10.12
CA SER L 189 -43.91 41.73 10.20
C SER L 189 -43.68 40.28 9.78
N ILE L 190 -44.59 39.43 10.21
CA ILE L 190 -44.53 38.01 9.93
C ILE L 190 -45.94 37.41 9.98
N THR L 191 -46.15 36.36 9.19
CA THR L 191 -47.40 35.60 9.24
C THR L 191 -47.18 34.09 9.32
N LEU L 192 -47.80 33.48 10.32
CA LEU L 192 -47.55 32.09 10.67
C LEU L 192 -48.73 31.22 10.34
N PRO L 193 -48.47 30.04 9.75
CA PRO L 193 -49.56 29.07 9.69
C PRO L 193 -49.83 28.54 11.09
N LEU L 194 -50.96 27.88 11.26
CA LEU L 194 -51.46 27.51 12.58
C LEU L 194 -50.56 26.50 13.28
N ASP L 195 -50.08 25.52 12.53
CA ASP L 195 -49.27 24.45 13.14
C ASP L 195 -47.94 24.99 13.70
N VAL L 196 -47.33 25.91 12.96
CA VAL L 196 -46.08 26.55 13.39
C VAL L 196 -46.30 27.51 14.59
N ALA L 197 -47.36 28.29 14.52
CA ALA L 197 -47.74 29.18 15.64
C ALA L 197 -47.95 28.38 16.93
N GLN L 198 -48.63 27.26 16.82
CA GLN L 198 -48.88 26.39 17.99
C GLN L 198 -47.60 25.76 18.55
N GLN L 199 -46.71 25.33 17.66
CA GLN L 199 -45.41 24.80 18.09
C GLN L 199 -44.58 25.87 18.80
N MET L 200 -44.75 27.10 18.39
CA MET L 200 -43.99 28.24 18.93
C MET L 200 -44.35 28.57 20.40
N ILE L 201 -45.50 28.06 20.88
CA ILE L 201 -45.95 28.29 22.27
C ILE L 201 -46.08 27.04 23.12
N SER L 202 -45.65 25.89 22.58
CA SER L 202 -45.72 24.63 23.32
C SER L 202 -44.37 23.92 23.35
N TYR L 203 -43.80 23.77 24.55
CA TYR L 203 -42.48 23.16 24.73
C TYR L 203 -42.48 22.17 25.88
N PRO L 204 -42.07 20.93 25.61
CA PRO L 204 -41.92 19.95 26.70
C PRO L 204 -41.05 20.46 27.86
N ALA L 205 -39.97 21.18 27.55
CA ALA L 205 -39.02 21.65 28.57
C ALA L 205 -39.70 22.68 29.51
N VAL L 206 -40.52 23.53 28.93
CA VAL L 206 -41.31 24.53 29.65
C VAL L 206 -42.36 23.88 30.55
N ASP L 207 -43.05 22.88 30.01
CA ASP L 207 -44.06 22.14 30.76
C ASP L 207 -43.41 21.45 31.98
N ALA L 208 -42.22 20.87 31.77
CA ALA L 208 -41.48 20.24 32.85
C ALA L 208 -41.01 21.23 33.94
N ALA L 209 -40.65 22.42 33.54
CA ALA L 209 -40.28 23.46 34.49
C ALA L 209 -41.50 23.89 35.35
N VAL L 210 -42.66 24.02 34.71
CA VAL L 210 -43.92 24.34 35.38
C VAL L 210 -44.34 23.23 36.34
N ALA L 211 -44.26 21.98 35.89
CA ALA L 211 -44.56 20.84 36.73
C ALA L 211 -43.66 20.80 37.98
N LYS L 212 -42.36 21.00 37.76
CA LYS L 212 -41.41 21.08 38.83
C LYS L 212 -41.78 22.15 39.90
N PHE L 213 -42.14 23.34 39.45
CA PHE L 213 -42.54 24.43 40.35
C PHE L 213 -43.74 23.99 41.23
N GLU L 214 -44.71 23.33 40.61
CA GLU L 214 -45.90 22.85 41.30
C GLU L 214 -45.57 21.78 42.33
N GLN L 215 -44.69 20.85 41.95
CA GLN L 215 -44.22 19.80 42.87
C GLN L 215 -43.48 20.40 44.08
N ASP L 216 -42.62 21.39 43.84
CA ASP L 216 -41.85 22.01 44.92
C ASP L 216 -42.78 22.76 45.88
N TRP L 217 -43.72 23.51 45.30
CA TRP L 217 -44.74 24.24 46.05
C TRP L 217 -45.56 23.29 46.93
N GLN L 218 -46.12 22.25 46.30
CA GLN L 218 -46.86 21.18 46.97
C GLN L 218 -46.08 20.60 48.14
N GLY L 219 -44.82 20.28 47.89
CA GLY L 219 -43.94 19.70 48.89
C GLY L 219 -43.78 20.54 50.15
N ALA L 220 -43.71 21.85 49.97
CA ALA L 220 -43.51 22.77 51.07
C ALA L 220 -44.83 23.26 51.72
N PHE L 221 -45.86 23.46 50.91
CA PHE L 221 -47.08 24.11 51.35
C PHE L 221 -48.35 23.25 51.36
N GLY L 222 -48.24 22.01 50.89
CA GLY L 222 -49.36 21.06 50.90
C GLY L 222 -50.47 21.35 49.89
N ARG L 223 -50.20 22.23 48.94
CA ARG L 223 -51.10 22.50 47.83
C ARG L 223 -50.32 23.02 46.61
N THR L 224 -50.98 23.08 45.44
CA THR L 224 -50.35 23.60 44.20
C THR L 224 -50.84 25.01 43.82
N SER L 225 -51.70 25.57 44.66
CA SER L 225 -52.24 26.91 44.45
C SER L 225 -51.53 27.95 45.32
N ILE L 226 -51.66 29.21 44.93
CA ILE L 226 -50.91 30.29 45.55
C ILE L 226 -51.44 30.63 46.95
N HIS M 7 -33.70 56.23 -3.15
CA HIS M 7 -33.01 55.43 -4.20
C HIS M 7 -33.49 55.80 -5.61
N GLU M 8 -32.57 55.74 -6.57
CA GLU M 8 -32.87 56.09 -7.98
C GLU M 8 -32.59 54.96 -8.97
N LEU M 9 -33.67 54.46 -9.59
CA LEU M 9 -33.60 53.40 -10.60
C LEU M 9 -33.67 53.95 -12.02
N TYR M 10 -32.61 53.68 -12.79
CA TYR M 10 -32.54 54.09 -14.19
C TYR M 10 -32.50 52.93 -15.16
N LEU M 11 -32.90 53.21 -16.39
CA LEU M 11 -32.69 52.30 -17.51
C LEU M 11 -31.55 52.81 -18.38
N ASP M 12 -30.73 51.88 -18.82
CA ASP M 12 -29.53 52.17 -19.59
C ASP M 12 -29.79 51.84 -21.06
N THR M 13 -30.27 52.81 -21.81
CA THR M 13 -30.85 52.53 -23.13
C THR M 13 -31.10 53.78 -23.97
N SER M 14 -31.12 53.61 -25.30
CA SER M 14 -31.60 54.65 -26.23
C SER M 14 -32.86 54.17 -26.99
N ASP M 15 -33.45 53.08 -26.49
CA ASP M 15 -34.61 52.44 -27.13
C ASP M 15 -35.91 53.09 -26.63
N VAL M 16 -36.38 54.08 -27.38
CA VAL M 16 -37.52 54.93 -26.99
C VAL M 16 -38.83 54.14 -26.75
N VAL M 17 -39.11 53.20 -27.63
CA VAL M 17 -40.34 52.39 -27.54
C VAL M 17 -40.31 51.50 -26.28
N ALA M 18 -39.19 50.83 -26.07
CA ALA M 18 -38.99 50.04 -24.84
C ALA M 18 -39.12 50.91 -23.58
N VAL M 19 -38.53 52.10 -23.60
CA VAL M 19 -38.62 53.01 -22.44
C VAL M 19 -40.08 53.36 -22.14
N LYS M 20 -40.85 53.65 -23.18
CA LYS M 20 -42.28 53.97 -23.02
C LYS M 20 -43.03 52.81 -22.38
N ALA M 21 -42.82 51.61 -22.92
CA ALA M 21 -43.48 50.40 -22.42
C ALA M 21 -43.06 50.06 -20.98
N LEU M 22 -41.76 50.15 -20.72
CA LEU M 22 -41.22 49.75 -19.41
C LEU M 22 -41.43 50.79 -18.30
N SER M 23 -41.71 52.03 -18.68
CA SER M 23 -41.91 53.12 -17.71
C SER M 23 -43.24 53.02 -16.93
N ARG M 24 -44.22 52.29 -17.46
CA ARG M 24 -45.47 52.02 -16.72
C ARG M 24 -45.31 50.84 -15.75
N ILE M 25 -44.27 50.03 -15.97
CA ILE M 25 -43.98 48.85 -15.15
C ILE M 25 -43.01 49.16 -14.01
N PHE M 26 -41.81 49.62 -14.37
CA PHE M 26 -40.76 49.92 -13.40
C PHE M 26 -40.93 51.31 -12.77
N PRO M 27 -40.55 51.46 -11.50
CA PRO M 27 -40.54 52.77 -10.86
C PRO M 27 -39.26 53.52 -11.21
N LEU M 28 -39.25 54.12 -12.40
CA LEU M 28 -38.05 54.73 -12.94
C LEU M 28 -37.83 56.16 -12.48
N ALA M 29 -36.56 56.48 -12.18
CA ALA M 29 -36.15 57.86 -11.89
C ALA M 29 -35.70 58.55 -13.19
N GLY M 30 -35.45 57.75 -14.23
CA GLY M 30 -34.94 58.30 -15.46
C GLY M 30 -34.32 57.29 -16.40
N VAL M 31 -33.55 57.81 -17.35
CA VAL M 31 -32.81 57.02 -18.33
C VAL M 31 -31.39 57.52 -18.44
N THR M 32 -30.43 56.60 -18.50
CA THR M 32 -29.04 56.95 -18.76
C THR M 32 -28.64 56.52 -20.17
N THR M 33 -27.77 57.32 -20.77
CA THR M 33 -27.17 56.98 -22.06
C THR M 33 -25.66 57.18 -22.01
N ASN M 34 -24.98 56.54 -22.94
CA ASN M 34 -23.56 56.77 -23.19
C ASN M 34 -23.33 56.72 -24.71
N PRO M 35 -22.13 57.08 -25.19
CA PRO M 35 -21.94 57.14 -26.65
C PRO M 35 -22.18 55.85 -27.43
N SER M 36 -21.86 54.69 -26.83
CA SER M 36 -22.11 53.40 -27.49
C SER M 36 -23.59 53.08 -27.56
N ILE M 37 -24.33 53.44 -26.52
CA ILE M 37 -25.78 53.22 -26.46
C ILE M 37 -26.52 54.13 -27.46
N ILE M 38 -26.06 55.38 -27.57
CA ILE M 38 -26.64 56.33 -28.52
C ILE M 38 -26.34 55.86 -29.96
N ALA M 39 -25.07 55.57 -30.21
CA ALA M 39 -24.61 55.08 -31.53
C ALA M 39 -25.41 53.86 -32.01
N ALA M 40 -25.56 52.87 -31.12
CA ALA M 40 -26.31 51.65 -31.42
C ALA M 40 -27.77 51.91 -31.83
N GLY M 41 -28.34 52.99 -31.29
CA GLY M 41 -29.73 53.40 -31.60
C GLY M 41 -29.84 54.22 -32.88
N LYS M 42 -28.71 54.76 -33.30
CA LYS M 42 -28.53 55.43 -34.62
C LYS M 42 -29.18 56.81 -34.76
N LYS M 43 -29.91 57.24 -33.74
CA LYS M 43 -30.53 58.56 -33.74
C LYS M 43 -29.61 59.57 -33.07
N PRO M 44 -29.49 60.78 -33.66
CA PRO M 44 -28.65 61.81 -33.03
C PRO M 44 -29.22 62.32 -31.72
N LEU M 45 -28.35 62.93 -30.91
CA LEU M 45 -28.71 63.40 -29.56
C LEU M 45 -29.90 64.34 -29.54
N ASP M 46 -29.94 65.28 -30.48
CA ASP M 46 -31.03 66.26 -30.55
C ASP M 46 -32.37 65.62 -30.92
N VAL M 47 -32.33 64.39 -31.43
CA VAL M 47 -33.54 63.58 -31.68
C VAL M 47 -33.90 62.66 -30.50
N VAL M 48 -32.99 61.76 -30.13
CA VAL M 48 -33.30 60.75 -29.07
C VAL M 48 -33.60 61.35 -27.72
N LEU M 49 -32.83 62.36 -27.32
CA LEU M 49 -32.96 62.88 -25.96
C LEU M 49 -34.38 63.40 -25.66
N PRO M 50 -34.89 64.35 -26.48
CA PRO M 50 -36.29 64.78 -26.29
C PRO M 50 -37.30 63.62 -26.38
N GLN M 51 -37.06 62.69 -27.30
CA GLN M 51 -37.92 61.49 -27.43
C GLN M 51 -37.92 60.64 -26.17
N LEU M 52 -36.72 60.43 -25.60
CA LEU M 52 -36.58 59.69 -24.35
C LEU M 52 -37.29 60.42 -23.22
N HIS M 53 -37.11 61.74 -23.16
CA HIS M 53 -37.77 62.56 -22.14
C HIS M 53 -39.29 62.42 -22.22
N GLU M 54 -39.83 62.48 -23.44
CA GLU M 54 -41.26 62.32 -23.67
C GLU M 54 -41.75 60.91 -23.31
N ALA M 55 -40.98 59.91 -23.72
CA ALA M 55 -41.33 58.50 -23.49
C ALA M 55 -41.48 58.12 -22.01
N MET M 56 -41.01 59.01 -21.12
CA MET M 56 -41.14 58.83 -19.67
C MET M 56 -42.27 59.67 -19.05
N GLY M 57 -43.12 60.26 -19.88
CA GLY M 57 -44.19 61.13 -19.40
C GLY M 57 -43.71 62.52 -19.03
N GLY M 58 -42.66 62.98 -19.71
CA GLY M 58 -42.11 64.32 -19.48
C GLY M 58 -41.53 64.55 -18.09
N GLN M 59 -41.28 63.45 -17.39
CA GLN M 59 -40.70 63.51 -16.04
C GLN M 59 -39.50 62.58 -15.94
N GLY M 60 -38.73 62.74 -14.87
CA GLY M 60 -37.55 61.94 -14.66
C GLY M 60 -36.29 62.59 -15.22
N ARG M 61 -35.16 62.07 -14.78
CA ARG M 61 -33.86 62.65 -15.10
C ARG M 61 -33.23 61.96 -16.30
N LEU M 62 -32.47 62.73 -17.07
CA LEU M 62 -31.69 62.18 -18.18
C LEU M 62 -30.20 62.39 -17.97
N PHE M 63 -29.40 61.48 -18.52
CA PHE M 63 -27.94 61.56 -18.50
C PHE M 63 -27.39 61.33 -19.90
N ALA M 64 -26.42 62.15 -20.29
CA ALA M 64 -25.70 61.93 -21.55
C ALA M 64 -24.27 62.39 -21.43
N GLN M 65 -23.42 61.86 -22.32
CA GLN M 65 -21.98 61.95 -22.18
C GLN M 65 -21.29 62.88 -23.17
N VAL M 66 -20.29 63.61 -22.68
CA VAL M 66 -19.45 64.43 -23.56
C VAL M 66 -18.54 63.54 -24.40
N MET M 67 -18.03 64.11 -25.49
CA MET M 67 -17.17 63.39 -26.43
C MET M 67 -15.78 63.99 -26.60
N ALA M 68 -15.62 65.25 -26.20
CA ALA M 68 -14.37 65.97 -26.40
C ALA M 68 -13.25 65.43 -25.52
N THR M 69 -12.02 65.75 -25.91
CA THR M 69 -10.78 65.22 -25.36
C THR M 69 -10.13 66.19 -24.37
N THR M 70 -10.41 67.48 -24.54
CA THR M 70 -9.88 68.52 -23.66
C THR M 70 -10.94 68.99 -22.71
N ALA M 71 -10.51 69.53 -21.58
CA ALA M 71 -11.42 70.04 -20.55
C ALA M 71 -12.34 71.12 -21.12
N GLU M 72 -11.75 72.06 -21.86
CA GLU M 72 -12.51 73.15 -22.51
C GLU M 72 -13.55 72.60 -23.48
N GLY M 73 -13.13 71.66 -24.31
CA GLY M 73 -14.02 71.00 -25.27
C GLY M 73 -15.16 70.24 -24.61
N MET M 74 -14.89 69.64 -23.46
CA MET M 74 -15.90 68.92 -22.68
C MET M 74 -16.94 69.87 -22.07
N VAL M 75 -16.48 71.03 -21.59
CA VAL M 75 -17.37 72.07 -21.09
C VAL M 75 -18.33 72.54 -22.19
N ASN M 76 -17.78 72.73 -23.39
CA ASN M 76 -18.58 73.12 -24.56
C ASN M 76 -19.60 72.05 -24.96
N ASP M 77 -19.17 70.80 -24.90
CA ASP M 77 -20.09 69.66 -25.12
C ASP M 77 -21.23 69.66 -24.12
N ALA M 78 -20.91 69.99 -22.88
CA ALA M 78 -21.89 70.04 -21.80
C ALA M 78 -22.96 71.09 -22.07
N LEU M 79 -22.53 72.26 -22.54
CA LEU M 79 -23.45 73.34 -22.89
C LEU M 79 -24.38 72.93 -24.03
N LYS M 80 -23.83 72.26 -25.04
CA LYS M 80 -24.62 71.69 -26.13
C LYS M 80 -25.67 70.71 -25.63
N LEU M 81 -25.27 69.83 -24.72
CA LEU M 81 -26.19 68.85 -24.13
C LEU M 81 -27.30 69.54 -23.33
N ARG M 82 -26.92 70.54 -22.55
CA ARG M 82 -27.86 71.30 -21.74
C ARG M 82 -28.85 72.13 -22.58
N SER M 83 -28.44 72.52 -23.78
CA SER M 83 -29.32 73.26 -24.70
C SER M 83 -30.40 72.36 -25.31
N ILE M 84 -30.13 71.05 -25.33
CA ILE M 84 -31.11 70.06 -25.82
C ILE M 84 -32.07 69.69 -24.70
N ILE M 85 -31.52 69.34 -23.55
CA ILE M 85 -32.29 69.01 -22.35
C ILE M 85 -31.78 69.88 -21.21
N ALA M 86 -32.61 70.82 -20.77
CA ALA M 86 -32.22 71.90 -19.85
C ALA M 86 -31.68 71.40 -18.50
N ASP M 87 -32.30 70.34 -17.98
CA ASP M 87 -31.95 69.78 -16.66
C ASP M 87 -31.14 68.47 -16.74
N ILE M 88 -30.46 68.25 -17.87
CA ILE M 88 -29.73 67.00 -18.09
C ILE M 88 -28.46 66.92 -17.22
N VAL M 89 -28.15 65.72 -16.75
CA VAL M 89 -26.89 65.50 -16.01
C VAL M 89 -25.83 65.12 -17.01
N VAL M 90 -24.67 65.78 -16.94
CA VAL M 90 -23.61 65.58 -17.93
C VAL M 90 -22.58 64.56 -17.45
N LYS M 91 -22.44 63.49 -18.23
CA LYS M 91 -21.48 62.43 -17.94
C LYS M 91 -20.09 62.81 -18.48
N VAL M 92 -19.10 62.81 -17.59
CA VAL M 92 -17.72 63.12 -17.96
C VAL M 92 -16.77 61.97 -17.61
N PRO M 93 -16.08 61.40 -18.62
CA PRO M 93 -15.15 60.32 -18.28
C PRO M 93 -14.09 60.79 -17.28
N VAL M 94 -13.80 59.94 -16.30
CA VAL M 94 -12.90 60.36 -15.23
C VAL M 94 -11.46 60.13 -15.66
N THR M 95 -10.98 61.10 -16.44
CA THR M 95 -9.60 61.21 -16.88
C THR M 95 -9.02 62.50 -16.32
N ALA M 96 -7.75 62.78 -16.61
CA ALA M 96 -7.12 64.02 -16.17
C ALA M 96 -7.93 65.25 -16.64
N GLU M 97 -8.19 65.31 -17.94
CA GLU M 97 -8.98 66.42 -18.50
C GLU M 97 -10.43 66.41 -18.00
N GLY M 98 -11.00 65.22 -17.89
CA GLY M 98 -12.34 65.06 -17.36
C GLY M 98 -12.48 65.64 -15.96
N LEU M 99 -11.51 65.35 -15.11
CA LEU M 99 -11.45 65.92 -13.75
C LEU M 99 -11.46 67.46 -13.77
N ALA M 100 -10.58 68.03 -14.60
CA ALA M 100 -10.51 69.49 -14.80
C ALA M 100 -11.85 70.03 -15.30
N ALA M 101 -12.45 69.33 -16.26
CA ALA M 101 -13.78 69.67 -16.76
C ALA M 101 -14.85 69.64 -15.67
N ILE M 102 -14.81 68.60 -14.84
CA ILE M 102 -15.78 68.47 -13.75
C ILE M 102 -15.66 69.65 -12.79
N LYS M 103 -14.43 70.05 -12.46
CA LYS M 103 -14.21 71.23 -11.63
C LYS M 103 -14.80 72.50 -12.26
N MET M 104 -14.58 72.66 -13.57
CA MET M 104 -15.10 73.82 -14.30
C MET M 104 -16.64 73.83 -14.33
N LEU M 105 -17.22 72.67 -14.58
CA LEU M 105 -18.69 72.53 -14.62
C LEU M 105 -19.34 72.71 -13.25
N LYS M 106 -18.61 72.35 -12.19
CA LYS M 106 -19.04 72.63 -10.81
C LYS M 106 -19.15 74.14 -10.57
N ALA M 107 -18.12 74.86 -10.99
CA ALA M 107 -18.09 76.34 -10.89
C ALA M 107 -19.23 76.98 -11.69
N GLU M 108 -19.57 76.38 -12.82
CA GLU M 108 -20.67 76.87 -13.68
C GLU M 108 -22.08 76.40 -13.26
N GLY M 109 -22.16 75.58 -12.22
CA GLY M 109 -23.45 75.11 -11.67
C GLY M 109 -24.16 74.05 -12.51
N ILE M 110 -23.41 73.37 -13.37
CA ILE M 110 -23.96 72.29 -14.19
C ILE M 110 -23.66 70.92 -13.54
N PRO M 111 -24.71 70.17 -13.15
CA PRO M 111 -24.47 68.89 -12.46
C PRO M 111 -23.81 67.85 -13.36
N THR M 112 -22.86 67.12 -12.77
CA THR M 112 -22.08 66.14 -13.53
C THR M 112 -22.12 64.74 -12.92
N LEU M 113 -21.82 63.77 -13.77
CA LEU M 113 -21.60 62.40 -13.36
C LEU M 113 -20.21 62.00 -13.83
N GLY M 114 -19.42 61.46 -12.92
CA GLY M 114 -18.08 60.94 -13.24
C GLY M 114 -18.17 59.51 -13.73
N THR M 115 -17.87 59.31 -15.00
CA THR M 115 -18.08 57.99 -15.65
C THR M 115 -16.78 57.30 -16.10
N ALA M 116 -16.94 56.10 -16.66
CA ALA M 116 -15.81 55.24 -17.07
C ALA M 116 -14.88 54.97 -15.88
N VAL M 117 -15.50 54.66 -14.76
CA VAL M 117 -14.78 54.46 -13.52
C VAL M 117 -14.45 52.96 -13.41
N TYR M 118 -13.15 52.66 -13.34
CA TYR M 118 -12.66 51.29 -13.19
C TYR M 118 -11.96 51.08 -11.85
N GLY M 119 -11.88 52.12 -11.04
CA GLY M 119 -11.23 52.05 -9.74
C GLY M 119 -11.89 52.97 -8.74
N ALA M 120 -11.78 52.63 -7.45
CA ALA M 120 -12.49 53.34 -6.39
C ALA M 120 -11.92 54.74 -6.14
N ALA M 121 -10.60 54.84 -6.12
CA ALA M 121 -9.92 56.12 -5.87
C ALA M 121 -10.20 57.10 -7.00
N GLN M 122 -10.14 56.58 -8.22
CA GLN M 122 -10.50 57.32 -9.41
C GLN M 122 -11.90 57.93 -9.26
N GLY M 123 -12.85 57.07 -8.91
CA GLY M 123 -14.23 57.49 -8.69
C GLY M 123 -14.35 58.57 -7.62
N LEU M 124 -13.67 58.37 -6.51
CA LEU M 124 -13.67 59.35 -5.43
C LEU M 124 -13.16 60.72 -5.90
N LEU M 125 -12.07 60.73 -6.66
CA LEU M 125 -11.51 62.00 -7.17
C LEU M 125 -12.53 62.82 -7.97
N SER M 126 -13.35 62.12 -8.75
CA SER M 126 -14.40 62.77 -9.55
C SER M 126 -15.47 63.42 -8.66
N ALA M 127 -15.80 62.76 -7.55
CA ALA M 127 -16.72 63.30 -6.56
C ALA M 127 -16.15 64.50 -5.80
N LEU M 128 -14.89 64.40 -5.40
CA LEU M 128 -14.21 65.51 -4.73
C LEU M 128 -14.10 66.73 -5.65
N ALA M 129 -14.01 66.47 -6.95
CA ALA M 129 -13.94 67.52 -7.97
C ALA M 129 -15.30 68.18 -8.20
N GLY M 130 -16.37 67.55 -7.72
CA GLY M 130 -17.71 68.15 -7.76
C GLY M 130 -18.81 67.31 -8.38
N ALA M 131 -18.45 66.15 -8.91
CA ALA M 131 -19.45 65.25 -9.50
C ALA M 131 -20.48 64.80 -8.46
N GLU M 132 -21.73 64.76 -8.90
CA GLU M 132 -22.86 64.43 -8.03
C GLU M 132 -23.15 62.92 -8.06
N TYR M 133 -22.76 62.31 -9.18
CA TYR M 133 -22.87 60.87 -9.37
C TYR M 133 -21.52 60.33 -9.82
N VAL M 134 -21.24 59.08 -9.46
CA VAL M 134 -20.05 58.37 -9.89
C VAL M 134 -20.46 56.99 -10.39
N ALA M 135 -20.08 56.69 -11.63
CA ALA M 135 -20.53 55.48 -12.32
C ALA M 135 -19.39 54.49 -12.61
N PRO M 136 -19.20 53.51 -11.72
CA PRO M 136 -18.27 52.43 -12.01
C PRO M 136 -18.86 51.46 -13.03
N TYR M 137 -18.01 50.92 -13.90
CA TYR M 137 -18.44 49.93 -14.89
C TYR M 137 -18.22 48.54 -14.33
N VAL M 138 -19.24 48.05 -13.65
CA VAL M 138 -19.18 46.81 -12.88
C VAL M 138 -18.75 45.60 -13.71
N ASN M 139 -19.46 45.30 -14.79
CA ASN M 139 -19.13 44.13 -15.61
C ASN M 139 -17.80 44.27 -16.34
N ARG M 140 -17.45 45.49 -16.71
CA ARG M 140 -16.16 45.74 -17.36
C ARG M 140 -15.03 45.34 -16.41
N ILE M 141 -15.17 45.69 -15.15
CA ILE M 141 -14.17 45.34 -14.12
C ILE M 141 -14.14 43.82 -13.91
N ASP M 142 -15.32 43.23 -13.78
CA ASP M 142 -15.46 41.76 -13.70
C ASP M 142 -14.88 41.02 -14.91
N ALA M 143 -15.22 41.49 -16.11
CA ALA M 143 -14.78 40.85 -17.35
C ALA M 143 -13.27 40.90 -17.52
N GLN M 144 -12.67 41.98 -17.05
CA GLN M 144 -11.21 42.20 -17.13
C GLN M 144 -10.39 41.69 -15.95
N GLY M 145 -10.96 40.78 -15.17
CA GLY M 145 -10.19 40.01 -14.18
C GLY M 145 -10.13 40.61 -12.79
N GLY M 146 -10.89 41.69 -12.58
CA GLY M 146 -10.96 42.35 -11.27
C GLY M 146 -12.18 41.87 -10.48
N SER M 147 -12.65 42.73 -9.58
CA SER M 147 -13.91 42.50 -8.86
C SER M 147 -14.78 43.76 -8.89
N GLY M 148 -15.76 43.74 -9.77
CA GLY M 148 -16.68 44.87 -9.92
C GLY M 148 -17.40 45.20 -8.63
N ILE M 149 -17.82 44.16 -7.93
CA ILE M 149 -18.51 44.32 -6.63
C ILE M 149 -17.62 44.92 -5.56
N GLN M 150 -16.36 44.49 -5.48
CA GLN M 150 -15.46 45.07 -4.49
C GLN M 150 -15.20 46.55 -4.79
N THR M 151 -15.02 46.86 -6.07
CA THR M 151 -14.78 48.24 -6.51
C THR M 151 -15.95 49.15 -6.13
N VAL M 152 -17.15 48.68 -6.42
CA VAL M 152 -18.39 49.36 -6.04
C VAL M 152 -18.53 49.52 -4.53
N THR M 153 -18.26 48.43 -3.80
CA THR M 153 -18.29 48.45 -2.35
C THR M 153 -17.32 49.50 -1.79
N ASP M 154 -16.08 49.45 -2.28
CA ASP M 154 -15.06 50.38 -1.83
C ASP M 154 -15.44 51.82 -2.20
N LEU M 155 -15.95 52.00 -3.41
CA LEU M 155 -16.33 53.33 -3.90
C LEU M 155 -17.46 53.95 -3.07
N HIS M 156 -18.52 53.18 -2.83
CA HIS M 156 -19.61 53.65 -1.98
C HIS M 156 -19.12 54.12 -0.61
N GLN M 157 -18.30 53.29 0.03
CA GLN M 157 -17.73 53.64 1.34
C GLN M 157 -16.92 54.93 1.25
N LEU M 158 -16.12 55.08 0.20
CA LEU M 158 -15.29 56.27 0.04
C LEU M 158 -16.15 57.54 -0.10
N LEU M 159 -17.21 57.44 -0.91
CA LEU M 159 -18.12 58.58 -1.09
C LEU M 159 -18.76 58.94 0.24
N LYS M 160 -19.26 57.93 0.93
CA LYS M 160 -19.95 58.12 2.23
C LYS M 160 -19.08 58.76 3.30
N MET M 161 -17.81 58.38 3.31
CA MET M 161 -16.88 58.93 4.30
C MET M 161 -16.31 60.28 3.85
N HIS M 162 -15.98 60.39 2.56
CA HIS M 162 -15.13 61.49 2.08
C HIS M 162 -15.78 62.51 1.16
N ALA M 163 -16.88 62.14 0.50
CA ALA M 163 -17.62 63.06 -0.37
C ALA M 163 -19.11 62.69 -0.35
N PRO M 164 -19.78 62.88 0.80
CA PRO M 164 -21.13 62.38 1.05
C PRO M 164 -22.26 63.00 0.22
N GLN M 165 -21.98 64.13 -0.43
CA GLN M 165 -22.96 64.74 -1.35
C GLN M 165 -23.09 63.92 -2.64
N ALA M 166 -22.09 63.08 -2.90
CA ALA M 166 -22.04 62.29 -4.13
C ALA M 166 -22.64 60.89 -3.94
N LYS M 167 -23.21 60.38 -5.03
CA LYS M 167 -23.83 59.06 -5.03
C LYS M 167 -23.16 58.14 -6.04
N VAL M 168 -23.11 56.86 -5.72
CA VAL M 168 -22.76 55.84 -6.69
C VAL M 168 -23.96 55.60 -7.61
N LEU M 169 -23.72 55.68 -8.92
CA LEU M 169 -24.66 55.21 -9.95
C LEU M 169 -24.06 54.00 -10.67
N ALA M 170 -24.34 52.81 -10.15
CA ALA M 170 -23.73 51.58 -10.64
C ALA M 170 -24.22 51.27 -12.04
N ALA M 171 -23.28 50.89 -12.91
CA ALA M 171 -23.57 50.63 -14.31
C ALA M 171 -22.81 49.43 -14.87
N SER M 172 -23.20 49.02 -16.07
CA SER M 172 -22.55 47.93 -16.83
C SER M 172 -22.84 46.56 -16.19
N PHE M 173 -23.91 45.92 -16.68
CA PHE M 173 -24.40 44.67 -16.09
C PHE M 173 -24.69 43.62 -17.15
N LYS M 174 -24.33 42.37 -16.83
CA LYS M 174 -24.71 41.21 -17.67
C LYS M 174 -25.65 40.25 -16.95
N THR M 175 -25.76 40.37 -15.63
CA THR M 175 -26.63 39.48 -14.85
C THR M 175 -27.23 40.23 -13.64
N PRO M 176 -28.47 39.88 -13.27
CA PRO M 176 -29.11 40.52 -12.09
C PRO M 176 -28.32 40.40 -10.79
N ARG M 177 -27.60 39.30 -10.59
CA ARG M 177 -26.78 39.11 -9.40
C ARG M 177 -25.84 40.29 -9.17
N GLN M 178 -25.24 40.77 -10.23
CA GLN M 178 -24.37 41.93 -10.15
C GLN M 178 -25.12 43.16 -9.63
N ALA M 179 -26.34 43.33 -10.11
CA ALA M 179 -27.17 44.49 -9.73
C ALA M 179 -27.55 44.38 -8.26
N LEU M 180 -27.99 43.19 -7.89
CA LEU M 180 -28.29 42.87 -6.49
C LEU M 180 -27.14 43.17 -5.54
N ASP M 181 -25.94 42.74 -5.91
CA ASP M 181 -24.76 42.96 -5.05
C ASP M 181 -24.42 44.44 -4.90
N CYS M 182 -24.58 45.21 -5.99
CA CYS M 182 -24.39 46.67 -5.93
C CYS M 182 -25.39 47.33 -5.00
N LEU M 183 -26.64 46.90 -5.11
CA LEU M 183 -27.70 47.38 -4.22
C LEU M 183 -27.39 46.99 -2.78
N LEU M 184 -26.95 45.76 -2.57
CA LEU M 184 -26.60 45.29 -1.20
C LEU M 184 -25.41 46.06 -0.64
N ALA M 185 -24.53 46.50 -1.53
CA ALA M 185 -23.36 47.29 -1.13
C ALA M 185 -23.72 48.73 -0.78
N GLY M 186 -24.96 49.13 -1.08
CA GLY M 186 -25.48 50.44 -0.67
C GLY M 186 -25.65 51.46 -1.77
N CYS M 187 -25.39 51.07 -3.02
CA CYS M 187 -25.51 52.00 -4.15
C CYS M 187 -26.86 52.74 -4.12
N GLU M 188 -26.78 54.07 -4.11
CA GLU M 188 -27.99 54.90 -3.99
C GLU M 188 -28.67 55.09 -5.33
N SER M 189 -27.95 54.77 -6.40
CA SER M 189 -28.55 54.73 -7.73
C SER M 189 -27.96 53.60 -8.54
N ILE M 190 -28.72 53.20 -9.56
CA ILE M 190 -28.31 52.12 -10.44
C ILE M 190 -28.97 52.30 -11.82
N THR M 191 -28.29 51.81 -12.85
CA THR M 191 -28.87 51.79 -14.19
C THR M 191 -28.72 50.42 -14.85
N LEU M 192 -29.85 49.90 -15.32
CA LEU M 192 -29.91 48.56 -15.85
C LEU M 192 -30.11 48.55 -17.37
N PRO M 193 -29.37 47.67 -18.06
CA PRO M 193 -29.76 47.43 -19.45
C PRO M 193 -31.08 46.66 -19.49
N LEU M 194 -31.72 46.65 -20.65
CA LEU M 194 -33.09 46.13 -20.79
C LEU M 194 -33.19 44.65 -20.50
N ASP M 195 -32.23 43.86 -20.99
CA ASP M 195 -32.28 42.41 -20.78
C ASP M 195 -32.20 42.03 -19.29
N VAL M 196 -31.33 42.71 -18.54
CA VAL M 196 -31.17 42.48 -17.10
C VAL M 196 -32.40 42.95 -16.30
N ALA M 197 -32.91 44.12 -16.65
CA ALA M 197 -34.13 44.65 -16.03
C ALA M 197 -35.29 43.66 -16.20
N GLN M 198 -35.44 43.13 -17.42
CA GLN M 198 -36.51 42.17 -17.71
C GLN M 198 -36.35 40.85 -16.96
N GLN M 199 -35.12 40.37 -16.86
CA GLN M 199 -34.84 39.16 -16.06
C GLN M 199 -35.19 39.37 -14.58
N MET M 200 -35.00 40.61 -14.11
CA MET M 200 -35.21 40.96 -12.71
C MET M 200 -36.68 40.91 -12.29
N ILE M 201 -37.59 40.90 -13.26
CA ILE M 201 -39.04 40.83 -12.99
C ILE M 201 -39.75 39.59 -13.53
N SER M 202 -38.98 38.65 -14.09
CA SER M 202 -39.56 37.42 -14.67
C SER M 202 -38.89 36.17 -14.11
N TYR M 203 -39.66 35.37 -13.37
CA TYR M 203 -39.13 34.17 -12.70
C TYR M 203 -40.03 32.97 -12.92
N PRO M 204 -39.48 31.85 -13.41
CA PRO M 204 -40.26 30.62 -13.55
C PRO M 204 -40.95 30.18 -12.25
N ALA M 205 -40.25 30.33 -11.13
CA ALA M 205 -40.79 29.91 -9.83
C ALA M 205 -42.02 30.74 -9.44
N VAL M 206 -41.96 32.04 -9.75
CA VAL M 206 -43.07 32.96 -9.49
C VAL M 206 -44.27 32.65 -10.39
N ASP M 207 -44.01 32.39 -11.66
CA ASP M 207 -45.07 32.01 -12.60
C ASP M 207 -45.77 30.71 -12.16
N ALA M 208 -44.98 29.74 -11.70
CA ALA M 208 -45.53 28.49 -11.16
C ALA M 208 -46.38 28.69 -9.90
N ALA M 209 -45.99 29.64 -9.07
CA ALA M 209 -46.76 29.94 -7.85
C ALA M 209 -48.11 30.58 -8.20
N VAL M 210 -48.07 31.47 -9.18
CA VAL M 210 -49.29 32.10 -9.71
C VAL M 210 -50.22 31.06 -10.35
N ALA M 211 -49.67 30.20 -11.17
CA ALA M 211 -50.44 29.13 -11.82
C ALA M 211 -51.12 28.23 -10.79
N LYS M 212 -50.34 27.84 -9.78
CA LYS M 212 -50.85 27.05 -8.64
C LYS M 212 -52.05 27.73 -7.94
N PHE M 213 -51.93 29.02 -7.68
CA PHE M 213 -53.03 29.78 -7.07
C PHE M 213 -54.31 29.71 -7.91
N GLU M 214 -54.16 29.88 -9.23
CA GLU M 214 -55.27 29.80 -10.17
C GLU M 214 -55.92 28.42 -10.19
N GLN M 215 -55.10 27.38 -10.21
CA GLN M 215 -55.57 25.99 -10.17
C GLN M 215 -56.34 25.67 -8.88
N ASP M 216 -55.82 26.14 -7.75
CA ASP M 216 -56.49 25.92 -6.45
C ASP M 216 -57.84 26.65 -6.41
N TRP M 217 -57.83 27.90 -6.88
CA TRP M 217 -59.05 28.73 -6.97
C TRP M 217 -60.12 28.08 -7.83
N GLN M 218 -59.71 27.71 -9.06
CA GLN M 218 -60.55 26.97 -10.01
C GLN M 218 -61.16 25.72 -9.38
N GLY M 219 -60.32 24.94 -8.71
CA GLY M 219 -60.74 23.71 -8.06
C GLY M 219 -61.86 23.89 -7.05
N ALA M 220 -61.80 24.99 -6.29
CA ALA M 220 -62.77 25.27 -5.23
C ALA M 220 -63.98 26.07 -5.70
N PHE M 221 -63.75 27.00 -6.63
CA PHE M 221 -64.79 27.97 -7.03
C PHE M 221 -65.28 27.87 -8.48
N GLY M 222 -64.71 26.97 -9.27
CA GLY M 222 -65.14 26.73 -10.65
C GLY M 222 -64.80 27.83 -11.65
N ARG M 223 -63.91 28.74 -11.24
CA ARG M 223 -63.38 29.78 -12.13
C ARG M 223 -61.99 30.24 -11.65
N THR M 224 -61.27 30.99 -12.48
CA THR M 224 -59.94 31.54 -12.13
C THR M 224 -59.97 33.03 -11.79
N SER M 225 -61.17 33.61 -11.83
CA SER M 225 -61.35 35.04 -11.53
C SER M 225 -61.88 35.24 -10.12
N ILE M 226 -61.74 36.46 -9.62
CA ILE M 226 -62.06 36.77 -8.23
C ILE M 226 -63.56 36.82 -7.97
N HIS N 7 -13.20 66.23 3.25
CA HIS N 7 -11.88 65.59 2.95
C HIS N 7 -10.89 66.57 2.31
N GLU N 8 -9.61 66.39 2.63
CA GLU N 8 -8.54 67.28 2.13
C GLU N 8 -7.44 66.55 1.34
N LEU N 9 -7.37 66.84 0.05
CA LEU N 9 -6.37 66.27 -0.85
C LEU N 9 -5.18 67.19 -1.08
N TYR N 10 -4.00 66.72 -0.71
CA TYR N 10 -2.77 67.49 -0.89
C TYR N 10 -1.79 66.83 -1.86
N LEU N 11 -0.93 67.66 -2.43
CA LEU N 11 0.23 67.16 -3.16
C LEU N 11 1.48 67.32 -2.33
N ASP N 12 2.34 66.31 -2.41
CA ASP N 12 3.55 66.21 -1.60
C ASP N 12 4.74 66.54 -2.49
N THR N 13 5.12 67.81 -2.55
CA THR N 13 6.02 68.28 -3.61
C THR N 13 6.56 69.70 -3.38
N SER N 14 7.73 69.99 -3.93
CA SER N 14 8.25 71.37 -4.03
C SER N 14 8.38 71.83 -5.50
N ASP N 15 7.74 71.06 -6.39
CA ASP N 15 7.82 71.29 -7.83
C ASP N 15 6.73 72.28 -8.26
N VAL N 16 7.10 73.55 -8.32
CA VAL N 16 6.15 74.66 -8.54
C VAL N 16 5.40 74.57 -9.88
N VAL N 17 6.11 74.21 -10.95
CA VAL N 17 5.54 74.09 -12.29
C VAL N 17 4.50 72.96 -12.34
N ALA N 18 4.88 71.80 -11.81
CA ALA N 18 3.96 70.66 -11.68
C ALA N 18 2.71 71.03 -10.86
N VAL N 19 2.91 71.73 -9.75
CA VAL N 19 1.78 72.15 -8.90
C VAL N 19 0.81 73.02 -9.68
N LYS N 20 1.34 73.97 -10.45
CA LYS N 20 0.51 74.86 -11.27
C LYS N 20 -0.31 74.06 -12.29
N ALA N 21 0.36 73.15 -12.98
CA ALA N 21 -0.30 72.32 -14.00
C ALA N 21 -1.35 71.37 -13.39
N LEU N 22 -0.98 70.74 -12.28
CA LEU N 22 -1.85 69.73 -11.65
C LEU N 22 -3.01 70.32 -10.84
N SER N 23 -2.90 71.59 -10.48
CA SER N 23 -3.94 72.27 -9.67
C SER N 23 -5.24 72.56 -10.45
N ARG N 24 -5.17 72.59 -11.77
CA ARG N 24 -6.38 72.73 -12.60
C ARG N 24 -7.07 71.38 -12.82
N ILE N 25 -6.32 70.30 -12.57
CA ILE N 25 -6.83 68.94 -12.75
C ILE N 25 -7.40 68.36 -11.45
N PHE N 26 -6.56 68.28 -10.43
CA PHE N 26 -6.96 67.72 -9.14
C PHE N 26 -7.69 68.74 -8.27
N PRO N 27 -8.66 68.27 -7.47
CA PRO N 27 -9.32 69.13 -6.48
C PRO N 27 -8.46 69.24 -5.22
N LEU N 28 -7.45 70.11 -5.27
CA LEU N 28 -6.47 70.23 -4.22
C LEU N 28 -6.88 71.15 -3.09
N ALA N 29 -6.60 70.71 -1.86
CA ALA N 29 -6.76 71.54 -0.67
C ALA N 29 -5.46 72.32 -0.40
N GLY N 30 -4.37 71.89 -1.01
CA GLY N 30 -3.08 72.48 -0.74
C GLY N 30 -1.88 71.65 -1.16
N VAL N 31 -0.73 72.02 -0.61
CA VAL N 31 0.53 71.33 -0.86
C VAL N 31 1.26 71.12 0.46
N THR N 32 1.83 69.93 0.62
CA THR N 32 2.68 69.63 1.78
C THR N 32 4.13 69.54 1.35
N THR N 33 5.01 69.96 2.25
CA THR N 33 6.44 69.82 2.07
C THR N 33 7.09 69.26 3.31
N ASN N 34 8.29 68.72 3.14
CA ASN N 34 9.15 68.31 4.24
C ASN N 34 10.59 68.65 3.86
N PRO N 35 11.55 68.52 4.78
CA PRO N 35 12.92 68.95 4.47
C PRO N 35 13.58 68.25 3.29
N SER N 36 13.29 66.97 3.07
CA SER N 36 13.86 66.24 1.93
C SER N 36 13.25 66.70 0.61
N ILE N 37 11.96 67.01 0.63
CA ILE N 37 11.27 67.50 -0.56
C ILE N 37 11.74 68.92 -0.93
N ILE N 38 11.94 69.76 0.07
CA ILE N 38 12.45 71.12 -0.14
C ILE N 38 13.88 71.05 -0.67
N ALA N 39 14.72 70.30 0.01
CA ALA N 39 16.13 70.10 -0.38
C ALA N 39 16.27 69.63 -1.83
N ALA N 40 15.50 68.62 -2.20
CA ALA N 40 15.51 68.07 -3.56
C ALA N 40 15.17 69.11 -4.64
N GLY N 41 14.34 70.08 -4.28
CA GLY N 41 13.95 71.18 -5.18
C GLY N 41 14.96 72.32 -5.23
N LYS N 42 15.83 72.36 -4.21
CA LYS N 42 17.02 73.24 -4.16
C LYS N 42 16.74 74.73 -3.90
N LYS N 43 15.46 75.10 -3.85
CA LYS N 43 15.08 76.48 -3.58
C LYS N 43 14.85 76.65 -2.07
N PRO N 44 15.33 77.76 -1.50
CA PRO N 44 15.08 78.01 -0.07
C PRO N 44 13.61 78.28 0.25
N LEU N 45 13.26 78.11 1.52
CA LEU N 45 11.86 78.22 1.98
C LEU N 45 11.22 79.57 1.63
N ASP N 46 11.97 80.66 1.82
CA ASP N 46 11.44 82.01 1.53
C ASP N 46 11.19 82.24 0.02
N VAL N 47 11.76 81.38 -0.81
CA VAL N 47 11.47 81.37 -2.25
C VAL N 47 10.33 80.40 -2.63
N VAL N 48 10.50 79.10 -2.34
CA VAL N 48 9.50 78.09 -2.79
C VAL N 48 8.11 78.30 -2.21
N LEU N 49 8.05 78.63 -0.93
CA LEU N 49 6.74 78.68 -0.25
C LEU N 49 5.78 79.68 -0.90
N PRO N 50 6.18 80.98 -1.02
CA PRO N 50 5.34 81.91 -1.78
C PRO N 50 5.04 81.47 -3.22
N GLN N 51 6.03 80.90 -3.89
CA GLN N 51 5.85 80.37 -5.26
C GLN N 51 4.80 79.26 -5.30
N LEU N 52 4.88 78.35 -4.33
CA LEU N 52 3.90 77.26 -4.23
C LEU N 52 2.50 77.82 -3.94
N HIS N 53 2.43 78.79 -3.04
CA HIS N 53 1.17 79.46 -2.73
C HIS N 53 0.54 80.09 -3.98
N GLU N 54 1.37 80.78 -4.76
CA GLU N 54 0.93 81.41 -6.01
C GLU N 54 0.48 80.38 -7.04
N ALA N 55 1.27 79.32 -7.17
CA ALA N 55 1.02 78.27 -8.16
C ALA N 55 -0.33 77.55 -7.98
N MET N 56 -0.96 77.77 -6.82
CA MET N 56 -2.29 77.23 -6.52
C MET N 56 -3.42 78.24 -6.66
N GLY N 57 -3.13 79.39 -7.25
CA GLY N 57 -4.11 80.46 -7.39
C GLY N 57 -4.33 81.26 -6.12
N GLY N 58 -3.28 81.35 -5.30
CA GLY N 58 -3.33 82.12 -4.05
C GLY N 58 -4.30 81.58 -3.01
N GLN N 59 -4.72 80.34 -3.19
CA GLN N 59 -5.64 79.67 -2.28
C GLN N 59 -5.10 78.32 -1.87
N GLY N 60 -5.70 77.74 -0.83
CA GLY N 60 -5.28 76.44 -0.33
C GLY N 60 -4.26 76.56 0.79
N ARG N 61 -4.07 75.45 1.50
CA ARG N 61 -3.23 75.40 2.68
C ARG N 61 -1.83 74.92 2.34
N LEU N 62 -0.85 75.44 3.08
CA LEU N 62 0.53 74.98 2.97
C LEU N 62 1.02 74.38 4.27
N PHE N 63 1.95 73.44 4.15
CA PHE N 63 2.61 72.82 5.30
C PHE N 63 4.11 72.83 5.11
N ALA N 64 4.85 73.14 6.17
CA ALA N 64 6.30 73.02 6.15
C ALA N 64 6.83 72.70 7.52
N GLN N 65 8.06 72.17 7.54
CA GLN N 65 8.59 71.51 8.72
C GLN N 65 9.70 72.25 9.42
N VAL N 66 9.70 72.20 10.75
CA VAL N 66 10.84 72.72 11.55
C VAL N 66 12.08 71.89 11.38
N MET N 67 13.24 72.47 11.70
CA MET N 67 14.55 71.77 11.62
C MET N 67 15.23 71.63 12.98
N ALA N 68 14.84 72.46 13.94
CA ALA N 68 15.54 72.50 15.24
C ALA N 68 15.32 71.23 16.07
N THR N 69 16.21 71.05 17.03
CA THR N 69 16.34 69.85 17.85
C THR N 69 15.70 70.01 19.23
N THR N 70 15.62 71.25 19.69
CA THR N 70 15.00 71.57 20.99
C THR N 70 13.63 72.16 20.78
N ALA N 71 12.79 72.03 21.80
CA ALA N 71 11.42 72.54 21.74
C ALA N 71 11.42 74.05 21.49
N GLU N 72 12.27 74.77 22.22
CA GLU N 72 12.39 76.23 22.05
C GLU N 72 12.81 76.59 20.63
N GLY N 73 13.82 75.89 20.12
CA GLY N 73 14.30 76.09 18.75
C GLY N 73 13.25 75.81 17.69
N MET N 74 12.40 74.81 17.96
CA MET N 74 11.30 74.45 17.06
C MET N 74 10.21 75.53 17.03
N VAL N 75 9.92 76.10 18.19
CA VAL N 75 8.97 77.21 18.29
C VAL N 75 9.47 78.40 17.47
N ASN N 76 10.78 78.68 17.57
CA ASN N 76 11.40 79.76 16.80
C ASN N 76 11.35 79.50 15.30
N ASP N 77 11.59 78.25 14.92
CA ASP N 77 11.46 77.84 13.51
C ASP N 77 10.04 78.06 13.00
N ALA N 78 9.07 77.77 13.85
CA ALA N 78 7.66 77.93 13.52
C ALA N 78 7.32 79.39 13.22
N LEU N 79 7.84 80.29 14.04
CA LEU N 79 7.64 81.73 13.84
C LEU N 79 8.25 82.19 12.52
N LYS N 80 9.45 81.72 12.22
CA LYS N 80 10.09 81.98 10.93
C LYS N 80 9.24 81.51 9.75
N LEU N 81 8.68 80.31 9.87
CA LEU N 81 7.81 79.75 8.83
C LEU N 81 6.55 80.59 8.66
N ARG N 82 5.96 80.96 9.78
CA ARG N 82 4.73 81.78 9.79
C ARG N 82 4.95 83.20 9.24
N SER N 83 6.18 83.71 9.36
CA SER N 83 6.52 85.03 8.81
C SER N 83 6.63 85.00 7.26
N ILE N 84 6.87 83.81 6.71
CA ILE N 84 6.92 83.62 5.26
C ILE N 84 5.53 83.41 4.69
N ILE N 85 4.80 82.47 5.31
CA ILE N 85 3.39 82.20 4.96
C ILE N 85 2.56 82.30 6.23
N ALA N 86 1.72 83.34 6.30
CA ALA N 86 1.01 83.74 7.52
C ALA N 86 0.11 82.64 8.11
N ASP N 87 -0.56 81.90 7.22
CA ASP N 87 -1.51 80.85 7.62
C ASP N 87 -0.97 79.41 7.46
N ILE N 88 0.35 79.26 7.46
CA ILE N 88 0.98 77.96 7.21
C ILE N 88 0.80 77.03 8.40
N VAL N 89 0.63 75.74 8.13
CA VAL N 89 0.57 74.73 9.18
C VAL N 89 1.99 74.24 9.42
N VAL N 90 2.41 74.21 10.68
CA VAL N 90 3.79 73.86 11.02
C VAL N 90 3.92 72.37 11.38
N LYS N 91 4.76 71.68 10.61
CA LYS N 91 5.04 70.26 10.83
C LYS N 91 6.12 70.08 11.88
N VAL N 92 5.80 69.32 12.92
CA VAL N 92 6.74 69.05 14.01
C VAL N 92 6.96 67.54 14.18
N PRO N 93 8.22 67.07 14.03
CA PRO N 93 8.43 65.64 14.23
C PRO N 93 7.99 65.19 15.62
N VAL N 94 7.33 64.04 15.71
CA VAL N 94 6.78 63.61 16.98
C VAL N 94 7.85 62.87 17.78
N THR N 95 8.67 63.70 18.43
CA THR N 95 9.71 63.27 19.37
C THR N 95 9.39 63.88 20.71
N ALA N 96 10.21 63.60 21.71
CA ALA N 96 10.02 64.17 23.05
C ALA N 96 9.96 65.70 22.98
N GLU N 97 10.97 66.31 22.38
CA GLU N 97 11.03 67.77 22.23
C GLU N 97 9.92 68.30 21.31
N GLY N 98 9.65 67.55 20.25
CA GLY N 98 8.56 67.89 19.33
C GLY N 98 7.22 67.98 20.04
N LEU N 99 6.94 67.00 20.90
CA LEU N 99 5.73 67.01 21.73
C LEU N 99 5.62 68.27 22.60
N ALA N 100 6.70 68.59 23.29
CA ALA N 100 6.80 69.81 24.09
C ALA N 100 6.57 71.05 23.23
N ALA N 101 7.19 71.07 22.07
CA ALA N 101 7.01 72.15 21.10
C ALA N 101 5.55 72.28 20.65
N ILE N 102 4.92 71.15 20.37
CA ILE N 102 3.52 71.14 19.95
C ILE N 102 2.63 71.76 21.04
N LYS N 103 2.88 71.39 22.29
CA LYS N 103 2.15 71.98 23.43
C LYS N 103 2.35 73.50 23.50
N MET N 104 3.58 73.95 23.31
CA MET N 104 3.90 75.39 23.32
C MET N 104 3.22 76.14 22.16
N LEU N 105 3.25 75.54 20.98
CA LEU N 105 2.61 76.13 19.79
C LEU N 105 1.08 76.15 19.87
N LYS N 106 0.53 75.17 20.58
CA LYS N 106 -0.91 75.16 20.89
C LYS N 106 -1.28 76.37 21.75
N ALA N 107 -0.48 76.61 22.78
CA ALA N 107 -0.69 77.76 23.68
C ALA N 107 -0.55 79.10 22.93
N GLU N 108 0.34 79.13 21.94
CA GLU N 108 0.53 80.32 21.10
C GLU N 108 -0.45 80.47 19.93
N GLY N 109 -1.35 79.51 19.76
CA GLY N 109 -2.39 79.56 18.71
C GLY N 109 -1.91 79.29 17.30
N ILE N 110 -0.75 78.66 17.17
CA ILE N 110 -0.18 78.29 15.87
C ILE N 110 -0.52 76.83 15.53
N PRO N 111 -1.28 76.59 14.44
CA PRO N 111 -1.69 75.21 14.14
C PRO N 111 -0.51 74.33 13.75
N THR N 112 -0.51 73.10 14.26
CA THR N 112 0.57 72.15 14.01
C THR N 112 0.13 70.84 13.39
N LEU N 113 1.09 70.17 12.77
CA LEU N 113 0.94 68.81 12.29
C LEU N 113 2.03 67.98 12.92
N GLY N 114 1.64 66.87 13.52
CA GLY N 114 2.58 65.92 14.12
C GLY N 114 3.08 64.93 13.07
N THR N 115 4.37 65.02 12.74
CA THR N 115 4.94 64.25 11.62
C THR N 115 5.99 63.23 12.04
N ALA N 116 6.50 62.50 11.05
CA ALA N 116 7.45 61.38 11.26
C ALA N 116 6.86 60.35 12.21
N VAL N 117 5.59 60.03 11.96
CA VAL N 117 4.86 59.11 12.82
C VAL N 117 5.02 57.70 12.25
N TYR N 118 5.59 56.82 13.07
CA TYR N 118 5.80 55.41 12.71
C TYR N 118 4.94 54.47 13.56
N GLY N 119 4.18 55.03 14.49
CA GLY N 119 3.35 54.24 15.39
C GLY N 119 2.09 54.99 15.75
N ALA N 120 1.04 54.24 16.09
CA ALA N 120 -0.29 54.83 16.34
C ALA N 120 -0.36 55.62 17.64
N ALA N 121 0.24 55.07 18.69
CA ALA N 121 0.23 55.70 20.00
C ALA N 121 1.03 57.01 19.98
N GLN N 122 2.18 56.96 19.31
CA GLN N 122 3.00 58.11 19.06
C GLN N 122 2.17 59.23 18.39
N GLY N 123 1.49 58.86 17.32
CA GLY N 123 0.62 59.79 16.60
C GLY N 123 -0.47 60.39 17.48
N LEU N 124 -1.12 59.54 18.27
CA LEU N 124 -2.15 60.00 19.20
C LEU N 124 -1.61 61.02 20.20
N LEU N 125 -0.43 60.77 20.75
CA LEU N 125 0.17 61.69 21.72
C LEU N 125 0.34 63.10 21.14
N SER N 126 0.71 63.18 19.87
CA SER N 126 0.89 64.46 19.19
C SER N 126 -0.45 65.21 19.08
N ALA N 127 -1.52 64.47 18.84
CA ALA N 127 -2.88 65.04 18.77
C ALA N 127 -3.38 65.50 20.14
N LEU N 128 -3.14 64.69 21.17
CA LEU N 128 -3.48 65.06 22.55
C LEU N 128 -2.71 66.31 23.01
N ALA N 129 -1.51 66.47 22.48
CA ALA N 129 -0.67 67.62 22.78
C ALA N 129 -1.14 68.90 22.06
N GLY N 130 -2.01 68.75 21.06
CA GLY N 130 -2.64 69.87 20.38
C GLY N 130 -2.54 69.89 18.87
N ALA N 131 -1.81 68.94 18.28
CA ALA N 131 -1.69 68.88 16.83
C ALA N 131 -3.04 68.66 16.16
N GLU N 132 -3.23 69.36 15.06
CA GLU N 132 -4.49 69.35 14.32
C GLU N 132 -4.48 68.26 13.25
N TYR N 133 -3.28 67.94 12.79
CA TYR N 133 -3.05 66.87 11.82
C TYR N 133 -1.97 65.94 12.37
N VAL N 134 -2.06 64.67 11.97
CA VAL N 134 -1.08 63.66 12.34
C VAL N 134 -0.73 62.88 11.08
N ALA N 135 0.57 62.85 10.77
CA ALA N 135 1.06 62.30 9.50
C ALA N 135 1.93 61.06 9.68
N PRO N 136 1.30 59.87 9.61
CA PRO N 136 2.07 58.64 9.57
C PRO N 136 2.79 58.49 8.23
N TYR N 137 3.99 57.94 8.28
CA TYR N 137 4.73 57.63 7.05
C TYR N 137 4.42 56.17 6.62
N VAL N 138 3.41 56.05 5.78
CA VAL N 138 2.86 54.75 5.39
C VAL N 138 3.88 53.81 4.74
N ASN N 139 4.54 54.27 3.68
CA ASN N 139 5.50 53.42 2.97
C ASN N 139 6.74 53.13 3.78
N ARG N 140 7.14 54.08 4.61
CA ARG N 140 8.29 53.88 5.49
C ARG N 140 8.01 52.69 6.42
N ILE N 141 6.80 52.64 6.95
CA ILE N 141 6.40 51.56 7.85
C ILE N 141 6.35 50.25 7.09
N ASP N 142 5.74 50.28 5.92
CA ASP N 142 5.70 49.13 5.00
C ASP N 142 7.10 48.62 4.62
N ALA N 143 7.95 49.56 4.24
CA ALA N 143 9.30 49.22 3.75
C ALA N 143 10.13 48.58 4.85
N GLN N 144 9.91 49.03 6.08
CA GLN N 144 10.66 48.56 7.25
C GLN N 144 10.02 47.37 7.99
N GLY N 145 9.14 46.65 7.31
CA GLY N 145 8.68 45.31 7.76
C GLY N 145 7.44 45.33 8.64
N GLY N 146 6.83 46.51 8.76
CA GLY N 146 5.60 46.67 9.54
C GLY N 146 4.38 46.62 8.62
N SER N 147 3.31 47.26 9.06
CA SER N 147 2.09 47.42 8.27
C SER N 147 1.62 48.86 8.32
N GLY N 148 1.93 49.60 7.26
CA GLY N 148 1.55 51.01 7.18
C GLY N 148 0.05 51.18 7.28
N ILE N 149 -0.70 50.31 6.60
CA ILE N 149 -2.16 50.37 6.61
C ILE N 149 -2.76 50.08 7.99
N GLN N 150 -2.21 49.11 8.72
CA GLN N 150 -2.70 48.84 10.08
C GLN N 150 -2.42 50.03 11.00
N THR N 151 -1.23 50.60 10.88
CA THR N 151 -0.84 51.76 11.68
C THR N 151 -1.81 52.94 11.45
N VAL N 152 -2.10 53.20 10.18
CA VAL N 152 -3.03 54.24 9.77
C VAL N 152 -4.45 53.96 10.27
N THR N 153 -4.89 52.70 10.11
CA THR N 153 -6.19 52.25 10.60
C THR N 153 -6.31 52.44 12.09
N ASP N 154 -5.30 51.98 12.83
CA ASP N 154 -5.28 52.14 14.29
C ASP N 154 -5.23 53.62 14.71
N LEU N 155 -4.40 54.41 14.00
CA LEU N 155 -4.25 55.85 14.31
C LEU N 155 -5.56 56.62 14.09
N HIS N 156 -6.20 56.41 12.95
CA HIS N 156 -7.50 57.04 12.70
C HIS N 156 -8.51 56.74 13.81
N GLN N 157 -8.64 55.47 14.18
CA GLN N 157 -9.56 55.07 15.25
C GLN N 157 -9.22 55.74 16.56
N LEU N 158 -7.93 55.81 16.89
CA LEU N 158 -7.49 56.47 18.11
C LEU N 158 -7.87 57.97 18.13
N LEU N 159 -7.65 58.65 17.02
CA LEU N 159 -7.99 60.07 16.93
C LEU N 159 -9.49 60.24 17.12
N LYS N 160 -10.25 59.42 16.41
CA LYS N 160 -11.73 59.50 16.42
C LYS N 160 -12.32 59.26 17.81
N MET N 161 -11.72 58.35 18.55
CA MET N 161 -12.20 58.03 19.90
C MET N 161 -11.63 59.00 20.94
N HIS N 162 -10.35 59.34 20.82
CA HIS N 162 -9.61 60.01 21.90
C HIS N 162 -9.17 61.45 21.67
N ALA N 163 -9.08 61.87 20.42
CA ALA N 163 -8.74 63.27 20.08
C ALA N 163 -9.42 63.66 18.76
N PRO N 164 -10.76 63.77 18.79
CA PRO N 164 -11.58 63.93 17.57
C PRO N 164 -11.40 65.24 16.80
N GLN N 165 -10.78 66.24 17.42
CA GLN N 165 -10.47 67.50 16.73
C GLN N 165 -9.32 67.33 15.73
N ALA N 166 -8.56 66.25 15.91
CA ALA N 166 -7.40 65.96 15.07
C ALA N 166 -7.73 65.04 13.89
N LYS N 167 -6.99 65.23 12.80
CA LYS N 167 -7.18 64.46 11.58
C LYS N 167 -5.92 63.72 11.20
N VAL N 168 -6.08 62.52 10.62
CA VAL N 168 -4.97 61.83 9.97
C VAL N 168 -4.69 62.50 8.63
N LEU N 169 -3.42 62.85 8.41
CA LEU N 169 -2.93 63.27 7.09
C LEU N 169 -1.93 62.23 6.61
N ALA N 170 -2.43 61.24 5.90
CA ALA N 170 -1.60 60.10 5.49
C ALA N 170 -0.57 60.53 4.47
N ALA N 171 0.65 60.05 4.65
CA ALA N 171 1.78 60.43 3.79
C ALA N 171 2.71 59.25 3.49
N SER N 172 3.63 59.49 2.54
CA SER N 172 4.68 58.54 2.15
C SER N 172 4.09 57.35 1.38
N PHE N 173 4.08 57.47 0.05
CA PHE N 173 3.43 56.50 -0.83
C PHE N 173 4.31 56.12 -2.02
N LYS N 174 4.30 54.83 -2.35
CA LYS N 174 4.93 54.33 -3.57
C LYS N 174 3.94 53.77 -4.57
N THR N 175 2.72 53.51 -4.14
CA THR N 175 1.71 52.94 -5.02
C THR N 175 0.31 53.44 -4.64
N PRO N 176 -0.58 53.58 -5.62
CA PRO N 176 -1.95 54.04 -5.33
C PRO N 176 -2.74 53.16 -4.36
N ARG N 177 -2.48 51.85 -4.38
CA ARG N 177 -3.15 50.92 -3.46
C ARG N 177 -3.01 51.36 -2.00
N GLN N 178 -1.82 51.82 -1.64
CA GLN N 178 -1.58 52.34 -0.32
C GLN N 178 -2.49 53.54 -0.01
N ALA N 179 -2.65 54.42 -0.97
CA ALA N 179 -3.45 55.62 -0.81
C ALA N 179 -4.92 55.22 -0.65
N LEU N 180 -5.37 54.34 -1.53
CA LEU N 180 -6.72 53.78 -1.48
C LEU N 180 -7.05 53.16 -0.11
N ASP N 181 -6.13 52.36 0.42
CA ASP N 181 -6.34 51.71 1.72
C ASP N 181 -6.42 52.71 2.88
N CYS N 182 -5.60 53.76 2.82
CA CYS N 182 -5.67 54.86 3.80
C CYS N 182 -7.01 55.58 3.75
N LEU N 183 -7.47 55.84 2.54
CA LEU N 183 -8.79 56.43 2.33
C LEU N 183 -9.89 55.51 2.86
N LEU N 184 -9.77 54.22 2.56
CA LEU N 184 -10.77 53.23 3.02
C LEU N 184 -10.79 53.09 4.51
N ALA N 185 -9.62 53.32 5.13
CA ALA N 185 -9.50 53.31 6.59
C ALA N 185 -10.11 54.57 7.26
N GLY N 186 -10.44 55.58 6.46
CA GLY N 186 -11.14 56.77 6.95
C GLY N 186 -10.32 58.04 7.02
N CYS N 187 -9.08 58.00 6.56
CA CYS N 187 -8.22 59.19 6.61
C CYS N 187 -8.92 60.42 6.04
N GLU N 188 -9.00 61.47 6.85
CA GLU N 188 -9.70 62.69 6.46
C GLU N 188 -8.85 63.62 5.61
N SER N 189 -7.54 63.37 5.61
CA SER N 189 -6.65 64.04 4.68
C SER N 189 -5.57 63.08 4.20
N ILE N 190 -4.99 63.45 3.06
CA ILE N 190 -3.95 62.66 2.42
C ILE N 190 -3.05 63.56 1.57
N THR N 191 -1.78 63.19 1.46
CA THR N 191 -0.87 63.86 0.55
C THR N 191 -0.12 62.88 -0.36
N LEU N 192 -0.20 63.13 -1.66
CA LEU N 192 0.34 62.24 -2.67
C LEU N 192 1.60 62.80 -3.34
N PRO N 193 2.62 61.96 -3.52
CA PRO N 193 3.69 62.41 -4.41
C PRO N 193 3.16 62.41 -5.86
N LEU N 194 3.90 63.08 -6.74
CA LEU N 194 3.43 63.36 -8.10
C LEU N 194 3.23 62.10 -8.92
N ASP N 195 4.17 61.17 -8.82
CA ASP N 195 4.08 59.93 -9.61
C ASP N 195 2.83 59.09 -9.26
N VAL N 196 2.52 59.00 -7.96
CA VAL N 196 1.34 58.26 -7.47
C VAL N 196 0.04 58.96 -7.86
N ALA N 197 0.01 60.28 -7.70
CA ALA N 197 -1.14 61.08 -8.10
C ALA N 197 -1.46 60.88 -9.58
N GLN N 198 -0.42 60.91 -10.40
CA GLN N 198 -0.59 60.74 -11.85
C GLN N 198 -1.07 59.34 -12.21
N GLN N 199 -0.54 58.33 -11.55
CA GLN N 199 -1.01 56.95 -11.75
C GLN N 199 -2.48 56.80 -11.36
N MET N 200 -2.91 57.58 -10.36
CA MET N 200 -4.28 57.51 -9.84
C MET N 200 -5.33 58.03 -10.82
N ILE N 201 -4.90 58.76 -11.85
CA ILE N 201 -5.81 59.31 -12.88
C ILE N 201 -5.57 58.79 -14.30
N SER N 202 -4.66 57.84 -14.45
CA SER N 202 -4.31 57.28 -15.76
C SER N 202 -4.39 55.75 -15.76
N TYR N 203 -5.34 55.22 -16.51
CA TYR N 203 -5.59 53.77 -16.57
C TYR N 203 -5.75 53.29 -17.99
N PRO N 204 -4.98 52.25 -18.39
CA PRO N 204 -5.14 51.66 -19.73
C PRO N 204 -6.56 51.22 -20.03
N ALA N 205 -7.23 50.66 -19.03
CA ALA N 205 -8.62 50.17 -19.21
C ALA N 205 -9.58 51.32 -19.52
N VAL N 206 -9.38 52.45 -18.84
CA VAL N 206 -10.18 53.67 -19.04
C VAL N 206 -9.93 54.26 -20.43
N ASP N 207 -8.67 54.31 -20.83
CA ASP N 207 -8.30 54.82 -22.17
C ASP N 207 -8.93 53.96 -23.26
N ALA N 208 -8.93 52.64 -23.05
CA ALA N 208 -9.59 51.70 -24.00
C ALA N 208 -11.10 51.90 -24.07
N ALA N 209 -11.72 52.21 -22.95
CA ALA N 209 -13.17 52.47 -22.92
C ALA N 209 -13.51 53.75 -23.68
N VAL N 210 -12.70 54.77 -23.49
CA VAL N 210 -12.82 56.04 -24.22
C VAL N 210 -12.62 55.85 -25.72
N ALA N 211 -11.58 55.12 -26.10
CA ALA N 211 -11.31 54.81 -27.51
C ALA N 211 -12.50 54.09 -28.16
N LYS N 212 -13.01 53.08 -27.46
CA LYS N 212 -14.21 52.34 -27.88
C LYS N 212 -15.40 53.26 -28.14
N PHE N 213 -15.65 54.19 -27.23
CA PHE N 213 -16.75 55.16 -27.39
C PHE N 213 -16.59 55.98 -28.67
N GLU N 214 -15.38 56.45 -28.91
CA GLU N 214 -15.04 57.22 -30.12
C GLU N 214 -15.23 56.41 -31.40
N GLN N 215 -14.79 55.16 -31.39
CA GLN N 215 -14.98 54.24 -32.52
C GLN N 215 -16.46 53.97 -32.81
N ASP N 216 -17.25 53.75 -31.77
CA ASP N 216 -18.68 53.50 -31.93
C ASP N 216 -19.40 54.74 -32.50
N TRP N 217 -19.04 55.90 -31.95
CA TRP N 217 -19.58 57.19 -32.39
C TRP N 217 -19.26 57.45 -33.87
N GLN N 218 -17.98 57.34 -34.20
CA GLN N 218 -17.48 57.43 -35.58
C GLN N 218 -18.26 56.52 -36.54
N GLY N 219 -18.43 55.27 -36.12
CA GLY N 219 -19.13 54.25 -36.91
C GLY N 219 -20.55 54.63 -37.27
N ALA N 220 -21.24 55.27 -36.33
CA ALA N 220 -22.65 55.66 -36.51
C ALA N 220 -22.84 57.06 -37.12
N PHE N 221 -21.96 57.99 -36.75
CA PHE N 221 -22.14 59.41 -37.08
C PHE N 221 -21.07 60.01 -38.02
N GLY N 222 -20.07 59.24 -38.38
CA GLY N 222 -19.04 59.68 -39.34
C GLY N 222 -18.05 60.71 -38.80
N ARG N 223 -18.05 60.90 -37.48
CA ARG N 223 -17.07 61.76 -36.81
C ARG N 223 -16.87 61.29 -35.35
N THR N 224 -15.84 61.82 -34.69
CA THR N 224 -15.57 61.50 -33.27
C THR N 224 -15.96 62.65 -32.32
N SER N 225 -16.51 63.72 -32.87
CA SER N 225 -16.93 64.88 -32.08
C SER N 225 -18.45 64.87 -31.86
N ILE N 226 -18.88 65.64 -30.86
CA ILE N 226 -20.28 65.62 -30.43
C ILE N 226 -21.21 66.32 -31.42
N HIS O 7 -10.49 62.30 26.26
CA HIS O 7 -9.55 61.27 26.77
C HIS O 7 -8.62 61.83 27.85
N GLU O 8 -8.28 60.97 28.81
CA GLU O 8 -7.42 61.36 29.95
C GLU O 8 -6.15 60.51 30.09
N LEU O 9 -5.00 61.15 29.88
CA LEU O 9 -3.69 60.51 29.98
C LEU O 9 -3.03 60.80 31.33
N TYR O 10 -2.74 59.74 32.06
CA TYR O 10 -2.07 59.83 33.37
C TYR O 10 -0.71 59.17 33.38
N LEU O 11 0.12 59.61 34.31
CA LEU O 11 1.36 58.92 34.64
C LEU O 11 1.19 58.19 35.95
N ASP O 12 1.75 56.99 36.00
CA ASP O 12 1.62 56.08 37.11
C ASP O 12 2.94 56.10 37.89
N THR O 13 3.05 56.97 38.87
CA THR O 13 4.36 57.28 39.47
C THR O 13 4.27 58.12 40.75
N SER O 14 5.28 58.00 41.60
CA SER O 14 5.48 58.90 42.74
C SER O 14 6.79 59.72 42.59
N ASP O 15 7.35 59.69 41.37
CA ASP O 15 8.66 60.33 41.07
C ASP O 15 8.44 61.79 40.67
N VAL O 16 8.54 62.67 41.66
CA VAL O 16 8.17 64.09 41.52
C VAL O 16 8.99 64.83 40.46
N VAL O 17 10.29 64.57 40.42
CA VAL O 17 11.20 65.19 39.46
C VAL O 17 10.86 64.76 38.03
N ALA O 18 10.68 63.47 37.84
CA ALA O 18 10.25 62.92 36.54
C ALA O 18 8.91 63.53 36.09
N VAL O 19 7.97 63.62 37.02
CA VAL O 19 6.65 64.21 36.70
C VAL O 19 6.81 65.64 36.20
N LYS O 20 7.64 66.43 36.88
CA LYS O 20 7.89 67.83 36.49
C LYS O 20 8.47 67.90 35.09
N ALA O 21 9.47 67.08 34.83
CA ALA O 21 10.14 67.05 33.52
C ALA O 21 9.20 66.56 32.41
N LEU O 22 8.44 65.50 32.70
CA LEU O 22 7.58 64.87 31.69
C LEU O 22 6.27 65.62 31.43
N SER O 23 5.88 66.48 32.36
CA SER O 23 4.63 67.25 32.24
C SER O 23 4.67 68.37 31.18
N ARG O 24 5.87 68.81 30.80
CA ARG O 24 6.01 69.77 29.69
C ARG O 24 6.01 69.06 28.33
N ILE O 25 6.25 67.75 28.35
CA ILE O 25 6.29 66.93 27.14
C ILE O 25 4.94 66.31 26.82
N PHE O 26 4.44 65.50 27.75
CA PHE O 26 3.17 64.79 27.56
C PHE O 26 1.96 65.66 27.89
N PRO O 27 0.85 65.47 27.17
CA PRO O 27 -0.40 66.14 27.51
C PRO O 27 -1.12 65.41 28.63
N LEU O 28 -0.68 65.67 29.86
CA LEU O 28 -1.15 64.93 31.04
C LEU O 28 -2.43 65.50 31.64
N ALA O 29 -3.32 64.59 32.03
CA ALA O 29 -4.52 64.94 32.78
C ALA O 29 -4.23 64.88 34.28
N GLY O 30 -3.15 64.23 34.64
CA GLY O 30 -2.83 64.01 36.03
C GLY O 30 -1.81 62.91 36.31
N VAL O 31 -1.78 62.49 37.57
CA VAL O 31 -0.91 61.42 38.03
C VAL O 31 -1.71 60.45 38.90
N THR O 32 -1.48 59.15 38.69
CA THR O 32 -2.05 58.14 39.57
C THR O 32 -0.98 57.55 40.47
N THR O 33 -1.40 57.18 41.67
CA THR O 33 -0.54 56.44 42.59
C THR O 33 -1.29 55.23 43.17
N ASN O 34 -0.52 54.30 43.72
CA ASN O 34 -1.05 53.18 44.48
C ASN O 34 -0.08 52.90 45.62
N PRO O 35 -0.42 52.03 46.58
CA PRO O 35 0.45 51.85 47.74
C PRO O 35 1.88 51.37 47.45
N SER O 36 2.05 50.55 46.42
CA SER O 36 3.39 50.07 46.04
C SER O 36 4.21 51.17 45.41
N ILE O 37 3.56 52.02 44.63
CA ILE O 37 4.23 53.14 43.98
C ILE O 37 4.64 54.20 45.02
N ILE O 38 3.78 54.44 46.00
CA ILE O 38 4.08 55.40 47.07
C ILE O 38 5.22 54.86 47.91
N ALA O 39 5.08 53.61 48.36
CA ALA O 39 6.10 52.93 49.16
C ALA O 39 7.50 52.97 48.50
N ALA O 40 7.55 52.62 47.22
CA ALA O 40 8.81 52.64 46.44
C ALA O 40 9.49 54.01 46.41
N GLY O 41 8.70 55.08 46.47
CA GLY O 41 9.19 56.46 46.50
C GLY O 41 9.60 56.93 47.90
N LYS O 42 9.12 56.22 48.91
CA LYS O 42 9.56 56.36 50.32
C LYS O 42 9.06 57.62 51.04
N LYS O 43 8.38 58.50 50.32
CA LYS O 43 7.82 59.71 50.91
C LYS O 43 6.39 59.45 51.34
N PRO O 44 6.00 59.94 52.54
CA PRO O 44 4.62 59.78 52.98
C PRO O 44 3.61 60.59 52.16
N LEU O 45 2.35 60.19 52.22
CA LEU O 45 1.28 60.77 51.40
C LEU O 45 1.17 62.28 51.56
N ASP O 46 1.26 62.76 52.80
CA ASP O 46 1.12 64.19 53.09
C ASP O 46 2.30 65.01 52.53
N VAL O 47 3.39 64.33 52.18
CA VAL O 47 4.52 64.94 51.46
C VAL O 47 4.40 64.81 49.93
N VAL O 48 4.33 63.57 49.41
CA VAL O 48 4.35 63.35 47.93
C VAL O 48 3.19 63.99 47.21
N LEU O 49 1.99 63.87 47.80
CA LEU O 49 0.78 64.29 47.07
C LEU O 49 0.82 65.77 46.71
N PRO O 50 0.98 66.67 47.70
CA PRO O 50 1.15 68.09 47.34
C PRO O 50 2.32 68.36 46.38
N GLN O 51 3.44 67.65 46.57
CA GLN O 51 4.59 67.78 45.67
C GLN O 51 4.25 67.38 44.24
N LEU O 52 3.52 66.27 44.10
CA LEU O 52 3.07 65.81 42.78
C LEU O 52 2.11 66.82 42.17
N HIS O 53 1.20 67.34 42.97
CA HIS O 53 0.26 68.38 42.53
C HIS O 53 1.00 69.60 41.98
N GLU O 54 2.01 70.05 42.72
CA GLU O 54 2.83 71.20 42.32
C GLU O 54 3.63 70.91 41.04
N ALA O 55 4.22 69.72 41.00
CA ALA O 55 5.07 69.32 39.87
C ALA O 55 4.34 69.30 38.53
N MET O 56 3.01 69.39 38.56
CA MET O 56 2.18 69.46 37.36
C MET O 56 1.66 70.86 37.06
N GLY O 57 2.21 71.87 37.72
CA GLY O 57 1.78 73.25 37.55
C GLY O 57 0.47 73.56 38.27
N GLY O 58 0.23 72.87 39.38
CA GLY O 58 -0.95 73.09 40.21
C GLY O 58 -2.27 72.76 39.54
N GLN O 59 -2.19 72.00 38.46
CA GLN O 59 -3.37 71.59 37.70
C GLN O 59 -3.33 70.08 37.48
N GLY O 60 -4.47 69.55 37.04
CA GLY O 60 -4.58 68.12 36.79
C GLY O 60 -5.09 67.35 38.00
N ARG O 61 -5.52 66.12 37.75
CA ARG O 61 -6.17 65.30 38.75
C ARG O 61 -5.17 64.37 39.41
N LEU O 62 -5.39 64.10 40.69
CA LEU O 62 -4.62 63.11 41.43
C LEU O 62 -5.48 61.94 41.89
N PHE O 63 -4.85 60.77 42.01
CA PHE O 63 -5.49 59.55 42.53
C PHE O 63 -4.60 58.93 43.59
N ALA O 64 -5.21 58.51 44.69
CA ALA O 64 -4.50 57.71 45.69
C ALA O 64 -5.42 56.73 46.37
N GLN O 65 -4.84 55.71 46.98
CA GLN O 65 -5.55 54.52 47.41
C GLN O 65 -5.70 54.36 48.90
N VAL O 66 -6.87 53.88 49.32
CA VAL O 66 -7.11 53.55 50.72
C VAL O 66 -6.35 52.29 51.10
N MET O 67 -6.17 52.09 52.39
CA MET O 67 -5.40 50.95 52.92
C MET O 67 -6.20 50.08 53.87
N ALA O 68 -7.30 50.60 54.39
CA ALA O 68 -8.11 49.88 55.38
C ALA O 68 -8.82 48.65 54.77
N THR O 69 -9.21 47.76 55.66
CA THR O 69 -9.77 46.44 55.33
C THR O 69 -11.29 46.40 55.43
N THR O 70 -11.85 47.29 56.25
CA THR O 70 -13.30 47.41 56.40
C THR O 70 -13.82 48.59 55.61
N ALA O 71 -15.09 48.52 55.25
CA ALA O 71 -15.75 49.61 54.53
C ALA O 71 -15.68 50.94 55.31
N GLU O 72 -15.99 50.89 56.61
CA GLU O 72 -15.91 52.08 57.48
C GLU O 72 -14.48 52.66 57.51
N GLY O 73 -13.50 51.79 57.72
CA GLY O 73 -12.10 52.19 57.72
C GLY O 73 -11.63 52.81 56.40
N MET O 74 -12.18 52.30 55.31
CA MET O 74 -11.86 52.83 53.96
C MET O 74 -12.44 54.23 53.76
N VAL O 75 -13.66 54.43 54.27
CA VAL O 75 -14.30 55.77 54.20
C VAL O 75 -13.46 56.78 54.98
N ASN O 76 -12.96 56.36 56.14
CA ASN O 76 -12.08 57.21 56.99
C ASN O 76 -10.76 57.52 56.30
N ASP O 77 -10.19 56.51 55.62
CA ASP O 77 -8.98 56.71 54.79
C ASP O 77 -9.22 57.73 53.70
N ALA O 78 -10.41 57.65 53.09
CA ALA O 78 -10.79 58.58 52.00
C ALA O 78 -10.83 60.03 52.49
N LEU O 79 -11.39 60.24 53.68
CA LEU O 79 -11.44 61.57 54.30
C LEU O 79 -10.05 62.12 54.57
N LYS O 80 -9.18 61.26 55.09
CA LYS O 80 -7.76 61.61 55.27
C LYS O 80 -7.08 62.02 53.96
N LEU O 81 -7.33 61.26 52.91
CA LEU O 81 -6.78 61.58 51.58
C LEU O 81 -7.30 62.92 51.06
N ARG O 82 -8.60 63.13 51.22
CA ARG O 82 -9.26 64.36 50.76
C ARG O 82 -8.81 65.60 51.56
N SER O 83 -8.38 65.39 52.79
CA SER O 83 -7.86 66.49 53.61
C SER O 83 -6.46 66.93 53.16
N ILE O 84 -5.74 66.05 52.46
CA ILE O 84 -4.43 66.37 51.90
C ILE O 84 -4.58 67.04 50.55
N ILE O 85 -5.38 66.42 49.68
CA ILE O 85 -5.69 66.96 48.37
C ILE O 85 -7.21 67.00 48.23
N ALA O 86 -7.76 68.22 48.22
CA ALA O 86 -9.21 68.46 48.33
C ALA O 86 -10.04 67.78 47.23
N ASP O 87 -9.52 67.81 46.01
CA ASP O 87 -10.21 67.27 44.82
C ASP O 87 -9.69 65.89 44.36
N ILE O 88 -9.04 65.16 45.26
CA ILE O 88 -8.40 63.87 44.90
C ILE O 88 -9.45 62.79 44.65
N VAL O 89 -9.17 61.92 43.68
CA VAL O 89 -10.02 60.75 43.42
C VAL O 89 -9.52 59.62 44.29
N VAL O 90 -10.43 58.98 45.02
CA VAL O 90 -10.05 57.92 45.94
C VAL O 90 -10.16 56.54 45.30
N LYS O 91 -9.03 55.84 45.27
CA LYS O 91 -8.96 54.47 44.76
C LYS O 91 -9.36 53.45 45.82
N VAL O 92 -10.35 52.62 45.50
CA VAL O 92 -10.83 51.59 46.41
C VAL O 92 -10.74 50.20 45.78
N PRO O 93 -9.98 49.29 46.40
CA PRO O 93 -9.92 47.94 45.81
C PRO O 93 -11.29 47.31 45.71
N VAL O 94 -11.57 46.67 44.59
CA VAL O 94 -12.92 46.13 44.36
C VAL O 94 -13.03 44.76 45.01
N THR O 95 -13.26 44.81 46.32
CA THR O 95 -13.58 43.68 47.16
C THR O 95 -14.99 43.88 47.74
N ALA O 96 -15.45 42.93 48.54
CA ALA O 96 -16.79 43.01 49.17
C ALA O 96 -16.91 44.32 50.00
N GLU O 97 -15.94 44.53 50.88
CA GLU O 97 -15.90 45.76 51.70
C GLU O 97 -15.65 47.01 50.87
N GLY O 98 -14.78 46.89 49.88
CA GLY O 98 -14.54 47.98 48.92
C GLY O 98 -15.79 48.45 48.22
N LEU O 99 -16.57 47.51 47.73
CA LEU O 99 -17.89 47.79 47.11
C LEU O 99 -18.85 48.57 48.05
N ALA O 100 -18.98 48.07 49.27
CA ALA O 100 -19.74 48.76 50.32
C ALA O 100 -19.21 50.19 50.57
N ALA O 101 -17.89 50.30 50.66
CA ALA O 101 -17.23 51.61 50.81
C ALA O 101 -17.54 52.54 49.65
N ILE O 102 -17.49 52.00 48.45
CA ILE O 102 -17.77 52.81 47.24
C ILE O 102 -19.18 53.35 47.28
N LYS O 103 -20.15 52.52 47.69
CA LYS O 103 -21.53 52.96 47.87
C LYS O 103 -21.63 54.09 48.91
N MET O 104 -20.92 53.94 50.02
CA MET O 104 -20.92 54.96 51.09
C MET O 104 -20.30 56.27 50.63
N LEU O 105 -19.19 56.18 49.89
CA LEU O 105 -18.51 57.36 49.36
C LEU O 105 -19.31 58.05 48.26
N LYS O 106 -20.09 57.28 47.53
CA LYS O 106 -21.04 57.85 46.54
C LYS O 106 -22.07 58.72 47.25
N ALA O 107 -22.63 58.20 48.34
CA ALA O 107 -23.61 58.92 49.15
C ALA O 107 -23.02 60.20 49.75
N GLU O 108 -21.73 60.15 50.11
CA GLU O 108 -21.02 61.30 50.65
C GLU O 108 -20.46 62.28 49.60
N GLY O 109 -20.66 61.98 48.32
CA GLY O 109 -20.23 62.87 47.23
C GLY O 109 -18.74 62.91 46.96
N ILE O 110 -18.02 61.89 47.42
CA ILE O 110 -16.58 61.77 47.17
C ILE O 110 -16.31 60.84 45.97
N PRO O 111 -15.70 61.36 44.88
CA PRO O 111 -15.49 60.54 43.70
C PRO O 111 -14.51 59.40 43.94
N THR O 112 -14.85 58.23 43.39
CA THR O 112 -14.03 57.03 43.59
C THR O 112 -13.57 56.38 42.29
N LEU O 113 -12.49 55.60 42.43
CA LEU O 113 -12.02 54.73 41.37
C LEU O 113 -11.99 53.32 41.93
N GLY O 114 -12.61 52.39 41.21
CA GLY O 114 -12.60 50.96 41.57
C GLY O 114 -11.37 50.26 41.03
N THR O 115 -10.48 49.84 41.93
CA THR O 115 -9.15 49.34 41.53
C THR O 115 -8.93 47.86 41.87
N ALA O 116 -7.75 47.37 41.51
CA ALA O 116 -7.39 45.94 41.65
C ALA O 116 -8.42 45.05 40.94
N VAL O 117 -8.78 45.47 39.74
CA VAL O 117 -9.77 44.79 38.95
C VAL O 117 -9.07 43.75 38.06
N TYR O 118 -9.44 42.48 38.26
CA TYR O 118 -8.89 41.35 37.51
C TYR O 118 -9.94 40.70 36.64
N GLY O 119 -11.18 41.20 36.69
CA GLY O 119 -12.26 40.65 35.90
C GLY O 119 -13.23 41.73 35.50
N ALA O 120 -13.93 41.50 34.37
CA ALA O 120 -14.84 42.50 33.81
C ALA O 120 -16.12 42.75 34.66
N ALA O 121 -16.72 41.67 35.16
CA ALA O 121 -17.90 41.76 35.96
C ALA O 121 -17.63 42.49 37.29
N GLN O 122 -16.51 42.12 37.89
CA GLN O 122 -16.01 42.75 39.09
C GLN O 122 -15.94 44.26 38.88
N GLY O 123 -15.29 44.65 37.79
CA GLY O 123 -15.14 46.04 37.44
C GLY O 123 -16.48 46.74 37.28
N LEU O 124 -17.40 46.09 36.57
CA LEU O 124 -18.73 46.63 36.38
C LEU O 124 -19.48 46.87 37.70
N LEU O 125 -19.40 45.91 38.62
CA LEU O 125 -20.04 46.07 39.93
C LEU O 125 -19.57 47.34 40.67
N SER O 126 -18.28 47.67 40.56
CA SER O 126 -17.70 48.86 41.19
C SER O 126 -18.30 50.15 40.59
N ALA O 127 -18.51 50.13 39.29
CA ALA O 127 -19.16 51.24 38.59
C ALA O 127 -20.64 51.38 38.96
N LEU O 128 -21.36 50.27 39.02
CA LEU O 128 -22.76 50.28 39.42
C LEU O 128 -22.92 50.79 40.86
N ALA O 129 -21.91 50.51 41.68
CA ALA O 129 -21.88 50.95 43.07
C ALA O 129 -21.59 52.45 43.20
N GLY O 130 -21.11 53.06 42.12
CA GLY O 130 -20.91 54.52 42.07
C GLY O 130 -19.55 55.01 41.64
N ALA O 131 -18.60 54.08 41.44
CA ALA O 131 -17.26 54.47 41.00
C ALA O 131 -17.29 55.15 39.64
N GLU O 132 -16.48 56.22 39.52
CA GLU O 132 -16.43 57.03 38.32
C GLU O 132 -15.38 56.51 37.33
N TYR O 133 -14.37 55.85 37.90
CA TYR O 133 -13.34 55.18 37.14
C TYR O 133 -13.27 53.72 37.58
N VAL O 134 -12.87 52.86 36.64
CA VAL O 134 -12.57 51.45 36.93
C VAL O 134 -11.20 51.08 36.33
N ALA O 135 -10.30 50.58 37.17
CA ALA O 135 -8.94 50.31 36.80
C ALA O 135 -8.57 48.82 36.80
N PRO O 136 -8.73 48.15 35.64
CA PRO O 136 -8.19 46.82 35.50
C PRO O 136 -6.65 46.80 35.48
N TYR O 137 -6.07 45.77 36.07
CA TYR O 137 -4.62 45.59 36.06
C TYR O 137 -4.22 44.70 34.86
N VAL O 138 -3.98 45.36 33.74
CA VAL O 138 -3.76 44.68 32.45
C VAL O 138 -2.64 43.64 32.48
N ASN O 139 -1.44 44.07 32.88
CA ASN O 139 -0.30 43.16 32.86
C ASN O 139 -0.38 42.08 33.91
N ARG O 140 -1.01 42.40 35.04
CA ARG O 140 -1.24 41.39 36.06
C ARG O 140 -2.09 40.25 35.50
N ILE O 141 -3.11 40.59 34.74
CA ILE O 141 -4.01 39.60 34.13
C ILE O 141 -3.24 38.78 33.06
N ASP O 142 -2.49 39.49 32.21
CA ASP O 142 -1.58 38.87 31.24
C ASP O 142 -0.53 37.95 31.87
N ALA O 143 0.11 38.43 32.92
CA ALA O 143 1.16 37.68 33.58
C ALA O 143 0.66 36.41 34.21
N GLN O 144 -0.55 36.47 34.73
CA GLN O 144 -1.18 35.33 35.41
C GLN O 144 -2.01 34.41 34.52
N GLY O 145 -1.81 34.49 33.20
CA GLY O 145 -2.27 33.45 32.28
C GLY O 145 -3.63 33.76 31.66
N GLY O 146 -4.11 34.98 31.89
CA GLY O 146 -5.39 35.41 31.32
C GLY O 146 -5.15 36.22 30.04
N SER O 147 -6.12 37.08 29.72
CA SER O 147 -5.98 38.07 28.66
C SER O 147 -6.38 39.48 29.16
N GLY O 148 -5.37 40.28 29.47
CA GLY O 148 -5.60 41.65 29.93
C GLY O 148 -6.41 42.47 28.97
N ILE O 149 -6.08 42.34 27.68
CA ILE O 149 -6.79 43.05 26.64
C ILE O 149 -8.27 42.63 26.54
N GLN O 150 -8.55 41.33 26.64
CA GLN O 150 -9.95 40.88 26.52
C GLN O 150 -10.76 41.39 27.73
N THR O 151 -10.15 41.33 28.89
CA THR O 151 -10.75 41.86 30.11
C THR O 151 -11.10 43.35 30.00
N VAL O 152 -10.13 44.12 29.48
CA VAL O 152 -10.33 45.56 29.23
C VAL O 152 -11.40 45.81 28.18
N THR O 153 -11.33 45.06 27.09
CA THR O 153 -12.35 45.14 26.02
C THR O 153 -13.75 44.85 26.55
N ASP O 154 -13.88 43.76 27.29
CA ASP O 154 -15.16 43.39 27.86
C ASP O 154 -15.64 44.47 28.87
N LEU O 155 -14.73 44.93 29.72
CA LEU O 155 -15.06 45.91 30.75
C LEU O 155 -15.54 47.21 30.16
N HIS O 156 -14.82 47.73 29.17
CA HIS O 156 -15.26 48.94 28.48
C HIS O 156 -16.68 48.80 27.94
N GLN O 157 -16.94 47.69 27.24
CA GLN O 157 -18.27 47.44 26.69
C GLN O 157 -19.34 47.39 27.79
N LEU O 158 -19.02 46.75 28.89
CA LEU O 158 -19.96 46.64 30.01
C LEU O 158 -20.28 48.04 30.60
N LEU O 159 -19.26 48.86 30.78
CA LEU O 159 -19.48 50.21 31.29
C LEU O 159 -20.37 50.99 30.33
N LYS O 160 -20.03 50.94 29.05
CA LYS O 160 -20.75 51.68 28.01
C LYS O 160 -22.23 51.30 27.92
N MET O 161 -22.51 50.02 28.08
CA MET O 161 -23.89 49.54 27.99
C MET O 161 -24.62 49.74 29.32
N HIS O 162 -23.95 49.45 30.42
CA HIS O 162 -24.61 49.26 31.73
C HIS O 162 -24.34 50.31 32.79
N ALA O 163 -23.24 51.04 32.68
CA ALA O 163 -22.91 52.12 33.63
C ALA O 163 -22.12 53.21 32.92
N PRO O 164 -22.77 53.91 31.98
CA PRO O 164 -22.09 54.82 31.03
C PRO O 164 -21.46 56.07 31.65
N GLN O 165 -21.80 56.39 32.89
CA GLN O 165 -21.16 57.51 33.60
C GLN O 165 -19.73 57.16 34.02
N ALA O 166 -19.43 55.86 34.03
CA ALA O 166 -18.12 55.36 34.47
C ALA O 166 -17.16 55.14 33.29
N LYS O 167 -15.87 55.31 33.59
CA LYS O 167 -14.82 55.20 32.58
C LYS O 167 -13.83 54.14 32.98
N VAL O 168 -13.29 53.44 31.98
CA VAL O 168 -12.13 52.61 32.21
C VAL O 168 -10.90 53.49 32.35
N LEU O 169 -10.14 53.26 33.41
CA LEU O 169 -8.79 53.77 33.55
C LEU O 169 -7.81 52.60 33.55
N ALA O 170 -7.32 52.27 32.36
CA ALA O 170 -6.45 51.11 32.19
C ALA O 170 -5.10 51.32 32.86
N ALA O 171 -4.64 50.28 33.54
CA ALA O 171 -3.40 50.36 34.32
C ALA O 171 -2.57 49.06 34.25
N SER O 172 -1.34 49.15 34.75
CA SER O 172 -0.43 48.00 34.88
C SER O 172 0.09 47.56 33.50
N PHE O 173 1.23 48.13 33.10
CA PHE O 173 1.79 47.95 31.75
C PHE O 173 3.28 47.66 31.78
N LYS O 174 3.69 46.71 30.93
CA LYS O 174 5.10 46.41 30.72
C LYS O 174 5.58 46.77 29.33
N THR O 175 4.65 47.01 28.41
CA THR O 175 5.01 47.27 27.03
C THR O 175 3.96 48.18 26.39
N PRO O 176 4.39 49.05 25.47
CA PRO O 176 3.45 49.98 24.82
C PRO O 176 2.33 49.31 24.08
N ARG O 177 2.59 48.13 23.52
CA ARG O 177 1.54 47.38 22.79
C ARG O 177 0.29 47.18 23.63
N GLN O 178 0.48 46.87 24.89
CA GLN O 178 -0.63 46.71 25.82
C GLN O 178 -1.43 48.01 25.96
N ALA O 179 -0.72 49.14 26.02
CA ALA O 179 -1.37 50.46 26.14
C ALA O 179 -2.14 50.77 24.87
N LEU O 180 -1.51 50.54 23.72
CA LEU O 180 -2.15 50.70 22.43
C LEU O 180 -3.44 49.90 22.30
N ASP O 181 -3.40 48.62 22.70
CA ASP O 181 -4.58 47.75 22.58
C ASP O 181 -5.74 48.20 23.50
N CYS O 182 -5.40 48.67 24.69
CA CYS O 182 -6.40 49.30 25.59
C CYS O 182 -7.04 50.54 24.99
N LEU O 183 -6.21 51.39 24.37
CA LEU O 183 -6.69 52.57 23.68
C LEU O 183 -7.57 52.17 22.49
N LEU O 184 -7.13 51.17 21.74
CA LEU O 184 -7.91 50.68 20.58
C LEU O 184 -9.24 50.07 21.02
N ALA O 185 -9.26 49.50 22.21
CA ALA O 185 -10.48 48.92 22.80
C ALA O 185 -11.47 50.00 23.30
N GLY O 186 -11.02 51.25 23.35
CA GLY O 186 -11.88 52.39 23.65
C GLY O 186 -11.70 53.00 25.03
N CYS O 187 -10.71 52.53 25.79
CA CYS O 187 -10.44 53.08 27.13
C CYS O 187 -10.39 54.61 27.10
N GLU O 188 -11.24 55.23 27.92
CA GLU O 188 -11.35 56.70 27.96
C GLU O 188 -10.29 57.34 28.84
N SER O 189 -9.64 56.53 29.66
CA SER O 189 -8.46 56.97 30.39
C SER O 189 -7.45 55.84 30.51
N ILE O 190 -6.21 56.24 30.76
CA ILE O 190 -5.10 55.32 30.88
C ILE O 190 -4.02 55.92 31.77
N THR O 191 -3.28 55.06 32.46
CA THR O 191 -2.11 55.50 33.21
C THR O 191 -0.88 54.64 32.91
N LEU O 192 0.20 55.33 32.58
CA LEU O 192 1.43 54.68 32.12
C LEU O 192 2.55 54.79 33.14
N PRO O 193 3.27 53.68 33.38
CA PRO O 193 4.52 53.85 34.11
C PRO O 193 5.55 54.58 33.21
N LEU O 194 6.60 55.07 33.83
CA LEU O 194 7.54 55.98 33.19
C LEU O 194 8.30 55.32 32.05
N ASP O 195 8.74 54.08 32.27
CA ASP O 195 9.50 53.39 31.21
C ASP O 195 8.67 53.17 29.93
N VAL O 196 7.40 52.81 30.09
CA VAL O 196 6.49 52.59 28.95
C VAL O 196 6.13 53.91 28.24
N ALA O 197 5.83 54.93 29.04
CA ALA O 197 5.60 56.27 28.49
C ALA O 197 6.78 56.75 27.64
N GLN O 198 7.99 56.58 28.15
CA GLN O 198 9.20 57.01 27.44
C GLN O 198 9.45 56.22 26.17
N GLN O 199 9.20 54.91 26.21
CA GLN O 199 9.27 54.07 24.99
C GLN O 199 8.24 54.50 23.94
N MET O 200 7.11 55.00 24.40
CA MET O 200 6.01 55.42 23.51
C MET O 200 6.33 56.67 22.69
N ILE O 201 7.38 57.41 23.08
CA ILE O 201 7.80 58.64 22.36
C ILE O 201 9.20 58.59 21.76
N SER O 202 9.85 57.44 21.85
CA SER O 202 11.22 57.27 21.37
C SER O 202 11.34 56.07 20.44
N TYR O 203 11.61 56.34 19.16
CA TYR O 203 11.68 55.28 18.13
C TYR O 203 12.92 55.42 17.28
N PRO O 204 13.72 54.33 17.15
CA PRO O 204 14.88 54.35 16.24
C PRO O 204 14.54 54.78 14.82
N ALA O 205 13.39 54.32 14.32
CA ALA O 205 12.97 54.62 12.94
C ALA O 205 12.71 56.12 12.75
N VAL O 206 12.11 56.72 13.77
CA VAL O 206 11.82 58.16 13.78
C VAL O 206 13.12 58.99 13.84
N ASP O 207 14.04 58.57 14.71
CA ASP O 207 15.34 59.23 14.82
C ASP O 207 16.10 59.16 13.49
N ALA O 208 16.05 58.02 12.82
CA ALA O 208 16.66 57.85 11.49
C ALA O 208 16.02 58.74 10.42
N ALA O 209 14.72 58.94 10.50
CA ALA O 209 14.02 59.81 9.56
C ALA O 209 14.43 61.28 9.77
N VAL O 210 14.56 61.66 11.03
CA VAL O 210 15.04 63.01 11.41
C VAL O 210 16.49 63.23 10.94
N ALA O 211 17.35 62.27 11.20
CA ALA O 211 18.76 62.33 10.75
C ALA O 211 18.85 62.49 9.23
N LYS O 212 18.08 61.68 8.51
CA LYS O 212 17.97 61.78 7.05
C LYS O 212 17.59 63.18 6.58
N PHE O 213 16.58 63.78 7.23
CA PHE O 213 16.15 65.13 6.87
C PHE O 213 17.30 66.14 7.02
N GLU O 214 18.04 66.03 8.12
CA GLU O 214 19.19 66.89 8.40
C GLU O 214 20.30 66.73 7.37
N GLN O 215 20.60 65.48 7.03
CA GLN O 215 21.58 65.16 5.98
C GLN O 215 21.20 65.74 4.61
N ASP O 216 19.93 65.59 4.23
CA ASP O 216 19.44 66.11 2.94
C ASP O 216 19.51 67.65 2.91
N TRP O 217 19.09 68.26 4.01
CA TRP O 217 19.14 69.72 4.20
C TRP O 217 20.58 70.24 4.07
N GLN O 218 21.47 69.65 4.86
CA GLN O 218 22.93 69.93 4.83
C GLN O 218 23.49 69.85 3.41
N GLY O 219 23.14 68.76 2.73
CA GLY O 219 23.60 68.50 1.36
C GLY O 219 23.24 69.60 0.38
N ALA O 220 22.04 70.16 0.52
CA ALA O 220 21.54 71.19 -0.39
C ALA O 220 21.88 72.62 0.05
N PHE O 221 21.88 72.86 1.37
CA PHE O 221 21.99 74.23 1.92
C PHE O 221 23.25 74.53 2.74
N GLY O 222 24.09 73.51 2.95
CA GLY O 222 25.37 73.69 3.65
C GLY O 222 25.27 73.90 5.16
N ARG O 223 24.08 73.64 5.71
CA ARG O 223 23.85 73.68 7.16
C ARG O 223 22.68 72.77 7.54
N THR O 224 22.51 72.51 8.83
CA THR O 224 21.39 71.67 9.34
C THR O 224 20.28 72.49 10.01
N SER O 225 20.44 73.81 10.01
CA SER O 225 19.47 74.73 10.59
C SER O 225 18.59 75.36 9.52
N ILE O 226 17.44 75.90 9.95
CA ILE O 226 16.43 76.40 9.04
C ILE O 226 16.84 77.73 8.39
N HIS P 7 -10.85 8.63 22.71
CA HIS P 7 -11.36 9.55 23.78
C HIS P 7 -11.54 8.81 25.11
N GLU P 8 -11.24 9.52 26.20
CA GLU P 8 -11.37 8.98 27.57
C GLU P 8 -12.35 9.75 28.49
N LEU P 9 -13.46 9.10 28.84
CA LEU P 9 -14.48 9.67 29.73
C LEU P 9 -14.32 9.18 31.18
N TYR P 10 -14.10 10.12 32.07
CA TYR P 10 -13.95 9.83 33.49
C TYR P 10 -15.08 10.43 34.34
N LEU P 11 -15.26 9.83 35.52
CA LEU P 11 -16.11 10.44 36.55
C LEU P 11 -15.22 11.02 37.66
N ASP P 12 -15.61 12.20 38.11
CA ASP P 12 -14.88 12.97 39.09
C ASP P 12 -15.58 12.79 40.46
N THR P 13 -15.15 11.79 41.22
CA THR P 13 -15.91 11.37 42.41
C THR P 13 -15.15 10.39 43.31
N SER P 14 -15.53 10.36 44.59
CA SER P 14 -15.11 9.31 45.52
C SER P 14 -16.29 8.46 45.99
N ASP P 15 -17.43 8.61 45.30
CA ASP P 15 -18.68 7.98 45.68
C ASP P 15 -18.78 6.59 45.06
N VAL P 16 -18.40 5.58 45.84
CA VAL P 16 -18.21 4.22 45.34
C VAL P 16 -19.52 3.61 44.78
N VAL P 17 -20.61 3.86 45.48
CA VAL P 17 -21.92 3.29 45.11
C VAL P 17 -22.40 3.91 43.80
N ALA P 18 -22.29 5.24 43.70
CA ALA P 18 -22.61 5.94 42.49
C ALA P 18 -21.74 5.47 41.29
N VAL P 19 -20.45 5.30 41.52
CA VAL P 19 -19.55 4.77 40.48
C VAL P 19 -20.00 3.39 39.98
N LYS P 20 -20.36 2.50 40.90
CA LYS P 20 -20.85 1.16 40.54
C LYS P 20 -22.12 1.22 39.69
N ALA P 21 -23.08 2.02 40.13
CA ALA P 21 -24.33 2.21 39.39
C ALA P 21 -24.12 2.86 38.02
N LEU P 22 -23.28 3.90 37.96
CA LEU P 22 -23.12 4.69 36.75
C LEU P 22 -22.19 4.03 35.72
N SER P 23 -21.39 3.06 36.15
CA SER P 23 -20.44 2.37 35.29
C SER P 23 -21.10 1.40 34.29
N ARG P 24 -22.33 0.98 34.56
CA ARG P 24 -23.08 0.16 33.61
C ARG P 24 -23.81 1.03 32.59
N ILE P 25 -23.91 2.34 32.89
CA ILE P 25 -24.58 3.29 32.01
C ILE P 25 -23.62 4.01 31.09
N PHE P 26 -22.68 4.72 31.68
CA PHE P 26 -21.70 5.50 30.94
C PHE P 26 -20.55 4.59 30.44
N PRO P 27 -20.00 4.92 29.27
CA PRO P 27 -18.78 4.28 28.79
C PRO P 27 -17.53 4.90 29.42
N LEU P 28 -17.24 4.48 30.65
CA LEU P 28 -16.18 5.07 31.44
C LEU P 28 -14.78 4.47 31.18
N ALA P 29 -13.80 5.34 31.12
CA ALA P 29 -12.40 4.94 31.06
C ALA P 29 -11.84 4.79 32.48
N GLY P 30 -12.52 5.39 33.45
CA GLY P 30 -12.02 5.40 34.82
C GLY P 30 -12.71 6.37 35.76
N VAL P 31 -12.02 6.65 36.86
CA VAL P 31 -12.43 7.65 37.85
C VAL P 31 -11.25 8.53 38.24
N THR P 32 -11.52 9.84 38.33
CA THR P 32 -10.53 10.76 38.85
C THR P 32 -10.92 11.19 40.27
N THR P 33 -9.89 11.43 41.08
CA THR P 33 -10.05 12.02 42.41
C THR P 33 -9.05 13.15 42.63
N ASN P 34 -9.40 14.02 43.58
CA ASN P 34 -8.48 15.05 44.06
C ASN P 34 -8.68 15.14 45.57
N PRO P 35 -7.84 15.91 46.27
CA PRO P 35 -7.91 15.89 47.76
C PRO P 35 -9.23 16.34 48.37
N SER P 36 -9.90 17.31 47.73
CA SER P 36 -11.22 17.78 48.20
C SER P 36 -12.30 16.72 47.97
N ILE P 37 -12.22 15.99 46.86
CA ILE P 37 -13.18 14.92 46.56
C ILE P 37 -12.98 13.69 47.50
N ILE P 38 -11.74 13.36 47.79
CA ILE P 38 -11.42 12.30 48.74
C ILE P 38 -11.91 12.70 50.16
N ALA P 39 -11.51 13.89 50.59
CA ALA P 39 -11.87 14.43 51.92
C ALA P 39 -13.39 14.41 52.14
N ALA P 40 -14.13 14.91 51.15
CA ALA P 40 -15.61 14.95 51.19
C ALA P 40 -16.26 13.56 51.36
N GLY P 41 -15.59 12.52 50.85
CA GLY P 41 -16.03 11.12 50.99
C GLY P 41 -15.62 10.47 52.32
N LYS P 42 -14.62 11.06 52.97
CA LYS P 42 -14.21 10.74 54.34
C LYS P 42 -13.46 9.43 54.51
N LYS P 43 -13.33 8.66 53.44
CA LYS P 43 -12.60 7.41 53.49
C LYS P 43 -11.13 7.65 53.07
N PRO P 44 -10.18 7.00 53.76
CA PRO P 44 -8.78 7.19 53.40
C PRO P 44 -8.43 6.53 52.07
N LEU P 45 -7.32 6.97 51.49
CA LEU P 45 -6.90 6.52 50.14
C LEU P 45 -6.78 5.02 50.03
N ASP P 46 -6.21 4.39 51.06
CA ASP P 46 -5.99 2.94 51.05
C ASP P 46 -7.31 2.15 51.15
N VAL P 47 -8.39 2.83 51.53
CA VAL P 47 -9.75 2.27 51.46
C VAL P 47 -10.50 2.60 50.16
N VAL P 48 -10.70 3.89 49.85
CA VAL P 48 -11.49 4.28 48.67
C VAL P 48 -10.92 3.80 47.34
N LEU P 49 -9.61 3.87 47.19
CA LEU P 49 -9.00 3.60 45.88
C LEU P 49 -9.26 2.18 45.39
N PRO P 50 -8.90 1.16 46.19
CA PRO P 50 -9.29 -0.21 45.82
C PRO P 50 -10.81 -0.40 45.63
N GLN P 51 -11.61 0.27 46.47
CA GLN P 51 -13.08 0.20 46.35
C GLN P 51 -13.56 0.79 45.02
N LEU P 52 -12.99 1.94 44.65
CA LEU P 52 -13.32 2.56 43.38
C LEU P 52 -12.90 1.65 42.21
N HIS P 53 -11.71 1.08 42.31
CA HIS P 53 -11.20 0.15 41.30
C HIS P 53 -12.17 -1.04 41.11
N GLU P 54 -12.61 -1.62 42.22
CA GLU P 54 -13.57 -2.73 42.21
C GLU P 54 -14.93 -2.31 41.63
N ALA P 55 -15.40 -1.15 42.06
CA ALA P 55 -16.71 -0.62 41.62
C ALA P 55 -16.83 -0.40 40.10
N MET P 56 -15.69 -0.45 39.41
CA MET P 56 -15.65 -0.34 37.94
C MET P 56 -15.43 -1.67 37.24
N GLY P 57 -15.56 -2.76 37.98
CA GLY P 57 -15.37 -4.12 37.42
C GLY P 57 -13.90 -4.48 37.27
N GLY P 58 -13.06 -3.92 38.14
CA GLY P 58 -11.63 -4.20 38.15
C GLY P 58 -10.87 -3.74 36.91
N GLN P 59 -11.50 -2.85 36.15
CA GLN P 59 -10.92 -2.30 34.93
C GLN P 59 -10.99 -0.77 34.95
N GLY P 60 -10.26 -0.15 34.05
CA GLY P 60 -10.26 1.30 33.92
C GLY P 60 -9.15 1.92 34.74
N ARG P 61 -8.91 3.20 34.46
CA ARG P 61 -7.78 3.92 35.04
C ARG P 61 -8.23 4.73 36.26
N LEU P 62 -7.34 4.84 37.23
CA LEU P 62 -7.55 5.71 38.38
C LEU P 62 -6.53 6.86 38.44
N PHE P 63 -6.95 7.99 39.02
CA PHE P 63 -6.09 9.14 39.25
C PHE P 63 -6.22 9.60 40.69
N ALA P 64 -5.10 9.89 41.34
CA ALA P 64 -5.12 10.53 42.65
C ALA P 64 -3.95 11.47 42.82
N GLN P 65 -4.10 12.40 43.75
CA GLN P 65 -3.22 13.55 43.86
C GLN P 65 -2.24 13.50 45.03
N VAL P 66 -1.02 13.96 44.78
CA VAL P 66 -0.02 14.12 45.87
C VAL P 66 -0.44 15.29 46.77
N MET P 67 0.12 15.30 47.98
CA MET P 67 -0.17 16.37 48.96
C MET P 67 1.07 17.16 49.41
N ALA P 68 2.26 16.61 49.19
CA ALA P 68 3.52 17.23 49.64
C ALA P 68 3.84 18.51 48.89
N THR P 69 4.70 19.31 49.51
CA THR P 69 5.01 20.69 49.11
C THR P 69 6.33 20.76 48.34
N THR P 70 7.21 19.80 48.59
CA THR P 70 8.50 19.74 47.94
C THR P 70 8.48 18.66 46.87
N ALA P 71 9.36 18.81 45.89
CA ALA P 71 9.45 17.85 44.80
C ALA P 71 9.74 16.45 45.33
N GLU P 72 10.71 16.35 46.24
CA GLU P 72 11.07 15.07 46.84
C GLU P 72 9.89 14.44 47.56
N GLY P 73 9.20 15.23 48.36
CA GLY P 73 8.03 14.78 49.10
C GLY P 73 6.89 14.31 48.18
N MET P 74 6.75 14.98 47.03
CA MET P 74 5.75 14.62 46.03
C MET P 74 6.08 13.29 45.38
N VAL P 75 7.35 13.05 45.12
CA VAL P 75 7.79 11.76 44.57
C VAL P 75 7.45 10.64 45.55
N ASN P 76 7.70 10.87 46.84
CA ASN P 76 7.43 9.90 47.89
C ASN P 76 5.93 9.63 48.04
N ASP P 77 5.13 10.68 47.92
CA ASP P 77 3.68 10.55 47.83
C ASP P 77 3.23 9.69 46.66
N ALA P 78 3.88 9.88 45.52
CA ALA P 78 3.57 9.11 44.31
C ALA P 78 3.82 7.62 44.51
N LEU P 79 4.94 7.28 45.15
CA LEU P 79 5.26 5.89 45.46
C LEU P 79 4.22 5.25 46.39
N LYS P 80 3.80 6.01 47.40
CA LYS P 80 2.72 5.58 48.28
C LYS P 80 1.42 5.30 47.51
N LEU P 81 1.07 6.20 46.61
CA LEU P 81 -0.14 6.04 45.79
C LEU P 81 -0.02 4.82 44.91
N ARG P 82 1.16 4.64 44.30
CA ARG P 82 1.40 3.49 43.40
C ARG P 82 1.38 2.14 44.16
N SER P 83 1.70 2.18 45.44
CA SER P 83 1.71 0.95 46.26
C SER P 83 0.28 0.51 46.61
N ILE P 84 -0.65 1.44 46.54
CA ILE P 84 -2.08 1.15 46.74
C ILE P 84 -2.71 0.66 45.44
N ILE P 85 -2.51 1.42 44.37
CA ILE P 85 -2.98 1.04 43.04
C ILE P 85 -1.79 1.08 42.08
N ALA P 86 -1.38 -0.10 41.63
CA ALA P 86 -0.11 -0.29 40.90
C ALA P 86 -0.01 0.53 39.62
N ASP P 87 -1.12 0.66 38.89
CA ASP P 87 -1.16 1.37 37.60
C ASP P 87 -1.81 2.77 37.68
N ILE P 88 -1.83 3.36 38.87
CA ILE P 88 -2.50 4.65 39.07
C ILE P 88 -1.72 5.80 38.42
N VAL P 89 -2.45 6.78 37.90
CA VAL P 89 -1.83 7.97 37.38
C VAL P 89 -1.75 8.99 38.50
N VAL P 90 -0.58 9.59 38.68
CA VAL P 90 -0.34 10.51 39.79
C VAL P 90 -0.54 11.95 39.39
N LYS P 91 -1.46 12.61 40.09
CA LYS P 91 -1.76 14.01 39.84
C LYS P 91 -0.81 14.89 40.62
N VAL P 92 -0.18 15.83 39.91
CA VAL P 92 0.78 16.76 40.53
C VAL P 92 0.40 18.20 40.22
N PRO P 93 0.16 19.03 41.26
CA PRO P 93 -0.15 20.39 40.98
C PRO P 93 0.96 21.08 40.21
N VAL P 94 0.61 21.86 39.21
CA VAL P 94 1.63 22.48 38.35
C VAL P 94 2.14 23.77 39.00
N THR P 95 3.04 23.57 39.95
CA THR P 95 3.82 24.61 40.61
C THR P 95 5.32 24.39 40.30
N ALA P 96 6.18 25.25 40.81
CA ALA P 96 7.61 25.12 40.60
C ALA P 96 8.11 23.75 41.04
N GLU P 97 7.79 23.38 42.27
CA GLU P 97 8.17 22.06 42.81
C GLU P 97 7.47 20.91 42.08
N GLY P 98 6.20 21.11 41.76
CA GLY P 98 5.42 20.13 41.00
C GLY P 98 6.05 19.80 39.66
N LEU P 99 6.49 20.84 38.96
CA LEU P 99 7.24 20.69 37.68
C LEU P 99 8.51 19.85 37.83
N ALA P 100 9.29 20.15 38.87
CA ALA P 100 10.47 19.36 39.22
C ALA P 100 10.10 17.95 39.53
N ALA P 101 9.03 17.77 40.32
CA ALA P 101 8.53 16.42 40.65
C ALA P 101 8.10 15.65 39.42
N ILE P 102 7.38 16.31 38.53
CA ILE P 102 6.97 15.69 37.26
C ILE P 102 8.19 15.19 36.46
N LYS P 103 9.23 16.01 36.38
CA LYS P 103 10.49 15.61 35.69
C LYS P 103 11.11 14.36 36.35
N MET P 104 11.14 14.36 37.68
CA MET P 104 11.66 13.21 38.43
C MET P 104 10.84 11.94 38.21
N LEU P 105 9.53 12.08 38.24
CA LEU P 105 8.62 10.94 38.02
C LEU P 105 8.65 10.41 36.60
N LYS P 106 8.93 11.30 35.65
CA LYS P 106 9.17 10.90 34.27
C LYS P 106 10.38 9.97 34.18
N ALA P 107 11.47 10.39 34.82
CA ALA P 107 12.72 9.61 34.85
C ALA P 107 12.50 8.25 35.51
N GLU P 108 11.62 8.22 36.52
CA GLU P 108 11.27 6.96 37.21
C GLU P 108 10.19 6.10 36.54
N GLY P 109 9.65 6.58 35.43
CA GLY P 109 8.67 5.81 34.63
C GLY P 109 7.25 5.76 35.22
N ILE P 110 6.95 6.70 36.13
CA ILE P 110 5.62 6.79 36.74
C ILE P 110 4.75 7.86 36.05
N PRO P 111 3.59 7.47 35.49
CA PRO P 111 2.85 8.41 34.63
C PRO P 111 2.20 9.45 35.49
N THR P 112 2.22 10.69 35.01
CA THR P 112 1.70 11.82 35.76
C THR P 112 0.64 12.59 35.03
N LEU P 113 -0.11 13.33 35.82
CA LEU P 113 -1.04 14.31 35.33
C LEU P 113 -0.74 15.65 35.98
N GLY P 114 -0.64 16.68 35.16
CA GLY P 114 -0.37 18.03 35.63
C GLY P 114 -1.67 18.75 35.95
N THR P 115 -1.90 19.02 37.25
CA THR P 115 -3.20 19.52 37.70
C THR P 115 -3.15 20.92 38.30
N ALA P 116 -4.31 21.44 38.70
CA ALA P 116 -4.49 22.81 39.19
C ALA P 116 -3.99 23.80 38.16
N VAL P 117 -4.38 23.55 36.91
CA VAL P 117 -3.95 24.39 35.80
C VAL P 117 -4.98 25.50 35.58
N TYR P 118 -4.52 26.74 35.68
CA TYR P 118 -5.33 27.93 35.47
C TYR P 118 -4.91 28.73 34.29
N GLY P 119 -3.85 28.27 33.62
CA GLY P 119 -3.37 28.95 32.40
C GLY P 119 -2.81 27.97 31.41
N ALA P 120 -2.82 28.35 30.15
CA ALA P 120 -2.41 27.49 29.06
C ALA P 120 -0.91 27.18 29.01
N ALA P 121 -0.10 28.22 29.22
CA ALA P 121 1.35 28.05 29.24
C ALA P 121 1.80 27.19 30.38
N GLN P 122 1.21 27.45 31.55
CA GLN P 122 1.45 26.63 32.72
C GLN P 122 1.21 25.14 32.42
N GLY P 123 0.05 24.87 31.87
CA GLY P 123 -0.33 23.51 31.47
C GLY P 123 0.68 22.89 30.49
N LEU P 124 1.09 23.68 29.50
CA LEU P 124 2.10 23.21 28.52
C LEU P 124 3.40 22.84 29.18
N LEU P 125 3.84 23.64 30.14
CA LEU P 125 5.10 23.34 30.84
C LEU P 125 5.09 21.99 31.51
N SER P 126 3.94 21.61 32.10
CA SER P 126 3.80 20.34 32.78
C SER P 126 3.94 19.18 31.78
N ALA P 127 3.38 19.36 30.60
CA ALA P 127 3.48 18.38 29.53
C ALA P 127 4.93 18.25 29.00
N LEU P 128 5.60 19.37 28.80
CA LEU P 128 6.99 19.38 28.36
C LEU P 128 7.90 18.72 29.42
N ALA P 129 7.49 18.82 30.68
CA ALA P 129 8.20 18.21 31.79
C ALA P 129 7.96 16.71 31.90
N GLY P 130 6.95 16.22 31.19
CA GLY P 130 6.72 14.76 31.04
C GLY P 130 5.31 14.28 31.35
N ALA P 131 4.46 15.18 31.81
CA ALA P 131 3.08 14.80 32.15
C ALA P 131 2.36 14.29 30.93
N GLU P 132 1.58 13.24 31.15
CA GLU P 132 0.83 12.59 30.09
C GLU P 132 -0.55 13.24 29.91
N TYR P 133 -1.05 13.80 31.00
CA TYR P 133 -2.35 14.47 31.05
C TYR P 133 -2.14 15.83 31.68
N VAL P 134 -2.94 16.78 31.21
CA VAL P 134 -2.94 18.12 31.76
C VAL P 134 -4.40 18.49 32.07
N ALA P 135 -4.66 18.85 33.32
CA ALA P 135 -6.03 19.15 33.80
C ALA P 135 -6.28 20.61 34.15
N PRO P 136 -6.86 21.40 33.21
CA PRO P 136 -7.24 22.75 33.53
C PRO P 136 -8.55 22.74 34.34
N TYR P 137 -8.67 23.67 35.28
CA TYR P 137 -9.89 23.78 36.11
C TYR P 137 -10.84 24.77 35.48
N VAL P 138 -11.70 24.24 34.60
CA VAL P 138 -12.51 25.07 33.71
C VAL P 138 -13.40 26.05 34.49
N ASN P 139 -14.23 25.53 35.38
CA ASN P 139 -15.15 26.38 36.12
C ASN P 139 -14.45 27.37 37.09
N ARG P 140 -13.32 26.96 37.62
CA ARG P 140 -12.52 27.83 38.48
C ARG P 140 -12.08 29.03 37.70
N ILE P 141 -11.66 28.82 36.46
CA ILE P 141 -11.25 29.90 35.62
C ILE P 141 -12.43 30.80 35.28
N ASP P 142 -13.52 30.19 34.87
CA ASP P 142 -14.80 30.91 34.62
C ASP P 142 -15.30 31.71 35.84
N ALA P 143 -15.30 31.08 37.00
CA ALA P 143 -15.80 31.68 38.24
C ALA P 143 -14.96 32.88 38.66
N GLN P 144 -13.64 32.79 38.42
CA GLN P 144 -12.68 33.88 38.73
C GLN P 144 -12.46 34.92 37.63
N GLY P 145 -13.41 35.04 36.70
CA GLY P 145 -13.48 36.17 35.78
C GLY P 145 -12.72 36.00 34.47
N GLY P 146 -12.22 34.79 34.23
CA GLY P 146 -11.46 34.49 33.00
C GLY P 146 -12.37 33.79 32.01
N SER P 147 -11.77 32.98 31.13
CA SER P 147 -12.53 32.14 30.19
C SER P 147 -11.99 30.74 30.19
N GLY P 148 -12.68 29.86 30.87
CA GLY P 148 -12.27 28.46 30.99
C GLY P 148 -12.15 27.79 29.62
N ILE P 149 -13.09 28.10 28.74
CA ILE P 149 -13.13 27.54 27.41
C ILE P 149 -11.97 28.02 26.54
N GLN P 150 -11.60 29.30 26.65
CA GLN P 150 -10.47 29.80 25.89
C GLN P 150 -9.18 29.18 26.37
N THR P 151 -9.05 29.03 27.68
CA THR P 151 -7.87 28.42 28.29
C THR P 151 -7.70 26.97 27.81
N VAL P 152 -8.80 26.21 27.86
CA VAL P 152 -8.83 24.85 27.37
C VAL P 152 -8.52 24.75 25.86
N THR P 153 -9.12 25.64 25.09
CA THR P 153 -8.89 25.72 23.64
C THR P 153 -7.42 26.00 23.35
N ASP P 154 -6.88 27.01 24.02
CA ASP P 154 -5.47 27.35 23.85
C ASP P 154 -4.56 26.22 24.30
N LEU P 155 -4.90 25.61 25.43
CA LEU P 155 -4.06 24.51 25.98
C LEU P 155 -4.01 23.31 25.02
N HIS P 156 -5.18 22.89 24.54
CA HIS P 156 -5.24 21.77 23.59
C HIS P 156 -4.34 22.03 22.35
N GLN P 157 -4.47 23.22 21.78
CA GLN P 157 -3.66 23.61 20.64
C GLN P 157 -2.15 23.58 20.98
N LEU P 158 -1.78 24.10 22.15
CA LEU P 158 -0.41 24.06 22.57
C LEU P 158 0.13 22.60 22.67
N LEU P 159 -0.65 21.72 23.29
CA LEU P 159 -0.24 20.32 23.43
C LEU P 159 -0.05 19.69 22.05
N LYS P 160 -1.05 19.89 21.20
CA LYS P 160 -1.04 19.32 19.85
C LYS P 160 0.15 19.77 18.99
N MET P 161 0.54 21.02 19.13
CA MET P 161 1.66 21.59 18.37
C MET P 161 3.00 21.27 19.06
N HIS P 162 3.04 21.37 20.39
CA HIS P 162 4.32 21.40 21.12
C HIS P 162 4.65 20.22 22.02
N ALA P 163 3.63 19.49 22.43
CA ALA P 163 3.83 18.28 23.26
C ALA P 163 2.72 17.28 22.96
N PRO P 164 2.71 16.73 21.73
CA PRO P 164 1.64 15.88 21.23
C PRO P 164 1.40 14.54 21.92
N GLN P 165 2.36 14.07 22.71
CA GLN P 165 2.17 12.86 23.51
C GLN P 165 1.20 13.10 24.68
N ALA P 166 1.01 14.37 25.02
CA ALA P 166 0.17 14.76 26.17
C ALA P 166 -1.25 15.07 25.76
N LYS P 167 -2.16 14.83 26.69
CA LYS P 167 -3.61 15.03 26.47
C LYS P 167 -4.19 16.01 27.50
N VAL P 168 -5.14 16.82 27.04
CA VAL P 168 -5.97 17.59 27.94
C VAL P 168 -6.98 16.68 28.64
N LEU P 169 -6.98 16.70 29.98
CA LEU P 169 -8.05 16.09 30.78
C LEU P 169 -8.85 17.23 31.45
N ALA P 170 -9.86 17.70 30.75
CA ALA P 170 -10.65 18.84 31.21
C ALA P 170 -11.45 18.49 32.49
N ALA P 171 -11.41 19.40 33.44
CA ALA P 171 -12.03 19.20 34.74
C ALA P 171 -12.69 20.45 35.29
N SER P 172 -13.43 20.26 36.37
CA SER P 172 -14.10 21.37 37.13
C SER P 172 -15.27 21.94 36.34
N PHE P 173 -16.46 21.36 36.55
CA PHE P 173 -17.64 21.69 35.79
C PHE P 173 -18.84 21.96 36.70
N LYS P 174 -19.60 22.99 36.33
CA LYS P 174 -20.92 23.25 36.96
C LYS P 174 -22.10 23.06 36.00
N THR P 175 -21.83 23.02 34.69
CA THR P 175 -22.91 22.86 33.71
C THR P 175 -22.44 22.08 32.46
N PRO P 176 -23.36 21.30 31.82
CA PRO P 176 -22.95 20.45 30.68
C PRO P 176 -22.43 21.25 29.49
N ARG P 177 -22.92 22.48 29.32
CA ARG P 177 -22.40 23.39 28.30
C ARG P 177 -20.85 23.54 28.33
N GLN P 178 -20.32 23.68 29.53
CA GLN P 178 -18.88 23.74 29.70
C GLN P 178 -18.18 22.47 29.18
N ALA P 179 -18.76 21.32 29.51
CA ALA P 179 -18.19 20.00 29.10
C ALA P 179 -18.27 19.87 27.57
N LEU P 180 -19.42 20.24 27.02
CA LEU P 180 -19.60 20.29 25.56
C LEU P 180 -18.57 21.15 24.85
N ASP P 181 -18.33 22.35 25.37
CA ASP P 181 -17.37 23.26 24.74
C ASP P 181 -15.92 22.72 24.80
N CYS P 182 -15.56 22.10 25.92
CA CYS P 182 -14.27 21.42 26.04
C CYS P 182 -14.10 20.28 24.99
N LEU P 183 -15.17 19.50 24.83
CA LEU P 183 -15.20 18.40 23.83
C LEU P 183 -15.13 18.96 22.42
N LEU P 184 -15.88 20.03 22.16
CA LEU P 184 -15.80 20.75 20.90
C LEU P 184 -14.40 21.31 20.61
N ALA P 185 -13.70 21.72 21.66
CA ALA P 185 -12.35 22.29 21.53
C ALA P 185 -11.26 21.21 21.28
N GLY P 186 -11.66 19.94 21.43
CA GLY P 186 -10.83 18.81 21.02
C GLY P 186 -10.28 18.01 22.19
N CYS P 187 -10.68 18.35 23.42
CA CYS P 187 -10.16 17.65 24.62
C CYS P 187 -10.25 16.15 24.48
N GLU P 188 -9.13 15.46 24.63
CA GLU P 188 -9.09 14.02 24.38
C GLU P 188 -9.53 13.22 25.59
N SER P 189 -9.56 13.88 26.74
CA SER P 189 -10.13 13.32 27.92
C SER P 189 -10.87 14.38 28.73
N ILE P 190 -11.80 13.89 29.55
CA ILE P 190 -12.66 14.75 30.34
C ILE P 190 -13.15 14.01 31.58
N THR P 191 -13.33 14.74 32.67
CA THR P 191 -13.88 14.16 33.91
C THR P 191 -15.03 14.99 34.46
N LEU P 192 -16.15 14.32 34.68
CA LEU P 192 -17.42 14.97 35.03
C LEU P 192 -17.83 14.69 36.46
N PRO P 193 -18.22 15.75 37.19
CA PRO P 193 -18.84 15.45 38.46
C PRO P 193 -20.21 14.75 38.19
N LEU P 194 -20.77 14.14 39.23
CA LEU P 194 -21.95 13.31 39.10
C LEU P 194 -23.16 14.10 38.65
N ASP P 195 -23.35 15.31 39.19
CA ASP P 195 -24.55 16.07 38.88
C ASP P 195 -24.59 16.49 37.38
N VAL P 196 -23.45 16.90 36.86
CA VAL P 196 -23.30 17.26 35.45
C VAL P 196 -23.47 16.03 34.51
N ALA P 197 -22.87 14.92 34.90
CA ALA P 197 -22.96 13.68 34.13
C ALA P 197 -24.43 13.25 34.02
N GLN P 198 -25.14 13.33 35.15
CA GLN P 198 -26.57 12.98 35.17
C GLN P 198 -27.45 13.91 34.35
N GLN P 199 -27.17 15.21 34.39
CA GLN P 199 -27.84 16.16 33.53
C GLN P 199 -27.58 15.91 32.03
N MET P 200 -26.40 15.40 31.73
CA MET P 200 -25.99 15.14 30.34
C MET P 200 -26.77 13.99 29.68
N ILE P 201 -27.43 13.16 30.49
CA ILE P 201 -28.22 12.02 29.99
C ILE P 201 -29.74 12.08 30.28
N SER P 202 -30.20 13.20 30.83
CA SER P 202 -31.62 13.36 31.22
C SER P 202 -32.24 14.66 30.72
N TYR P 203 -33.19 14.54 29.79
CA TYR P 203 -33.75 15.66 29.08
C TYR P 203 -35.23 15.56 28.97
N PRO P 204 -35.93 16.63 29.35
CA PRO P 204 -37.41 16.61 29.28
C PRO P 204 -37.91 16.35 27.85
N ALA P 205 -37.23 16.93 26.87
CA ALA P 205 -37.64 16.81 25.49
C ALA P 205 -37.54 15.34 25.01
N VAL P 206 -36.49 14.66 25.46
CA VAL P 206 -36.24 13.24 25.15
C VAL P 206 -37.27 12.35 25.79
N ASP P 207 -37.58 12.61 27.08
CA ASP P 207 -38.63 11.89 27.79
C ASP P 207 -40.02 12.06 27.12
N ALA P 208 -40.33 13.28 26.69
CA ALA P 208 -41.54 13.54 25.91
C ALA P 208 -41.60 12.82 24.54
N ALA P 209 -40.47 12.71 23.86
CA ALA P 209 -40.40 11.96 22.58
C ALA P 209 -40.65 10.48 22.82
N VAL P 210 -40.08 9.93 23.88
CA VAL P 210 -40.28 8.53 24.27
C VAL P 210 -41.75 8.26 24.65
N ALA P 211 -42.34 9.14 25.46
CA ALA P 211 -43.75 9.03 25.85
C ALA P 211 -44.67 9.05 24.61
N LYS P 212 -44.41 9.97 23.71
CA LYS P 212 -45.10 10.04 22.42
C LYS P 212 -45.04 8.72 21.61
N PHE P 213 -43.85 8.13 21.51
CA PHE P 213 -43.70 6.84 20.83
C PHE P 213 -44.58 5.75 21.44
N GLU P 214 -44.59 5.70 22.77
CA GLU P 214 -45.40 4.74 23.51
C GLU P 214 -46.92 4.94 23.28
N GLN P 215 -47.36 6.20 23.33
CA GLN P 215 -48.74 6.57 23.03
C GLN P 215 -49.19 6.19 21.60
N ASP P 216 -48.33 6.48 20.62
CA ASP P 216 -48.62 6.12 19.22
C ASP P 216 -48.69 4.59 19.02
N TRP P 217 -47.76 3.88 19.63
CA TRP P 217 -47.73 2.41 19.63
C TRP P 217 -49.00 1.82 20.23
N GLN P 218 -49.30 2.24 21.46
CA GLN P 218 -50.52 1.87 22.19
C GLN P 218 -51.76 2.07 21.31
N GLY P 219 -51.84 3.25 20.71
CA GLY P 219 -52.98 3.63 19.87
C GLY P 219 -53.22 2.68 18.72
N ALA P 220 -52.15 2.19 18.11
CA ALA P 220 -52.24 1.29 16.96
C ALA P 220 -52.32 -0.17 17.34
N PHE P 221 -51.62 -0.56 18.40
CA PHE P 221 -51.39 -2.00 18.71
C PHE P 221 -51.99 -2.47 20.04
N GLY P 222 -52.57 -1.55 20.80
CA GLY P 222 -53.24 -1.89 22.06
C GLY P 222 -52.32 -2.28 23.22
N ARG P 223 -51.03 -2.00 23.06
CA ARG P 223 -50.04 -2.17 24.13
C ARG P 223 -48.86 -1.21 23.93
N THR P 224 -48.00 -1.08 24.96
CA THR P 224 -46.78 -0.24 24.87
C THR P 224 -45.48 -1.06 24.73
N SER P 225 -45.63 -2.38 24.65
CA SER P 225 -44.50 -3.28 24.47
C SER P 225 -44.36 -3.74 23.02
N ILE P 226 -43.17 -4.23 22.69
CA ILE P 226 -42.84 -4.57 21.31
C ILE P 226 -43.55 -5.84 20.83
N HIS Q 7 -21.40 7.76 1.50
CA HIS Q 7 -22.64 8.38 2.06
C HIS Q 7 -23.83 7.45 1.94
N GLU Q 8 -24.72 7.51 2.93
CA GLU Q 8 -25.90 6.63 3.00
C GLU Q 8 -27.23 7.38 3.06
N LEU Q 9 -28.02 7.24 1.99
CA LEU Q 9 -29.34 7.87 1.87
C LEU Q 9 -30.45 6.89 2.22
N TYR Q 10 -31.21 7.25 3.25
CA TYR Q 10 -32.36 6.45 3.69
C TYR Q 10 -33.70 7.19 3.53
N LEU Q 11 -34.76 6.38 3.44
CA LEU Q 11 -36.13 6.90 3.49
C LEU Q 11 -36.72 6.57 4.81
N ASP Q 12 -37.48 7.52 5.34
CA ASP Q 12 -38.03 7.45 6.70
C ASP Q 12 -39.52 7.17 6.56
N THR Q 13 -39.87 5.89 6.54
CA THR Q 13 -41.23 5.50 6.12
C THR Q 13 -41.56 4.05 6.42
N SER Q 14 -42.86 3.75 6.56
CA SER Q 14 -43.37 2.37 6.60
C SER Q 14 -44.30 2.10 5.38
N ASP Q 15 -44.24 2.99 4.40
CA ASP Q 15 -45.10 2.92 3.19
C ASP Q 15 -44.47 2.07 2.10
N VAL Q 16 -44.81 0.80 2.10
CA VAL Q 16 -44.16 -0.23 1.26
C VAL Q 16 -44.27 0.04 -0.24
N VAL Q 17 -45.45 0.48 -0.67
CA VAL Q 17 -45.69 0.80 -2.10
C VAL Q 17 -44.83 1.99 -2.55
N ALA Q 18 -44.83 3.05 -1.74
CA ALA Q 18 -43.97 4.22 -2.01
C ALA Q 18 -42.50 3.81 -2.06
N VAL Q 19 -42.07 2.99 -1.12
CA VAL Q 19 -40.67 2.55 -1.09
C VAL Q 19 -40.30 1.83 -2.40
N LYS Q 20 -41.17 0.95 -2.86
CA LYS Q 20 -40.95 0.21 -4.11
C LYS Q 20 -40.81 1.17 -5.29
N ALA Q 21 -41.74 2.12 -5.37
CA ALA Q 21 -41.74 3.10 -6.46
C ALA Q 21 -40.52 4.03 -6.40
N LEU Q 22 -40.20 4.49 -5.20
CA LEU Q 22 -39.11 5.47 -5.03
C LEU Q 22 -37.71 4.87 -5.11
N SER Q 23 -37.61 3.55 -4.91
CA SER Q 23 -36.32 2.86 -4.88
C SER Q 23 -35.67 2.72 -6.26
N ARG Q 24 -36.45 2.84 -7.32
CA ARG Q 24 -35.90 2.89 -8.69
C ARG Q 24 -35.44 4.29 -9.07
N ILE Q 25 -35.91 5.29 -8.32
CA ILE Q 25 -35.56 6.69 -8.56
C ILE Q 25 -34.35 7.14 -7.73
N PHE Q 26 -34.47 7.04 -6.41
CA PHE Q 26 -33.42 7.47 -5.50
C PHE Q 26 -32.36 6.40 -5.32
N PRO Q 27 -31.10 6.81 -5.14
CA PRO Q 27 -30.04 5.88 -4.78
C PRO Q 27 -30.04 5.56 -3.28
N LEU Q 28 -30.91 4.65 -2.88
CA LEU Q 28 -31.16 4.36 -1.48
C LEU Q 28 -30.22 3.34 -0.90
N ALA Q 29 -29.79 3.60 0.33
CA ALA Q 29 -29.02 2.63 1.11
C ALA Q 29 -29.94 1.77 1.96
N GLY Q 30 -31.18 2.21 2.10
CA GLY Q 30 -32.13 1.51 2.96
C GLY Q 30 -33.34 2.32 3.36
N VAL Q 31 -34.01 1.84 4.41
CA VAL Q 31 -35.18 2.47 4.98
C VAL Q 31 -35.05 2.50 6.50
N THR Q 32 -35.44 3.61 7.09
CA THR Q 32 -35.52 3.71 8.57
C THR Q 32 -36.96 3.74 8.99
N THR Q 33 -37.21 3.15 10.15
CA THR Q 33 -38.49 3.27 10.82
C THR Q 33 -38.33 3.67 12.30
N ASN Q 34 -39.42 4.16 12.88
CA ASN Q 34 -39.50 4.39 14.32
C ASN Q 34 -40.93 4.04 14.75
N PRO Q 35 -41.22 4.01 16.07
CA PRO Q 35 -42.56 3.50 16.50
C PRO Q 35 -43.76 4.29 16.02
N SER Q 36 -43.62 5.60 15.85
CA SER Q 36 -44.68 6.41 15.27
C SER Q 36 -44.91 6.13 13.78
N ILE Q 37 -43.83 5.91 13.03
CA ILE Q 37 -43.92 5.63 11.61
C ILE Q 37 -44.53 4.22 11.36
N ILE Q 38 -44.17 3.26 12.21
CA ILE Q 38 -44.74 1.93 12.14
C ILE Q 38 -46.22 1.96 12.49
N ALA Q 39 -46.54 2.58 13.62
CA ALA Q 39 -47.92 2.76 14.09
C ALA Q 39 -48.83 3.38 13.03
N ALA Q 40 -48.37 4.48 12.44
CA ALA Q 40 -49.11 5.19 11.39
C ALA Q 40 -49.45 4.30 10.16
N GLY Q 41 -48.58 3.32 9.88
CA GLY Q 41 -48.77 2.36 8.77
C GLY Q 41 -49.67 1.20 9.13
N LYS Q 42 -49.84 0.98 10.44
CA LYS Q 42 -50.80 0.05 11.01
C LYS Q 42 -50.47 -1.44 10.86
N LYS Q 43 -49.38 -1.75 10.15
CA LYS Q 43 -48.93 -3.12 10.00
C LYS Q 43 -47.89 -3.45 11.10
N PRO Q 44 -48.01 -4.65 11.70
CA PRO Q 44 -47.03 -5.05 12.71
C PRO Q 44 -45.62 -5.27 12.13
N LEU Q 45 -44.62 -5.24 13.01
CA LEU Q 45 -43.21 -5.34 12.62
C LEU Q 45 -42.90 -6.59 11.81
N ASP Q 46 -43.44 -7.74 12.22
CA ASP Q 46 -43.19 -9.00 11.53
C ASP Q 46 -43.82 -9.06 10.12
N VAL Q 47 -44.74 -8.13 9.84
CA VAL Q 47 -45.27 -7.92 8.50
C VAL Q 47 -44.51 -6.86 7.70
N VAL Q 48 -44.47 -5.61 8.18
CA VAL Q 48 -43.87 -4.50 7.41
C VAL Q 48 -42.39 -4.73 7.10
N LEU Q 49 -41.65 -5.22 8.07
CA LEU Q 49 -40.19 -5.24 7.92
C LEU Q 49 -39.75 -6.10 6.72
N PRO Q 50 -40.18 -7.39 6.67
CA PRO Q 50 -39.91 -8.18 5.47
C PRO Q 50 -40.43 -7.57 4.17
N GLN Q 51 -41.61 -6.96 4.24
CA GLN Q 51 -42.19 -6.27 3.08
C GLN Q 51 -41.29 -5.13 2.62
N LEU Q 52 -40.81 -4.33 3.58
CA LEU Q 52 -39.94 -3.20 3.26
C LEU Q 52 -38.64 -3.70 2.66
N HIS Q 53 -38.10 -4.76 3.23
CA HIS Q 53 -36.89 -5.39 2.73
C HIS Q 53 -37.07 -5.83 1.27
N GLU Q 54 -38.19 -6.49 0.99
CA GLU Q 54 -38.52 -6.94 -0.38
C GLU Q 54 -38.69 -5.75 -1.34
N ALA Q 55 -39.40 -4.74 -0.87
CA ALA Q 55 -39.72 -3.55 -1.70
C ALA Q 55 -38.49 -2.80 -2.18
N MET Q 56 -37.33 -3.11 -1.61
CA MET Q 56 -36.04 -2.53 -2.01
C MET Q 56 -35.19 -3.46 -2.87
N GLY Q 57 -35.78 -4.55 -3.36
CA GLY Q 57 -35.06 -5.53 -4.15
C GLY Q 57 -34.20 -6.47 -3.32
N GLY Q 58 -34.62 -6.71 -2.08
CA GLY Q 58 -33.91 -7.62 -1.17
C GLY Q 58 -32.52 -7.15 -0.77
N GLN Q 59 -32.24 -5.87 -0.99
CA GLN Q 59 -30.96 -5.28 -0.65
C GLN Q 59 -31.16 -4.01 0.15
N GLY Q 60 -30.09 -3.52 0.75
CA GLY Q 60 -30.14 -2.34 1.57
C GLY Q 60 -30.40 -2.64 3.03
N ARG Q 61 -30.14 -1.64 3.86
CA ARG Q 61 -30.19 -1.79 5.31
C ARG Q 61 -31.54 -1.35 5.86
N LEU Q 62 -31.95 -2.00 6.93
CA LEU Q 62 -33.15 -1.61 7.67
C LEU Q 62 -32.82 -1.18 9.09
N PHE Q 63 -33.66 -0.30 9.61
CA PHE Q 63 -33.57 0.15 11.00
C PHE Q 63 -34.93 0.08 11.67
N ALA Q 64 -34.96 -0.42 12.89
CA ALA Q 64 -36.18 -0.35 13.69
C ALA Q 64 -35.86 -0.20 15.16
N GLN Q 65 -36.84 0.29 15.91
CA GLN Q 65 -36.63 0.74 17.29
C GLN Q 65 -37.19 -0.16 18.38
N VAL Q 66 -36.43 -0.27 19.48
CA VAL Q 66 -36.93 -0.97 20.67
C VAL Q 66 -38.03 -0.15 21.36
N MET Q 67 -38.80 -0.80 22.23
CA MET Q 67 -39.89 -0.18 22.95
C MET Q 67 -39.76 -0.27 24.47
N ALA Q 68 -38.97 -1.22 24.95
CA ALA Q 68 -38.84 -1.45 26.38
C ALA Q 68 -38.18 -0.28 27.11
N THR Q 69 -38.35 -0.29 28.42
CA THR Q 69 -37.97 0.82 29.32
C THR Q 69 -36.67 0.54 30.07
N THR Q 70 -36.39 -0.74 30.24
CA THR Q 70 -35.18 -1.18 30.95
C THR Q 70 -34.16 -1.65 29.94
N ALA Q 71 -32.89 -1.60 30.34
CA ALA Q 71 -31.81 -2.05 29.48
C ALA Q 71 -32.00 -3.52 29.07
N GLU Q 72 -32.31 -4.39 30.03
CA GLU Q 72 -32.55 -5.81 29.77
C GLU Q 72 -33.69 -6.01 28.76
N GLY Q 73 -34.79 -5.30 28.99
CA GLY Q 73 -35.96 -5.35 28.11
C GLY Q 73 -35.66 -4.88 26.69
N MET Q 74 -34.79 -3.88 26.58
CA MET Q 74 -34.36 -3.37 25.29
C MET Q 74 -33.49 -4.37 24.51
N VAL Q 75 -32.63 -5.06 25.24
CA VAL Q 75 -31.80 -6.13 24.66
C VAL Q 75 -32.69 -7.26 24.10
N ASN Q 76 -33.72 -7.62 24.86
CA ASN Q 76 -34.70 -8.61 24.44
C ASN Q 76 -35.48 -8.16 23.21
N ASP Q 77 -35.86 -6.88 23.18
CA ASP Q 77 -36.51 -6.29 22.00
C ASP Q 77 -35.63 -6.37 20.77
N ALA Q 78 -34.34 -6.12 20.97
CA ALA Q 78 -33.36 -6.17 19.90
C ALA Q 78 -33.28 -7.58 19.29
N LEU Q 79 -33.24 -8.59 20.13
CA LEU Q 79 -33.23 -10.00 19.68
C LEU Q 79 -34.48 -10.33 18.86
N LYS Q 80 -35.64 -9.88 19.34
CA LYS Q 80 -36.91 -10.01 18.59
C LYS Q 80 -36.85 -9.35 17.21
N LEU Q 81 -36.30 -8.14 17.17
CA LEU Q 81 -36.11 -7.43 15.90
C LEU Q 81 -35.16 -8.18 14.95
N ARG Q 82 -34.07 -8.68 15.50
CA ARG Q 82 -33.05 -9.39 14.72
C ARG Q 82 -33.58 -10.76 14.20
N SER Q 83 -34.53 -11.34 14.90
CA SER Q 83 -35.17 -12.61 14.46
C SER Q 83 -36.11 -12.40 13.27
N ILE Q 84 -36.57 -11.16 13.09
CA ILE Q 84 -37.39 -10.79 11.93
C ILE Q 84 -36.53 -10.45 10.74
N ILE Q 85 -35.58 -9.55 10.96
CA ILE Q 85 -34.60 -9.16 9.93
C ILE Q 85 -33.20 -9.36 10.51
N ALA Q 86 -32.50 -10.35 9.97
CA ALA Q 86 -31.23 -10.85 10.56
C ALA Q 86 -30.14 -9.78 10.70
N ASP Q 87 -30.05 -8.91 9.70
CA ASP Q 87 -29.01 -7.87 9.63
C ASP Q 87 -29.52 -6.45 10.00
N ILE Q 88 -30.64 -6.38 10.71
CA ILE Q 88 -31.28 -5.09 11.04
C ILE Q 88 -30.46 -4.29 12.08
N VAL Q 89 -30.45 -2.97 11.90
CA VAL Q 89 -29.79 -2.09 12.88
C VAL Q 89 -30.83 -1.71 13.91
N VAL Q 90 -30.50 -1.90 15.18
CA VAL Q 90 -31.44 -1.65 16.26
C VAL Q 90 -31.33 -0.23 16.83
N LYS Q 91 -32.43 0.52 16.73
CA LYS Q 91 -32.51 1.88 17.24
C LYS Q 91 -32.84 1.89 18.74
N VAL Q 92 -31.96 2.53 19.52
CA VAL Q 92 -32.12 2.60 20.99
C VAL Q 92 -32.19 4.07 21.46
N PRO Q 93 -33.32 4.50 22.06
CA PRO Q 93 -33.35 5.88 22.55
C PRO Q 93 -32.22 6.17 23.53
N VAL Q 94 -31.60 7.34 23.39
CA VAL Q 94 -30.40 7.63 24.20
C VAL Q 94 -30.81 8.23 25.55
N THR Q 95 -31.19 7.29 26.42
CA THR Q 95 -31.48 7.54 27.81
C THR Q 95 -30.48 6.79 28.65
N ALA Q 96 -30.61 6.90 29.96
CA ALA Q 96 -29.73 6.17 30.87
C ALA Q 96 -29.76 4.66 30.55
N GLU Q 97 -30.93 4.09 30.53
CA GLU Q 97 -31.10 2.63 30.28
C GLU Q 97 -30.72 2.28 28.86
N GLY Q 98 -31.08 3.15 27.93
CA GLY Q 98 -30.68 3.02 26.53
C GLY Q 98 -29.17 2.90 26.37
N LEU Q 99 -28.44 3.77 27.06
CA LEU Q 99 -26.94 3.74 27.06
C LEU Q 99 -26.40 2.40 27.55
N ALA Q 100 -26.94 1.95 28.68
CA ALA Q 100 -26.60 0.62 29.24
C ALA Q 100 -26.92 -0.51 28.23
N ALA Q 101 -28.05 -0.40 27.60
CA ALA Q 101 -28.48 -1.37 26.54
C ALA Q 101 -27.54 -1.35 25.35
N ILE Q 102 -27.16 -0.14 24.92
CA ILE Q 102 -26.21 -0.01 23.81
C ILE Q 102 -24.89 -0.72 24.14
N LYS Q 103 -24.40 -0.55 25.38
CA LYS Q 103 -23.16 -1.20 25.81
C LYS Q 103 -23.34 -2.73 25.75
N MET Q 104 -24.49 -3.21 26.21
CA MET Q 104 -24.77 -4.66 26.22
C MET Q 104 -24.86 -5.26 24.80
N LEU Q 105 -25.53 -4.53 23.93
CA LEU Q 105 -25.65 -4.91 22.54
C LEU Q 105 -24.32 -4.85 21.76
N LYS Q 106 -23.44 -3.91 22.13
CA LYS Q 106 -22.08 -3.86 21.61
C LYS Q 106 -21.33 -5.15 21.96
N ALA Q 107 -21.43 -5.56 23.21
CA ALA Q 107 -20.79 -6.79 23.68
C ALA Q 107 -21.32 -8.03 22.93
N GLU Q 108 -22.61 -8.01 22.61
CA GLU Q 108 -23.26 -9.12 21.90
C GLU Q 108 -23.10 -9.06 20.38
N GLY Q 109 -22.45 -8.01 19.86
CA GLY Q 109 -22.16 -7.89 18.44
C GLY Q 109 -23.34 -7.49 17.58
N ILE Q 110 -24.39 -6.93 18.21
CA ILE Q 110 -25.55 -6.42 17.49
C ILE Q 110 -25.42 -4.91 17.23
N PRO Q 111 -25.35 -4.50 15.94
CA PRO Q 111 -25.15 -3.05 15.65
C PRO Q 111 -26.36 -2.21 16.10
N THR Q 112 -26.05 -1.04 16.64
CA THR Q 112 -27.06 -0.12 17.15
C THR Q 112 -26.99 1.28 16.57
N LEU Q 113 -28.13 1.95 16.66
CA LEU Q 113 -28.24 3.36 16.37
C LEU Q 113 -28.78 4.04 17.65
N GLY Q 114 -28.09 5.09 18.07
CA GLY Q 114 -28.54 5.93 19.20
C GLY Q 114 -29.51 7.02 18.73
N THR Q 115 -30.78 6.88 19.15
CA THR Q 115 -31.84 7.75 18.62
C THR Q 115 -32.48 8.66 19.70
N ALA Q 116 -33.44 9.47 19.27
CA ALA Q 116 -34.08 10.50 20.11
C ALA Q 116 -33.02 11.42 20.70
N VAL Q 117 -32.11 11.85 19.85
CA VAL Q 117 -31.02 12.70 20.26
C VAL Q 117 -31.45 14.15 20.06
N TYR Q 118 -31.42 14.90 21.16
CA TYR Q 118 -31.75 16.32 21.16
C TYR Q 118 -30.54 17.20 21.48
N GLY Q 119 -29.41 16.59 21.80
CA GLY Q 119 -28.20 17.31 22.19
C GLY Q 119 -26.94 16.57 21.71
N ALA Q 120 -25.88 17.31 21.47
CA ALA Q 120 -24.65 16.81 20.91
C ALA Q 120 -23.89 15.90 21.82
N ALA Q 121 -23.79 16.28 23.10
CA ALA Q 121 -23.11 15.47 24.08
C ALA Q 121 -23.82 14.17 24.31
N GLN Q 122 -25.14 14.24 24.43
CA GLN Q 122 -25.98 13.06 24.52
C GLN Q 122 -25.65 12.06 23.38
N GLY Q 123 -25.69 12.57 22.17
CA GLY Q 123 -25.39 11.79 20.96
C GLY Q 123 -24.03 11.15 21.05
N LEU Q 124 -23.03 11.94 21.43
CA LEU Q 124 -21.68 11.44 21.58
C LEU Q 124 -21.57 10.30 22.55
N LEU Q 125 -22.24 10.43 23.70
CA LEU Q 125 -22.22 9.35 24.67
C LEU Q 125 -22.69 8.00 24.07
N SER Q 126 -23.71 8.05 23.22
CA SER Q 126 -24.31 6.84 22.61
C SER Q 126 -23.28 6.17 21.68
N ALA Q 127 -22.50 7.00 21.01
CA ALA Q 127 -21.43 6.54 20.15
C ALA Q 127 -20.26 5.93 20.95
N LEU Q 128 -19.88 6.60 22.04
CA LEU Q 128 -18.86 6.06 22.90
C LEU Q 128 -19.27 4.72 23.50
N ALA Q 129 -20.57 4.56 23.70
CA ALA Q 129 -21.11 3.35 24.29
C ALA Q 129 -21.14 2.19 23.28
N GLY Q 130 -20.96 2.51 22.02
CA GLY Q 130 -20.84 1.49 20.96
C GLY Q 130 -21.78 1.61 19.79
N ALA Q 131 -22.66 2.61 19.83
CA ALA Q 131 -23.55 2.87 18.70
C ALA Q 131 -22.78 3.23 17.43
N GLU Q 132 -23.27 2.71 16.30
CA GLU Q 132 -22.61 2.87 14.99
C GLU Q 132 -23.18 4.06 14.23
N TYR Q 133 -24.41 4.38 14.58
CA TYR Q 133 -25.11 5.54 14.08
C TYR Q 133 -25.71 6.34 15.25
N VAL Q 134 -25.82 7.65 15.04
CA VAL Q 134 -26.43 8.56 15.99
C VAL Q 134 -27.40 9.45 15.25
N ALA Q 135 -28.66 9.44 15.69
CA ALA Q 135 -29.74 10.14 15.00
C ALA Q 135 -30.33 11.30 15.78
N PRO Q 136 -29.82 12.52 15.54
CA PRO Q 136 -30.45 13.71 16.09
C PRO Q 136 -31.78 14.03 15.40
N TYR Q 137 -32.73 14.53 16.17
CA TYR Q 137 -34.05 14.93 15.59
C TYR Q 137 -34.02 16.40 15.26
N VAL Q 138 -33.61 16.69 14.02
CA VAL Q 138 -33.33 18.03 13.56
C VAL Q 138 -34.51 19.00 13.70
N ASN Q 139 -35.66 18.64 13.12
CA ASN Q 139 -36.85 19.51 13.20
C ASN Q 139 -37.44 19.62 14.61
N ARG Q 140 -37.32 18.56 15.38
CA ARG Q 140 -37.78 18.59 16.77
C ARG Q 140 -37.01 19.67 17.54
N ILE Q 141 -35.70 19.71 17.33
CA ILE Q 141 -34.83 20.69 18.01
C ILE Q 141 -35.17 22.08 17.50
N ASP Q 142 -35.30 22.23 16.18
CA ASP Q 142 -35.77 23.50 15.57
C ASP Q 142 -37.16 23.97 16.09
N ALA Q 143 -38.12 23.06 16.10
CA ALA Q 143 -39.49 23.36 16.47
C ALA Q 143 -39.59 23.79 17.95
N GLN Q 144 -38.75 23.17 18.80
CA GLN Q 144 -38.72 23.48 20.22
C GLN Q 144 -37.73 24.63 20.64
N GLY Q 145 -37.33 25.45 19.69
CA GLY Q 145 -36.67 26.75 20.00
C GLY Q 145 -35.17 26.70 20.05
N GLY Q 146 -34.60 25.55 19.67
CA GLY Q 146 -33.16 25.41 19.60
C GLY Q 146 -32.64 25.61 18.17
N SER Q 147 -31.51 24.98 17.86
CA SER Q 147 -30.93 24.97 16.49
C SER Q 147 -30.55 23.57 16.09
N GLY Q 148 -31.41 22.94 15.31
CA GLY Q 148 -31.17 21.60 14.85
C GLY Q 148 -29.85 21.48 14.07
N ILE Q 149 -29.59 22.45 13.21
CA ILE Q 149 -28.37 22.48 12.39
C ILE Q 149 -27.09 22.66 13.24
N GLN Q 150 -27.12 23.51 14.27
CA GLN Q 150 -25.96 23.63 15.18
C GLN Q 150 -25.71 22.32 15.97
N THR Q 151 -26.76 21.72 16.46
CA THR Q 151 -26.68 20.44 17.14
C THR Q 151 -26.03 19.35 16.24
N VAL Q 152 -26.49 19.26 15.01
CA VAL Q 152 -25.98 18.31 14.05
C VAL Q 152 -24.55 18.60 13.71
N THR Q 153 -24.25 19.87 13.50
CA THR Q 153 -22.88 20.33 13.24
C THR Q 153 -22.00 19.92 14.38
N ASP Q 154 -22.42 20.22 15.61
CA ASP Q 154 -21.58 19.94 16.79
C ASP Q 154 -21.42 18.43 16.94
N LEU Q 155 -22.50 17.71 16.74
CA LEU Q 155 -22.50 16.25 16.91
C LEU Q 155 -21.53 15.56 15.91
N HIS Q 156 -21.61 15.96 14.64
CA HIS Q 156 -20.70 15.44 13.63
C HIS Q 156 -19.23 15.63 14.01
N GLN Q 157 -18.89 16.85 14.41
CA GLN Q 157 -17.56 17.16 14.86
C GLN Q 157 -17.15 16.33 16.04
N LEU Q 158 -18.06 16.15 17.00
CA LEU Q 158 -17.74 15.35 18.15
C LEU Q 158 -17.44 13.86 17.76
N LEU Q 159 -18.26 13.32 16.88
CA LEU Q 159 -18.08 11.91 16.46
C LEU Q 159 -16.72 11.81 15.75
N LYS Q 160 -16.44 12.75 14.87
CA LYS Q 160 -15.21 12.73 14.08
C LYS Q 160 -13.94 12.79 14.93
N MET Q 161 -14.02 13.57 16.01
CA MET Q 161 -12.86 13.76 16.87
C MET Q 161 -12.78 12.64 17.88
N HIS Q 162 -13.91 12.27 18.45
CA HIS Q 162 -13.92 11.47 19.67
C HIS Q 162 -14.45 10.05 19.56
N ALA Q 163 -15.26 9.79 18.53
CA ALA Q 163 -15.77 8.39 18.28
C ALA Q 163 -15.95 8.20 16.77
N PRO Q 164 -14.84 8.24 16.03
CA PRO Q 164 -14.87 8.21 14.59
C PRO Q 164 -15.54 7.00 13.87
N GLN Q 165 -15.71 5.89 14.59
CA GLN Q 165 -16.35 4.68 14.08
C GLN Q 165 -17.81 4.92 13.87
N ALA Q 166 -18.32 5.96 14.53
CA ALA Q 166 -19.71 6.28 14.46
C ALA Q 166 -20.04 7.35 13.41
N LYS Q 167 -21.26 7.26 12.89
CA LYS Q 167 -21.77 8.19 11.93
C LYS Q 167 -23.04 8.90 12.40
N VAL Q 168 -23.20 10.15 11.98
CA VAL Q 168 -24.45 10.86 12.14
C VAL Q 168 -25.43 10.32 11.11
N LEU Q 169 -26.60 9.88 11.57
CA LEU Q 169 -27.77 9.65 10.70
C LEU Q 169 -28.85 10.71 10.98
N ALA Q 170 -28.78 11.82 10.27
CA ALA Q 170 -29.65 12.95 10.54
C ALA Q 170 -31.10 12.60 10.20
N ALA Q 171 -32.01 12.98 11.08
CA ALA Q 171 -33.45 12.66 10.93
C ALA Q 171 -34.34 13.82 11.32
N SER Q 172 -35.65 13.65 11.02
CA SER Q 172 -36.72 14.57 11.40
C SER Q 172 -36.63 15.87 10.62
N PHE Q 173 -37.37 15.90 9.51
CA PHE Q 173 -37.28 17.00 8.56
C PHE Q 173 -38.65 17.48 8.10
N LYS Q 174 -38.78 18.80 7.96
CA LYS Q 174 -39.99 19.40 7.38
C LYS Q 174 -39.71 20.13 6.08
N THR Q 175 -38.44 20.41 5.81
CA THR Q 175 -38.07 21.14 4.60
C THR Q 175 -36.71 20.68 4.08
N PRO Q 176 -36.51 20.69 2.76
CA PRO Q 176 -35.22 20.27 2.18
C PRO Q 176 -34.01 21.08 2.66
N ARG Q 177 -34.22 22.36 2.94
CA ARG Q 177 -33.12 23.21 3.47
C ARG Q 177 -32.45 22.62 4.71
N GLN Q 178 -33.26 22.07 5.59
CA GLN Q 178 -32.71 21.34 6.75
C GLN Q 178 -31.82 20.16 6.36
N ALA Q 179 -32.25 19.40 5.36
CA ALA Q 179 -31.50 18.22 4.88
C ALA Q 179 -30.20 18.67 4.24
N LEU Q 180 -30.29 19.69 3.40
CA LEU Q 180 -29.11 20.32 2.80
C LEU Q 180 -28.07 20.79 3.82
N ASP Q 181 -28.53 21.46 4.87
CA ASP Q 181 -27.61 21.96 5.90
C ASP Q 181 -26.94 20.85 6.67
N CYS Q 182 -27.67 19.78 6.94
CA CYS Q 182 -27.09 18.59 7.57
C CYS Q 182 -26.00 17.93 6.69
N LEU Q 183 -26.30 17.82 5.39
CA LEU Q 183 -25.35 17.30 4.42
C LEU Q 183 -24.12 18.22 4.35
N LEU Q 184 -24.36 19.52 4.34
CA LEU Q 184 -23.25 20.49 4.32
C LEU Q 184 -22.39 20.44 5.58
N ALA Q 185 -23.01 20.08 6.68
CA ALA Q 185 -22.33 19.95 7.96
C ALA Q 185 -21.52 18.65 8.05
N GLY Q 186 -21.70 17.76 7.06
CA GLY Q 186 -20.85 16.57 6.92
C GLY Q 186 -21.53 15.26 7.23
N CYS Q 187 -22.83 15.29 7.57
CA CYS Q 187 -23.54 14.05 7.95
C CYS Q 187 -23.28 12.93 6.92
N GLU Q 188 -22.82 11.79 7.40
CA GLU Q 188 -22.44 10.67 6.54
C GLU Q 188 -23.64 9.82 6.19
N SER Q 189 -24.73 10.01 6.93
CA SER Q 189 -26.02 9.43 6.57
C SER Q 189 -27.16 10.36 6.90
N ILE Q 190 -28.28 10.13 6.24
CA ILE Q 190 -29.48 10.92 6.39
C ILE Q 190 -30.72 10.09 6.03
N THR Q 191 -31.83 10.42 6.68
CA THR Q 191 -33.12 9.77 6.36
C THR Q 191 -34.23 10.79 6.17
N LEU Q 192 -34.88 10.70 5.01
CA LEU Q 192 -35.86 11.70 4.58
C LEU Q 192 -37.28 11.15 4.63
N PRO Q 193 -38.21 11.97 5.14
CA PRO Q 193 -39.60 11.58 4.94
C PRO Q 193 -39.95 11.76 3.47
N LEU Q 194 -41.06 11.16 3.06
CA LEU Q 194 -41.44 11.08 1.64
C LEU Q 194 -41.73 12.42 1.01
N ASP Q 195 -42.44 13.28 1.74
CA ASP Q 195 -42.74 14.62 1.20
C ASP Q 195 -41.47 15.46 0.92
N VAL Q 196 -40.51 15.42 1.82
CA VAL Q 196 -39.24 16.18 1.68
C VAL Q 196 -38.35 15.59 0.55
N ALA Q 197 -38.25 14.27 0.52
CA ALA Q 197 -37.56 13.57 -0.57
C ALA Q 197 -38.12 13.93 -1.95
N GLN Q 198 -39.44 13.95 -2.07
CA GLN Q 198 -40.12 14.34 -3.32
C GLN Q 198 -39.90 15.80 -3.71
N GLN Q 199 -39.92 16.69 -2.73
CA GLN Q 199 -39.60 18.11 -2.98
C GLN Q 199 -38.16 18.30 -3.45
N MET Q 200 -37.29 17.43 -2.97
CA MET Q 200 -35.84 17.51 -3.27
C MET Q 200 -35.52 17.16 -4.73
N ILE Q 201 -36.48 16.54 -5.43
CA ILE Q 201 -36.30 16.17 -6.86
C ILE Q 201 -37.28 16.84 -7.82
N SER Q 202 -38.10 17.76 -7.32
CA SER Q 202 -39.10 18.44 -8.14
C SER Q 202 -39.01 19.96 -7.99
N TYR Q 203 -38.62 20.63 -9.07
CA TYR Q 203 -38.41 22.09 -9.06
C TYR Q 203 -39.07 22.75 -10.26
N PRO Q 204 -39.93 23.76 -10.02
CA PRO Q 204 -40.50 24.54 -11.13
C PRO Q 204 -39.46 25.10 -12.10
N ALA Q 205 -38.34 25.57 -11.57
CA ALA Q 205 -37.29 26.17 -12.39
C ALA Q 205 -36.67 25.14 -13.34
N VAL Q 206 -36.47 23.93 -12.83
CA VAL Q 206 -35.93 22.82 -13.60
C VAL Q 206 -36.92 22.38 -14.69
N ASP Q 207 -38.20 22.29 -14.34
CA ASP Q 207 -39.26 21.94 -15.31
C ASP Q 207 -39.34 22.98 -16.44
N ALA Q 208 -39.22 24.25 -16.07
CA ALA Q 208 -39.16 25.34 -17.07
C ALA Q 208 -37.94 25.26 -18.01
N ALA Q 209 -36.80 24.85 -17.46
CA ALA Q 209 -35.57 24.71 -18.26
C ALA Q 209 -35.72 23.55 -19.27
N VAL Q 210 -36.32 22.46 -18.81
CA VAL Q 210 -36.63 21.31 -19.66
C VAL Q 210 -37.61 21.69 -20.77
N ALA Q 211 -38.69 22.38 -20.41
CA ALA Q 211 -39.69 22.84 -21.38
C ALA Q 211 -39.04 23.73 -22.46
N LYS Q 212 -38.22 24.66 -22.01
CA LYS Q 212 -37.45 25.54 -22.91
C LYS Q 212 -36.60 24.75 -23.91
N PHE Q 213 -35.91 23.72 -23.43
CA PHE Q 213 -35.10 22.87 -24.31
C PHE Q 213 -35.94 22.22 -25.40
N GLU Q 214 -37.10 21.70 -25.00
CA GLU Q 214 -38.04 21.06 -25.92
C GLU Q 214 -38.58 22.04 -26.97
N GLN Q 215 -38.93 23.24 -26.53
CA GLN Q 215 -39.40 24.31 -27.42
C GLN Q 215 -38.33 24.73 -28.44
N ASP Q 216 -37.09 24.88 -27.98
CA ASP Q 216 -35.98 25.24 -28.87
C ASP Q 216 -35.71 24.13 -29.89
N TRP Q 217 -35.72 22.89 -29.42
CA TRP Q 217 -35.53 21.69 -30.27
C TRP Q 217 -36.61 21.61 -31.35
N GLN Q 218 -37.87 21.68 -30.91
CA GLN Q 218 -39.05 21.72 -31.79
C GLN Q 218 -38.91 22.79 -32.87
N GLY Q 219 -38.52 23.99 -32.43
CA GLY Q 219 -38.37 25.14 -33.32
C GLY Q 219 -37.38 24.91 -34.45
N ALA Q 220 -36.29 24.20 -34.15
CA ALA Q 220 -35.23 23.96 -35.13
C ALA Q 220 -35.42 22.66 -35.92
N PHE Q 221 -35.96 21.63 -35.27
CA PHE Q 221 -36.02 20.28 -35.87
C PHE Q 221 -37.42 19.73 -36.13
N GLY Q 222 -38.45 20.48 -35.77
CA GLY Q 222 -39.85 20.09 -36.06
C GLY Q 222 -40.39 18.93 -35.22
N ARG Q 223 -39.67 18.59 -34.16
CA ARG Q 223 -40.11 17.57 -33.19
C ARG Q 223 -39.46 17.83 -31.82
N THR Q 224 -39.96 17.14 -30.78
CA THR Q 224 -39.39 17.26 -29.42
C THR Q 224 -38.55 16.03 -29.02
N SER Q 225 -38.42 15.07 -29.93
CA SER Q 225 -37.64 13.86 -29.69
C SER Q 225 -36.25 13.95 -30.33
N ILE Q 226 -35.35 13.10 -29.88
CA ILE Q 226 -33.94 13.16 -30.29
C ILE Q 226 -33.73 12.66 -31.72
N HIS R 7 -7.64 19.23 -13.85
CA HIS R 7 -8.77 20.15 -14.23
C HIS R 7 -9.14 20.01 -15.70
N GLU R 8 -10.44 20.16 -15.98
CA GLU R 8 -10.98 20.01 -17.35
C GLU R 8 -11.71 21.25 -17.86
N LEU R 9 -11.13 21.88 -18.87
CA LEU R 9 -11.70 23.06 -19.52
C LEU R 9 -12.45 22.72 -20.81
N TYR R 10 -13.74 23.05 -20.83
CA TYR R 10 -14.60 22.80 -21.99
C TYR R 10 -15.13 24.09 -22.60
N LEU R 11 -15.47 24.00 -23.87
CA LEU R 11 -16.24 25.05 -24.55
C LEU R 11 -17.68 24.61 -24.71
N ASP R 12 -18.58 25.56 -24.49
CA ASP R 12 -20.01 25.33 -24.49
C ASP R 12 -20.57 25.89 -25.81
N THR R 13 -20.62 25.04 -26.84
CA THR R 13 -20.86 25.53 -28.21
C THR R 13 -21.17 24.41 -29.21
N SER R 14 -21.87 24.77 -30.29
CA SER R 14 -22.01 23.89 -31.46
C SER R 14 -21.37 24.52 -32.71
N ASP R 15 -20.56 25.56 -32.48
CA ASP R 15 -19.93 26.35 -33.54
C ASP R 15 -18.59 25.70 -33.94
N VAL R 16 -18.66 24.85 -34.97
CA VAL R 16 -17.52 24.01 -35.38
C VAL R 16 -16.28 24.81 -35.79
N VAL R 17 -16.49 25.88 -36.55
CA VAL R 17 -15.39 26.73 -37.03
C VAL R 17 -14.68 27.42 -35.86
N ALA R 18 -15.47 28.01 -34.96
CA ALA R 18 -14.95 28.61 -33.72
C ALA R 18 -14.18 27.59 -32.88
N VAL R 19 -14.72 26.39 -32.74
CA VAL R 19 -14.03 25.34 -31.99
C VAL R 19 -12.65 25.02 -32.58
N LYS R 20 -12.59 24.91 -33.91
CA LYS R 20 -11.33 24.62 -34.59
C LYS R 20 -10.31 25.72 -34.33
N ALA R 21 -10.74 26.96 -34.48
CA ALA R 21 -9.88 28.13 -34.27
C ALA R 21 -9.42 28.25 -32.80
N LEU R 22 -10.36 28.06 -31.88
CA LEU R 22 -10.07 28.25 -30.45
C LEU R 22 -9.33 27.09 -29.79
N SER R 23 -9.35 25.93 -30.44
CA SER R 23 -8.68 24.72 -29.90
C SER R 23 -7.15 24.77 -29.96
N ARG R 24 -6.60 25.62 -30.83
CA ARG R 24 -5.14 25.83 -30.87
C ARG R 24 -4.70 26.85 -29.82
N ILE R 25 -5.65 27.63 -29.33
CA ILE R 25 -5.39 28.66 -28.34
C ILE R 25 -5.59 28.14 -26.91
N PHE R 26 -6.80 27.68 -26.62
CA PHE R 26 -7.14 27.21 -25.28
C PHE R 26 -6.71 25.77 -25.05
N PRO R 27 -6.34 25.42 -23.80
CA PRO R 27 -6.04 24.05 -23.46
C PRO R 27 -7.34 23.30 -23.14
N LEU R 28 -8.01 22.86 -24.20
CA LEU R 28 -9.34 22.27 -24.07
C LEU R 28 -9.31 20.78 -23.76
N ALA R 29 -10.20 20.36 -22.89
CA ALA R 29 -10.44 18.94 -22.62
C ALA R 29 -11.54 18.43 -23.56
N GLY R 30 -12.27 19.34 -24.17
CA GLY R 30 -13.44 18.93 -24.96
C GLY R 30 -14.45 20.04 -25.22
N VAL R 31 -15.63 19.61 -25.63
CA VAL R 31 -16.75 20.50 -25.94
C VAL R 31 -18.00 19.95 -25.32
N THR R 32 -18.80 20.84 -24.73
CA THR R 32 -20.12 20.46 -24.24
C THR R 32 -21.21 21.05 -25.13
N THR R 33 -22.31 20.31 -25.24
CA THR R 33 -23.50 20.79 -25.92
C THR R 33 -24.76 20.51 -25.09
N ASN R 34 -25.81 21.24 -25.38
CA ASN R 34 -27.14 21.00 -24.83
C ASN R 34 -28.17 21.27 -25.94
N PRO R 35 -29.45 20.96 -25.72
CA PRO R 35 -30.40 21.05 -26.83
C PRO R 35 -30.57 22.43 -27.43
N SER R 36 -30.47 23.47 -26.61
CA SER R 36 -30.58 24.85 -27.11
C SER R 36 -29.37 25.25 -27.93
N ILE R 37 -28.21 24.76 -27.53
CA ILE R 37 -26.96 25.07 -28.25
C ILE R 37 -26.93 24.33 -29.60
N ILE R 38 -27.41 23.09 -29.62
CA ILE R 38 -27.50 22.31 -30.85
C ILE R 38 -28.51 22.97 -31.79
N ALA R 39 -29.70 23.22 -31.27
CA ALA R 39 -30.79 23.87 -32.02
C ALA R 39 -30.33 25.18 -32.69
N ALA R 40 -29.69 26.04 -31.91
CA ALA R 40 -29.18 27.33 -32.40
C ALA R 40 -28.19 27.19 -33.57
N GLY R 41 -27.45 26.07 -33.60
CA GLY R 41 -26.51 25.77 -34.68
C GLY R 41 -27.15 25.15 -35.91
N LYS R 42 -28.35 24.60 -35.70
CA LYS R 42 -29.25 24.12 -36.78
C LYS R 42 -28.82 22.81 -37.45
N LYS R 43 -27.67 22.27 -37.06
CA LYS R 43 -27.21 21.00 -37.60
C LYS R 43 -27.65 19.87 -36.69
N PRO R 44 -28.14 18.76 -37.27
CA PRO R 44 -28.51 17.61 -36.44
C PRO R 44 -27.32 16.93 -35.75
N LEU R 45 -27.62 16.17 -34.69
CA LEU R 45 -26.60 15.55 -33.85
C LEU R 45 -25.62 14.67 -34.62
N ASP R 46 -26.15 13.87 -35.55
CA ASP R 46 -25.30 12.96 -36.35
C ASP R 46 -24.36 13.72 -37.29
N VAL R 47 -24.63 15.00 -37.53
CA VAL R 47 -23.73 15.88 -38.28
C VAL R 47 -22.76 16.65 -37.36
N VAL R 48 -23.28 17.47 -36.43
CA VAL R 48 -22.41 18.33 -35.59
C VAL R 48 -21.42 17.56 -34.73
N LEU R 49 -21.88 16.46 -34.13
CA LEU R 49 -21.05 15.77 -33.15
C LEU R 49 -19.73 15.28 -33.77
N PRO R 50 -19.77 14.49 -34.85
CA PRO R 50 -18.52 14.10 -35.52
C PRO R 50 -17.69 15.30 -35.99
N GLN R 51 -18.35 16.34 -36.48
CA GLN R 51 -17.68 17.57 -36.89
C GLN R 51 -16.95 18.26 -35.73
N LEU R 52 -17.63 18.33 -34.58
CA LEU R 52 -17.02 18.89 -33.36
C LEU R 52 -15.84 18.05 -32.91
N HIS R 53 -16.01 16.73 -32.95
CA HIS R 53 -14.92 15.80 -32.61
C HIS R 53 -13.69 16.04 -33.49
N GLU R 54 -13.92 16.17 -34.80
CA GLU R 54 -12.84 16.43 -35.76
C GLU R 54 -12.19 17.78 -35.53
N ALA R 55 -13.01 18.79 -35.30
CA ALA R 55 -12.55 20.16 -35.11
C ALA R 55 -11.59 20.34 -33.92
N MET R 56 -11.52 19.32 -33.06
CA MET R 56 -10.60 19.31 -31.91
C MET R 56 -9.36 18.45 -32.13
N GLY R 57 -9.13 18.03 -33.36
CA GLY R 57 -8.01 17.15 -33.68
C GLY R 57 -8.26 15.70 -33.30
N GLY R 58 -9.52 15.28 -33.35
CA GLY R 58 -9.90 13.89 -33.05
C GLY R 58 -9.64 13.45 -31.62
N GLN R 59 -9.43 14.42 -30.73
CA GLN R 59 -9.16 14.16 -29.33
C GLN R 59 -10.08 15.00 -28.46
N GLY R 60 -10.13 14.66 -27.19
CA GLY R 60 -10.97 15.35 -26.23
C GLY R 60 -12.34 14.73 -26.09
N ARG R 61 -13.03 15.13 -25.03
CA ARG R 61 -14.31 14.54 -24.66
C ARG R 61 -15.46 15.36 -25.21
N LEU R 62 -16.55 14.67 -25.54
CA LEU R 62 -17.79 15.34 -25.93
C LEU R 62 -18.92 15.03 -24.94
N PHE R 63 -19.85 15.99 -24.83
CA PHE R 63 -21.07 15.81 -24.06
C PHE R 63 -22.29 16.20 -24.88
N ALA R 64 -23.35 15.42 -24.77
CA ALA R 64 -24.62 15.77 -25.38
C ALA R 64 -25.78 15.23 -24.56
N GLN R 65 -26.94 15.84 -24.76
CA GLN R 65 -28.08 15.64 -23.86
C GLN R 65 -29.22 14.82 -24.45
N VAL R 66 -29.81 13.98 -23.60
CA VAL R 66 -31.03 13.27 -23.96
C VAL R 66 -32.23 14.21 -24.03
N MET R 67 -33.28 13.77 -24.71
CA MET R 67 -34.49 14.58 -24.92
C MET R 67 -35.76 13.94 -24.39
N ALA R 68 -35.71 12.63 -24.18
CA ALA R 68 -36.88 11.88 -23.74
C ALA R 68 -37.33 12.24 -22.31
N THR R 69 -38.58 11.91 -22.02
CA THR R 69 -39.29 12.31 -20.80
C THR R 69 -39.34 11.19 -19.77
N THR R 70 -39.25 9.95 -20.25
CA THR R 70 -39.24 8.78 -19.37
C THR R 70 -37.83 8.23 -19.24
N ALA R 71 -37.59 7.52 -18.14
CA ALA R 71 -36.27 6.93 -17.88
C ALA R 71 -35.87 5.98 -19.01
N GLU R 72 -36.80 5.12 -19.43
CA GLU R 72 -36.56 4.16 -20.52
C GLU R 72 -36.21 4.88 -21.82
N GLY R 73 -36.99 5.90 -22.14
CA GLY R 73 -36.75 6.73 -23.33
C GLY R 73 -35.40 7.43 -23.30
N MET R 74 -34.97 7.85 -22.11
CA MET R 74 -33.67 8.51 -21.93
C MET R 74 -32.50 7.54 -22.13
N VAL R 75 -32.68 6.32 -21.65
CA VAL R 75 -31.69 5.27 -21.87
C VAL R 75 -31.52 4.99 -23.37
N ASN R 76 -32.64 4.94 -24.09
CA ASN R 76 -32.64 4.75 -25.55
C ASN R 76 -31.98 5.92 -26.28
N ASP R 77 -32.24 7.13 -25.82
CA ASP R 77 -31.57 8.33 -26.33
C ASP R 77 -30.06 8.25 -26.14
N ALA R 78 -29.65 7.74 -24.99
CA ALA R 78 -28.23 7.58 -24.64
C ALA R 78 -27.53 6.63 -25.60
N LEU R 79 -28.19 5.52 -25.92
CA LEU R 79 -27.66 4.54 -26.88
C LEU R 79 -27.49 5.15 -28.27
N LYS R 80 -28.49 5.91 -28.69
CA LYS R 80 -28.41 6.67 -29.95
C LYS R 80 -27.22 7.63 -29.97
N LEU R 81 -27.02 8.36 -28.87
CA LEU R 81 -25.89 9.29 -28.77
C LEU R 81 -24.55 8.56 -28.82
N ARG R 82 -24.48 7.44 -28.10
CA ARG R 82 -23.26 6.61 -28.05
C ARG R 82 -22.94 5.95 -29.41
N SER R 83 -23.97 5.71 -30.21
CA SER R 83 -23.76 5.15 -31.56
C SER R 83 -23.17 6.18 -32.54
N ILE R 84 -23.34 7.47 -32.22
CA ILE R 84 -22.76 8.56 -33.02
C ILE R 84 -21.33 8.83 -32.58
N ILE R 85 -21.15 9.01 -31.28
CA ILE R 85 -19.83 9.19 -30.67
C ILE R 85 -19.66 8.15 -29.57
N ALA R 86 -18.76 7.19 -29.81
CA ALA R 86 -18.63 5.98 -28.98
C ALA R 86 -18.32 6.26 -27.50
N ASP R 87 -17.47 7.27 -27.26
CA ASP R 87 -17.01 7.61 -25.91
C ASP R 87 -17.70 8.88 -25.33
N ILE R 88 -18.88 9.23 -25.86
CA ILE R 88 -19.56 10.47 -25.47
C ILE R 88 -20.14 10.35 -24.05
N VAL R 89 -20.10 11.46 -23.31
CA VAL R 89 -20.73 11.52 -21.99
C VAL R 89 -22.15 11.99 -22.17
N VAL R 90 -23.09 11.27 -21.58
CA VAL R 90 -24.52 11.54 -21.78
C VAL R 90 -25.10 12.42 -20.67
N LYS R 91 -25.60 13.60 -21.07
CA LYS R 91 -26.19 14.57 -20.16
C LYS R 91 -27.66 14.20 -19.90
N VAL R 92 -28.00 14.04 -18.62
CA VAL R 92 -29.35 13.70 -18.22
C VAL R 92 -29.92 14.75 -17.24
N PRO R 93 -31.04 15.41 -17.62
CA PRO R 93 -31.57 16.39 -16.68
C PRO R 93 -31.91 15.74 -15.34
N VAL R 94 -31.59 16.42 -14.26
CA VAL R 94 -31.78 15.83 -12.93
C VAL R 94 -33.22 16.05 -12.47
N THR R 95 -34.08 15.18 -12.98
CA THR R 95 -35.48 15.05 -12.59
C THR R 95 -35.70 13.67 -12.03
N ALA R 96 -36.92 13.36 -11.61
CA ALA R 96 -37.24 12.04 -11.07
C ALA R 96 -36.87 10.95 -12.06
N GLU R 97 -37.36 11.07 -13.28
CA GLU R 97 -37.06 10.08 -14.35
C GLU R 97 -35.59 10.10 -14.74
N GLY R 98 -35.00 11.28 -14.78
CA GLY R 98 -33.58 11.44 -15.05
C GLY R 98 -32.73 10.66 -14.06
N LEU R 99 -33.06 10.79 -12.79
CA LEU R 99 -32.37 10.04 -11.71
C LEU R 99 -32.44 8.53 -11.94
N ALA R 100 -33.63 8.04 -12.22
CA ALA R 100 -33.85 6.63 -12.55
C ALA R 100 -33.03 6.22 -13.78
N ALA R 101 -33.04 7.08 -14.80
CA ALA R 101 -32.23 6.86 -16.00
C ALA R 101 -30.73 6.80 -15.68
N ILE R 102 -30.26 7.72 -14.84
CA ILE R 102 -28.84 7.75 -14.44
C ILE R 102 -28.45 6.44 -13.75
N LYS R 103 -29.31 5.94 -12.87
CA LYS R 103 -29.08 4.64 -12.23
C LYS R 103 -28.98 3.51 -13.26
N MET R 104 -29.88 3.51 -14.24
CA MET R 104 -29.90 2.48 -15.28
C MET R 104 -28.64 2.54 -16.15
N LEU R 105 -28.25 3.75 -16.52
CA LEU R 105 -27.05 3.96 -17.32
C LEU R 105 -25.77 3.62 -16.57
N LYS R 106 -25.78 3.80 -15.25
CA LYS R 106 -24.67 3.36 -14.39
C LYS R 106 -24.50 1.84 -14.47
N ALA R 107 -25.61 1.13 -14.34
CA ALA R 107 -25.63 -0.33 -14.45
C ALA R 107 -25.14 -0.81 -15.84
N GLU R 108 -25.46 -0.04 -16.88
CA GLU R 108 -25.03 -0.35 -18.26
C GLU R 108 -23.61 0.11 -18.62
N GLY R 109 -22.93 0.79 -17.69
CA GLY R 109 -21.55 1.25 -17.89
C GLY R 109 -21.37 2.45 -18.80
N ILE R 110 -22.44 3.20 -18.99
CA ILE R 110 -22.40 4.42 -19.82
C ILE R 110 -22.24 5.65 -18.91
N PRO R 111 -21.11 6.39 -19.07
CA PRO R 111 -20.90 7.55 -18.21
C PRO R 111 -21.92 8.66 -18.43
N THR R 112 -22.39 9.26 -17.32
CA THR R 112 -23.38 10.31 -17.38
C THR R 112 -22.94 11.61 -16.72
N LEU R 113 -23.63 12.68 -17.13
CA LEU R 113 -23.55 13.97 -16.48
C LEU R 113 -24.95 14.38 -16.04
N GLY R 114 -25.09 14.76 -14.77
CA GLY R 114 -26.37 15.23 -14.23
C GLY R 114 -26.52 16.73 -14.46
N THR R 115 -27.46 17.10 -15.31
CA THR R 115 -27.60 18.49 -15.77
C THR R 115 -28.89 19.18 -15.32
N ALA R 116 -29.01 20.44 -15.70
CA ALA R 116 -30.16 21.29 -15.31
C ALA R 116 -30.29 21.36 -13.80
N VAL R 117 -29.14 21.55 -13.16
CA VAL R 117 -29.06 21.53 -11.71
C VAL R 117 -29.20 22.97 -11.22
N TYR R 118 -30.24 23.18 -10.42
CA TYR R 118 -30.54 24.51 -9.84
C TYR R 118 -30.36 24.50 -8.32
N GLY R 119 -30.00 23.36 -7.75
CA GLY R 119 -29.84 23.22 -6.30
C GLY R 119 -28.79 22.19 -5.98
N ALA R 120 -28.16 22.36 -4.83
CA ALA R 120 -27.01 21.53 -4.44
C ALA R 120 -27.39 20.09 -4.11
N ALA R 121 -28.48 19.92 -3.38
CA ALA R 121 -28.96 18.60 -3.00
C ALA R 121 -29.39 17.79 -4.21
N GLN R 122 -30.08 18.47 -5.11
CA GLN R 122 -30.47 17.90 -6.39
C GLN R 122 -29.24 17.36 -7.12
N GLY R 123 -28.23 18.21 -7.23
CA GLY R 123 -26.97 17.83 -7.86
C GLY R 123 -26.34 16.61 -7.21
N LEU R 124 -26.29 16.62 -5.88
CA LEU R 124 -25.71 15.50 -5.15
C LEU R 124 -26.43 14.20 -5.43
N LEU R 125 -27.77 14.24 -5.46
CA LEU R 125 -28.54 13.03 -5.74
C LEU R 125 -28.16 12.38 -7.08
N SER R 126 -27.90 13.20 -8.09
CA SER R 126 -27.49 12.73 -9.44
C SER R 126 -26.13 12.04 -9.38
N ALA R 127 -25.23 12.56 -8.55
CA ALA R 127 -23.93 11.91 -8.31
C ALA R 127 -24.05 10.59 -7.54
N LEU R 128 -24.90 10.56 -6.52
CA LEU R 128 -25.10 9.34 -5.74
C LEU R 128 -25.73 8.25 -6.62
N ALA R 129 -26.49 8.69 -7.61
CA ALA R 129 -27.15 7.78 -8.53
C ALA R 129 -26.19 7.21 -9.58
N GLY R 130 -25.01 7.83 -9.69
CA GLY R 130 -23.94 7.31 -10.53
C GLY R 130 -23.35 8.29 -11.53
N ALA R 131 -23.90 9.49 -11.62
CA ALA R 131 -23.35 10.51 -12.51
C ALA R 131 -21.91 10.86 -12.16
N GLU R 132 -21.10 11.04 -13.20
CA GLU R 132 -19.66 11.30 -13.05
C GLU R 132 -19.39 12.79 -13.00
N TYR R 133 -20.29 13.54 -13.64
CA TYR R 133 -20.25 14.98 -13.65
C TYR R 133 -21.61 15.51 -13.20
N VAL R 134 -21.58 16.69 -12.60
CA VAL R 134 -22.80 17.39 -12.20
C VAL R 134 -22.67 18.84 -12.64
N ALA R 135 -23.66 19.30 -13.42
CA ALA R 135 -23.62 20.63 -14.03
C ALA R 135 -24.68 21.59 -13.53
N PRO R 136 -24.30 22.46 -12.58
CA PRO R 136 -25.23 23.48 -12.12
C PRO R 136 -25.27 24.60 -13.15
N TYR R 137 -26.44 25.21 -13.31
CA TYR R 137 -26.59 26.35 -14.22
C TYR R 137 -26.42 27.66 -13.45
N VAL R 138 -25.18 28.10 -13.38
CA VAL R 138 -24.76 29.20 -12.54
C VAL R 138 -25.54 30.48 -12.82
N ASN R 139 -25.54 30.95 -14.06
CA ASN R 139 -26.21 32.21 -14.38
C ASN R 139 -27.72 32.11 -14.27
N ARG R 140 -28.27 30.94 -14.55
CA ARG R 140 -29.70 30.73 -14.43
C ARG R 140 -30.12 30.93 -12.97
N ILE R 141 -29.32 30.41 -12.06
CA ILE R 141 -29.58 30.58 -10.63
C ILE R 141 -29.43 32.06 -10.23
N ASP R 142 -28.35 32.68 -10.68
CA ASP R 142 -28.12 34.13 -10.47
C ASP R 142 -29.25 35.01 -11.04
N ALA R 143 -29.65 34.72 -12.27
CA ALA R 143 -30.67 35.50 -12.96
C ALA R 143 -32.02 35.41 -12.27
N GLN R 144 -32.31 34.24 -11.72
CA GLN R 144 -33.59 33.97 -11.05
C GLN R 144 -33.61 34.27 -9.54
N GLY R 145 -32.66 35.08 -9.07
CA GLY R 145 -32.74 35.69 -7.73
C GLY R 145 -32.04 34.89 -6.64
N GLY R 146 -31.33 33.84 -7.03
CA GLY R 146 -30.57 33.02 -6.07
C GLY R 146 -29.11 33.43 -6.03
N SER R 147 -28.25 32.48 -5.67
CA SER R 147 -26.79 32.66 -5.72
C SER R 147 -26.13 31.46 -6.40
N GLY R 148 -25.77 31.65 -7.67
CA GLY R 148 -25.13 30.59 -8.45
C GLY R 148 -23.84 30.12 -7.82
N ILE R 149 -23.04 31.07 -7.35
CA ILE R 149 -21.78 30.78 -6.69
C ILE R 149 -21.96 29.98 -5.37
N GLN R 150 -22.97 30.33 -4.55
CA GLN R 150 -23.20 29.57 -3.31
C GLN R 150 -23.63 28.16 -3.64
N THR R 151 -24.51 28.02 -4.63
CA THR R 151 -24.98 26.71 -5.06
C THR R 151 -23.84 25.82 -5.54
N VAL R 152 -22.98 26.38 -6.36
CA VAL R 152 -21.74 25.71 -6.83
C VAL R 152 -20.78 25.35 -5.68
N THR R 153 -20.56 26.30 -4.80
CA THR R 153 -19.74 26.10 -3.60
C THR R 153 -20.28 24.96 -2.74
N ASP R 154 -21.58 25.00 -2.47
CA ASP R 154 -22.22 23.96 -1.66
C ASP R 154 -22.15 22.61 -2.38
N LEU R 155 -22.41 22.61 -3.69
CA LEU R 155 -22.42 21.38 -4.49
C LEU R 155 -21.04 20.71 -4.51
N HIS R 156 -20.00 21.49 -4.78
CA HIS R 156 -18.64 20.96 -4.76
C HIS R 156 -18.30 20.29 -3.42
N GLN R 157 -18.62 20.98 -2.32
CA GLN R 157 -18.39 20.42 -0.98
C GLN R 157 -19.16 19.14 -0.76
N LEU R 158 -20.41 19.11 -1.19
CA LEU R 158 -21.23 17.90 -1.06
C LEU R 158 -20.63 16.70 -1.85
N LEU R 159 -20.21 16.96 -3.06
CA LEU R 159 -19.58 15.88 -3.88
C LEU R 159 -18.33 15.38 -3.19
N LYS R 160 -17.48 16.32 -2.78
CA LYS R 160 -16.21 15.98 -2.13
C LYS R 160 -16.37 15.17 -0.85
N MET R 161 -17.39 15.49 -0.08
CA MET R 161 -17.65 14.76 1.17
C MET R 161 -18.41 13.47 0.92
N HIS R 162 -19.40 13.52 0.02
CA HIS R 162 -20.42 12.43 -0.06
C HIS R 162 -20.44 11.59 -1.32
N ALA R 163 -19.88 12.10 -2.41
CA ALA R 163 -19.77 11.33 -3.67
C ALA R 163 -18.51 11.73 -4.42
N PRO R 164 -17.35 11.43 -3.85
CA PRO R 164 -16.04 11.99 -4.30
C PRO R 164 -15.59 11.55 -5.71
N GLN R 165 -16.21 10.51 -6.25
CA GLN R 165 -15.91 10.08 -7.65
C GLN R 165 -16.48 11.04 -8.66
N ALA R 166 -17.44 11.86 -8.22
CA ALA R 166 -18.12 12.81 -9.08
C ALA R 166 -17.47 14.21 -9.05
N LYS R 167 -17.59 14.90 -10.18
CA LYS R 167 -17.02 16.23 -10.34
C LYS R 167 -18.09 17.24 -10.69
N VAL R 168 -17.91 18.47 -10.20
CA VAL R 168 -18.70 19.59 -10.68
C VAL R 168 -18.20 20.02 -12.05
N LEU R 169 -19.13 20.12 -13.00
CA LEU R 169 -18.89 20.76 -14.30
C LEU R 169 -19.75 22.03 -14.39
N ALA R 170 -19.17 23.14 -13.96
CA ALA R 170 -19.91 24.39 -13.85
C ALA R 170 -20.26 24.92 -15.24
N ALA R 171 -21.50 25.37 -15.38
CA ALA R 171 -22.01 25.84 -16.67
C ALA R 171 -22.90 27.08 -16.53
N SER R 172 -23.22 27.67 -17.68
CA SER R 172 -24.14 28.80 -17.79
C SER R 172 -23.48 30.08 -17.23
N PHE R 173 -22.84 30.83 -18.11
CA PHE R 173 -22.07 32.01 -17.74
C PHE R 173 -22.36 33.22 -18.63
N LYS R 174 -22.44 34.39 -18.01
CA LYS R 174 -22.55 35.67 -18.74
C LYS R 174 -21.35 36.56 -18.53
N THR R 175 -20.53 36.25 -17.53
CA THR R 175 -19.35 37.07 -17.23
C THR R 175 -18.22 36.20 -16.68
N PRO R 176 -16.96 36.55 -16.98
CA PRO R 176 -15.82 35.79 -16.46
C PRO R 176 -15.75 35.69 -14.94
N ARG R 177 -16.20 36.72 -14.23
CA ARG R 177 -16.22 36.70 -12.75
C ARG R 177 -16.93 35.48 -12.19
N GLN R 178 -18.05 35.11 -12.80
CA GLN R 178 -18.74 33.90 -12.43
C GLN R 178 -17.87 32.66 -12.60
N ALA R 179 -17.13 32.59 -13.71
CA ALA R 179 -16.28 31.43 -14.00
C ALA R 179 -15.16 31.38 -12.98
N LEU R 180 -14.53 32.52 -12.74
CA LEU R 180 -13.50 32.66 -11.74
C LEU R 180 -13.96 32.16 -10.34
N ASP R 181 -15.14 32.60 -9.93
CA ASP R 181 -15.66 32.20 -8.59
C ASP R 181 -15.93 30.70 -8.50
N CYS R 182 -16.43 30.10 -9.58
CA CYS R 182 -16.60 28.65 -9.65
C CYS R 182 -15.27 27.91 -9.52
N LEU R 183 -14.27 28.42 -10.22
CA LEU R 183 -12.91 27.87 -10.15
C LEU R 183 -12.34 28.03 -8.73
N LEU R 184 -12.54 29.20 -8.16
CA LEU R 184 -12.10 29.45 -6.78
C LEU R 184 -12.80 28.55 -5.76
N ALA R 185 -14.04 28.19 -6.05
CA ALA R 185 -14.83 27.31 -5.20
C ALA R 185 -14.40 25.84 -5.33
N GLY R 186 -13.57 25.55 -6.32
CA GLY R 186 -12.93 24.23 -6.45
C GLY R 186 -13.43 23.37 -7.58
N CYS R 187 -14.31 23.92 -8.42
CA CYS R 187 -14.86 23.16 -9.56
C CYS R 187 -13.74 22.49 -10.38
N GLU R 188 -13.85 21.19 -10.52
CA GLU R 188 -12.80 20.41 -11.20
C GLU R 188 -12.98 20.42 -12.73
N SER R 189 -14.16 20.82 -13.16
CA SER R 189 -14.40 21.09 -14.58
C SER R 189 -15.30 22.30 -14.75
N ILE R 190 -15.22 22.87 -15.94
CA ILE R 190 -16.00 24.04 -16.30
C ILE R 190 -16.21 24.09 -17.81
N THR R 191 -17.32 24.69 -18.23
CA THR R 191 -17.57 24.91 -19.65
C THR R 191 -18.02 26.35 -19.91
N LEU R 192 -17.32 26.98 -20.86
CA LEU R 192 -17.50 28.40 -21.14
C LEU R 192 -18.18 28.63 -22.48
N PRO R 193 -19.15 29.54 -22.53
CA PRO R 193 -19.57 29.99 -23.84
C PRO R 193 -18.47 30.83 -24.49
N LEU R 194 -18.57 31.03 -25.80
CA LEU R 194 -17.49 31.62 -26.59
C LEU R 194 -17.18 33.06 -26.19
N ASP R 195 -18.23 33.84 -25.97
CA ASP R 195 -18.01 35.26 -25.63
C ASP R 195 -17.24 35.42 -24.29
N VAL R 196 -17.59 34.62 -23.30
CA VAL R 196 -16.92 34.64 -21.99
C VAL R 196 -15.48 34.12 -22.06
N ALA R 197 -15.30 33.03 -22.78
CA ALA R 197 -13.95 32.50 -23.03
C ALA R 197 -13.04 33.56 -23.67
N GLN R 198 -13.56 34.26 -24.67
CA GLN R 198 -12.77 35.28 -25.37
C GLN R 198 -12.44 36.45 -24.47
N GLN R 199 -13.39 36.86 -23.64
CA GLN R 199 -13.14 37.94 -22.68
C GLN R 199 -12.07 37.55 -21.67
N MET R 200 -12.01 36.25 -21.36
CA MET R 200 -11.07 35.72 -20.37
C MET R 200 -9.61 35.76 -20.82
N ILE R 201 -9.39 35.95 -22.13
CA ILE R 201 -8.03 36.04 -22.69
C ILE R 201 -7.68 37.38 -23.36
N SER R 202 -8.58 38.35 -23.25
CA SER R 202 -8.37 39.67 -23.86
C SER R 202 -8.56 40.80 -22.84
N TYR R 203 -7.46 41.48 -22.54
CA TYR R 203 -7.45 42.57 -21.57
C TYR R 203 -6.72 43.79 -22.12
N PRO R 204 -7.36 44.96 -22.12
CA PRO R 204 -6.70 46.20 -22.50
C PRO R 204 -5.40 46.47 -21.75
N ALA R 205 -5.38 46.17 -20.46
CA ALA R 205 -4.19 46.40 -19.63
C ALA R 205 -3.01 45.53 -20.07
N VAL R 206 -3.32 44.30 -20.44
CA VAL R 206 -2.31 43.34 -20.93
C VAL R 206 -1.77 43.77 -22.30
N ASP R 207 -2.67 44.20 -23.18
CA ASP R 207 -2.28 44.70 -24.52
C ASP R 207 -1.37 45.93 -24.39
N ALA R 208 -1.71 46.82 -23.45
CA ALA R 208 -0.86 48.00 -23.16
C ALA R 208 0.52 47.63 -22.60
N ALA R 209 0.59 46.59 -21.78
CA ALA R 209 1.87 46.12 -21.24
C ALA R 209 2.76 45.53 -22.36
N VAL R 210 2.15 44.78 -23.25
CA VAL R 210 2.83 44.23 -24.43
C VAL R 210 3.34 45.34 -25.36
N ALA R 211 2.48 46.32 -25.65
CA ALA R 211 2.85 47.48 -26.50
C ALA R 211 4.03 48.23 -25.91
N LYS R 212 3.96 48.49 -24.60
CA LYS R 212 5.06 49.10 -23.85
C LYS R 212 6.39 48.34 -24.02
N PHE R 213 6.35 47.02 -23.89
CA PHE R 213 7.56 46.20 -24.05
C PHE R 213 8.17 46.38 -25.45
N GLU R 214 7.32 46.36 -26.46
CA GLU R 214 7.75 46.56 -27.85
C GLU R 214 8.37 47.94 -28.08
N GLN R 215 7.74 48.97 -27.52
CA GLN R 215 8.25 50.35 -27.59
C GLN R 215 9.61 50.50 -26.91
N ASP R 216 9.75 49.91 -25.73
CA ASP R 216 11.04 49.96 -25.01
C ASP R 216 12.15 49.24 -25.78
N TRP R 217 11.81 48.06 -26.31
CA TRP R 217 12.72 47.25 -27.13
C TRP R 217 13.18 48.01 -28.38
N GLN R 218 12.21 48.52 -29.13
CA GLN R 218 12.43 49.40 -30.30
C GLN R 218 13.36 50.57 -29.98
N GLY R 219 13.07 51.24 -28.87
CA GLY R 219 13.86 52.39 -28.41
C GLY R 219 15.33 52.09 -28.19
N ALA R 220 15.62 50.91 -27.65
CA ALA R 220 17.00 50.51 -27.34
C ALA R 220 17.70 49.79 -28.49
N PHE R 221 16.96 49.00 -29.25
CA PHE R 221 17.55 48.08 -30.25
C PHE R 221 17.20 48.37 -31.71
N GLY R 222 16.33 49.35 -31.95
CA GLY R 222 15.96 49.76 -33.31
C GLY R 222 15.06 48.79 -34.06
N ARG R 223 14.49 47.83 -33.35
CA ARG R 223 13.49 46.90 -33.90
C ARG R 223 12.57 46.38 -32.80
N THR R 224 11.47 45.72 -33.18
CA THR R 224 10.51 45.13 -32.21
C THR R 224 10.63 43.60 -32.11
N SER R 225 11.59 43.03 -32.86
CA SER R 225 11.82 41.58 -32.88
C SER R 225 13.03 41.22 -32.04
N ILE R 226 13.10 39.94 -31.66
CA ILE R 226 14.10 39.46 -30.70
C ILE R 226 15.49 39.40 -31.32
N HIS S 7 11.25 27.04 -1.98
CA HIS S 7 10.98 28.44 -2.43
C HIS S 7 12.13 29.00 -3.30
N GLU S 8 11.76 29.82 -4.29
CA GLU S 8 12.72 30.38 -5.25
C GLU S 8 12.73 31.92 -5.28
N LEU S 9 13.82 32.50 -4.80
CA LEU S 9 14.03 33.94 -4.78
C LEU S 9 14.85 34.43 -5.99
N TYR S 10 14.24 35.30 -6.78
CA TYR S 10 14.89 35.89 -7.95
C TYR S 10 15.10 37.40 -7.81
N LEU S 11 16.06 37.92 -8.57
CA LEU S 11 16.22 39.36 -8.78
C LEU S 11 15.76 39.74 -10.17
N ASP S 12 15.07 40.88 -10.23
CA ASP S 12 14.40 41.35 -11.45
C ASP S 12 15.23 42.48 -12.01
N THR S 13 16.18 42.14 -12.88
CA THR S 13 17.25 43.09 -13.23
C THR S 13 18.09 42.65 -14.43
N SER S 14 18.68 43.62 -15.13
CA SER S 14 19.72 43.35 -16.15
C SER S 14 21.06 43.99 -15.73
N ASP S 15 21.15 44.38 -14.47
CA ASP S 15 22.33 45.05 -13.90
C ASP S 15 23.36 44.03 -13.40
N VAL S 16 24.31 43.69 -14.28
CA VAL S 16 25.25 42.59 -14.05
C VAL S 16 26.13 42.79 -12.80
N VAL S 17 26.62 44.01 -12.61
CA VAL S 17 27.49 44.34 -11.46
C VAL S 17 26.72 44.20 -10.14
N ALA S 18 25.52 44.75 -10.09
CA ALA S 18 24.64 44.61 -8.93
C ALA S 18 24.34 43.12 -8.64
N VAL S 19 24.04 42.33 -9.68
CA VAL S 19 23.77 40.93 -9.51
C VAL S 19 24.95 40.21 -8.87
N LYS S 20 26.15 40.53 -9.34
CA LYS S 20 27.37 39.93 -8.78
C LYS S 20 27.49 40.26 -7.30
N ALA S 21 27.32 41.54 -6.98
CA ALA S 21 27.47 42.01 -5.59
C ALA S 21 26.39 41.42 -4.68
N LEU S 22 25.16 41.41 -5.17
CA LEU S 22 24.01 40.97 -4.36
C LEU S 22 23.89 39.44 -4.24
N SER S 23 24.55 38.72 -5.13
CA SER S 23 24.48 37.24 -5.14
C SER S 23 25.26 36.57 -3.99
N ARG S 24 26.20 37.28 -3.39
CA ARG S 24 26.89 36.78 -2.19
C ARG S 24 26.08 37.09 -0.92
N ILE S 25 25.15 38.03 -1.01
CA ILE S 25 24.29 38.43 0.12
C ILE S 25 22.97 37.65 0.17
N PHE S 26 22.20 37.75 -0.89
CA PHE S 26 20.89 37.06 -0.98
C PHE S 26 21.03 35.60 -1.40
N PRO S 27 20.14 34.73 -0.88
CA PRO S 27 20.07 33.35 -1.33
C PRO S 27 19.26 33.23 -2.62
N LEU S 28 19.91 33.55 -3.75
CA LEU S 28 19.22 33.66 -5.03
C LEU S 28 19.10 32.32 -5.76
N ALA S 29 17.92 32.11 -6.34
CA ALA S 29 17.69 30.98 -7.24
C ALA S 29 18.05 31.38 -8.68
N GLY S 30 18.16 32.67 -8.93
CA GLY S 30 18.36 33.15 -10.29
C GLY S 30 18.01 34.62 -10.51
N VAL S 31 17.85 34.95 -11.78
CA VAL S 31 17.54 36.32 -12.22
C VAL S 31 16.48 36.27 -13.29
N THR S 32 15.51 37.17 -13.17
CA THR S 32 14.48 37.31 -14.21
C THR S 32 14.71 38.60 -14.98
N THR S 33 14.36 38.55 -16.25
CA THR S 33 14.38 39.73 -17.11
C THR S 33 13.09 39.81 -17.89
N ASN S 34 12.81 41.01 -18.37
CA ASN S 34 11.73 41.25 -19.34
C ASN S 34 12.22 42.29 -20.35
N PRO S 35 11.48 42.55 -21.44
CA PRO S 35 12.00 43.46 -22.46
C PRO S 35 12.32 44.87 -22.01
N SER S 36 11.56 45.41 -21.07
CA SER S 36 11.83 46.76 -20.55
C SER S 36 13.09 46.79 -19.68
N ILE S 37 13.30 45.72 -18.94
CA ILE S 37 14.50 45.61 -18.09
C ILE S 37 15.77 45.42 -18.95
N ILE S 38 15.66 44.64 -20.02
CA ILE S 38 16.77 44.43 -20.94
C ILE S 38 17.09 45.74 -21.67
N ALA S 39 16.05 46.35 -22.23
CA ALA S 39 16.17 47.64 -22.93
C ALA S 39 16.85 48.71 -22.08
N ALA S 40 16.39 48.85 -20.83
CA ALA S 40 16.95 49.84 -19.90
C ALA S 40 18.46 49.64 -19.63
N GLY S 41 18.90 48.39 -19.71
CA GLY S 41 20.34 48.05 -19.53
C GLY S 41 21.18 48.24 -20.80
N LYS S 42 20.49 48.30 -21.94
CA LYS S 42 21.06 48.66 -23.25
C LYS S 42 21.94 47.59 -23.92
N LYS S 43 22.19 46.49 -23.21
CA LYS S 43 22.97 45.40 -23.76
C LYS S 43 22.05 44.37 -24.41
N PRO S 44 22.45 43.86 -25.59
CA PRO S 44 21.61 42.85 -26.25
C PRO S 44 21.59 41.53 -25.48
N LEU S 45 20.59 40.71 -25.78
CA LEU S 45 20.37 39.43 -25.08
C LEU S 45 21.58 38.51 -25.10
N ASP S 46 22.21 38.40 -26.25
CA ASP S 46 23.38 37.56 -26.39
C ASP S 46 24.57 37.97 -25.56
N VAL S 47 24.55 39.24 -25.16
CA VAL S 47 25.59 39.78 -24.27
C VAL S 47 25.17 39.65 -22.80
N VAL S 48 24.03 40.25 -22.42
CA VAL S 48 23.63 40.28 -20.98
C VAL S 48 23.39 38.92 -20.38
N LEU S 49 22.73 38.05 -21.12
CA LEU S 49 22.31 36.78 -20.56
C LEU S 49 23.51 35.96 -20.06
N PRO S 50 24.52 35.70 -20.92
CA PRO S 50 25.72 34.97 -20.43
C PRO S 50 26.42 35.70 -19.30
N GLN S 51 26.46 37.04 -19.39
CA GLN S 51 27.04 37.87 -18.32
C GLN S 51 26.28 37.70 -16.99
N LEU S 52 24.95 37.71 -17.07
CA LEU S 52 24.12 37.50 -15.88
C LEU S 52 24.33 36.10 -15.31
N HIS S 53 24.40 35.11 -16.19
CA HIS S 53 24.67 33.72 -15.78
C HIS S 53 26.00 33.61 -15.04
N GLU S 54 27.04 34.25 -15.58
CA GLU S 54 28.37 34.27 -14.95
C GLU S 54 28.35 35.00 -13.61
N ALA S 55 27.70 36.15 -13.59
CA ALA S 55 27.65 36.99 -12.40
C ALA S 55 27.01 36.30 -11.17
N MET S 56 26.38 35.16 -11.39
CA MET S 56 25.78 34.35 -10.32
C MET S 56 26.62 33.12 -9.96
N GLY S 57 27.86 33.07 -10.45
CA GLY S 57 28.73 31.92 -10.22
C GLY S 57 28.41 30.72 -11.11
N GLY S 58 27.89 30.99 -12.29
CA GLY S 58 27.55 29.94 -13.26
C GLY S 58 26.46 28.99 -12.82
N GLN S 59 25.70 29.40 -11.82
CA GLN S 59 24.59 28.60 -11.29
C GLN S 59 23.33 29.44 -11.21
N GLY S 60 22.21 28.78 -11.01
CA GLY S 60 20.93 29.46 -10.91
C GLY S 60 20.22 29.55 -12.24
N ARG S 61 18.94 29.86 -12.16
CA ARG S 61 18.05 29.86 -13.33
C ARG S 61 17.93 31.26 -13.92
N LEU S 62 17.76 31.31 -15.24
CA LEU S 62 17.49 32.56 -15.93
C LEU S 62 16.13 32.52 -16.64
N PHE S 63 15.54 33.70 -16.77
CA PHE S 63 14.28 33.88 -17.49
C PHE S 63 14.40 35.04 -18.45
N ALA S 64 13.87 34.85 -19.64
CA ALA S 64 13.78 35.95 -20.60
C ALA S 64 12.58 35.79 -21.49
N GLN S 65 12.16 36.92 -22.09
CA GLN S 65 10.87 37.00 -22.76
C GLN S 65 10.92 37.04 -24.28
N VAL S 66 9.96 36.35 -24.90
CA VAL S 66 9.78 36.45 -26.34
C VAL S 66 9.22 37.83 -26.73
N MET S 67 9.38 38.18 -28.00
CA MET S 67 8.96 39.48 -28.53
C MET S 67 7.95 39.39 -29.69
N ALA S 68 7.87 38.21 -30.31
CA ALA S 68 6.99 38.01 -31.45
C ALA S 68 5.50 38.06 -31.08
N THR S 69 4.68 38.28 -32.10
CA THR S 69 3.25 38.55 -31.98
C THR S 69 2.40 37.31 -32.31
N THR S 70 2.96 36.41 -33.10
CA THR S 70 2.28 35.17 -33.47
C THR S 70 2.86 34.01 -32.68
N ALA S 71 2.06 32.96 -32.53
CA ALA S 71 2.48 31.78 -31.78
C ALA S 71 3.73 31.15 -32.40
N GLU S 72 3.73 31.01 -33.73
CA GLU S 72 4.89 30.47 -34.46
C GLU S 72 6.14 31.32 -34.24
N GLY S 73 5.99 32.64 -34.36
CA GLY S 73 7.09 33.57 -34.11
C GLY S 73 7.64 33.51 -32.69
N MET S 74 6.75 33.27 -31.72
CA MET S 74 7.14 33.15 -30.32
C MET S 74 7.94 31.88 -30.06
N VAL S 75 7.52 30.80 -30.71
CA VAL S 75 8.26 29.52 -30.64
C VAL S 75 9.68 29.69 -31.18
N ASN S 76 9.80 30.41 -32.29
CA ASN S 76 11.10 30.72 -32.88
C ASN S 76 11.97 31.59 -31.97
N ASP S 77 11.33 32.57 -31.33
CA ASP S 77 12.02 33.42 -30.34
C ASP S 77 12.55 32.58 -29.18
N ALA S 78 11.76 31.59 -28.78
CA ALA S 78 12.12 30.69 -27.69
C ALA S 78 13.38 29.88 -28.02
N LEU S 79 13.44 29.39 -29.25
CA LEU S 79 14.61 28.64 -29.74
C LEU S 79 15.86 29.51 -29.73
N LYS S 80 15.72 30.74 -30.20
CA LYS S 80 16.80 31.73 -30.15
C LYS S 80 17.30 31.94 -28.72
N LEU S 81 16.36 32.10 -27.79
CA LEU S 81 16.71 32.30 -26.36
C LEU S 81 17.41 31.08 -25.77
N ARG S 82 16.90 29.91 -26.09
CA ARG S 82 17.50 28.64 -25.65
C ARG S 82 18.89 28.37 -26.26
N SER S 83 19.16 28.90 -27.45
CA SER S 83 20.48 28.79 -28.06
C SER S 83 21.53 29.67 -27.35
N ILE S 84 21.07 30.71 -26.65
CA ILE S 84 21.96 31.60 -25.89
C ILE S 84 22.23 31.00 -24.52
N ILE S 85 21.15 30.62 -23.84
CA ILE S 85 21.21 29.98 -22.52
C ILE S 85 20.40 28.68 -22.56
N ALA S 86 21.09 27.55 -22.51
CA ALA S 86 20.52 26.24 -22.85
C ALA S 86 19.34 25.84 -21.97
N ASP S 87 19.45 26.18 -20.68
CA ASP S 87 18.44 25.82 -19.69
C ASP S 87 17.51 27.00 -19.30
N ILE S 88 17.40 28.01 -20.15
CA ILE S 88 16.64 29.21 -19.81
C ILE S 88 15.13 28.94 -19.82
N VAL S 89 14.41 29.60 -18.92
CA VAL S 89 12.96 29.53 -18.92
C VAL S 89 12.44 30.63 -19.79
N VAL S 90 11.51 30.29 -20.67
CA VAL S 90 11.00 31.26 -21.66
C VAL S 90 9.70 31.90 -21.19
N LYS S 91 9.73 33.22 -21.05
CA LYS S 91 8.56 34.01 -20.68
C LYS S 91 7.69 34.32 -21.91
N VAL S 92 6.42 33.94 -21.81
CA VAL S 92 5.44 34.17 -22.87
C VAL S 92 4.24 34.99 -22.36
N PRO S 93 4.00 36.18 -22.94
CA PRO S 93 2.84 36.93 -22.47
C PRO S 93 1.58 36.12 -22.63
N VAL S 94 0.72 36.17 -21.63
CA VAL S 94 -0.50 35.36 -21.66
C VAL S 94 -1.59 36.10 -22.46
N THR S 95 -1.46 35.96 -23.77
CA THR S 95 -2.44 36.39 -24.75
C THR S 95 -2.96 35.15 -25.50
N ALA S 96 -3.87 35.36 -26.45
CA ALA S 96 -4.40 34.26 -27.25
C ALA S 96 -3.25 33.49 -27.95
N GLU S 97 -2.40 34.22 -28.66
CA GLU S 97 -1.25 33.61 -29.36
C GLU S 97 -0.22 33.06 -28.39
N GLY S 98 0.01 33.78 -27.30
CA GLY S 98 0.89 33.31 -26.22
C GLY S 98 0.47 31.96 -25.67
N LEU S 99 -0.83 31.80 -25.41
CA LEU S 99 -1.41 30.51 -24.97
C LEU S 99 -1.11 29.37 -25.95
N ALA S 100 -1.40 29.63 -27.22
CA ALA S 100 -1.09 28.67 -28.30
C ALA S 100 0.42 28.34 -28.33
N ALA S 101 1.24 29.38 -28.20
CA ALA S 101 2.70 29.21 -28.12
C ALA S 101 3.12 28.34 -26.94
N ILE S 102 2.53 28.61 -25.78
CA ILE S 102 2.84 27.83 -24.57
C ILE S 102 2.50 26.35 -24.78
N LYS S 103 1.35 26.07 -25.39
CA LYS S 103 0.99 24.68 -25.74
C LYS S 103 2.03 24.03 -26.67
N MET S 104 2.47 24.78 -27.69
CA MET S 104 3.48 24.30 -28.62
C MET S 104 4.84 24.03 -27.94
N LEU S 105 5.25 24.96 -27.09
CA LEU S 105 6.50 24.83 -26.32
C LEU S 105 6.46 23.70 -25.29
N LYS S 106 5.28 23.42 -24.75
CA LYS S 106 5.07 22.25 -23.89
C LYS S 106 5.33 20.95 -24.66
N ALA S 107 4.78 20.86 -25.87
CA ALA S 107 4.98 19.71 -26.74
C ALA S 107 6.44 19.53 -27.13
N GLU S 108 7.15 20.64 -27.28
CA GLU S 108 8.59 20.61 -27.59
C GLU S 108 9.53 20.44 -26.38
N GLY S 109 8.97 20.38 -25.18
CA GLY S 109 9.75 20.16 -23.96
C GLY S 109 10.56 21.35 -23.46
N ILE S 110 10.18 22.55 -23.91
CA ILE S 110 10.83 23.79 -23.47
C ILE S 110 10.01 24.45 -22.33
N PRO S 111 10.61 24.62 -21.14
CA PRO S 111 9.84 25.15 -20.00
C PRO S 111 9.48 26.62 -20.20
N THR S 112 8.25 26.96 -19.83
CA THR S 112 7.74 28.32 -20.02
C THR S 112 7.25 28.97 -18.75
N LEU S 113 7.23 30.29 -18.78
CA LEU S 113 6.59 31.09 -17.76
C LEU S 113 5.52 31.96 -18.44
N GLY S 114 4.30 31.92 -17.92
CA GLY S 114 3.20 32.74 -18.41
C GLY S 114 3.21 34.11 -17.76
N THR S 115 3.50 35.15 -18.55
CA THR S 115 3.73 36.50 -18.01
C THR S 115 2.70 37.53 -18.47
N ALA S 116 2.87 38.76 -17.98
CA ALA S 116 1.91 39.85 -18.18
C ALA S 116 0.51 39.45 -17.72
N VAL S 117 0.46 38.84 -16.54
CA VAL S 117 -0.77 38.34 -15.97
C VAL S 117 -1.39 39.44 -15.10
N TYR S 118 -2.59 39.86 -15.48
CA TYR S 118 -3.35 40.89 -14.74
C TYR S 118 -4.62 40.31 -14.10
N GLY S 119 -4.87 39.02 -14.30
CA GLY S 119 -6.04 38.36 -13.75
C GLY S 119 -5.73 36.92 -13.41
N ALA S 120 -6.48 36.37 -12.45
CA ALA S 120 -6.24 35.03 -11.93
C ALA S 120 -6.58 33.93 -12.94
N ALA S 121 -7.73 34.07 -13.61
CA ALA S 121 -8.19 33.06 -14.56
C ALA S 121 -7.25 33.01 -15.78
N GLN S 122 -6.84 34.19 -16.22
CA GLN S 122 -5.84 34.34 -17.26
C GLN S 122 -4.58 33.54 -16.90
N GLY S 123 -4.08 33.80 -15.69
CA GLY S 123 -2.89 33.10 -15.18
C GLY S 123 -3.07 31.60 -15.15
N LEU S 124 -4.22 31.15 -14.66
CA LEU S 124 -4.52 29.72 -14.61
C LEU S 124 -4.49 29.09 -16.01
N LEU S 125 -5.07 29.77 -16.99
CA LEU S 125 -5.12 29.21 -18.38
C LEU S 125 -3.72 28.95 -18.93
N SER S 126 -2.78 29.83 -18.59
CA SER S 126 -1.37 29.66 -18.99
C SER S 126 -0.74 28.42 -18.37
N ALA S 127 -1.09 28.15 -17.12
CA ALA S 127 -0.62 26.94 -16.42
C ALA S 127 -1.26 25.67 -16.98
N LEU S 128 -2.55 25.72 -17.27
CA LEU S 128 -3.23 24.57 -17.88
C LEU S 128 -2.65 24.25 -19.26
N ALA S 129 -2.19 25.30 -19.94
CA ALA S 129 -1.61 25.17 -21.27
C ALA S 129 -0.20 24.57 -21.21
N GLY S 130 0.39 24.56 -20.02
CA GLY S 130 1.68 23.90 -19.79
C GLY S 130 2.76 24.75 -19.15
N ALA S 131 2.48 26.02 -18.91
CA ALA S 131 3.45 26.89 -18.22
C ALA S 131 3.78 26.39 -16.80
N GLU S 132 5.06 26.48 -16.46
CA GLU S 132 5.59 25.95 -15.20
C GLU S 132 5.58 27.05 -14.14
N TYR S 133 5.66 28.29 -14.60
CA TYR S 133 5.56 29.47 -13.75
C TYR S 133 4.49 30.39 -14.31
N VAL S 134 3.85 31.15 -13.42
CA VAL S 134 2.88 32.18 -13.79
C VAL S 134 3.20 33.45 -13.04
N ALA S 135 3.38 34.54 -13.78
CA ALA S 135 3.87 35.80 -13.22
C ALA S 135 2.84 36.93 -13.31
N PRO S 136 2.08 37.14 -12.22
CA PRO S 136 1.20 38.29 -12.15
C PRO S 136 2.01 39.56 -11.89
N TYR S 137 1.56 40.65 -12.47
CA TYR S 137 2.18 41.95 -12.25
C TYR S 137 1.47 42.68 -11.11
N VAL S 138 1.98 42.45 -9.91
CA VAL S 138 1.33 42.88 -8.67
C VAL S 138 1.09 44.40 -8.62
N ASN S 139 2.16 45.19 -8.76
CA ASN S 139 2.03 46.64 -8.68
C ASN S 139 1.24 47.24 -9.82
N ARG S 140 1.33 46.63 -10.99
CA ARG S 140 0.56 47.08 -12.14
C ARG S 140 -0.94 46.98 -11.83
N ILE S 141 -1.33 45.86 -11.23
CA ILE S 141 -2.73 45.65 -10.84
C ILE S 141 -3.13 46.66 -9.75
N ASP S 142 -2.27 46.82 -8.74
CA ASP S 142 -2.48 47.83 -7.69
C ASP S 142 -2.57 49.26 -8.24
N ALA S 143 -1.63 49.62 -9.11
CA ALA S 143 -1.57 50.97 -9.66
C ALA S 143 -2.81 51.29 -10.48
N GLN S 144 -3.33 50.29 -11.17
CA GLN S 144 -4.51 50.46 -12.04
C GLN S 144 -5.88 50.20 -11.37
N GLY S 145 -5.91 50.25 -10.04
CA GLY S 145 -7.17 50.36 -9.29
C GLY S 145 -7.75 49.04 -8.86
N GLY S 146 -6.99 47.97 -9.07
CA GLY S 146 -7.40 46.63 -8.65
C GLY S 146 -6.80 46.27 -7.30
N SER S 147 -6.64 44.97 -7.06
CA SER S 147 -5.92 44.45 -5.88
C SER S 147 -4.90 43.37 -6.30
N GLY S 148 -3.64 43.78 -6.37
CA GLY S 148 -2.57 42.88 -6.76
C GLY S 148 -2.49 41.67 -5.84
N ILE S 149 -2.63 41.92 -4.55
CA ILE S 149 -2.60 40.85 -3.53
C ILE S 149 -3.76 39.86 -3.66
N GLN S 150 -4.96 40.35 -3.92
CA GLN S 150 -6.10 39.44 -4.12
C GLN S 150 -5.90 38.58 -5.36
N THR S 151 -5.42 39.21 -6.44
CA THR S 151 -5.15 38.49 -7.69
C THR S 151 -4.14 37.38 -7.50
N VAL S 152 -3.05 37.70 -6.81
CA VAL S 152 -2.04 36.73 -6.44
C VAL S 152 -2.59 35.62 -5.55
N THR S 153 -3.36 36.01 -4.51
CA THR S 153 -3.99 35.05 -3.59
C THR S 153 -4.90 34.10 -4.37
N ASP S 154 -5.75 34.66 -5.21
CA ASP S 154 -6.65 33.86 -6.03
C ASP S 154 -5.87 32.94 -6.99
N LEU S 155 -4.84 33.49 -7.63
CA LEU S 155 -4.04 32.75 -8.61
C LEU S 155 -3.31 31.57 -7.99
N HIS S 156 -2.64 31.80 -6.88
CA HIS S 156 -2.02 30.72 -6.15
C HIS S 156 -3.00 29.58 -5.83
N GLN S 157 -4.16 29.93 -5.30
CA GLN S 157 -5.18 28.92 -4.95
C GLN S 157 -5.61 28.15 -6.20
N LEU S 158 -5.80 28.86 -7.31
CA LEU S 158 -6.20 28.22 -8.55
C LEU S 158 -5.15 27.22 -9.05
N LEU S 159 -3.89 27.61 -8.99
CA LEU S 159 -2.80 26.72 -9.40
C LEU S 159 -2.77 25.48 -8.52
N LYS S 160 -2.83 25.70 -7.21
CA LYS S 160 -2.80 24.61 -6.23
C LYS S 160 -3.93 23.59 -6.39
N MET S 161 -5.11 24.09 -6.71
CA MET S 161 -6.28 23.21 -6.89
C MET S 161 -6.31 22.59 -8.29
N HIS S 162 -5.99 23.40 -9.30
CA HIS S 162 -6.30 23.05 -10.69
C HIS S 162 -5.11 22.78 -11.64
N ALA S 163 -3.93 23.27 -11.30
CA ALA S 163 -2.72 22.98 -12.06
C ALA S 163 -1.48 22.97 -11.17
N PRO S 164 -1.38 21.96 -10.29
CA PRO S 164 -0.45 21.97 -9.13
C PRO S 164 1.03 21.85 -9.50
N GLN S 165 1.30 21.47 -10.76
CA GLN S 165 2.67 21.43 -11.26
C GLN S 165 3.23 22.83 -11.49
N ALA S 166 2.32 23.81 -11.60
CA ALA S 166 2.69 25.19 -11.83
C ALA S 166 2.87 26.02 -10.55
N LYS S 167 3.75 27.00 -10.63
CA LYS S 167 4.07 27.88 -9.50
C LYS S 167 3.78 29.33 -9.83
N VAL S 168 3.34 30.08 -8.83
CA VAL S 168 3.28 31.55 -8.94
C VAL S 168 4.69 32.09 -8.81
N LEU S 169 5.08 32.93 -9.79
CA LEU S 169 6.29 33.76 -9.69
C LEU S 169 5.87 35.23 -9.65
N ALA S 170 5.67 35.73 -8.44
CA ALA S 170 5.14 37.07 -8.25
C ALA S 170 6.15 38.10 -8.68
N ALA S 171 5.66 39.11 -9.41
CA ALA S 171 6.51 40.17 -9.96
C ALA S 171 5.87 41.55 -9.89
N SER S 172 6.68 42.56 -10.19
CA SER S 172 6.27 43.97 -10.27
C SER S 172 5.97 44.53 -8.85
N PHE S 173 7.00 45.13 -8.25
CA PHE S 173 6.93 45.60 -6.86
C PHE S 173 7.47 47.01 -6.70
N LYS S 174 6.78 47.81 -5.88
CA LYS S 174 7.27 49.14 -5.48
C LYS S 174 7.60 49.23 -4.00
N THR S 175 7.10 48.27 -3.21
CA THR S 175 7.33 48.29 -1.77
C THR S 175 7.44 46.85 -1.22
N PRO S 176 8.28 46.64 -0.21
CA PRO S 176 8.41 45.31 0.40
C PRO S 176 7.11 44.71 0.92
N ARG S 177 6.19 45.54 1.40
CA ARG S 177 4.87 45.06 1.89
C ARG S 177 4.17 44.19 0.86
N GLN S 178 4.23 44.63 -0.39
CA GLN S 178 3.65 43.85 -1.48
C GLN S 178 4.30 42.47 -1.60
N ALA S 179 5.62 42.42 -1.45
CA ALA S 179 6.39 41.16 -1.57
C ALA S 179 6.02 40.24 -0.40
N LEU S 180 6.05 40.81 0.79
CA LEU S 180 5.58 40.11 2.00
C LEU S 180 4.18 39.49 1.85
N ASP S 181 3.24 40.25 1.35
CA ASP S 181 1.86 39.75 1.19
C ASP S 181 1.75 38.61 0.16
N CYS S 182 2.50 38.71 -0.93
CA CYS S 182 2.60 37.62 -1.90
C CYS S 182 3.18 36.35 -1.28
N LEU S 183 4.24 36.52 -0.51
CA LEU S 183 4.83 35.42 0.24
C LEU S 183 3.83 34.81 1.23
N LEU S 184 3.14 35.67 1.96
CA LEU S 184 2.13 35.21 2.92
C LEU S 184 0.99 34.50 2.22
N ALA S 185 0.70 34.90 0.98
CA ALA S 185 -0.35 34.26 0.18
C ALA S 185 0.07 32.88 -0.36
N GLY S 186 1.34 32.55 -0.22
CA GLY S 186 1.86 31.21 -0.54
C GLY S 186 2.72 31.13 -1.80
N CYS S 187 3.00 32.28 -2.45
CA CYS S 187 3.79 32.29 -3.68
C CYS S 187 5.09 31.48 -3.53
N GLU S 188 5.25 30.49 -4.38
CA GLU S 188 6.41 29.59 -4.29
C GLU S 188 7.66 30.18 -4.93
N SER S 189 7.47 31.22 -5.74
CA SER S 189 8.59 32.01 -6.23
C SER S 189 8.22 33.48 -6.29
N ILE S 190 9.27 34.29 -6.30
CA ILE S 190 9.13 35.73 -6.34
C ILE S 190 10.37 36.36 -7.00
N THR S 191 10.16 37.50 -7.66
CA THR S 191 11.27 38.28 -8.19
C THR S 191 11.19 39.74 -7.78
N LEU S 192 12.29 40.22 -7.19
CA LEU S 192 12.35 41.57 -6.63
C LEU S 192 13.21 42.51 -7.47
N PRO S 193 12.72 43.74 -7.69
CA PRO S 193 13.64 44.74 -8.23
C PRO S 193 14.66 45.10 -7.16
N LEU S 194 15.75 45.74 -7.57
CA LEU S 194 16.89 45.97 -6.68
C LEU S 194 16.56 46.87 -5.50
N ASP S 195 15.80 47.94 -5.76
CA ASP S 195 15.49 48.90 -4.68
C ASP S 195 14.65 48.25 -3.56
N VAL S 196 13.69 47.43 -3.94
CA VAL S 196 12.85 46.69 -2.97
C VAL S 196 13.64 45.62 -2.21
N ALA S 197 14.47 44.87 -2.93
CA ALA S 197 15.35 43.87 -2.32
C ALA S 197 16.25 44.51 -1.26
N GLN S 198 16.83 45.65 -1.61
CA GLN S 198 17.73 46.36 -0.67
C GLN S 198 17.00 46.89 0.57
N GLN S 199 15.79 47.39 0.37
CA GLN S 199 14.96 47.86 1.49
C GLN S 199 14.61 46.68 2.41
N MET S 200 14.50 45.50 1.82
CA MET S 200 14.08 44.28 2.56
C MET S 200 15.15 43.78 3.52
N ILE S 201 16.38 44.27 3.37
CA ILE S 201 17.50 43.89 4.27
C ILE S 201 18.12 45.05 5.06
N SER S 202 17.53 46.23 4.96
CA SER S 202 18.06 47.42 5.65
C SER S 202 17.00 48.12 6.49
N TYR S 203 17.18 48.10 7.81
CA TYR S 203 16.21 48.63 8.74
C TYR S 203 16.88 49.49 9.79
N PRO S 204 16.39 50.72 9.98
CA PRO S 204 16.90 51.57 11.07
C PRO S 204 16.81 50.91 12.45
N ALA S 205 15.72 50.18 12.70
CA ALA S 205 15.51 49.54 14.01
C ALA S 205 16.57 48.47 14.27
N VAL S 206 16.90 47.72 13.21
CA VAL S 206 17.92 46.67 13.27
C VAL S 206 19.31 47.27 13.48
N ASP S 207 19.62 48.36 12.76
CA ASP S 207 20.91 49.06 12.92
C ASP S 207 21.05 49.59 14.35
N ALA S 208 19.97 50.12 14.90
CA ALA S 208 19.96 50.60 16.31
C ALA S 208 20.17 49.47 17.32
N ALA S 209 19.63 48.30 17.03
CA ALA S 209 19.81 47.14 17.92
C ALA S 209 21.25 46.68 17.91
N VAL S 210 21.84 46.66 16.71
CA VAL S 210 23.27 46.33 16.55
C VAL S 210 24.16 47.35 17.28
N ALA S 211 23.88 48.63 17.08
CA ALA S 211 24.65 49.70 17.74
C ALA S 211 24.60 49.55 19.26
N LYS S 212 23.40 49.30 19.77
CA LYS S 212 23.18 49.06 21.20
C LYS S 212 24.04 47.90 21.72
N PHE S 213 24.09 46.80 20.98
CA PHE S 213 24.92 45.65 21.37
C PHE S 213 26.40 46.03 21.49
N GLU S 214 26.88 46.79 20.50
CA GLU S 214 28.27 47.28 20.50
C GLU S 214 28.57 48.22 21.68
N GLN S 215 27.65 49.12 21.97
CA GLN S 215 27.77 50.04 23.12
C GLN S 215 27.81 49.30 24.46
N ASP S 216 26.93 48.31 24.62
CA ASP S 216 26.90 47.51 25.84
C ASP S 216 28.19 46.71 26.01
N TRP S 217 28.63 46.10 24.92
CA TRP S 217 29.90 45.33 24.88
C TRP S 217 31.09 46.23 25.28
N GLN S 218 31.20 47.35 24.58
CA GLN S 218 32.23 48.39 24.86
C GLN S 218 32.24 48.79 26.32
N GLY S 219 31.05 49.06 26.86
CA GLY S 219 30.88 49.47 28.24
C GLY S 219 31.42 48.49 29.27
N ALA S 220 31.25 47.20 28.98
CA ALA S 220 31.69 46.14 29.89
C ALA S 220 33.13 45.66 29.63
N PHE S 221 33.54 45.61 28.36
CA PHE S 221 34.80 44.98 27.96
C PHE S 221 35.87 45.92 27.38
N GLY S 222 35.53 47.19 27.21
CA GLY S 222 36.49 48.20 26.72
C GLY S 222 36.84 48.11 25.24
N ARG S 223 36.06 47.33 24.49
CA ARG S 223 36.20 47.22 23.03
C ARG S 223 34.87 46.80 22.40
N THR S 224 34.76 46.91 21.08
CA THR S 224 33.54 46.50 20.34
C THR S 224 33.73 45.17 19.59
N SER S 225 34.89 44.57 19.73
CA SER S 225 35.21 43.29 19.08
C SER S 225 35.08 42.12 20.07
N ILE S 226 34.96 40.92 19.52
CA ILE S 226 34.69 39.73 20.31
C ILE S 226 35.91 39.28 21.13
N HIS T 7 9.29 20.57 20.56
CA HIS T 7 9.43 22.00 21.00
C HIS T 7 10.66 22.21 21.88
N GLU T 8 11.23 23.41 21.78
CA GLU T 8 12.47 23.74 22.50
C GLU T 8 12.35 24.99 23.37
N LEU T 9 12.43 24.78 24.68
CA LEU T 9 12.37 25.86 25.65
C LEU T 9 13.75 26.29 26.14
N TYR T 10 14.07 27.55 25.93
CA TYR T 10 15.33 28.13 26.39
C TYR T 10 15.13 29.19 27.46
N LEU T 11 16.19 29.43 28.22
CA LEU T 11 16.31 30.61 29.06
C LEU T 11 17.27 31.63 28.43
N ASP T 12 16.89 32.90 28.54
CA ASP T 12 17.59 34.00 27.94
C ASP T 12 18.37 34.73 29.04
N THR T 13 19.60 34.31 29.27
CA THR T 13 20.31 34.73 30.49
C THR T 13 21.81 34.37 30.47
N SER T 14 22.59 35.12 31.25
CA SER T 14 24.00 34.77 31.53
C SER T 14 24.20 34.52 33.03
N ASP T 15 23.09 34.36 33.75
CA ASP T 15 23.09 34.17 35.20
C ASP T 15 23.24 32.69 35.57
N VAL T 16 24.48 32.28 35.80
CA VAL T 16 24.85 30.86 35.94
C VAL T 16 24.15 30.17 37.13
N VAL T 17 24.08 30.87 38.26
CA VAL T 17 23.44 30.35 39.48
C VAL T 17 21.94 30.13 39.26
N ALA T 18 21.27 31.14 38.70
CA ALA T 18 19.86 31.03 38.32
C ALA T 18 19.62 29.86 37.36
N VAL T 19 20.48 29.73 36.35
CA VAL T 19 20.35 28.62 35.38
C VAL T 19 20.41 27.27 36.08
N LYS T 20 21.36 27.13 37.01
CA LYS T 20 21.50 25.88 37.75
C LYS T 20 20.23 25.56 38.56
N ALA T 21 19.73 26.56 39.26
CA ALA T 21 18.54 26.41 40.08
C ALA T 21 17.29 26.11 39.22
N LEU T 22 17.14 26.85 38.14
CA LEU T 22 15.93 26.77 37.30
C LEU T 22 15.92 25.55 36.38
N SER T 23 17.09 24.94 36.15
CA SER T 23 17.22 23.78 35.26
C SER T 23 16.63 22.47 35.84
N ARG T 24 16.49 22.41 37.17
CA ARG T 24 15.80 21.27 37.81
C ARG T 24 14.27 21.44 37.78
N ILE T 25 13.81 22.68 37.57
CA ILE T 25 12.41 23.03 37.54
C ILE T 25 11.84 22.97 36.12
N PHE T 26 12.39 23.78 35.24
CA PHE T 26 11.91 23.87 33.85
C PHE T 26 12.49 22.77 32.97
N PRO T 27 11.72 22.30 32.00
CA PRO T 27 12.22 21.36 31.00
C PRO T 27 12.97 22.11 29.90
N LEU T 28 14.22 22.46 30.20
CA LEU T 28 15.03 23.30 29.32
C LEU T 28 15.74 22.52 28.21
N ALA T 29 15.73 23.09 27.01
CA ALA T 29 16.52 22.59 25.88
C ALA T 29 17.91 23.25 25.87
N GLY T 30 18.05 24.34 26.63
CA GLY T 30 19.30 25.09 26.62
C GLY T 30 19.19 26.50 27.14
N VAL T 31 20.21 27.29 26.81
CA VAL T 31 20.30 28.70 27.19
C VAL T 31 20.72 29.54 25.98
N THR T 32 20.07 30.68 25.81
CA THR T 32 20.49 31.63 24.80
C THR T 32 21.15 32.83 25.44
N THR T 33 22.12 33.39 24.73
CA THR T 33 22.74 34.66 25.12
C THR T 33 22.83 35.60 23.93
N ASN T 34 23.00 36.88 24.24
CA ASN T 34 23.29 37.91 23.25
C ASN T 34 24.29 38.88 23.88
N PRO T 35 24.85 39.84 23.11
CA PRO T 35 25.91 40.69 23.66
C PRO T 35 25.52 41.53 24.87
N SER T 36 24.28 41.99 24.92
CA SER T 36 23.80 42.77 26.07
C SER T 36 23.63 41.92 27.32
N ILE T 37 23.20 40.67 27.13
CA ILE T 37 23.04 39.74 28.23
C ILE T 37 24.40 39.29 28.79
N ILE T 38 25.36 39.06 27.90
CA ILE T 38 26.71 38.70 28.32
C ILE T 38 27.35 39.88 29.07
N ALA T 39 27.29 41.05 28.46
CA ALA T 39 27.83 42.30 29.04
C ALA T 39 27.29 42.57 30.45
N ALA T 40 25.98 42.48 30.60
CA ALA T 40 25.32 42.68 31.89
C ALA T 40 25.82 41.72 32.99
N GLY T 41 26.23 40.52 32.60
CA GLY T 41 26.77 39.51 33.52
C GLY T 41 28.25 39.72 33.84
N LYS T 42 28.91 40.47 32.97
CA LYS T 42 30.29 40.96 33.18
C LYS T 42 31.41 39.91 33.02
N LYS T 43 31.03 38.66 32.80
CA LYS T 43 32.00 37.59 32.59
C LYS T 43 32.26 37.43 31.09
N PRO T 44 33.53 37.25 30.70
CA PRO T 44 33.82 37.02 29.28
C PRO T 44 33.30 35.68 28.76
N LEU T 45 33.17 35.59 27.44
CA LEU T 45 32.58 34.41 26.78
C LEU T 45 33.28 33.11 27.15
N ASP T 46 34.62 33.12 27.18
CA ASP T 46 35.39 31.91 27.49
C ASP T 46 35.21 31.46 28.95
N VAL T 47 34.67 32.34 29.79
CA VAL T 47 34.27 31.99 31.17
C VAL T 47 32.79 31.56 31.29
N VAL T 48 31.86 32.46 30.93
CA VAL T 48 30.41 32.17 31.10
C VAL T 48 29.93 30.96 30.33
N LEU T 49 30.37 30.81 29.09
CA LEU T 49 29.81 29.77 28.23
C LEU T 49 30.01 28.36 28.82
N PRO T 50 31.27 27.97 29.14
CA PRO T 50 31.46 26.67 29.80
C PRO T 50 30.71 26.55 31.14
N GLN T 51 30.67 27.65 31.90
CA GLN T 51 29.92 27.68 33.17
C GLN T 51 28.41 27.44 32.96
N LEU T 52 27.86 28.09 31.94
CA LEU T 52 26.46 27.89 31.58
C LEU T 52 26.21 26.46 31.13
N HIS T 53 27.12 25.93 30.30
CA HIS T 53 27.03 24.53 29.85
C HIS T 53 27.00 23.57 31.05
N GLU T 54 27.90 23.79 32.00
CA GLU T 54 27.98 22.97 33.22
C GLU T 54 26.72 23.10 34.08
N ALA T 55 26.26 24.34 34.24
CA ALA T 55 25.09 24.64 35.08
C ALA T 55 23.80 23.95 34.61
N MET T 56 23.82 23.39 33.40
CA MET T 56 22.70 22.63 32.85
C MET T 56 22.91 21.11 32.90
N GLY T 57 23.92 20.66 33.63
CA GLY T 57 24.23 19.24 33.71
C GLY T 57 24.97 18.72 32.50
N GLY T 58 25.74 19.59 31.87
CA GLY T 58 26.55 19.23 30.70
C GLY T 58 25.75 18.80 29.47
N GLN T 59 24.47 19.14 29.48
CA GLN T 59 23.57 18.83 28.37
C GLN T 59 22.81 20.07 27.93
N GLY T 60 22.17 19.98 26.78
CA GLY T 60 21.42 21.09 26.23
C GLY T 60 22.25 21.96 25.31
N ARG T 61 21.54 22.80 24.54
CA ARG T 61 22.16 23.61 23.50
C ARG T 61 22.46 25.01 23.99
N LEU T 62 23.55 25.58 23.47
CA LEU T 62 23.91 26.97 23.76
C LEU T 62 23.90 27.81 22.49
N PHE T 63 23.60 29.09 22.67
CA PHE T 63 23.62 30.06 21.59
C PHE T 63 24.40 31.29 22.01
N ALA T 64 25.22 31.81 21.11
CA ALA T 64 25.92 33.08 21.36
C ALA T 64 26.16 33.82 20.06
N GLN T 65 26.35 35.12 20.18
CA GLN T 65 26.31 36.02 19.04
C GLN T 65 27.69 36.56 18.59
N VAL T 66 27.85 36.68 17.28
CA VAL T 66 29.02 37.35 16.71
C VAL T 66 28.94 38.85 16.94
N MET T 67 30.09 39.51 16.82
CA MET T 67 30.20 40.96 17.05
C MET T 67 30.74 41.74 15.85
N ALA T 68 31.38 41.03 14.92
CA ALA T 68 32.01 41.66 13.77
C ALA T 68 30.99 42.25 12.80
N THR T 69 31.49 43.17 11.97
CA THR T 69 30.67 44.01 11.08
C THR T 69 30.68 43.51 9.65
N THR T 70 31.73 42.79 9.29
CA THR T 70 31.86 42.21 7.96
C THR T 70 31.56 40.73 8.00
N ALA T 71 31.18 40.18 6.85
CA ALA T 71 30.85 38.76 6.73
C ALA T 71 32.03 37.90 7.13
N GLU T 72 33.21 38.25 6.61
CA GLU T 72 34.44 37.52 6.93
C GLU T 72 34.73 37.54 8.42
N GLY T 73 34.64 38.73 9.01
CA GLY T 73 34.86 38.91 10.45
C GLY T 73 33.87 38.12 11.31
N MET T 74 32.64 38.01 10.83
CA MET T 74 31.60 37.23 11.52
C MET T 74 31.89 35.74 11.48
N VAL T 75 32.40 35.27 10.34
CA VAL T 75 32.80 33.86 10.19
C VAL T 75 33.92 33.54 11.17
N ASN T 76 34.87 34.46 11.30
CA ASN T 76 35.98 34.31 12.25
C ASN T 76 35.50 34.29 13.70
N ASP T 77 34.54 35.17 14.00
CA ASP T 77 33.88 35.20 15.33
C ASP T 77 33.22 33.86 15.64
N ALA T 78 32.59 33.29 14.62
CA ALA T 78 31.90 32.00 14.74
C ALA T 78 32.87 30.89 15.10
N LEU T 79 34.02 30.88 14.46
CA LEU T 79 35.07 29.89 14.76
C LEU T 79 35.57 30.02 16.19
N LYS T 80 35.78 31.26 16.63
CA LYS T 80 36.16 31.54 18.03
C LYS T 80 35.11 31.01 19.01
N LEU T 81 33.83 31.25 18.70
CA LEU T 81 32.72 30.74 19.56
C LEU T 81 32.69 29.22 19.59
N ARG T 82 32.87 28.61 18.44
CA ARG T 82 32.88 27.15 18.31
C ARG T 82 34.08 26.49 19.02
N SER T 83 35.19 27.23 19.13
CA SER T 83 36.38 26.73 19.85
C SER T 83 36.16 26.71 21.36
N ILE T 84 35.24 27.55 21.85
CA ILE T 84 34.88 27.58 23.27
C ILE T 84 33.84 26.50 23.59
N ILE T 85 32.77 26.47 22.80
CA ILE T 85 31.73 25.44 22.89
C ILE T 85 31.54 24.79 21.52
N ALA T 86 31.96 23.53 21.42
CA ALA T 86 32.09 22.82 20.14
C ALA T 86 30.80 22.75 19.33
N ASP T 87 29.69 22.54 20.03
CA ASP T 87 28.36 22.37 19.39
C ASP T 87 27.45 23.60 19.50
N ILE T 88 28.05 24.78 19.70
CA ILE T 88 27.28 26.01 19.92
C ILE T 88 26.61 26.47 18.64
N VAL T 89 25.41 27.03 18.77
CA VAL T 89 24.72 27.65 17.63
C VAL T 89 25.11 29.11 17.57
N VAL T 90 25.51 29.57 16.38
CA VAL T 90 26.04 30.93 16.23
C VAL T 90 24.96 31.90 15.77
N LYS T 91 24.73 32.91 16.60
CA LYS T 91 23.74 33.95 16.29
C LYS T 91 24.37 35.04 15.41
N VAL T 92 23.72 35.29 14.28
CA VAL T 92 24.16 36.28 13.34
C VAL T 92 23.08 37.32 13.08
N PRO T 93 23.36 38.61 13.38
CA PRO T 93 22.33 39.59 13.07
C PRO T 93 21.96 39.57 11.59
N VAL T 94 20.66 39.68 11.31
CA VAL T 94 20.19 39.59 9.94
C VAL T 94 20.31 40.95 9.26
N THR T 95 21.54 41.23 8.83
CA THR T 95 21.89 42.39 8.00
C THR T 95 22.43 41.88 6.67
N ALA T 96 22.80 42.79 5.78
CA ALA T 96 23.40 42.41 4.50
C ALA T 96 24.61 41.49 4.70
N GLU T 97 25.55 41.94 5.53
CA GLU T 97 26.76 41.15 5.80
C GLU T 97 26.45 39.89 6.56
N GLY T 98 25.53 39.99 7.52
CA GLY T 98 25.06 38.83 8.26
C GLY T 98 24.51 37.74 7.37
N LEU T 99 23.70 38.13 6.40
CA LEU T 99 23.18 37.18 5.39
C LEU T 99 24.29 36.45 4.63
N ALA T 100 25.25 37.23 4.14
CA ALA T 100 26.44 36.68 3.47
C ALA T 100 27.21 35.73 4.40
N ALA T 101 27.38 36.15 5.65
CA ALA T 101 28.02 35.31 6.66
C ALA T 101 27.25 34.00 6.88
N ILE T 102 25.93 34.10 6.95
CA ILE T 102 25.09 32.90 7.17
C ILE T 102 25.27 31.91 6.01
N LYS T 103 25.29 32.41 4.79
CA LYS T 103 25.57 31.58 3.60
C LYS T 103 26.95 30.89 3.69
N MET T 104 27.95 31.64 4.13
CA MET T 104 29.31 31.10 4.30
C MET T 104 29.37 30.03 5.38
N LEU T 105 28.71 30.30 6.51
CA LEU T 105 28.67 29.35 7.64
C LEU T 105 27.85 28.09 7.33
N LYS T 106 26.85 28.23 6.47
CA LYS T 106 26.11 27.08 5.93
C LYS T 106 27.04 26.15 5.12
N ALA T 107 27.84 26.76 4.24
CA ALA T 107 28.83 26.02 3.44
C ALA T 107 29.88 25.33 4.32
N GLU T 108 30.25 25.97 5.43
CA GLU T 108 31.20 25.39 6.40
C GLU T 108 30.59 24.40 7.42
N GLY T 109 29.27 24.19 7.36
CA GLY T 109 28.60 23.22 8.24
C GLY T 109 28.40 23.65 9.68
N ILE T 110 28.50 24.96 9.92
CA ILE T 110 28.30 25.52 11.27
C ILE T 110 26.86 26.06 11.40
N PRO T 111 26.06 25.46 12.32
CA PRO T 111 24.66 25.89 12.45
C PRO T 111 24.53 27.33 12.94
N THR T 112 23.61 28.05 12.33
CA THR T 112 23.38 29.45 12.66
C THR T 112 21.93 29.77 13.09
N LEU T 113 21.83 30.90 13.78
CA LEU T 113 20.55 31.50 14.11
C LEU T 113 20.57 32.91 13.57
N GLY T 114 19.54 33.26 12.81
CA GLY T 114 19.36 34.60 12.30
C GLY T 114 18.66 35.47 13.34
N THR T 115 19.39 36.45 13.87
CA THR T 115 18.87 37.27 14.98
C THR T 115 18.66 38.76 14.65
N ALA T 116 18.17 39.51 15.63
CA ALA T 116 17.82 40.93 15.46
C ALA T 116 16.81 41.10 14.33
N VAL T 117 15.83 40.22 14.33
CA VAL T 117 14.80 40.21 13.33
C VAL T 117 13.63 41.08 13.80
N TYR T 118 13.32 42.11 13.00
CA TYR T 118 12.23 43.05 13.26
C TYR T 118 11.13 42.93 12.22
N GLY T 119 11.33 42.07 11.22
CA GLY T 119 10.37 41.92 10.14
C GLY T 119 10.35 40.47 9.67
N ALA T 120 9.22 40.06 9.11
CA ALA T 120 9.03 38.66 8.69
C ALA T 120 9.86 38.26 7.47
N ALA T 121 9.89 39.14 6.48
CA ALA T 121 10.63 38.88 5.23
C ALA T 121 12.11 38.80 5.50
N GLN T 122 12.58 39.71 6.34
CA GLN T 122 13.96 39.72 6.81
C GLN T 122 14.31 38.38 7.42
N GLY T 123 13.47 37.94 8.36
CA GLY T 123 13.65 36.64 9.01
C GLY T 123 13.69 35.48 8.03
N LEU T 124 12.75 35.47 7.09
CA LEU T 124 12.72 34.44 6.05
C LEU T 124 14.02 34.39 5.23
N LEU T 125 14.53 35.55 4.86
CA LEU T 125 15.78 35.61 4.07
C LEU T 125 16.94 34.92 4.78
N SER T 126 17.00 35.09 6.11
CA SER T 126 18.05 34.46 6.92
C SER T 126 17.92 32.91 6.89
N ALA T 127 16.68 32.43 6.88
CA ALA T 127 16.42 31.00 6.79
C ALA T 127 16.75 30.43 5.38
N LEU T 128 16.35 31.16 4.35
CA LEU T 128 16.68 30.77 2.97
C LEU T 128 18.21 30.75 2.75
N ALA T 129 18.90 31.61 3.48
CA ALA T 129 20.37 31.66 3.42
C ALA T 129 21.03 30.48 4.15
N GLY T 130 20.27 29.78 4.99
CA GLY T 130 20.75 28.58 5.68
C GLY T 130 20.59 28.53 7.19
N ALA T 131 20.12 29.62 7.79
CA ALA T 131 19.91 29.64 9.22
C ALA T 131 18.90 28.57 9.65
N GLU T 132 19.21 27.92 10.76
CA GLU T 132 18.37 26.84 11.31
C GLU T 132 17.31 27.39 12.28
N TYR T 133 17.62 28.54 12.87
CA TYR T 133 16.70 29.25 13.77
C TYR T 133 16.60 30.70 13.30
N VAL T 134 15.44 31.31 13.54
CA VAL T 134 15.22 32.72 13.27
C VAL T 134 14.58 33.34 14.52
N ALA T 135 15.20 34.40 15.04
CA ALA T 135 14.80 35.02 16.30
C ALA T 135 14.28 36.44 16.17
N PRO T 136 12.93 36.60 16.09
CA PRO T 136 12.35 37.93 16.07
C PRO T 136 12.34 38.50 17.46
N TYR T 137 12.54 39.81 17.57
CA TYR T 137 12.56 40.49 18.87
C TYR T 137 11.16 41.03 19.15
N VAL T 138 10.35 40.17 19.76
CA VAL T 138 8.92 40.42 19.93
C VAL T 138 8.63 41.76 20.63
N ASN T 139 9.17 41.95 21.82
CA ASN T 139 8.86 43.15 22.61
C ASN T 139 9.46 44.41 21.98
N ARG T 140 10.58 44.27 21.30
CA ARG T 140 11.18 45.39 20.60
C ARG T 140 10.21 45.89 19.54
N ILE T 141 9.60 44.97 18.81
CA ILE T 141 8.64 45.32 17.77
C ILE T 141 7.41 45.96 18.39
N ASP T 142 6.90 45.34 19.44
CA ASP T 142 5.79 45.91 20.22
C ASP T 142 6.09 47.33 20.76
N ALA T 143 7.26 47.46 21.40
CA ALA T 143 7.64 48.72 22.06
C ALA T 143 7.78 49.86 21.06
N GLN T 144 8.24 49.51 19.86
CA GLN T 144 8.42 50.48 18.77
C GLN T 144 7.21 50.68 17.83
N GLY T 145 6.02 50.29 18.29
CA GLY T 145 4.76 50.70 17.64
C GLY T 145 4.23 49.75 16.60
N GLY T 146 4.87 48.58 16.49
CA GLY T 146 4.45 47.56 15.55
C GLY T 146 3.58 46.52 16.23
N SER T 147 3.58 45.31 15.68
CA SER T 147 2.94 44.15 16.31
C SER T 147 3.88 42.97 16.33
N GLY T 148 4.50 42.74 17.47
CA GLY T 148 5.40 41.62 17.63
C GLY T 148 4.74 40.29 17.29
N ILE T 149 3.50 40.11 17.75
CA ILE T 149 2.77 38.87 17.54
C ILE T 149 2.43 38.64 16.07
N GLN T 150 2.02 39.69 15.35
CA GLN T 150 1.77 39.55 13.92
C GLN T 150 3.05 39.19 13.15
N THR T 151 4.16 39.82 13.51
CA THR T 151 5.46 39.53 12.91
C THR T 151 5.86 38.08 13.10
N VAL T 152 5.73 37.60 14.34
CA VAL T 152 6.00 36.19 14.69
C VAL T 152 5.07 35.24 13.96
N THR T 153 3.78 35.57 13.92
CA THR T 153 2.78 34.79 13.20
C THR T 153 3.11 34.69 11.70
N ASP T 154 3.39 35.84 11.10
CA ASP T 154 3.76 35.88 9.68
C ASP T 154 5.07 35.12 9.42
N LEU T 155 6.05 35.30 10.29
CA LEU T 155 7.35 34.64 10.16
C LEU T 155 7.25 33.12 10.22
N HIS T 156 6.54 32.61 11.23
CA HIS T 156 6.33 31.19 11.33
C HIS T 156 5.70 30.60 10.07
N GLN T 157 4.65 31.23 9.59
CA GLN T 157 3.98 30.79 8.37
C GLN T 157 4.95 30.80 7.18
N LEU T 158 5.78 31.84 7.08
CA LEU T 158 6.74 31.92 5.98
C LEU T 158 7.77 30.80 6.03
N LEU T 159 8.29 30.53 7.22
CA LEU T 159 9.25 29.43 7.38
C LEU T 159 8.60 28.10 6.97
N LYS T 160 7.39 27.88 7.47
CA LYS T 160 6.65 26.61 7.23
C LYS T 160 6.37 26.37 5.76
N MET T 161 6.06 27.44 5.05
CA MET T 161 5.74 27.33 3.63
C MET T 161 7.03 27.32 2.76
N HIS T 162 8.01 28.17 3.13
CA HIS T 162 9.11 28.51 2.23
C HIS T 162 10.50 28.07 2.65
N ALA T 163 10.70 27.78 3.93
CA ALA T 163 11.97 27.26 4.43
C ALA T 163 11.72 26.36 5.64
N PRO T 164 11.09 25.20 5.43
CA PRO T 164 10.56 24.35 6.52
C PRO T 164 11.61 23.69 7.43
N GLN T 165 12.87 23.69 7.01
CA GLN T 165 13.96 23.19 7.84
C GLN T 165 14.26 24.16 9.00
N ALA T 166 13.83 25.40 8.85
CA ALA T 166 14.10 26.44 9.82
C ALA T 166 12.97 26.59 10.85
N LYS T 167 13.36 26.99 12.04
CA LYS T 167 12.43 27.20 13.16
C LYS T 167 12.45 28.63 13.67
N VAL T 168 11.29 29.12 14.08
CA VAL T 168 11.22 30.37 14.85
C VAL T 168 11.68 30.13 16.27
N LEU T 169 12.65 30.93 16.72
CA LEU T 169 13.06 31.00 18.12
C LEU T 169 12.65 32.39 18.64
N ALA T 170 11.42 32.47 19.16
CA ALA T 170 10.89 33.75 19.61
C ALA T 170 11.65 34.27 20.83
N ALA T 171 11.93 35.56 20.81
CA ALA T 171 12.71 36.21 21.87
C ALA T 171 12.20 37.59 22.22
N SER T 172 12.75 38.14 23.30
CA SER T 172 12.49 39.53 23.75
C SER T 172 11.07 39.67 24.31
N PHE T 173 10.97 39.49 25.62
CA PHE T 173 9.67 39.42 26.30
C PHE T 173 9.67 40.28 27.54
N LYS T 174 8.54 40.98 27.74
CA LYS T 174 8.26 41.65 29.01
C LYS T 174 7.10 41.04 29.82
N THR T 175 6.27 40.22 29.17
CA THR T 175 5.12 39.64 29.84
C THR T 175 4.84 38.24 29.28
N PRO T 176 4.37 37.31 30.11
CA PRO T 176 3.99 35.98 29.67
C PRO T 176 2.98 35.91 28.54
N ARG T 177 2.06 36.87 28.47
CA ARG T 177 1.07 36.92 27.37
C ARG T 177 1.74 36.89 26.00
N GLN T 178 2.82 37.63 25.87
CA GLN T 178 3.59 37.66 24.62
C GLN T 178 4.15 36.28 24.28
N ALA T 179 4.65 35.58 25.29
CA ALA T 179 5.21 34.24 25.11
C ALA T 179 4.11 33.27 24.70
N LEU T 180 2.99 33.33 25.42
CA LEU T 180 1.80 32.55 25.10
C LEU T 180 1.35 32.73 23.65
N ASP T 181 1.27 33.98 23.20
CA ASP T 181 0.81 34.25 21.84
C ASP T 181 1.79 33.72 20.78
N CYS T 182 3.09 33.80 21.05
CA CYS T 182 4.10 33.20 20.17
C CYS T 182 3.93 31.68 20.08
N LEU T 183 3.70 31.06 21.24
CA LEU T 183 3.46 29.63 21.30
C LEU T 183 2.21 29.28 20.54
N LEU T 184 1.16 30.09 20.71
CA LEU T 184 -0.12 29.85 20.03
C LEU T 184 0.03 30.00 18.53
N ALA T 185 0.94 30.88 18.12
CA ALA T 185 1.20 31.12 16.70
C ALA T 185 2.00 29.99 16.05
N GLY T 186 2.56 29.10 16.87
CA GLY T 186 3.21 27.90 16.39
C GLY T 186 4.73 27.86 16.55
N CYS T 187 5.28 28.86 17.20
CA CYS T 187 6.74 28.91 17.40
C CYS T 187 7.27 27.60 17.95
N GLU T 188 8.22 27.01 17.25
CA GLU T 188 8.78 25.72 17.62
C GLU T 188 9.89 25.83 18.67
N SER T 189 10.37 27.04 18.87
CA SER T 189 11.24 27.33 19.99
C SER T 189 10.98 28.71 20.54
N ILE T 190 11.44 28.90 21.77
CA ILE T 190 11.24 30.15 22.49
C ILE T 190 12.31 30.31 23.55
N THR T 191 12.66 31.56 23.84
CA THR T 191 13.58 31.84 24.95
C THR T 191 13.07 32.93 25.86
N LEU T 192 13.04 32.63 27.14
CA LEU T 192 12.43 33.51 28.13
C LEU T 192 13.45 34.16 29.02
N PRO T 193 13.29 35.47 29.27
CA PRO T 193 14.07 36.03 30.39
C PRO T 193 13.55 35.49 31.73
N LEU T 194 14.36 35.65 32.78
CA LEU T 194 14.12 34.99 34.05
C LEU T 194 12.82 35.46 34.70
N ASP T 195 12.56 36.75 34.66
CA ASP T 195 11.40 37.29 35.34
C ASP T 195 10.09 36.76 34.72
N VAL T 196 10.06 36.67 33.39
CA VAL T 196 8.89 36.15 32.65
C VAL T 196 8.69 34.64 32.86
N ALA T 197 9.80 33.90 32.82
CA ALA T 197 9.77 32.47 33.12
C ALA T 197 9.20 32.21 34.52
N GLN T 198 9.68 32.97 35.50
CA GLN T 198 9.18 32.82 36.88
C GLN T 198 7.70 33.17 37.05
N GLN T 199 7.25 34.24 36.41
CA GLN T 199 5.83 34.59 36.41
C GLN T 199 4.98 33.47 35.78
N MET T 200 5.55 32.76 34.81
CA MET T 200 4.84 31.72 34.05
C MET T 200 4.54 30.50 34.88
N ILE T 201 5.22 30.36 36.02
CA ILE T 201 5.01 29.22 36.93
C ILE T 201 4.49 29.59 38.35
N SER T 202 4.17 30.86 38.56
CA SER T 202 3.70 31.32 39.84
C SER T 202 2.37 32.09 39.69
N TYR T 203 1.30 31.52 40.25
CA TYR T 203 -0.04 32.09 40.16
C TYR T 203 -0.76 32.11 41.50
N PRO T 204 -1.27 33.27 41.91
CA PRO T 204 -2.08 33.36 43.14
C PRO T 204 -3.29 32.42 43.15
N ALA T 205 -3.94 32.28 42.00
CA ALA T 205 -5.10 31.38 41.88
C ALA T 205 -4.75 29.92 42.14
N VAL T 206 -3.58 29.52 41.64
CA VAL T 206 -3.04 28.16 41.83
C VAL T 206 -2.66 27.92 43.28
N ASP T 207 -2.02 28.90 43.89
CA ASP T 207 -1.67 28.80 45.35
C ASP T 207 -2.92 28.70 46.23
N ALA T 208 -3.95 29.45 45.89
CA ALA T 208 -5.28 29.35 46.57
C ALA T 208 -5.97 27.99 46.40
N ALA T 209 -5.79 27.37 45.24
CA ALA T 209 -6.37 26.04 45.00
C ALA T 209 -5.65 24.99 45.81
N VAL T 210 -4.33 25.11 45.89
CA VAL T 210 -3.52 24.22 46.71
C VAL T 210 -3.88 24.35 48.20
N ALA T 211 -3.98 25.59 48.67
CA ALA T 211 -4.34 25.86 50.07
C ALA T 211 -5.69 25.25 50.41
N LYS T 212 -6.65 25.45 49.52
CA LYS T 212 -7.98 24.86 49.63
C LYS T 212 -7.92 23.33 49.77
N PHE T 213 -7.12 22.69 48.94
CA PHE T 213 -6.98 21.22 49.00
C PHE T 213 -6.46 20.78 50.38
N GLU T 214 -5.46 21.49 50.88
CA GLU T 214 -4.89 21.22 52.22
C GLU T 214 -5.91 21.42 53.36
N GLN T 215 -6.67 22.49 53.27
CA GLN T 215 -7.77 22.76 54.24
C GLN T 215 -8.86 21.68 54.23
N ASP T 216 -9.26 21.26 53.04
CA ASP T 216 -10.27 20.20 52.92
C ASP T 216 -9.76 18.87 53.47
N TRP T 217 -8.50 18.56 53.16
CA TRP T 217 -7.82 17.35 53.63
C TRP T 217 -7.74 17.33 55.17
N GLN T 218 -7.20 18.41 55.71
CA GLN T 218 -7.12 18.65 57.16
C GLN T 218 -8.47 18.45 57.84
N GLY T 219 -9.50 19.06 57.26
CA GLY T 219 -10.87 18.98 57.78
C GLY T 219 -11.40 17.57 57.92
N ALA T 220 -11.07 16.72 56.95
CA ALA T 220 -11.56 15.34 56.92
C ALA T 220 -10.64 14.34 57.63
N PHE T 221 -9.33 14.57 57.54
CA PHE T 221 -8.34 13.60 58.02
C PHE T 221 -7.46 14.05 59.19
N GLY T 222 -7.62 15.30 59.63
CA GLY T 222 -6.89 15.80 60.80
C GLY T 222 -5.40 16.09 60.58
N ARG T 223 -4.99 16.09 59.32
CA ARG T 223 -3.62 16.45 58.93
C ARG T 223 -3.60 16.99 57.49
N THR T 224 -2.48 17.59 57.08
CA THR T 224 -2.31 18.11 55.71
C THR T 224 -1.40 17.23 54.84
N SER T 225 -0.94 16.11 55.41
CA SER T 225 -0.07 15.17 54.70
C SER T 225 -0.86 13.96 54.21
N ILE T 226 -0.27 13.24 53.25
CA ILE T 226 -0.96 12.14 52.58
C ILE T 226 -1.09 10.90 53.47
C1 P2D U . -3.43 -64.69 -14.51
C2 P2D U . -4.62 -65.30 -13.85
C3 P2D U . -4.84 -64.92 -12.61
C4 P2D U . -5.91 -65.38 -11.75
C5 P2D U . -7.02 -66.24 -12.24
O4 P2D U . -5.83 -65.04 -10.59
C1 P2D V . -2.00 -50.62 16.28
C2 P2D V . -3.23 -49.90 16.75
C3 P2D V . -4.18 -49.85 15.82
C4 P2D V . -5.53 -49.28 15.85
C5 P2D V . -6.24 -49.71 14.59
O4 P2D V . -6.02 -48.60 16.77
C1 P2D W . 26.05 -67.24 3.20
C2 P2D W . 27.56 -67.15 3.22
C3 P2D W . 28.34 -67.00 2.14
C4 P2D W . 27.87 -66.92 0.72
C5 P2D W . 26.45 -66.91 0.25
O4 P2D W . 28.71 -66.86 -0.14
C1 P2D X . -36.76 34.45 40.24
C2 P2D X . -37.24 34.27 38.81
C3 P2D X . -36.46 33.34 38.29
C4 P2D X . -36.44 32.75 36.98
C5 P2D X . -35.37 31.70 36.85
O4 P2D X . -37.21 33.09 36.08
C1 P2D Y . -7.54 17.01 37.76
C2 P2D Y . -8.31 16.13 38.72
C3 P2D Y . -9.45 16.44 39.41
C4 P2D Y . -10.21 17.70 39.30
C5 P2D Y . -9.74 18.76 38.41
O4 P2D Y . -11.21 17.97 39.96
#